data_6EWB
#
_entry.id   6EWB
#
_cell.length_a   106.838
_cell.length_b   111.626
_cell.length_c   288.255
_cell.angle_alpha   90.000
_cell.angle_beta   90.000
_cell.angle_gamma   90.000
#
_symmetry.space_group_name_H-M   'P 2 21 21'
#
loop_
_entity.id
_entity.type
_entity.pdbx_description
1 polymer VP1
2 polymer 'Fab heavy chain'
3 polymer 'Fab light chain'
4 non-polymer 1,2-ETHANEDIOL
#
loop_
_entity_poly.entity_id
_entity_poly.type
_entity_poly.pdbx_seq_one_letter_code
_entity_poly.pdbx_strand_id
1 'polypeptide(L)'
;GPGSKPFSVPVLTVEEMTNSRFPIPLEKLFTGPSSAFVVQPQNGRCTTDGVLLGTTQLSPVNICTFRGDVTHITGSRNYT
MNLASQNWNDYDPTEEIPAPLGTPDFVGKIQGVLTQTTRTDGSTRGHKATVYTGSADFAPKLGRVQFETDTDRDFEANQN
TKFTPVGVIQDGGTTHRNEPQQWVLPSYSGRNTHNVHLAPAVAPTFPGEQLLFFRSTMPGCSGYPNMDLDCLLPQEWVQY
FYQEAAPAQSDVALLRFVNPDTGRVLFECKLHKSGYVTVAHTGQHDLVIPPNGYFRFDSWVNQFYTLAPM
;
A,B,C,D
2 'polypeptide(L)'
;QVQLQQSGAELMKPGASVKISCTATGYTFITYWIQWVKQRPGHGLEWIGETLPGSGSTNYNEKFKGKATFTADTSSNTAY
MQLSSLTSEDSAIYYCARIGRSNDYWGQGTTLTVSSAKTTPPSVYPLAPGSAAQTNSMVTLGCLVKGYFPEPVTVTWNSG
SLSSGVHTFPAVLQSDLYTLSSSVTVPSSTWPSETVTCNVAHPASSTKVDKKIVPR
;
E,G,H,J
3 'polypeptide(L)'
;GQIVLTQSPTIMSASPGEKVTMTCSASSSVDYMHWYQQKSGTSPKRWIYDTYKLASGVPARFSGSGSGTSYSLTINSMEA
EDAATYYCQQWSSNPLTFGAGTKLELKRADAAPTVSIFPPSSEQLTSGGASVVCFLNNFYPKDINVKWKIDGSERQNGVL
NSWTDQDSKDSTYSMSSTLTLTKDEYERHNSYTCEATHKTSTSPIVKSFNRNEC
;
F,I,K,L
#
loop_
_chem_comp.id
_chem_comp.type
_chem_comp.name
_chem_comp.formula
EDO non-polymer 1,2-ETHANEDIOL 'C2 H6 O2'
#
# COMPACT_ATOMS: atom_id res chain seq x y z
N SER A 4 -14.89 47.65 9.38
CA SER A 4 -13.65 47.06 8.89
C SER A 4 -12.72 46.72 10.04
N LYS A 5 -12.60 45.43 10.36
CA LYS A 5 -11.75 45.01 11.47
C LYS A 5 -10.30 45.45 11.26
N PRO A 6 -9.71 46.12 12.26
CA PRO A 6 -8.35 46.67 12.15
C PRO A 6 -7.29 45.58 12.09
N PHE A 7 -6.29 45.78 11.22
CA PHE A 7 -5.21 44.82 11.07
C PHE A 7 -4.16 44.96 12.16
N SER A 8 -3.41 43.90 12.42
CA SER A 8 -2.39 43.89 13.47
C SER A 8 -1.51 42.64 13.35
N VAL A 9 -0.32 42.68 13.96
CA VAL A 9 0.52 41.49 14.06
C VAL A 9 0.72 41.11 15.52
N PRO A 10 0.93 39.81 15.80
CA PRO A 10 1.01 39.40 17.19
C PRO A 10 2.21 40.02 17.91
N VAL A 11 2.03 40.29 19.21
CA VAL A 11 3.11 40.75 20.08
C VAL A 11 3.93 39.55 20.55
N LEU A 12 4.92 39.17 19.75
CA LEU A 12 5.77 38.04 20.04
C LEU A 12 7.21 38.35 19.65
N THR A 13 8.16 37.97 20.50
CA THR A 13 9.57 38.11 20.16
C THR A 13 9.91 37.08 19.11
N VAL A 14 11.06 37.27 18.44
CA VAL A 14 11.49 36.32 17.43
C VAL A 14 11.65 34.92 18.03
N GLU A 15 12.33 34.84 19.16
CA GLU A 15 12.60 33.56 19.81
C GLU A 15 11.33 32.89 20.37
N GLU A 16 10.28 33.66 20.58
CA GLU A 16 9.01 33.13 21.06
C GLU A 16 8.24 32.47 19.92
N MET A 17 8.73 32.67 18.70
CA MET A 17 8.01 32.22 17.50
C MET A 17 8.67 31.02 16.84
N THR A 18 8.01 30.51 15.81
CA THR A 18 8.37 29.23 15.19
C THR A 18 8.56 29.36 13.70
N ASN A 19 9.60 28.71 13.18
CA ASN A 19 9.80 28.63 11.74
C ASN A 19 8.61 27.92 11.12
N SER A 20 8.20 28.33 9.93
CA SER A 20 7.01 27.79 9.31
C SER A 20 7.36 26.76 8.25
N ARG A 21 8.64 26.44 8.13
CA ARG A 21 9.08 25.52 7.09
C ARG A 21 9.76 24.29 7.67
N PHE A 22 9.82 24.22 8.98
CA PHE A 22 10.41 23.10 9.70
C PHE A 22 10.09 23.30 11.16
N PRO A 23 9.68 22.22 11.85
CA PRO A 23 9.20 22.33 13.23
C PRO A 23 10.32 22.61 14.21
N ILE A 24 10.89 23.82 14.13
CA ILE A 24 11.91 24.28 15.06
C ILE A 24 11.72 25.77 15.33
N PRO A 25 12.18 26.26 16.49
CA PRO A 25 11.99 27.69 16.79
C PRO A 25 12.83 28.63 15.92
N LEU A 26 12.36 29.87 15.78
CA LEU A 26 13.14 30.91 15.13
C LEU A 26 14.35 31.25 15.98
N GLU A 27 15.43 31.71 15.33
CA GLU A 27 16.63 32.06 16.06
C GLU A 27 17.00 33.51 15.80
N LYS A 28 16.89 33.93 14.54
CA LYS A 28 17.32 35.27 14.18
C LYS A 28 16.66 35.79 12.91
N LEU A 29 16.86 37.07 12.64
CA LEU A 29 16.38 37.68 11.41
C LEU A 29 17.53 37.84 10.44
N PHE A 30 17.26 37.64 9.16
CA PHE A 30 18.29 37.73 8.14
C PHE A 30 17.75 38.45 6.91
N THR A 31 18.60 39.25 6.27
CA THR A 31 18.25 39.82 4.98
C THR A 31 19.40 39.62 4.00
N GLY A 32 19.06 39.42 2.73
CA GLY A 32 20.05 39.20 1.70
C GLY A 32 19.49 39.35 0.31
N PRO A 33 20.38 39.44 -0.69
CA PRO A 33 19.98 39.53 -2.10
C PRO A 33 19.35 38.22 -2.55
N SER A 34 18.34 38.29 -3.41
CA SER A 34 17.59 37.12 -3.82
C SER A 34 17.18 37.17 -5.29
N SER A 35 17.96 37.88 -6.11
CA SER A 35 17.65 37.99 -7.53
C SER A 35 18.34 36.89 -8.33
N ALA A 36 19.36 36.27 -7.72
CA ALA A 36 20.12 35.22 -8.39
C ALA A 36 19.45 33.84 -8.29
N PHE A 37 18.36 33.78 -7.54
CA PHE A 37 17.61 32.52 -7.41
C PHE A 37 16.14 32.79 -7.17
N VAL A 38 15.36 31.72 -7.28
CA VAL A 38 13.91 31.81 -7.14
C VAL A 38 13.51 31.56 -5.70
N VAL A 39 12.79 32.52 -5.12
CA VAL A 39 12.28 32.37 -3.78
C VAL A 39 10.80 32.01 -3.90
N GLN A 40 10.48 30.73 -3.72
CA GLN A 40 9.09 30.28 -3.86
C GLN A 40 8.73 29.16 -2.88
N PRO A 41 8.92 29.39 -1.56
CA PRO A 41 8.56 28.32 -0.63
C PRO A 41 7.06 28.09 -0.59
N GLN A 42 6.62 26.89 -0.21
CA GLN A 42 5.21 26.58 -0.20
C GLN A 42 4.63 26.50 1.20
N ASN A 43 5.51 26.39 2.20
CA ASN A 43 5.07 26.51 3.58
C ASN A 43 5.29 27.92 4.09
N GLY A 44 4.52 28.31 5.10
CA GLY A 44 4.61 29.66 5.62
C GLY A 44 4.17 30.65 4.57
N ARG A 45 3.12 30.29 3.84
CA ARG A 45 2.55 31.18 2.86
C ARG A 45 1.11 31.48 3.25
N CYS A 46 0.84 32.77 3.49
CA CYS A 46 -0.47 33.23 3.93
C CYS A 46 -0.63 34.72 3.65
N THR A 47 -1.81 35.13 3.20
CA THR A 47 -2.04 36.55 2.98
C THR A 47 -2.36 37.23 4.31
N THR A 48 -2.26 38.56 4.34
CA THR A 48 -2.54 39.31 5.56
C THR A 48 -4.01 39.19 5.97
N ASP A 49 -4.90 38.95 5.02
CA ASP A 49 -6.32 38.81 5.35
C ASP A 49 -6.70 37.35 5.55
N GLY A 50 -5.69 36.51 5.80
CA GLY A 50 -5.94 35.19 6.31
C GLY A 50 -6.24 34.10 5.30
N VAL A 51 -5.69 34.22 4.10
CA VAL A 51 -5.87 33.17 3.09
C VAL A 51 -4.62 32.31 3.02
N LEU A 52 -4.76 31.04 3.37
CA LEU A 52 -3.63 30.11 3.32
C LEU A 52 -3.24 29.80 1.88
N LEU A 53 -1.93 29.78 1.62
CA LEU A 53 -1.42 29.50 0.27
C LEU A 53 -0.52 28.28 0.24
N GLY A 54 -0.29 27.77 -0.97
CA GLY A 54 0.61 26.66 -1.17
C GLY A 54 0.21 25.43 -0.39
N THR A 55 1.15 24.92 0.39
CA THR A 55 0.93 23.72 1.18
C THR A 55 0.82 24.05 2.66
N THR A 56 0.59 25.32 2.95
CA THR A 56 0.60 25.82 4.31
C THR A 56 -0.64 25.40 5.12
N GLN A 57 -0.40 24.82 6.30
CA GLN A 57 -1.49 24.52 7.23
C GLN A 57 -1.16 25.14 8.60
N LEU A 58 -2.06 24.97 9.57
CA LEU A 58 -1.99 25.74 10.82
C LEU A 58 -0.99 25.23 11.86
N SER A 59 -0.87 23.92 12.01
CA SER A 59 -0.07 23.36 13.09
C SER A 59 1.42 23.29 12.77
N PRO A 60 2.26 23.82 13.68
CA PRO A 60 3.72 23.88 13.53
C PRO A 60 4.39 22.53 13.62
N VAL A 61 3.77 21.59 14.33
CA VAL A 61 4.38 20.28 14.57
C VAL A 61 4.23 19.36 13.37
N ASN A 62 3.38 19.74 12.43
CA ASN A 62 3.10 18.88 11.28
C ASN A 62 3.93 19.14 10.04
N ILE A 63 4.76 20.17 10.10
CA ILE A 63 5.60 20.50 8.96
C ILE A 63 6.68 19.43 8.80
N CYS A 64 6.79 18.89 7.59
CA CYS A 64 7.76 17.84 7.27
C CYS A 64 7.52 16.54 8.01
N THR A 65 6.26 16.26 8.33
CA THR A 65 5.88 14.96 8.87
C THR A 65 5.10 14.17 7.83
N PHE A 66 5.08 12.85 7.96
CA PHE A 66 4.29 12.01 7.07
C PHE A 66 3.53 10.96 7.85
N ARG A 67 2.31 10.66 7.42
CA ARG A 67 1.50 9.64 8.04
C ARG A 67 0.93 8.72 6.99
N GLY A 68 0.78 7.45 7.35
CA GLY A 68 0.25 6.48 6.41
C GLY A 68 0.65 5.07 6.78
N ASP A 69 0.54 4.16 5.82
CA ASP A 69 1.02 2.81 5.98
C ASP A 69 2.19 2.55 5.03
N VAL A 70 3.05 1.62 5.41
CA VAL A 70 4.26 1.34 4.64
C VAL A 70 4.30 -0.08 4.08
N THR A 71 4.97 -0.24 2.95
CA THR A 71 5.24 -1.55 2.37
C THR A 71 6.71 -1.63 1.95
N HIS A 72 7.21 -2.83 1.76
CA HIS A 72 8.62 -3.02 1.41
C HIS A 72 8.73 -4.33 0.66
N ILE A 73 9.61 -4.38 -0.32
CA ILE A 73 9.79 -5.65 -1.02
C ILE A 73 10.62 -6.53 -0.07
N THR A 74 10.82 -7.80 -0.40
CA THR A 74 11.33 -8.72 0.61
C THR A 74 12.75 -8.42 1.02
N GLY A 75 12.93 -8.18 2.32
CA GLY A 75 14.22 -7.93 2.93
C GLY A 75 14.87 -6.59 2.65
N SER A 76 14.11 -5.59 2.19
CA SER A 76 14.71 -4.29 1.92
C SER A 76 14.61 -3.39 3.13
N ARG A 77 15.47 -2.38 3.20
CA ARG A 77 15.35 -1.39 4.26
C ARG A 77 14.65 -0.16 3.74
N ASN A 78 14.14 -0.23 2.51
CA ASN A 78 13.41 0.90 1.97
C ASN A 78 11.94 0.63 2.12
N TYR A 79 11.21 1.60 2.63
CA TYR A 79 9.78 1.42 2.75
C TYR A 79 9.08 2.47 1.95
N THR A 80 8.02 2.06 1.26
CA THR A 80 7.18 3.00 0.56
C THR A 80 6.02 3.33 1.46
N MET A 81 5.78 4.62 1.71
CA MET A 81 4.63 5.01 2.49
C MET A 81 3.50 5.49 1.58
N ASN A 82 2.33 4.90 1.76
CA ASN A 82 1.14 5.40 1.09
C ASN A 82 0.48 6.41 2.00
N LEU A 83 0.61 7.68 1.63
CA LEU A 83 0.29 8.79 2.50
C LEU A 83 -1.19 8.83 2.86
N ALA A 84 -1.48 9.24 4.10
CA ALA A 84 -2.84 9.56 4.52
C ALA A 84 -2.90 11.03 4.91
N SER A 85 -4.09 11.60 5.06
CA SER A 85 -4.11 12.96 5.58
C SER A 85 -3.88 12.80 7.06
N GLN A 86 -3.41 13.85 7.71
CA GLN A 86 -2.86 13.71 9.06
C GLN A 86 -3.89 13.32 10.12
N ASN A 87 -5.17 13.47 9.81
CA ASN A 87 -6.18 13.03 10.73
C ASN A 87 -6.52 11.56 10.46
N TRP A 88 -5.61 10.93 9.71
CA TRP A 88 -5.69 9.55 9.27
C TRP A 88 -6.84 9.23 8.32
N ASN A 89 -7.52 10.24 7.80
CA ASN A 89 -8.46 9.97 6.72
C ASN A 89 -7.71 9.93 5.40
N ASP A 90 -8.43 9.48 4.37
CA ASP A 90 -7.84 9.29 3.07
C ASP A 90 -7.29 10.61 2.51
N TYR A 91 -6.21 10.48 1.74
CA TYR A 91 -5.60 11.63 1.08
C TYR A 91 -6.18 11.82 -0.32
N ASP A 92 -6.49 13.07 -0.68
CA ASP A 92 -7.09 13.39 -1.98
C ASP A 92 -6.09 14.08 -2.92
N PRO A 93 -5.59 13.33 -3.92
CA PRO A 93 -4.59 13.87 -4.83
C PRO A 93 -5.14 14.93 -5.78
N THR A 94 -6.46 14.97 -5.96
CA THR A 94 -7.08 15.88 -6.91
C THR A 94 -7.28 17.29 -6.38
N GLU A 95 -7.14 17.45 -5.07
CA GLU A 95 -7.41 18.74 -4.44
C GLU A 95 -6.40 19.77 -4.91
N GLU A 96 -6.84 21.02 -5.14
CA GLU A 96 -5.98 21.99 -5.80
C GLU A 96 -4.92 22.53 -4.85
N ILE A 97 -3.95 21.67 -4.55
CA ILE A 97 -2.79 22.02 -3.75
C ILE A 97 -1.57 21.33 -4.35
N PRO A 98 -0.37 21.92 -4.15
CA PRO A 98 0.88 21.38 -4.71
C PRO A 98 1.23 19.99 -4.22
N ALA A 99 0.85 19.72 -2.97
CA ALA A 99 1.27 18.50 -2.30
C ALA A 99 0.48 18.44 -1.01
N PRO A 100 0.54 17.31 -0.29
CA PRO A 100 -0.14 17.28 1.01
C PRO A 100 0.30 18.45 1.89
N LEU A 101 -0.65 19.05 2.60
CA LEU A 101 -0.35 20.18 3.47
C LEU A 101 0.77 19.79 4.44
N GLY A 102 1.77 20.66 4.58
CA GLY A 102 2.87 20.38 5.48
C GLY A 102 4.06 19.68 4.84
N THR A 103 3.91 19.29 3.57
CA THR A 103 4.99 18.62 2.83
C THR A 103 6.25 19.49 2.80
N PRO A 104 7.44 18.86 2.87
CA PRO A 104 8.70 19.62 2.74
C PRO A 104 8.75 20.43 1.44
N ASP A 105 9.22 21.66 1.51
CA ASP A 105 9.28 22.48 0.31
C ASP A 105 10.72 22.82 -0.07
N PHE A 106 11.63 21.88 0.19
CA PHE A 106 13.02 22.01 -0.25
C PHE A 106 13.61 20.66 -0.63
N VAL A 107 14.68 20.70 -1.42
CA VAL A 107 15.35 19.48 -1.83
C VAL A 107 16.49 19.15 -0.89
N GLY A 108 16.39 18.00 -0.22
CA GLY A 108 17.42 17.57 0.72
C GLY A 108 17.13 16.22 1.36
N LYS A 109 18.03 15.76 2.21
CA LYS A 109 17.80 14.51 2.92
C LYS A 109 17.39 14.80 4.34
N ILE A 110 16.17 14.46 4.69
CA ILE A 110 15.69 14.68 6.04
C ILE A 110 15.79 13.40 6.84
N GLN A 111 16.42 13.49 8.00
CA GLN A 111 16.55 12.34 8.87
C GLN A 111 15.54 12.47 10.00
N GLY A 112 14.90 11.37 10.33
CA GLY A 112 13.95 11.37 11.42
C GLY A 112 13.77 10.00 12.01
N VAL A 113 12.57 9.75 12.51
CA VAL A 113 12.26 8.45 13.09
C VAL A 113 10.91 8.01 12.55
N LEU A 114 10.83 6.75 12.15
CA LEU A 114 9.60 6.14 11.69
C LEU A 114 8.97 5.28 12.80
N THR A 115 7.85 5.74 13.35
CA THR A 115 7.17 4.99 14.43
C THR A 115 5.92 4.31 13.90
N GLN A 116 5.56 3.19 14.50
CA GLN A 116 4.38 2.44 14.08
C GLN A 116 3.73 1.73 15.26
N THR A 117 2.40 1.84 15.34
CA THR A 117 1.63 1.16 16.36
C THR A 117 0.65 0.22 15.69
N THR A 118 0.76 -1.08 15.96
CA THR A 118 -0.12 -2.04 15.28
C THR A 118 -1.45 -2.23 15.97
N ARG A 119 -2.53 -2.26 15.19
CA ARG A 119 -3.87 -2.41 15.73
C ARG A 119 -4.15 -3.85 16.17
N THR A 120 -3.23 -4.76 15.87
CA THR A 120 -3.43 -6.17 16.22
C THR A 120 -3.49 -6.34 17.72
N ASP A 121 -2.52 -5.76 18.43
CA ASP A 121 -2.46 -5.90 19.88
C ASP A 121 -1.94 -4.63 20.56
N GLY A 122 -1.61 -3.61 19.76
CA GLY A 122 -1.23 -2.34 20.32
C GLY A 122 0.27 -2.17 20.46
N SER A 123 1.02 -3.15 19.95
CA SER A 123 2.47 -3.14 20.05
C SER A 123 3.06 -1.98 19.25
N THR A 124 4.21 -1.44 19.70
CA THR A 124 4.83 -0.29 19.04
C THR A 124 6.28 -0.55 18.61
N ARG A 125 6.81 0.35 17.78
CA ARG A 125 8.19 0.27 17.33
C ARG A 125 8.59 1.55 16.58
N GLY A 126 9.85 1.92 16.69
CA GLY A 126 10.35 3.08 15.96
C GLY A 126 11.76 2.83 15.50
N HIS A 127 12.09 3.34 14.31
CA HIS A 127 13.45 3.21 13.77
C HIS A 127 13.87 4.46 13.03
N LYS A 128 15.17 4.71 13.05
CA LYS A 128 15.79 5.75 12.24
C LYS A 128 15.38 5.62 10.79
N ALA A 129 14.97 6.72 10.19
CA ALA A 129 14.58 6.72 8.79
C ALA A 129 14.98 8.02 8.11
N THR A 130 15.31 7.93 6.82
CA THR A 130 15.71 9.08 6.04
C THR A 130 14.89 9.17 4.75
N VAL A 131 14.42 10.36 4.41
CA VAL A 131 13.72 10.56 3.15
C VAL A 131 14.47 11.54 2.27
N TYR A 132 14.68 11.17 1.01
CA TYR A 132 15.35 12.05 0.06
C TYR A 132 14.32 12.78 -0.78
N THR A 133 14.13 14.06 -0.51
CA THR A 133 13.06 14.80 -1.16
C THR A 133 13.37 15.17 -2.61
N GLY A 134 14.59 14.90 -3.05
CA GLY A 134 14.95 15.17 -4.44
C GLY A 134 14.96 13.91 -5.28
N SER A 135 14.63 12.79 -4.63
CA SER A 135 14.58 11.50 -5.28
C SER A 135 13.48 11.40 -6.34
N ALA A 136 13.70 10.56 -7.33
CA ALA A 136 12.70 10.31 -8.36
C ALA A 136 11.50 9.61 -7.76
N ASP A 137 11.71 8.93 -6.63
CA ASP A 137 10.66 8.17 -5.99
C ASP A 137 9.95 8.95 -4.88
N PHE A 138 10.22 10.25 -4.83
CA PHE A 138 9.54 11.16 -3.91
C PHE A 138 8.35 11.85 -4.60
N ALA A 139 7.15 11.32 -4.40
CA ALA A 139 5.97 11.86 -5.07
C ALA A 139 4.77 12.02 -4.11
N PRO A 140 4.90 12.92 -3.14
CA PRO A 140 3.82 13.09 -2.15
C PRO A 140 2.49 13.50 -2.79
N LYS A 141 2.55 14.31 -3.84
CA LYS A 141 1.33 14.75 -4.51
C LYS A 141 0.57 13.54 -5.04
N LEU A 142 1.30 12.51 -5.44
CA LEU A 142 0.70 11.24 -5.86
C LEU A 142 0.46 10.33 -4.66
N GLY A 143 0.86 10.80 -3.48
CA GLY A 143 0.62 10.08 -2.24
C GLY A 143 1.64 9.01 -1.91
N ARG A 144 2.87 9.14 -2.42
CA ARG A 144 3.92 8.15 -2.16
C ARG A 144 5.26 8.79 -1.85
N VAL A 145 5.86 8.38 -0.73
CA VAL A 145 7.24 8.73 -0.43
C VAL A 145 8.01 7.50 0.04
N GLN A 146 9.33 7.54 -0.09
CA GLN A 146 10.16 6.40 0.26
C GLN A 146 11.16 6.75 1.36
N PHE A 147 11.25 5.90 2.38
CA PHE A 147 12.20 6.11 3.47
C PHE A 147 13.26 5.02 3.42
N GLU A 148 14.51 5.39 3.68
CA GLU A 148 15.52 4.38 3.94
C GLU A 148 15.68 4.27 5.45
N THR A 149 15.63 3.05 5.97
CA THR A 149 15.62 2.83 7.43
C THR A 149 16.71 1.89 7.96
N ASP A 150 16.60 1.56 9.25
CA ASP A 150 17.57 0.68 9.92
C ASP A 150 17.05 -0.72 10.19
N THR A 151 15.92 -1.07 9.61
CA THR A 151 15.38 -2.41 9.78
C THR A 151 14.91 -2.98 8.44
N ASP A 152 14.76 -4.30 8.38
CA ASP A 152 14.24 -4.97 7.19
C ASP A 152 13.14 -5.94 7.58
N ARG A 153 12.73 -5.89 8.84
CA ARG A 153 11.85 -6.92 9.39
C ARG A 153 10.74 -6.37 10.29
N ASP A 154 10.91 -5.16 10.82
CA ASP A 154 10.11 -4.77 11.96
C ASP A 154 8.76 -4.12 11.64
N PHE A 155 8.67 -3.40 10.54
CA PHE A 155 7.41 -2.72 10.23
C PHE A 155 6.40 -3.63 9.55
N GLU A 156 5.12 -3.41 9.85
CA GLU A 156 4.03 -4.19 9.23
C GLU A 156 3.27 -3.36 8.21
N ALA A 157 2.56 -4.05 7.32
CA ALA A 157 1.71 -3.40 6.34
C ALA A 157 0.32 -3.11 6.95
N ASN A 158 -0.39 -2.16 6.35
CA ASN A 158 -1.74 -1.79 6.78
C ASN A 158 -1.84 -1.39 8.24
N GLN A 159 -0.79 -0.75 8.73
CA GLN A 159 -0.78 -0.28 10.10
C GLN A 159 -0.28 1.16 10.12
N ASN A 160 -0.90 1.99 10.96
CA ASN A 160 -0.51 3.40 11.08
C ASN A 160 0.96 3.57 11.35
N THR A 161 1.60 4.37 10.49
CA THR A 161 3.01 4.65 10.62
C THR A 161 3.21 6.16 10.50
N LYS A 162 4.11 6.73 11.28
CA LYS A 162 4.32 8.16 11.24
C LYS A 162 5.80 8.48 11.11
N PHE A 163 6.12 9.55 10.39
CA PHE A 163 7.50 10.01 10.31
C PHE A 163 7.65 11.38 11.01
N THR A 164 8.54 11.44 11.99
CA THR A 164 8.82 12.65 12.75
C THR A 164 10.18 13.17 12.31
N PRO A 165 10.25 14.40 11.80
CA PRO A 165 11.53 14.90 11.30
C PRO A 165 12.46 15.31 12.42
N VAL A 166 13.77 15.20 12.20
CA VAL A 166 14.73 15.60 13.20
C VAL A 166 15.72 16.59 12.62
N GLY A 167 16.26 16.28 11.46
CA GLY A 167 17.25 17.16 10.86
C GLY A 167 17.64 16.79 9.46
N VAL A 168 18.78 17.34 9.02
CA VAL A 168 19.27 17.17 7.67
C VAL A 168 20.65 16.51 7.68
N ILE A 169 20.99 15.78 6.63
CA ILE A 169 22.27 15.10 6.59
C ILE A 169 23.10 15.44 5.35
N GLN A 170 24.37 15.08 5.41
CA GLN A 170 25.33 15.35 4.33
C GLN A 170 26.51 14.40 4.51
N ASP A 171 27.13 14.01 3.40
CA ASP A 171 28.07 12.89 3.41
C ASP A 171 29.45 13.24 3.97
N GLY A 172 29.67 14.51 4.30
CA GLY A 172 30.91 14.91 4.94
C GLY A 172 31.94 15.43 3.96
N GLY A 173 31.75 15.08 2.68
CA GLY A 173 32.69 15.47 1.65
C GLY A 173 32.45 16.86 1.12
N THR A 174 33.28 17.27 0.16
CA THR A 174 33.14 18.56 -0.49
C THR A 174 32.44 18.43 -1.84
N THR A 175 32.52 17.25 -2.42
CA THR A 175 31.90 16.96 -3.71
C THR A 175 30.39 17.20 -3.68
N HIS A 176 29.76 16.78 -2.58
CA HIS A 176 28.32 16.95 -2.43
C HIS A 176 27.97 17.75 -1.18
N ARG A 177 28.49 18.97 -1.11
CA ARG A 177 28.26 19.82 0.04
C ARG A 177 27.32 20.96 -0.34
N ASN A 178 26.41 20.69 -1.26
CA ASN A 178 25.46 21.68 -1.71
C ASN A 178 24.04 21.35 -1.29
N GLU A 179 23.89 20.49 -0.29
CA GLU A 179 22.56 20.07 0.14
C GLU A 179 22.42 20.34 1.63
N PRO A 180 21.19 20.63 2.09
CA PRO A 180 19.96 20.83 1.32
C PRO A 180 19.96 22.17 0.57
N GLN A 181 19.10 22.27 -0.44
CA GLN A 181 18.93 23.53 -1.17
C GLN A 181 17.58 24.13 -0.82
N GLN A 182 17.56 25.05 0.13
CA GLN A 182 16.30 25.51 0.69
C GLN A 182 15.40 26.26 -0.30
N TRP A 183 15.96 26.73 -1.42
CA TRP A 183 15.16 27.48 -2.38
C TRP A 183 14.85 26.68 -3.63
N VAL A 184 15.07 25.37 -3.59
CA VAL A 184 14.70 24.54 -4.73
C VAL A 184 13.59 23.58 -4.33
N LEU A 185 12.43 23.77 -4.94
CA LEU A 185 11.28 22.92 -4.68
C LEU A 185 11.52 21.54 -5.25
N PRO A 186 11.01 20.51 -4.56
CA PRO A 186 11.00 19.13 -5.07
C PRO A 186 10.03 19.00 -6.23
N SER A 187 10.12 17.89 -6.96
CA SER A 187 9.08 17.53 -7.92
C SER A 187 8.03 16.76 -7.14
N TYR A 188 6.95 17.44 -6.76
CA TYR A 188 5.98 16.85 -5.86
C TYR A 188 5.29 15.61 -6.44
N SER A 189 5.39 15.41 -7.74
CA SER A 189 4.75 14.25 -8.33
C SER A 189 5.76 13.26 -8.91
N GLY A 190 7.04 13.45 -8.60
CA GLY A 190 8.03 12.52 -9.13
C GLY A 190 8.66 13.03 -10.40
N ARG A 191 9.55 12.22 -10.99
CA ARG A 191 10.30 12.60 -12.18
C ARG A 191 9.39 12.95 -13.36
N ASN A 192 9.85 13.88 -14.18
CA ASN A 192 9.18 14.28 -15.42
C ASN A 192 7.76 14.82 -15.22
N THR A 193 7.55 15.53 -14.12
CA THR A 193 6.30 16.24 -13.89
C THR A 193 6.54 17.69 -13.46
N HIS A 194 5.50 18.50 -13.61
CA HIS A 194 5.54 19.90 -13.22
C HIS A 194 4.71 20.11 -11.96
N ASN A 195 5.20 20.93 -11.03
CA ASN A 195 4.41 21.25 -9.86
C ASN A 195 3.20 22.09 -10.25
N VAL A 196 2.16 22.06 -9.42
CA VAL A 196 0.91 22.76 -9.73
C VAL A 196 0.38 23.50 -8.52
N HIS A 197 -0.41 24.54 -8.77
CA HIS A 197 -1.07 25.32 -7.72
C HIS A 197 -0.08 25.88 -6.71
N LEU A 198 1.08 26.30 -7.19
CA LEU A 198 2.11 26.84 -6.33
C LEU A 198 1.74 28.22 -5.83
N ALA A 199 2.11 28.54 -4.59
CA ALA A 199 2.10 29.93 -4.19
C ALA A 199 3.19 30.61 -5.02
N PRO A 200 2.93 31.84 -5.47
CA PRO A 200 3.85 32.52 -6.40
C PRO A 200 5.22 32.82 -5.79
N ALA A 201 6.21 32.99 -6.65
CA ALA A 201 7.54 33.41 -6.21
C ALA A 201 7.52 34.86 -5.75
N VAL A 202 8.36 35.20 -4.79
CA VAL A 202 8.39 36.57 -4.31
C VAL A 202 9.74 37.21 -4.62
N ALA A 203 9.75 38.53 -4.69
CA ALA A 203 10.98 39.28 -4.95
C ALA A 203 10.76 40.75 -4.60
N PRO A 204 11.79 41.41 -4.05
CA PRO A 204 11.67 42.86 -3.85
C PRO A 204 11.64 43.62 -5.19
N THR A 205 10.64 44.47 -5.37
CA THR A 205 10.51 45.23 -6.61
C THR A 205 10.95 46.68 -6.41
N PHE A 206 10.81 47.17 -5.17
CA PHE A 206 11.20 48.53 -4.80
C PHE A 206 12.71 48.62 -4.75
N PRO A 207 13.28 49.67 -5.35
CA PRO A 207 14.74 49.83 -5.42
C PRO A 207 15.39 49.96 -4.05
N GLY A 208 16.43 49.15 -3.82
CA GLY A 208 17.18 49.21 -2.58
C GLY A 208 16.64 48.27 -1.51
N GLU A 209 15.60 47.53 -1.84
CA GLU A 209 14.99 46.65 -0.85
C GLU A 209 15.37 45.19 -1.05
N GLN A 210 15.40 44.45 0.06
CA GLN A 210 15.67 43.03 0.07
C GLN A 210 14.60 42.37 0.91
N LEU A 211 14.38 41.08 0.69
CA LEU A 211 13.48 40.34 1.56
C LEU A 211 14.00 40.27 2.99
N LEU A 212 13.08 40.23 3.94
CA LEU A 212 13.44 39.95 5.32
C LEU A 212 13.06 38.51 5.62
N PHE A 213 14.04 37.73 6.05
CA PHE A 213 13.83 36.32 6.30
C PHE A 213 13.78 36.04 7.79
N PHE A 214 12.91 35.11 8.18
CA PHE A 214 12.87 34.66 9.56
C PHE A 214 13.63 33.34 9.60
N ARG A 215 14.77 33.33 10.28
CA ARG A 215 15.75 32.27 10.11
C ARG A 215 15.84 31.31 11.30
N SER A 216 15.97 30.02 11.00
CA SER A 216 16.23 29.00 12.00
C SER A 216 17.41 28.15 11.57
N THR A 217 18.06 27.48 12.52
CA THR A 217 19.13 26.56 12.16
C THR A 217 18.63 25.11 12.30
N MET A 218 18.55 24.40 11.19
CA MET A 218 18.15 23.01 11.24
C MET A 218 19.24 22.18 11.91
N PRO A 219 18.84 21.24 12.78
CA PRO A 219 19.82 20.31 13.33
C PRO A 219 20.44 19.47 12.21
N GLY A 220 21.75 19.26 12.27
CA GLY A 220 22.43 18.37 11.34
C GLY A 220 22.73 17.04 12.02
N CYS A 221 22.52 15.94 11.32
CA CYS A 221 22.76 14.62 11.92
C CYS A 221 24.03 13.96 11.40
N SER A 222 24.68 14.60 10.43
CA SER A 222 25.91 14.08 9.84
C SER A 222 26.52 15.04 8.81
N GLY A 223 27.85 15.10 8.78
CA GLY A 223 28.54 15.88 7.77
C GLY A 223 28.34 17.39 7.90
N TYR A 224 28.33 18.07 6.75
CA TYR A 224 28.26 19.53 6.74
C TYR A 224 27.08 20.09 5.96
N PRO A 225 25.85 19.74 6.35
CA PRO A 225 24.70 20.21 5.57
C PRO A 225 24.48 21.73 5.61
N ASN A 226 23.69 22.24 4.67
CA ASN A 226 23.21 23.61 4.72
C ASN A 226 22.07 23.70 5.72
N MET A 227 22.36 24.23 6.90
CA MET A 227 21.38 24.16 7.97
C MET A 227 20.57 25.45 8.11
N ASP A 228 21.02 26.53 7.47
CA ASP A 228 20.26 27.77 7.47
C ASP A 228 18.94 27.59 6.76
N LEU A 229 17.85 27.87 7.47
CA LEU A 229 16.52 27.75 6.88
C LEU A 229 15.67 29.00 7.08
N ASP A 230 15.34 29.66 5.97
CA ASP A 230 14.64 30.93 6.01
C ASP A 230 13.19 30.79 5.57
N CYS A 231 12.27 31.44 6.29
CA CYS A 231 10.87 31.45 5.87
C CYS A 231 10.35 32.89 5.74
N LEU A 232 9.29 33.07 4.95
CA LEU A 232 8.75 34.41 4.70
C LEU A 232 7.91 34.94 5.86
N LEU A 233 7.21 34.05 6.55
CA LEU A 233 6.41 34.42 7.71
C LEU A 233 6.62 33.40 8.82
N PRO A 234 6.62 33.86 10.08
CA PRO A 234 6.67 32.90 11.18
C PRO A 234 5.38 32.14 11.23
N GLN A 235 5.40 30.89 11.69
CA GLN A 235 4.17 30.10 11.76
C GLN A 235 3.06 30.80 12.56
N GLU A 236 3.44 31.54 13.60
CA GLU A 236 2.47 32.24 14.44
C GLU A 236 1.74 33.34 13.68
N TRP A 237 2.42 33.95 12.73
CA TRP A 237 1.77 34.96 11.90
C TRP A 237 0.75 34.30 10.98
N VAL A 238 1.09 33.14 10.43
CA VAL A 238 0.15 32.40 9.60
C VAL A 238 -1.10 32.11 10.40
N GLN A 239 -0.89 31.56 11.60
CA GLN A 239 -1.96 31.25 12.52
C GLN A 239 -2.80 32.47 12.86
N TYR A 240 -2.13 33.59 13.11
CA TYR A 240 -2.79 34.82 13.57
C TYR A 240 -3.61 35.46 12.46
N PHE A 241 -3.06 35.49 11.25
CA PHE A 241 -3.79 36.06 10.11
C PHE A 241 -5.03 35.21 9.79
N TYR A 242 -4.90 33.89 9.88
CA TYR A 242 -6.02 33.00 9.62
C TYR A 242 -7.15 33.26 10.60
N GLN A 243 -6.80 33.54 11.86
CA GLN A 243 -7.80 33.82 12.89
C GLN A 243 -8.46 35.17 12.73
N GLU A 244 -7.64 36.21 12.55
CA GLU A 244 -8.13 37.58 12.50
C GLU A 244 -8.90 37.93 11.21
N ALA A 245 -8.36 37.53 10.06
CA ALA A 245 -8.94 37.81 8.76
C ALA A 245 -9.28 39.28 8.60
N ALA A 246 -8.34 40.15 8.93
CA ALA A 246 -8.56 41.58 8.79
C ALA A 246 -8.34 42.00 7.34
N PRO A 247 -9.31 42.72 6.76
CA PRO A 247 -9.22 43.17 5.37
C PRO A 247 -7.98 44.04 5.17
N ALA A 248 -7.28 43.83 4.07
CA ALA A 248 -6.12 44.65 3.74
C ALA A 248 -6.60 45.99 3.21
N GLN A 249 -6.15 47.07 3.84
CA GLN A 249 -6.57 48.40 3.45
C GLN A 249 -5.70 48.95 2.32
N SER A 250 -4.62 48.22 2.03
CA SER A 250 -3.64 48.57 1.01
C SER A 250 -2.80 47.34 0.68
N ASP A 251 -1.86 47.48 -0.25
CA ASP A 251 -1.02 46.35 -0.65
C ASP A 251 0.20 46.22 0.25
N VAL A 252 0.45 47.26 1.05
CA VAL A 252 1.62 47.31 1.91
C VAL A 252 1.30 47.78 3.32
N ALA A 253 1.70 46.99 4.32
CA ALA A 253 1.50 47.34 5.72
C ALA A 253 2.84 47.70 6.36
N LEU A 254 2.88 48.84 7.05
CA LEU A 254 4.14 49.33 7.61
C LEU A 254 4.37 48.78 9.02
N LEU A 255 5.43 48.00 9.18
CA LEU A 255 5.77 47.48 10.50
C LEU A 255 7.00 48.17 11.11
N ARG A 256 6.94 48.41 12.41
CA ARG A 256 8.10 48.91 13.14
C ARG A 256 8.55 47.85 14.13
N PHE A 257 9.86 47.59 14.16
CA PHE A 257 10.43 46.64 15.10
C PHE A 257 10.90 47.37 16.35
N VAL A 258 10.18 47.16 17.45
CA VAL A 258 10.37 47.98 18.63
C VAL A 258 11.03 47.24 19.78
N ASN A 259 11.87 47.95 20.53
CA ASN A 259 12.44 47.46 21.76
C ASN A 259 11.65 47.96 22.96
N PRO A 260 10.91 47.05 23.61
CA PRO A 260 10.04 47.42 24.74
C PRO A 260 10.82 47.91 25.95
N ASP A 261 12.09 47.55 26.04
CA ASP A 261 12.90 48.02 27.16
C ASP A 261 13.13 49.53 27.11
N THR A 262 13.08 50.10 25.91
CA THR A 262 13.38 51.52 25.74
C THR A 262 12.30 52.25 24.95
N GLY A 263 11.49 51.49 24.21
CA GLY A 263 10.50 52.08 23.33
C GLY A 263 11.06 52.58 22.01
N ARG A 264 12.36 52.37 21.80
CA ARG A 264 13.02 52.86 20.60
C ARG A 264 12.71 51.96 19.42
N VAL A 265 12.56 52.56 18.24
CA VAL A 265 12.37 51.77 17.01
C VAL A 265 13.75 51.39 16.47
N LEU A 266 13.96 50.11 16.23
CA LEU A 266 15.25 49.66 15.73
C LEU A 266 15.32 49.80 14.22
N PHE A 267 14.30 49.30 13.54
CA PHE A 267 14.18 49.44 12.11
C PHE A 267 12.72 49.32 11.73
N GLU A 268 12.40 49.74 10.50
CA GLU A 268 11.05 49.59 9.97
C GLU A 268 11.09 48.70 8.73
N CYS A 269 9.95 48.15 8.37
CA CYS A 269 9.88 47.26 7.21
C CYS A 269 8.48 47.17 6.63
N LYS A 270 8.40 46.65 5.41
CA LYS A 270 7.13 46.45 4.71
C LYS A 270 6.65 45.02 4.83
N LEU A 271 5.39 44.87 5.21
CA LEU A 271 4.71 43.58 5.15
C LEU A 271 3.76 43.62 3.97
N HIS A 272 4.06 42.84 2.94
CA HIS A 272 3.26 42.87 1.74
C HIS A 272 1.99 42.04 1.89
N LYS A 273 0.90 42.54 1.32
CA LYS A 273 -0.40 41.87 1.37
C LYS A 273 -0.30 40.40 1.01
N SER A 274 0.37 40.07 -0.09
CA SER A 274 0.45 38.67 -0.52
C SER A 274 1.21 37.81 0.48
N GLY A 275 1.87 38.44 1.46
CA GLY A 275 2.42 37.72 2.58
C GLY A 275 3.92 37.50 2.66
N TYR A 276 4.68 38.59 2.55
CA TYR A 276 6.12 38.53 2.75
C TYR A 276 6.62 39.88 3.23
N VAL A 277 7.86 39.93 3.72
CA VAL A 277 8.42 41.15 4.29
C VAL A 277 9.68 41.61 3.57
N THR A 278 9.82 42.92 3.35
CA THR A 278 11.04 43.50 2.78
C THR A 278 11.63 44.60 3.65
N VAL A 279 12.94 44.81 3.54
CA VAL A 279 13.63 45.91 4.23
C VAL A 279 14.54 46.68 3.28
N ALA A 280 14.91 47.89 3.66
CA ALA A 280 15.83 48.70 2.87
C ALA A 280 17.28 48.42 3.31
N HIS A 281 17.96 47.55 2.58
CA HIS A 281 19.34 47.19 2.89
C HIS A 281 20.00 46.51 1.72
N THR A 282 21.33 46.63 1.60
CA THR A 282 22.06 45.97 0.53
C THR A 282 23.16 45.06 1.07
N GLY A 283 23.00 43.76 0.82
CA GLY A 283 23.99 42.78 1.22
C GLY A 283 23.44 41.76 2.20
N GLN A 284 24.16 40.66 2.35
CA GLN A 284 23.83 39.67 3.36
C GLN A 284 24.08 40.29 4.72
N HIS A 285 23.18 40.05 5.67
CA HIS A 285 23.35 40.63 6.99
C HIS A 285 22.54 39.92 8.05
N ASP A 286 23.21 39.49 9.10
CA ASP A 286 22.55 38.96 10.28
C ASP A 286 22.19 40.12 11.19
N LEU A 287 20.90 40.37 11.31
CA LEU A 287 20.43 41.50 12.09
C LEU A 287 20.75 41.31 13.57
N VAL A 288 21.25 42.37 14.20
CA VAL A 288 21.47 42.35 15.63
C VAL A 288 20.27 43.00 16.33
N ILE A 289 19.55 42.19 17.11
CA ILE A 289 18.32 42.64 17.75
C ILE A 289 18.37 42.39 19.25
N PRO A 290 17.74 43.28 20.03
CA PRO A 290 17.62 43.08 21.47
C PRO A 290 16.71 41.89 21.80
N PRO A 291 16.93 41.25 22.96
CA PRO A 291 16.24 40.01 23.32
C PRO A 291 14.72 40.15 23.36
N ASN A 292 14.19 41.30 23.75
CA ASN A 292 12.75 41.46 23.94
C ASN A 292 12.00 42.14 22.80
N GLY A 293 12.67 42.35 21.66
CA GLY A 293 12.07 43.03 20.53
C GLY A 293 10.92 42.33 19.83
N TYR A 294 9.99 43.10 19.26
CA TYR A 294 8.86 42.53 18.54
C TYR A 294 8.37 43.48 17.44
N PHE A 295 7.55 42.96 16.53
CA PHE A 295 7.01 43.76 15.44
C PHE A 295 5.69 44.43 15.77
N ARG A 296 5.52 45.65 15.28
CA ARG A 296 4.31 46.42 15.51
C ARG A 296 3.78 47.06 14.23
N PHE A 297 2.52 46.78 13.90
CA PHE A 297 1.91 47.40 12.74
C PHE A 297 1.48 48.82 13.08
N ASP A 298 1.93 49.78 12.26
CA ASP A 298 1.67 51.18 12.55
C ASP A 298 0.67 51.80 11.58
N SER A 299 0.76 51.50 10.28
CA SER A 299 -0.26 51.96 9.32
C SER A 299 -0.16 51.33 7.95
N TRP A 300 -1.24 51.46 7.19
CA TRP A 300 -1.25 51.10 5.78
C TRP A 300 -0.65 52.25 4.97
N VAL A 301 0.20 51.92 4.01
CA VAL A 301 0.82 52.94 3.17
C VAL A 301 0.61 52.63 1.70
N ASN A 302 0.82 53.62 0.83
CA ASN A 302 0.77 53.37 -0.61
C ASN A 302 2.06 52.68 -1.05
N GLN A 303 2.29 52.55 -2.35
CA GLN A 303 3.46 51.79 -2.81
C GLN A 303 4.69 52.66 -3.06
N PHE A 304 4.61 53.95 -2.78
CA PHE A 304 5.76 54.81 -2.98
C PHE A 304 6.46 55.15 -1.67
N TYR A 305 6.15 54.41 -0.61
CA TYR A 305 6.80 54.66 0.66
C TYR A 305 8.22 54.13 0.60
N THR A 306 9.18 54.99 0.89
CA THR A 306 10.58 54.59 0.95
C THR A 306 10.98 54.30 2.39
N LEU A 307 11.43 53.07 2.65
CA LEU A 307 11.81 52.71 4.01
C LEU A 307 13.07 53.47 4.43
N ALA A 308 13.14 53.78 5.72
CA ALA A 308 14.38 54.31 6.31
C ALA A 308 15.40 53.17 6.31
N PRO A 309 16.61 53.44 5.81
CA PRO A 309 17.63 52.38 5.69
C PRO A 309 17.87 51.64 7.01
N MET A 310 17.99 50.31 6.89
CA MET A 310 18.09 49.39 8.02
C MET A 310 19.52 49.20 8.50
N LYS B 5 -12.36 44.48 27.02
CA LYS B 5 -12.11 43.59 25.90
C LYS B 5 -12.89 42.28 26.02
N PRO B 6 -13.64 41.93 24.98
CA PRO B 6 -14.49 40.73 25.04
C PRO B 6 -13.66 39.46 25.04
N PHE B 7 -14.04 38.53 25.88
CA PHE B 7 -13.37 37.25 25.92
C PHE B 7 -13.88 36.37 24.79
N SER B 8 -13.08 35.38 24.41
CA SER B 8 -13.42 34.48 23.32
C SER B 8 -12.44 33.32 23.27
N VAL B 9 -12.84 32.24 22.60
CA VAL B 9 -11.96 31.13 22.30
C VAL B 9 -11.85 31.00 20.79
N PRO B 10 -10.70 30.51 20.28
CA PRO B 10 -10.46 30.52 18.84
C PRO B 10 -11.44 29.66 18.05
N VAL B 11 -11.71 30.07 16.82
CA VAL B 11 -12.48 29.28 15.89
C VAL B 11 -11.57 28.21 15.27
N LEU B 12 -11.42 27.10 15.96
CA LEU B 12 -10.55 26.03 15.47
C LEU B 12 -11.17 24.70 15.76
N THR B 13 -11.15 23.80 14.79
CA THR B 13 -11.63 22.45 15.04
C THR B 13 -10.60 21.77 15.94
N VAL B 14 -10.98 20.65 16.55
CA VAL B 14 -10.06 19.90 17.40
C VAL B 14 -8.81 19.46 16.63
N GLU B 15 -9.00 18.88 15.45
CA GLU B 15 -7.90 18.34 14.65
C GLU B 15 -6.93 19.41 14.13
N GLU B 16 -7.38 20.66 14.10
CA GLU B 16 -6.53 21.77 13.67
C GLU B 16 -5.61 22.27 14.79
N MET B 17 -5.80 21.75 16.00
CA MET B 17 -5.08 22.26 17.17
C MET B 17 -4.01 21.28 17.67
N THR B 18 -3.25 21.71 18.67
CA THR B 18 -2.06 20.97 19.08
C THR B 18 -2.08 20.61 20.56
N ASN B 19 -1.66 19.40 20.89
CA ASN B 19 -1.52 19.01 22.29
C ASN B 19 -0.50 19.93 22.93
N SER B 20 -0.71 20.29 24.19
CA SER B 20 0.14 21.26 24.86
C SER B 20 1.13 20.57 25.80
N ARG B 21 1.16 19.25 25.75
CA ARG B 21 2.04 18.50 26.64
C ARG B 21 3.04 17.65 25.87
N PHE B 22 2.99 17.73 24.54
CA PHE B 22 3.90 16.99 23.68
C PHE B 22 3.71 17.47 22.26
N PRO B 23 4.80 17.68 21.53
CA PRO B 23 4.68 18.29 20.20
C PRO B 23 4.00 17.35 19.20
N ILE B 24 2.70 17.13 19.39
CA ILE B 24 1.87 16.34 18.47
C ILE B 24 0.46 16.93 18.40
N PRO B 25 -0.24 16.71 17.28
CA PRO B 25 -1.58 17.28 17.19
C PRO B 25 -2.62 16.59 18.08
N LEU B 26 -3.67 17.33 18.42
CA LEU B 26 -4.81 16.77 19.11
C LEU B 26 -5.53 15.78 18.20
N GLU B 27 -6.21 14.80 18.78
CA GLU B 27 -6.92 13.82 17.99
C GLU B 27 -8.40 13.76 18.34
N LYS B 28 -8.70 13.84 19.63
CA LYS B 28 -10.09 13.70 20.07
C LYS B 28 -10.34 14.32 21.45
N LEU B 29 -11.60 14.37 21.85
CA LEU B 29 -11.99 14.76 23.22
C LEU B 29 -12.39 13.57 24.10
N PHE B 30 -11.99 13.63 25.36
CA PHE B 30 -12.23 12.54 26.30
C PHE B 30 -12.64 13.11 27.64
N THR B 31 -13.56 12.43 28.32
CA THR B 31 -13.87 12.80 29.69
C THR B 31 -13.87 11.55 30.57
N GLY B 32 -13.47 11.73 31.83
CA GLY B 32 -13.41 10.59 32.73
C GLY B 32 -13.26 11.00 34.19
N PRO B 33 -13.52 10.05 35.08
CA PRO B 33 -13.34 10.32 36.52
C PRO B 33 -11.87 10.55 36.86
N SER B 34 -11.62 11.47 37.79
CA SER B 34 -10.26 11.85 38.16
C SER B 34 -10.14 12.10 39.66
N SER B 35 -11.00 11.46 40.44
CA SER B 35 -10.96 11.62 41.88
C SER B 35 -10.00 10.60 42.50
N ALA B 36 -9.68 9.56 41.74
CA ALA B 36 -8.81 8.51 42.24
C ALA B 36 -7.34 8.86 42.08
N PHE B 37 -7.05 9.96 41.41
CA PHE B 37 -5.66 10.39 41.25
C PHE B 37 -5.53 11.91 41.12
N VAL B 38 -4.30 12.40 41.22
CA VAL B 38 -4.02 13.84 41.21
C VAL B 38 -3.77 14.35 39.80
N VAL B 39 -4.56 15.33 39.39
CA VAL B 39 -4.41 15.91 38.07
C VAL B 39 -3.70 17.27 38.16
N GLN B 40 -2.40 17.28 37.87
CA GLN B 40 -1.60 18.50 38.04
C GLN B 40 -0.54 18.71 36.96
N PRO B 41 -0.93 18.70 35.69
CA PRO B 41 0.10 18.91 34.66
C PRO B 41 0.66 20.32 34.72
N GLN B 42 1.91 20.51 34.29
CA GLN B 42 2.54 21.82 34.37
C GLN B 42 2.66 22.46 33.00
N ASN B 43 2.48 21.65 31.95
CA ASN B 43 2.42 22.18 30.60
C ASN B 43 0.96 22.40 30.18
N GLY B 44 0.75 23.34 29.25
CA GLY B 44 -0.59 23.70 28.84
C GLY B 44 -1.38 24.31 29.98
N ARG B 45 -0.71 25.14 30.75
CA ARG B 45 -1.34 25.79 31.88
C ARG B 45 -1.37 27.29 31.67
N CYS B 46 -2.58 27.83 31.64
CA CYS B 46 -2.77 29.23 31.37
C CYS B 46 -4.14 29.66 31.87
N THR B 47 -4.22 30.85 32.47
CA THR B 47 -5.50 31.39 32.88
C THR B 47 -6.19 31.98 31.67
N THR B 48 -7.50 32.20 31.78
CA THR B 48 -8.26 32.73 30.66
C THR B 48 -7.84 34.14 30.25
N ASP B 49 -7.29 34.92 31.19
CA ASP B 49 -6.83 36.27 30.84
C ASP B 49 -5.35 36.28 30.47
N GLY B 50 -4.82 35.13 30.10
CA GLY B 50 -3.53 35.05 29.42
C GLY B 50 -2.27 35.04 30.27
N VAL B 51 -2.37 34.54 31.50
CA VAL B 51 -1.20 34.40 32.34
C VAL B 51 -0.71 32.96 32.32
N LEU B 52 0.51 32.77 31.83
CA LEU B 52 1.10 31.43 31.75
C LEU B 52 1.43 30.87 33.13
N LEU B 53 1.15 29.59 33.33
CA LEU B 53 1.42 28.97 34.60
C LEU B 53 2.36 27.78 34.46
N GLY B 54 2.97 27.37 35.57
CA GLY B 54 3.83 26.21 35.60
C GLY B 54 5.06 26.30 34.72
N THR B 55 5.22 25.32 33.83
CA THR B 55 6.37 25.30 32.95
C THR B 55 5.94 25.62 31.52
N THR B 56 4.76 26.21 31.39
CA THR B 56 4.15 26.45 30.09
C THR B 56 4.79 27.60 29.33
N GLN B 57 5.17 27.34 28.08
CA GLN B 57 5.63 28.41 27.20
C GLN B 57 4.82 28.35 25.89
N LEU B 58 5.09 29.28 24.99
CA LEU B 58 4.17 29.50 23.86
C LEU B 58 4.35 28.54 22.68
N SER B 59 5.58 28.17 22.37
CA SER B 59 5.82 27.37 21.17
C SER B 59 5.65 25.86 21.41
N PRO B 60 4.84 25.21 20.58
CA PRO B 60 4.57 23.78 20.71
C PRO B 60 5.78 22.94 20.38
N VAL B 61 6.69 23.47 19.57
CA VAL B 61 7.82 22.68 19.12
C VAL B 61 8.89 22.56 20.20
N ASN B 62 8.78 23.34 21.27
CA ASN B 62 9.77 23.30 22.33
C ASN B 62 9.42 22.39 23.49
N ILE B 63 8.22 21.83 23.46
CA ILE B 63 7.77 20.94 24.52
C ILE B 63 8.57 19.64 24.48
N CYS B 64 9.13 19.28 25.63
CA CYS B 64 9.95 18.09 25.79
C CYS B 64 11.22 18.13 24.96
N THR B 65 11.76 19.34 24.77
CA THR B 65 13.08 19.44 24.16
C THR B 65 14.10 19.86 25.23
N PHE B 66 15.37 19.53 24.98
CA PHE B 66 16.45 19.93 25.87
C PHE B 66 17.61 20.50 25.07
N ARG B 67 18.23 21.54 25.62
CA ARG B 67 19.37 22.17 24.96
C ARG B 67 20.47 22.40 25.97
N GLY B 68 21.72 22.29 25.53
CA GLY B 68 22.87 22.49 26.40
C GLY B 68 24.11 21.82 25.84
N ASP B 69 25.13 21.64 26.68
CA ASP B 69 26.33 20.93 26.26
C ASP B 69 26.35 19.60 26.99
N VAL B 70 27.03 18.60 26.41
CA VAL B 70 27.01 17.29 27.04
C VAL B 70 28.37 16.88 27.55
N THR B 71 28.36 16.02 28.57
CA THR B 71 29.57 15.43 29.12
C THR B 71 29.33 13.93 29.08
N HIS B 72 30.38 13.14 29.09
CA HIS B 72 30.18 11.72 28.86
C HIS B 72 30.53 10.93 30.09
N ILE B 73 29.64 10.00 30.44
CA ILE B 73 29.85 9.11 31.57
C ILE B 73 30.67 7.89 31.16
N THR B 74 31.86 7.77 31.72
CA THR B 74 32.83 6.77 31.26
C THR B 74 32.41 5.36 31.69
N GLY B 75 32.49 4.42 30.75
CA GLY B 75 32.06 3.06 31.00
C GLY B 75 30.56 2.93 30.80
N SER B 76 30.02 3.80 29.96
CA SER B 76 28.60 3.79 29.59
C SER B 76 28.38 4.48 28.27
N ARG B 77 27.20 4.31 27.70
CA ARG B 77 26.79 5.07 26.54
C ARG B 77 25.90 6.23 27.00
N ASN B 78 26.03 6.60 28.26
CA ASN B 78 25.23 7.67 28.86
C ASN B 78 25.92 9.03 28.89
N TYR B 79 25.17 10.08 28.62
CA TYR B 79 25.69 11.45 28.70
C TYR B 79 24.93 12.29 29.72
N THR B 80 25.66 13.15 30.43
CA THR B 80 25.02 14.15 31.26
C THR B 80 24.92 15.47 30.51
N MET B 81 23.70 16.00 30.38
CA MET B 81 23.52 17.29 29.74
C MET B 81 23.37 18.44 30.74
N ASN B 82 24.23 19.45 30.62
CA ASN B 82 24.10 20.66 31.42
C ASN B 82 23.23 21.66 30.67
N LEU B 83 21.99 21.84 31.15
CA LEU B 83 20.98 22.57 30.39
C LEU B 83 21.27 24.05 30.16
N ALA B 84 20.91 24.52 28.97
CA ALA B 84 20.86 25.93 28.65
C ALA B 84 19.42 26.30 28.28
N SER B 85 19.14 27.61 28.23
CA SER B 85 17.83 28.06 27.77
C SER B 85 17.80 28.01 26.25
N GLN B 86 16.62 28.15 25.65
CA GLN B 86 16.41 27.84 24.23
C GLN B 86 17.26 28.64 23.24
N ASN B 87 17.70 29.81 23.66
CA ASN B 87 18.55 30.65 22.81
C ASN B 87 20.04 30.47 23.11
N TRP B 88 20.35 29.37 23.80
CA TRP B 88 21.71 28.97 24.17
C TRP B 88 22.45 29.88 25.15
N ASN B 89 21.75 30.85 25.75
CA ASN B 89 22.38 31.53 26.88
C ASN B 89 22.18 30.71 28.14
N ASP B 90 22.88 31.10 29.20
CA ASP B 90 22.90 30.32 30.43
C ASP B 90 21.52 30.20 31.07
N TYR B 91 21.28 29.06 31.71
CA TYR B 91 20.04 28.80 32.43
C TYR B 91 20.18 29.16 33.91
N ASP B 92 19.18 29.85 34.45
CA ASP B 92 19.22 30.29 35.84
C ASP B 92 18.31 29.45 36.73
N PRO B 93 18.91 28.61 37.59
CA PRO B 93 18.17 27.72 38.48
C PRO B 93 17.41 28.48 39.57
N THR B 94 17.79 29.73 39.81
CA THR B 94 17.19 30.50 40.89
C THR B 94 15.83 31.07 40.49
N GLU B 95 15.53 31.08 39.19
CA GLU B 95 14.28 31.66 38.73
C GLU B 95 13.12 30.82 39.22
N GLU B 96 12.08 31.49 39.71
CA GLU B 96 11.01 30.80 40.41
C GLU B 96 10.01 30.12 39.49
N ILE B 97 10.45 29.02 38.90
CA ILE B 97 9.63 28.15 38.08
C ILE B 97 10.02 26.72 38.45
N PRO B 98 9.11 25.76 38.25
CA PRO B 98 9.39 24.39 38.66
C PRO B 98 10.62 23.79 37.99
N ALA B 99 10.85 24.21 36.75
CA ALA B 99 11.88 23.64 35.89
C ALA B 99 11.97 24.50 34.62
N PRO B 100 12.99 24.27 33.76
CA PRO B 100 12.99 25.03 32.51
C PRO B 100 11.65 24.89 31.80
N LEU B 101 11.19 25.98 31.20
CA LEU B 101 9.93 25.95 30.46
C LEU B 101 9.99 24.90 29.37
N GLY B 102 8.93 24.11 29.24
CA GLY B 102 8.85 23.08 28.24
C GLY B 102 9.30 21.71 28.72
N THR B 103 9.82 21.65 29.96
CA THR B 103 10.24 20.39 30.57
C THR B 103 9.06 19.40 30.62
N PRO B 104 9.31 18.11 30.34
CA PRO B 104 8.27 17.08 30.43
C PRO B 104 7.61 17.09 31.79
N ASP B 105 6.30 16.97 31.85
CA ASP B 105 5.61 16.99 33.13
C ASP B 105 4.95 15.65 33.42
N PHE B 106 5.61 14.58 32.98
CA PHE B 106 5.16 13.24 33.30
C PHE B 106 6.34 12.31 33.48
N VAL B 107 6.11 11.22 34.21
CA VAL B 107 7.14 10.23 34.46
C VAL B 107 7.05 9.14 33.41
N GLY B 108 8.10 9.00 32.62
CA GLY B 108 8.16 7.98 31.59
C GLY B 108 9.48 8.01 30.87
N LYS B 109 9.71 7.07 29.97
CA LYS B 109 10.94 7.07 29.20
C LYS B 109 10.65 7.57 27.77
N ILE B 110 11.25 8.72 27.44
CA ILE B 110 11.08 9.35 26.14
C ILE B 110 12.21 9.08 25.17
N GLN B 111 11.88 8.64 23.96
CA GLN B 111 12.91 8.39 22.96
C GLN B 111 12.93 9.47 21.89
N GLY B 112 14.13 9.88 21.52
CA GLY B 112 14.30 10.90 20.51
C GLY B 112 15.66 10.84 19.84
N VAL B 113 16.17 11.99 19.46
CA VAL B 113 17.47 12.06 18.80
C VAL B 113 18.33 13.14 19.44
N LEU B 114 19.59 12.81 19.71
CA LEU B 114 20.55 13.77 20.22
C LEU B 114 21.44 14.25 19.07
N THR B 115 21.27 15.50 18.66
CA THR B 115 22.07 16.10 17.58
C THR B 115 23.06 17.12 18.13
N GLN B 116 24.20 17.28 17.43
CA GLN B 116 25.21 18.23 17.85
C GLN B 116 25.99 18.85 16.67
N THR B 117 26.17 20.17 16.72
CA THR B 117 26.98 20.91 15.76
C THR B 117 28.17 21.53 16.48
N THR B 118 29.38 21.16 16.07
CA THR B 118 30.56 21.64 16.75
C THR B 118 31.01 22.99 16.18
N ARG B 119 31.35 23.90 17.08
CA ARG B 119 31.77 25.27 16.71
C ARG B 119 33.20 25.34 16.18
N THR B 120 33.92 24.23 16.23
CA THR B 120 35.28 24.18 15.72
C THR B 120 35.31 24.37 14.21
N ASP B 121 34.49 23.62 13.49
CA ASP B 121 34.46 23.74 12.04
C ASP B 121 33.08 23.52 11.44
N GLY B 122 32.10 23.19 12.29
CA GLY B 122 30.73 23.06 11.84
C GLY B 122 30.20 21.66 11.53
N SER B 123 30.99 20.62 11.74
CA SER B 123 30.51 19.27 11.44
C SER B 123 29.40 18.86 12.39
N THR B 124 28.50 18.00 11.92
CA THR B 124 27.33 17.62 12.71
C THR B 124 27.28 16.12 12.95
N ARG B 125 26.40 15.71 13.86
CA ARG B 125 26.21 14.30 14.20
C ARG B 125 24.95 14.14 15.03
N GLY B 126 24.30 12.99 14.89
CA GLY B 126 23.09 12.69 15.65
C GLY B 126 23.04 11.23 16.02
N HIS B 127 22.50 10.94 17.19
CA HIS B 127 22.38 9.56 17.63
C HIS B 127 21.07 9.34 18.36
N LYS B 128 20.55 8.13 18.25
CA LYS B 128 19.39 7.71 19.02
C LYS B 128 19.66 7.97 20.50
N ALA B 129 18.71 8.62 21.16
CA ALA B 129 18.89 8.96 22.57
C ALA B 129 17.59 8.84 23.32
N THR B 130 17.70 8.45 24.58
CA THR B 130 16.56 8.24 25.44
C THR B 130 16.76 8.95 26.78
N VAL B 131 15.72 9.62 27.28
CA VAL B 131 15.76 10.24 28.59
C VAL B 131 14.69 9.65 29.53
N TYR B 132 15.09 9.25 30.73
CA TYR B 132 14.12 8.73 31.69
C TYR B 132 13.77 9.79 32.74
N THR B 133 12.56 10.33 32.68
CA THR B 133 12.20 11.46 33.55
C THR B 133 12.00 11.04 34.98
N GLY B 134 12.04 9.73 35.24
CA GLY B 134 11.90 9.23 36.59
C GLY B 134 13.26 8.89 37.15
N SER B 135 14.30 9.14 36.36
CA SER B 135 15.66 8.85 36.77
C SER B 135 16.07 9.71 37.96
N ALA B 136 16.95 9.18 38.81
CA ALA B 136 17.45 9.96 39.93
C ALA B 136 18.31 11.11 39.43
N ASP B 137 18.86 10.93 38.23
CA ASP B 137 19.74 11.94 37.65
C ASP B 137 19.00 12.86 36.69
N PHE B 138 17.67 12.79 36.74
CA PHE B 138 16.83 13.73 36.00
C PHE B 138 16.46 14.89 36.91
N ALA B 139 17.24 15.97 36.80
CA ALA B 139 17.06 17.11 37.67
C ALA B 139 17.11 18.43 36.89
N PRO B 140 16.10 18.68 36.05
CA PRO B 140 16.09 19.86 35.17
C PRO B 140 16.16 21.18 35.93
N LYS B 141 15.48 21.26 37.07
CA LYS B 141 15.47 22.48 37.87
C LYS B 141 16.88 22.84 38.28
N LEU B 142 17.71 21.82 38.46
CA LEU B 142 19.12 22.02 38.75
C LEU B 142 19.96 22.19 37.49
N GLY B 143 19.35 22.01 36.32
CA GLY B 143 20.08 22.22 35.09
C GLY B 143 20.86 21.00 34.64
N ARG B 144 20.40 19.81 35.02
CA ARG B 144 21.06 18.57 34.62
C ARG B 144 20.06 17.47 34.25
N VAL B 145 20.24 16.86 33.08
CA VAL B 145 19.49 15.67 32.73
C VAL B 145 20.40 14.60 32.13
N GLN B 146 19.97 13.34 32.18
CA GLN B 146 20.83 12.27 31.69
C GLN B 146 20.19 11.50 30.53
N PHE B 147 20.97 11.28 29.48
CA PHE B 147 20.52 10.56 28.29
C PHE B 147 21.23 9.23 28.14
N GLU B 148 20.49 8.24 27.68
CA GLU B 148 21.05 6.98 27.23
C GLU B 148 21.14 6.99 25.70
N THR B 149 22.29 6.66 25.14
CA THR B 149 22.48 6.71 23.70
C THR B 149 23.05 5.41 23.13
N ASP B 150 23.36 5.42 21.83
CA ASP B 150 23.93 4.24 21.17
C ASP B 150 25.40 4.42 20.78
N THR B 151 26.05 5.46 21.33
CA THR B 151 27.48 5.69 21.10
C THR B 151 28.16 6.04 22.42
N ASP B 152 29.48 5.91 22.46
CA ASP B 152 30.24 6.30 23.65
C ASP B 152 31.46 7.14 23.28
N ARG B 153 31.54 7.56 22.02
CA ARG B 153 32.77 8.16 21.50
C ARG B 153 32.50 9.40 20.62
N ASP B 154 31.27 9.58 20.17
CA ASP B 154 31.04 10.53 19.08
C ASP B 154 30.77 11.98 19.49
N PHE B 155 30.15 12.21 20.65
CA PHE B 155 29.83 13.59 21.06
C PHE B 155 31.01 14.34 21.69
N GLU B 156 31.07 15.65 21.47
CA GLU B 156 32.13 16.48 22.04
C GLU B 156 31.62 17.38 23.16
N ALA B 157 32.55 17.82 24.01
CA ALA B 157 32.19 18.69 25.13
C ALA B 157 32.13 20.16 24.72
N ASN B 158 31.41 20.94 25.52
CA ASN B 158 31.24 22.38 25.33
C ASN B 158 30.73 22.75 23.96
N GLN B 159 29.84 21.92 23.42
CA GLN B 159 29.26 22.18 22.11
C GLN B 159 27.75 22.07 22.16
N ASN B 160 27.07 22.98 21.47
CA ASN B 160 25.62 23.01 21.45
C ASN B 160 25.04 21.66 21.07
N THR B 161 24.18 21.15 21.94
CA THR B 161 23.55 19.86 21.74
C THR B 161 22.04 19.97 21.99
N LYS B 162 21.25 19.26 21.19
CA LYS B 162 19.79 19.35 21.32
C LYS B 162 19.17 17.96 21.39
N PHE B 163 18.08 17.84 22.14
CA PHE B 163 17.33 16.59 22.13
C PHE B 163 15.96 16.81 21.52
N THR B 164 15.63 16.03 20.48
CA THR B 164 14.34 16.16 19.83
C THR B 164 13.48 14.98 20.21
N PRO B 165 12.37 15.23 20.89
CA PRO B 165 11.55 14.10 21.33
C PRO B 165 10.83 13.47 20.16
N VAL B 166 10.57 12.17 20.22
CA VAL B 166 9.84 11.51 19.15
C VAL B 166 8.65 10.77 19.74
N GLY B 167 8.90 10.01 20.80
CA GLY B 167 7.85 9.23 21.43
C GLY B 167 8.28 8.58 22.73
N VAL B 168 7.51 7.62 23.20
CA VAL B 168 7.78 6.98 24.49
C VAL B 168 8.00 5.48 24.34
N ILE B 169 8.76 4.89 25.26
CA ILE B 169 9.06 3.46 25.18
C ILE B 169 8.71 2.70 26.45
N GLN B 170 8.70 1.38 26.32
CA GLN B 170 8.32 0.47 27.40
C GLN B 170 8.99 -0.86 27.07
N ASP B 171 9.39 -1.64 28.07
CA ASP B 171 10.33 -2.73 27.82
C ASP B 171 9.68 -3.96 27.19
N GLY B 172 8.37 -3.93 27.02
CA GLY B 172 7.66 -5.00 26.33
C GLY B 172 7.00 -6.01 27.25
N GLY B 173 7.46 -6.09 28.49
CA GLY B 173 6.93 -7.05 29.43
C GLY B 173 5.69 -6.52 30.12
N THR B 174 5.10 -7.32 31.00
CA THR B 174 3.92 -6.87 31.73
C THR B 174 4.32 -6.33 33.09
N THR B 175 5.47 -6.76 33.58
CA THR B 175 5.98 -6.33 34.87
C THR B 175 6.12 -4.80 34.94
N HIS B 176 6.56 -4.18 33.85
CA HIS B 176 6.72 -2.74 33.85
C HIS B 176 5.92 -2.08 32.73
N ARG B 177 4.63 -2.35 32.73
CA ARG B 177 3.72 -1.86 31.71
C ARG B 177 2.85 -0.77 32.31
N ASN B 178 3.40 -0.07 33.30
CA ASN B 178 2.66 0.96 34.01
C ASN B 178 3.18 2.34 33.68
N GLU B 179 3.93 2.41 32.59
CA GLU B 179 4.59 3.65 32.18
C GLU B 179 4.26 4.01 30.73
N PRO B 180 4.25 5.31 30.39
CA PRO B 180 4.43 6.45 31.30
C PRO B 180 3.19 6.72 32.13
N GLN B 181 3.36 7.45 33.22
CA GLN B 181 2.25 7.87 34.03
C GLN B 181 2.01 9.37 33.86
N GLN B 182 1.06 9.71 33.01
CA GLN B 182 0.84 11.10 32.61
C GLN B 182 0.38 12.00 33.76
N TRP B 183 -0.09 11.42 34.84
CA TRP B 183 -0.55 12.25 35.97
C TRP B 183 0.44 12.20 37.13
N VAL B 184 1.65 11.72 36.87
CA VAL B 184 2.67 11.75 37.90
C VAL B 184 3.81 12.67 37.48
N LEU B 185 3.99 13.75 38.22
CA LEU B 185 5.06 14.71 37.94
C LEU B 185 6.41 14.11 38.27
N PRO B 186 7.42 14.48 37.49
CA PRO B 186 8.79 14.09 37.83
C PRO B 186 9.28 14.83 39.07
N SER B 187 10.36 14.36 39.67
CA SER B 187 11.04 15.15 40.67
C SER B 187 12.04 16.05 39.97
N TYR B 188 11.64 17.31 39.76
CA TYR B 188 12.40 18.23 38.94
C TYR B 188 13.82 18.53 39.46
N SER B 189 14.07 18.21 40.72
CA SER B 189 15.39 18.49 41.29
C SER B 189 16.16 17.21 41.56
N GLY B 190 15.67 16.12 40.98
CA GLY B 190 16.28 14.82 41.18
C GLY B 190 15.53 14.07 42.26
N ARG B 191 15.97 12.85 42.56
CA ARG B 191 15.26 11.97 43.49
C ARG B 191 15.10 12.56 44.90
N ASN B 192 13.96 12.27 45.52
CA ASN B 192 13.67 12.65 46.90
C ASN B 192 13.75 14.15 47.19
N THR B 193 13.25 14.95 46.25
CA THR B 193 13.15 16.40 46.45
C THR B 193 11.73 16.85 46.20
N HIS B 194 11.39 18.07 46.64
CA HIS B 194 10.04 18.60 46.44
C HIS B 194 10.00 19.62 45.31
N ASN B 195 8.99 19.52 44.45
CA ASN B 195 8.80 20.51 43.40
C ASN B 195 8.32 21.85 43.95
N VAL B 196 8.57 22.91 43.19
CA VAL B 196 8.25 24.25 43.67
C VAL B 196 7.57 25.06 42.59
N HIS B 197 6.79 26.05 43.01
CA HIS B 197 6.12 26.97 42.10
C HIS B 197 5.25 26.25 41.08
N LEU B 198 4.62 25.16 41.53
CA LEU B 198 3.77 24.34 40.69
C LEU B 198 2.44 25.01 40.42
N ALA B 199 1.93 24.84 39.20
CA ALA B 199 0.53 25.17 38.94
C ALA B 199 -0.33 24.16 39.71
N PRO B 200 -1.43 24.63 40.31
CA PRO B 200 -2.23 23.79 41.20
C PRO B 200 -2.92 22.61 40.50
N ALA B 201 -3.26 21.60 41.29
CA ALA B 201 -4.05 20.49 40.80
C ALA B 201 -5.47 20.96 40.52
N VAL B 202 -6.13 20.31 39.57
CA VAL B 202 -7.51 20.68 39.24
C VAL B 202 -8.46 19.53 39.54
N ALA B 203 -9.72 19.88 39.73
CA ALA B 203 -10.78 18.91 39.98
C ALA B 203 -12.13 19.57 39.75
N PRO B 204 -13.10 18.81 39.21
CA PRO B 204 -14.47 19.34 39.13
C PRO B 204 -15.05 19.50 40.53
N THR B 205 -15.63 20.65 40.81
CA THR B 205 -16.20 20.91 42.13
C THR B 205 -17.72 20.75 42.12
N PHE B 206 -18.34 21.01 40.97
CA PHE B 206 -19.79 20.87 40.83
C PHE B 206 -20.19 19.39 40.74
N PRO B 207 -21.21 18.98 41.49
CA PRO B 207 -21.64 17.57 41.49
C PRO B 207 -22.11 17.09 40.12
N GLY B 208 -21.59 15.94 39.69
CA GLY B 208 -21.99 15.35 38.43
C GLY B 208 -21.10 15.75 37.28
N GLU B 209 -20.08 16.55 37.56
CA GLU B 209 -19.19 17.03 36.52
C GLU B 209 -17.86 16.28 36.47
N GLN B 210 -17.30 16.21 35.28
CA GLN B 210 -15.99 15.62 35.05
C GLN B 210 -15.17 16.56 34.20
N LEU B 211 -13.85 16.44 34.27
CA LEU B 211 -12.97 17.20 33.40
C LEU B 211 -13.18 16.81 31.95
N LEU B 212 -12.96 17.76 31.05
CA LEU B 212 -12.91 17.46 29.63
C LEU B 212 -11.45 17.50 29.22
N PHE B 213 -10.95 16.41 28.67
CA PHE B 213 -9.55 16.32 28.33
C PHE B 213 -9.35 16.43 26.82
N PHE B 214 -8.27 17.11 26.44
CA PHE B 214 -7.88 17.20 25.04
C PHE B 214 -6.80 16.15 24.80
N ARG B 215 -7.15 15.15 23.99
CA ARG B 215 -6.40 13.91 23.93
C ARG B 215 -5.61 13.72 22.64
N SER B 216 -4.39 13.25 22.77
CA SER B 216 -3.55 12.82 21.65
C SER B 216 -2.99 11.45 21.94
N THR B 217 -2.59 10.76 20.88
CA THR B 217 -1.90 9.48 21.05
C THR B 217 -0.41 9.69 20.78
N MET B 218 0.42 9.51 21.80
CA MET B 218 1.86 9.62 21.62
C MET B 218 2.42 8.49 20.78
N PRO B 219 3.39 8.81 19.89
CA PRO B 219 4.08 7.76 19.14
C PRO B 219 4.79 6.81 20.08
N GLY B 220 4.67 5.51 19.84
CA GLY B 220 5.41 4.55 20.64
C GLY B 220 6.61 4.03 19.86
N CYS B 221 7.75 3.95 20.52
CA CYS B 221 8.95 3.49 19.84
C CYS B 221 9.33 2.07 20.22
N SER B 222 8.63 1.50 21.20
CA SER B 222 8.90 0.13 21.64
C SER B 222 7.95 -0.35 22.74
N GLY B 223 7.57 -1.62 22.70
CA GLY B 223 6.74 -2.23 23.73
C GLY B 223 5.33 -1.71 23.72
N TYR B 224 4.72 -1.62 24.89
CA TYR B 224 3.31 -1.21 25.03
C TYR B 224 3.13 -0.04 25.97
N PRO B 225 3.77 1.11 25.68
CA PRO B 225 3.65 2.23 26.62
C PRO B 225 2.24 2.78 26.73
N ASN B 226 1.99 3.56 27.77
CA ASN B 226 0.77 4.36 27.88
C ASN B 226 0.83 5.58 26.98
N MET B 227 0.11 5.53 25.86
CA MET B 227 0.26 6.58 24.86
C MET B 227 -0.84 7.65 24.87
N ASP B 228 -1.92 7.42 25.61
CA ASP B 228 -2.95 8.42 25.78
C ASP B 228 -2.39 9.61 26.51
N LEU B 229 -2.45 10.79 25.90
CA LEU B 229 -1.95 11.97 26.57
C LEU B 229 -2.98 13.09 26.58
N ASP B 230 -3.47 13.41 27.77
CA ASP B 230 -4.55 14.37 27.93
C ASP B 230 -4.03 15.70 28.47
N CYS B 231 -4.46 16.81 27.88
CA CYS B 231 -4.09 18.11 28.42
C CYS B 231 -5.33 18.94 28.70
N LEU B 232 -5.21 19.90 29.62
CA LEU B 232 -6.35 20.67 30.06
C LEU B 232 -6.76 21.69 29.01
N LEU B 233 -5.78 22.24 28.31
CA LEU B 233 -6.04 23.22 27.25
C LEU B 233 -5.20 22.98 25.99
N PRO B 234 -5.78 23.25 24.82
CA PRO B 234 -4.99 23.19 23.59
C PRO B 234 -3.91 24.26 23.60
N GLN B 235 -2.78 23.97 22.98
CA GLN B 235 -1.68 24.93 22.93
C GLN B 235 -2.15 26.23 22.30
N GLU B 236 -3.03 26.11 21.31
CA GLU B 236 -3.55 27.28 20.62
C GLU B 236 -4.39 28.16 21.54
N TRP B 237 -5.09 27.55 22.49
CA TRP B 237 -5.87 28.32 23.46
C TRP B 237 -4.93 29.08 24.38
N VAL B 238 -3.83 28.44 24.75
CA VAL B 238 -2.81 29.12 25.53
C VAL B 238 -2.28 30.33 24.76
N GLN B 239 -1.89 30.10 23.51
CA GLN B 239 -1.37 31.14 22.64
C GLN B 239 -2.37 32.28 22.51
N TYR B 240 -3.64 31.94 22.35
CA TYR B 240 -4.70 32.91 22.11
C TYR B 240 -4.97 33.76 23.36
N PHE B 241 -5.08 33.13 24.52
CA PHE B 241 -5.35 33.86 25.77
C PHE B 241 -4.22 34.80 26.10
N TYR B 242 -2.99 34.33 25.87
CA TYR B 242 -1.82 35.15 26.10
C TYR B 242 -1.85 36.40 25.25
N GLN B 243 -2.28 36.23 24.00
CA GLN B 243 -2.33 37.36 23.08
C GLN B 243 -3.51 38.27 23.42
N GLU B 244 -4.67 37.68 23.65
CA GLU B 244 -5.90 38.43 23.91
C GLU B 244 -5.88 39.12 25.27
N ALA B 245 -5.52 38.37 26.30
CA ALA B 245 -5.49 38.87 27.66
C ALA B 245 -6.79 39.56 28.06
N ALA B 246 -7.91 38.93 27.78
CA ALA B 246 -9.22 39.48 28.14
C ALA B 246 -9.52 39.18 29.62
N PRO B 247 -9.83 40.22 30.39
CA PRO B 247 -10.11 40.06 31.82
C PRO B 247 -11.31 39.15 32.07
N ALA B 248 -11.18 38.23 33.03
CA ALA B 248 -12.26 37.32 33.34
C ALA B 248 -13.35 38.06 34.10
N GLN B 249 -14.57 38.01 33.60
CA GLN B 249 -15.68 38.72 34.23
C GLN B 249 -16.32 37.88 35.32
N SER B 250 -15.92 36.61 35.38
CA SER B 250 -16.49 35.66 36.32
C SER B 250 -15.55 34.46 36.47
N ASP B 251 -15.92 33.48 37.28
CA ASP B 251 -15.05 32.34 37.50
C ASP B 251 -15.30 31.25 36.46
N VAL B 252 -16.41 31.37 35.76
CA VAL B 252 -16.80 30.35 34.80
C VAL B 252 -17.30 30.94 33.48
N ALA B 253 -16.73 30.47 32.38
CA ALA B 253 -17.16 30.86 31.05
C ALA B 253 -17.89 29.69 30.40
N LEU B 254 -19.09 29.95 29.87
CA LEU B 254 -19.91 28.89 29.29
C LEU B 254 -19.59 28.70 27.81
N LEU B 255 -19.10 27.54 27.44
CA LEU B 255 -18.81 27.27 26.04
C LEU B 255 -19.82 26.31 25.42
N ARG B 256 -20.21 26.57 24.19
CA ARG B 256 -21.04 25.65 23.42
C ARG B 256 -20.24 25.08 22.27
N PHE B 257 -20.31 23.78 22.09
CA PHE B 257 -19.62 23.13 20.98
C PHE B 257 -20.58 23.04 19.81
N VAL B 258 -20.31 23.82 18.77
CA VAL B 258 -21.28 24.00 17.69
C VAL B 258 -20.87 23.31 16.38
N ASN B 259 -21.86 22.76 15.69
CA ASN B 259 -21.68 22.22 14.35
C ASN B 259 -22.15 23.23 13.29
N PRO B 260 -21.20 23.86 12.58
CA PRO B 260 -21.52 24.90 11.59
C PRO B 260 -22.30 24.39 10.37
N ASP B 261 -22.26 23.09 10.09
CA ASP B 261 -23.00 22.53 8.96
C ASP B 261 -24.50 22.65 9.19
N THR B 262 -24.89 22.69 10.45
CA THR B 262 -26.29 22.64 10.82
C THR B 262 -26.68 23.81 11.73
N GLY B 263 -25.68 24.38 12.38
CA GLY B 263 -25.89 25.49 13.31
C GLY B 263 -26.42 25.05 14.67
N ARG B 264 -26.64 23.75 14.84
CA ARG B 264 -27.13 23.22 16.11
C ARG B 264 -25.98 22.97 17.09
N VAL B 265 -26.27 23.14 18.38
CA VAL B 265 -25.30 22.92 19.45
C VAL B 265 -25.23 21.45 19.85
N LEU B 266 -24.03 20.90 19.91
CA LEU B 266 -23.85 19.49 20.26
C LEU B 266 -23.86 19.25 21.77
N PHE B 267 -23.06 20.02 22.50
CA PHE B 267 -23.09 19.97 23.96
C PHE B 267 -22.54 21.29 24.50
N GLU B 268 -22.74 21.54 25.79
CA GLU B 268 -22.15 22.72 26.42
C GLU B 268 -21.18 22.30 27.51
N CYS B 269 -20.32 23.21 27.93
CA CYS B 269 -19.33 22.93 28.96
C CYS B 269 -18.84 24.19 29.67
N LYS B 270 -18.19 24.00 30.81
CA LYS B 270 -17.64 25.12 31.55
C LYS B 270 -16.15 25.26 31.28
N LEU B 271 -15.73 26.48 30.94
CA LEU B 271 -14.30 26.79 30.88
C LEU B 271 -13.95 27.65 32.07
N HIS B 272 -13.22 27.10 33.02
CA HIS B 272 -12.92 27.80 34.26
C HIS B 272 -11.78 28.79 34.10
N LYS B 273 -11.91 29.91 34.81
CA LYS B 273 -10.93 31.00 34.79
C LYS B 273 -9.50 30.47 34.93
N SER B 274 -9.31 29.54 35.87
CA SER B 274 -8.00 28.96 36.15
C SER B 274 -7.40 28.15 34.99
N GLY B 275 -8.23 27.81 34.01
CA GLY B 275 -7.72 27.22 32.78
C GLY B 275 -7.94 25.73 32.62
N TYR B 276 -9.18 25.28 32.80
CA TYR B 276 -9.53 23.90 32.51
C TYR B 276 -11.01 23.83 32.22
N VAL B 277 -11.44 22.72 31.65
CA VAL B 277 -12.81 22.58 31.19
C VAL B 277 -13.49 21.41 31.88
N THR B 278 -14.74 21.58 32.26
CA THR B 278 -15.51 20.48 32.81
C THR B 278 -16.80 20.27 32.02
N VAL B 279 -17.29 19.03 32.05
CA VAL B 279 -18.55 18.69 31.39
C VAL B 279 -19.43 17.87 32.33
N ALA B 280 -20.73 17.84 32.06
CA ALA B 280 -21.64 17.04 32.87
C ALA B 280 -21.81 15.64 32.28
N HIS B 281 -21.08 14.69 32.84
CA HIS B 281 -21.13 13.30 32.40
C HIS B 281 -20.49 12.40 33.45
N THR B 282 -20.94 11.16 33.52
CA THR B 282 -20.35 10.24 34.49
C THR B 282 -19.84 8.99 33.79
N GLY B 283 -18.52 8.81 33.84
CA GLY B 283 -17.89 7.63 33.27
C GLY B 283 -16.91 7.98 32.16
N GLN B 284 -16.03 7.04 31.81
CA GLN B 284 -15.13 7.24 30.70
C GLN B 284 -15.94 7.26 29.40
N HIS B 285 -15.60 8.17 28.51
CA HIS B 285 -16.32 8.34 27.26
C HIS B 285 -15.49 9.08 26.24
N ASP B 286 -15.29 8.44 25.08
CA ASP B 286 -14.63 9.08 23.95
C ASP B 286 -15.68 9.85 23.15
N LEU B 287 -15.57 11.17 23.13
CA LEU B 287 -16.58 11.99 22.48
C LEU B 287 -16.63 11.81 20.98
N VAL B 288 -17.84 11.68 20.45
CA VAL B 288 -18.04 11.64 19.00
C VAL B 288 -18.44 13.02 18.50
N ILE B 289 -17.58 13.61 17.67
CA ILE B 289 -17.78 14.98 17.18
C ILE B 289 -17.74 15.09 15.65
N PRO B 290 -18.52 16.04 15.10
CA PRO B 290 -18.44 16.31 13.65
C PRO B 290 -17.08 16.90 13.26
N PRO B 291 -16.63 16.69 12.02
CA PRO B 291 -15.26 17.07 11.64
C PRO B 291 -14.97 18.56 11.80
N ASN B 292 -15.96 19.40 11.51
CA ASN B 292 -15.75 20.85 11.52
C ASN B 292 -16.32 21.54 12.74
N GLY B 293 -16.67 20.78 13.77
CA GLY B 293 -17.21 21.34 14.99
C GLY B 293 -16.18 22.21 15.70
N TYR B 294 -16.64 23.20 16.44
CA TYR B 294 -15.72 24.08 17.16
C TYR B 294 -16.36 24.65 18.43
N PHE B 295 -15.52 25.21 19.30
CA PHE B 295 -15.98 25.82 20.55
C PHE B 295 -16.36 27.28 20.39
N ARG B 296 -17.41 27.68 21.10
CA ARG B 296 -17.89 29.04 21.07
C ARG B 296 -18.20 29.53 22.48
N PHE B 297 -17.63 30.67 22.85
CA PHE B 297 -17.97 31.30 24.11
C PHE B 297 -19.31 32.02 23.97
N ASP B 298 -20.25 31.71 24.85
CA ASP B 298 -21.59 32.29 24.75
C ASP B 298 -21.91 33.31 25.85
N SER B 299 -21.53 33.03 27.09
CA SER B 299 -21.68 34.02 28.17
C SER B 299 -20.95 33.60 29.43
N TRP B 300 -20.70 34.58 30.30
CA TRP B 300 -20.15 34.30 31.62
C TRP B 300 -21.27 33.86 32.57
N VAL B 301 -20.99 32.83 33.37
CA VAL B 301 -21.95 32.35 34.34
C VAL B 301 -21.31 32.30 35.72
N ASN B 302 -22.12 32.15 36.77
CA ASN B 302 -21.62 31.97 38.13
C ASN B 302 -21.18 30.55 38.39
N GLN B 303 -21.02 30.19 39.65
CA GLN B 303 -20.48 28.89 39.94
C GLN B 303 -21.61 27.89 40.11
N PHE B 304 -22.84 28.40 40.05
CA PHE B 304 -24.02 27.57 40.29
C PHE B 304 -24.81 27.23 39.03
N TYR B 305 -24.20 27.45 37.86
CA TYR B 305 -24.85 27.10 36.61
C TYR B 305 -24.79 25.59 36.44
N THR B 306 -25.94 24.97 36.24
CA THR B 306 -26.00 23.52 36.04
C THR B 306 -25.96 23.22 34.55
N LEU B 307 -24.92 22.49 34.14
CA LEU B 307 -24.74 22.16 32.74
C LEU B 307 -25.77 21.16 32.24
N ALA B 308 -26.14 21.31 30.96
CA ALA B 308 -26.92 20.30 30.28
C ALA B 308 -26.07 19.04 30.13
N PRO B 309 -26.63 17.88 30.48
CA PRO B 309 -25.87 16.63 30.42
C PRO B 309 -25.27 16.41 29.03
N MET B 310 -24.02 15.97 29.01
CA MET B 310 -23.27 15.81 27.79
C MET B 310 -23.52 14.43 27.19
N GLY C 1 -55.68 -16.30 -10.25
CA GLY C 1 -56.94 -16.92 -10.61
C GLY C 1 -58.10 -16.50 -9.72
N PRO C 2 -58.70 -17.47 -9.01
CA PRO C 2 -59.82 -17.25 -8.08
C PRO C 2 -59.35 -16.53 -6.81
N GLY C 3 -60.29 -15.93 -6.08
CA GLY C 3 -59.95 -15.22 -4.87
C GLY C 3 -59.47 -13.81 -5.13
N SER C 4 -59.70 -12.92 -4.18
CA SER C 4 -59.31 -11.52 -4.34
C SER C 4 -57.96 -11.25 -3.70
N LYS C 5 -56.92 -11.94 -4.15
CA LYS C 5 -55.61 -11.75 -3.55
C LYS C 5 -55.17 -10.30 -3.66
N PRO C 6 -54.79 -9.69 -2.52
CA PRO C 6 -54.45 -8.27 -2.48
C PRO C 6 -53.14 -7.98 -3.17
N PHE C 7 -53.08 -6.87 -3.91
CA PHE C 7 -51.85 -6.48 -4.58
C PHE C 7 -50.91 -5.79 -3.60
N SER C 8 -49.62 -5.84 -3.90
CA SER C 8 -48.61 -5.24 -3.02
C SER C 8 -47.26 -5.19 -3.70
N VAL C 9 -46.38 -4.34 -3.19
CA VAL C 9 -45.00 -4.32 -3.65
C VAL C 9 -44.08 -4.66 -2.48
N PRO C 10 -42.95 -5.31 -2.76
CA PRO C 10 -42.11 -5.82 -1.65
C PRO C 10 -41.57 -4.70 -0.75
N VAL C 11 -41.39 -5.02 0.52
CA VAL C 11 -40.77 -4.10 1.46
C VAL C 11 -39.25 -4.19 1.29
N LEU C 12 -38.74 -3.41 0.34
CA LEU C 12 -37.31 -3.39 0.03
C LEU C 12 -36.85 -1.97 -0.27
N THR C 13 -35.73 -1.58 0.32
CA THR C 13 -35.13 -0.29 0.00
C THR C 13 -34.56 -0.36 -1.40
N VAL C 14 -34.29 0.79 -1.99
CA VAL C 14 -33.72 0.81 -3.33
C VAL C 14 -32.39 0.07 -3.37
N GLU C 15 -31.51 0.35 -2.42
CA GLU C 15 -30.18 -0.26 -2.44
C GLU C 15 -30.25 -1.76 -2.22
N GLU C 16 -31.34 -2.24 -1.66
CA GLU C 16 -31.53 -3.67 -1.44
C GLU C 16 -31.98 -4.38 -2.70
N MET C 17 -32.27 -3.62 -3.74
CA MET C 17 -32.83 -4.20 -4.96
C MET C 17 -31.86 -4.21 -6.15
N THR C 18 -32.29 -4.83 -7.23
CA THR C 18 -31.40 -5.14 -8.35
C THR C 18 -31.93 -4.56 -9.65
N ASN C 19 -31.03 -4.01 -10.46
CA ASN C 19 -31.42 -3.55 -11.78
C ASN C 19 -31.87 -4.74 -12.62
N SER C 20 -32.87 -4.53 -13.46
CA SER C 20 -33.46 -5.64 -14.20
C SER C 20 -32.98 -5.72 -15.64
N ARG C 21 -32.01 -4.88 -16.00
CA ARG C 21 -31.52 -4.84 -17.36
C ARG C 21 -30.03 -5.16 -17.44
N PHE C 22 -29.42 -5.41 -16.29
CA PHE C 22 -28.00 -5.75 -16.18
C PHE C 22 -27.74 -6.19 -14.74
N PRO C 23 -26.97 -7.27 -14.55
CA PRO C 23 -26.80 -7.85 -13.21
C PRO C 23 -25.97 -7.00 -12.25
N ILE C 24 -26.53 -5.86 -11.84
CA ILE C 24 -25.90 -4.98 -10.85
C ILE C 24 -26.98 -4.38 -9.97
N PRO C 25 -26.64 -3.98 -8.74
CA PRO C 25 -27.65 -3.44 -7.84
C PRO C 25 -28.18 -2.05 -8.26
N LEU C 26 -29.38 -1.72 -7.80
CA LEU C 26 -29.90 -0.37 -7.95
C LEU C 26 -29.08 0.59 -7.10
N GLU C 27 -29.02 1.85 -7.49
CA GLU C 27 -28.25 2.84 -6.74
C GLU C 27 -29.11 4.03 -6.33
N LYS C 28 -29.97 4.47 -7.23
CA LYS C 28 -30.74 5.67 -6.99
C LYS C 28 -32.02 5.69 -7.81
N LEU C 29 -32.89 6.64 -7.50
CA LEU C 29 -34.08 6.86 -8.30
C LEU C 29 -33.90 8.12 -9.14
N PHE C 30 -34.39 8.07 -10.38
CA PHE C 30 -34.24 9.19 -11.29
C PHE C 30 -35.51 9.40 -12.09
N THR C 31 -35.81 10.67 -12.39
CA THR C 31 -36.91 10.98 -13.29
C THR C 31 -36.48 12.01 -14.33
N GLY C 32 -37.05 11.92 -15.52
CA GLY C 32 -36.72 12.85 -16.58
C GLY C 32 -37.70 12.82 -17.74
N PRO C 33 -37.63 13.83 -18.61
CA PRO C 33 -38.48 13.85 -19.81
C PRO C 33 -38.06 12.72 -20.75
N SER C 34 -39.04 12.12 -21.44
CA SER C 34 -38.77 10.95 -22.27
C SER C 34 -39.57 10.95 -23.58
N SER C 35 -39.92 12.14 -24.06
CA SER C 35 -40.69 12.26 -25.29
C SER C 35 -39.76 12.39 -26.51
N ALA C 36 -38.51 12.72 -26.25
CA ALA C 36 -37.54 12.94 -27.32
C ALA C 36 -36.95 11.62 -27.82
N PHE C 37 -37.28 10.53 -27.14
CA PHE C 37 -36.86 9.21 -27.56
C PHE C 37 -37.86 8.14 -27.14
N VAL C 38 -37.72 6.96 -27.74
CA VAL C 38 -38.65 5.87 -27.50
C VAL C 38 -38.16 4.99 -26.36
N VAL C 39 -39.01 4.81 -25.36
CA VAL C 39 -38.65 3.97 -24.22
C VAL C 39 -39.32 2.60 -24.33
N GLN C 40 -38.54 1.62 -24.75
CA GLN C 40 -39.06 0.29 -25.01
C GLN C 40 -38.09 -0.83 -24.61
N PRO C 41 -37.64 -0.83 -23.34
CA PRO C 41 -36.74 -1.92 -22.95
C PRO C 41 -37.48 -3.26 -22.95
N GLN C 42 -36.76 -4.36 -23.16
CA GLN C 42 -37.41 -5.68 -23.21
C GLN C 42 -37.14 -6.52 -21.98
N ASN C 43 -36.13 -6.13 -21.21
CA ASN C 43 -35.90 -6.74 -19.91
C ASN C 43 -36.55 -5.88 -18.82
N GLY C 44 -36.86 -6.48 -17.69
CA GLY C 44 -37.53 -5.78 -16.61
C GLY C 44 -38.92 -5.35 -17.04
N ARG C 45 -39.59 -6.20 -17.79
CA ARG C 45 -40.96 -5.96 -18.23
C ARG C 45 -41.90 -7.02 -17.67
N CYS C 46 -42.85 -6.59 -16.84
CA CYS C 46 -43.77 -7.49 -16.17
C CYS C 46 -45.01 -6.75 -15.74
N THR C 47 -46.18 -7.36 -15.91
CA THR C 47 -47.42 -6.73 -15.47
C THR C 47 -47.60 -6.88 -13.96
N THR C 48 -48.51 -6.08 -13.40
CA THR C 48 -48.76 -6.15 -11.97
C THR C 48 -49.37 -7.49 -11.59
N ASP C 49 -50.10 -8.12 -12.50
CA ASP C 49 -50.71 -9.40 -12.20
C ASP C 49 -49.84 -10.58 -12.64
N GLY C 50 -48.55 -10.31 -12.83
CA GLY C 50 -47.56 -11.35 -12.92
C GLY C 50 -47.35 -11.99 -14.28
N VAL C 51 -47.59 -11.22 -15.35
CA VAL C 51 -47.33 -11.71 -16.70
C VAL C 51 -46.02 -11.13 -17.22
N LEU C 52 -45.05 -12.01 -17.49
CA LEU C 52 -43.75 -11.58 -18.02
C LEU C 52 -43.87 -11.14 -19.48
N LEU C 53 -43.18 -10.06 -19.82
CA LEU C 53 -43.20 -9.53 -21.18
C LEU C 53 -41.80 -9.44 -21.79
N GLY C 54 -41.74 -9.29 -23.10
CA GLY C 54 -40.48 -9.12 -23.80
C GLY C 54 -39.53 -10.30 -23.60
N THR C 55 -38.31 -10.00 -23.18
CA THR C 55 -37.29 -11.02 -22.97
C THR C 55 -37.01 -11.23 -21.49
N THR C 56 -37.96 -10.82 -20.65
CA THR C 56 -37.78 -10.83 -19.21
C THR C 56 -37.84 -12.22 -18.58
N GLN C 57 -36.81 -12.56 -17.81
CA GLN C 57 -36.84 -13.78 -17.00
C GLN C 57 -36.52 -13.47 -15.55
N LEU C 58 -36.56 -14.50 -14.70
CA LEU C 58 -36.54 -14.32 -13.24
C LEU C 58 -35.16 -14.09 -12.62
N SER C 59 -34.14 -14.76 -13.14
CA SER C 59 -32.85 -14.72 -12.49
C SER C 59 -32.06 -13.49 -12.84
N PRO C 60 -31.60 -12.75 -11.82
CA PRO C 60 -30.84 -11.52 -12.05
C PRO C 60 -29.47 -11.80 -12.62
N VAL C 61 -28.93 -13.00 -12.37
CA VAL C 61 -27.58 -13.29 -12.83
C VAL C 61 -27.52 -13.68 -14.30
N ASN C 62 -28.66 -14.02 -14.92
CA ASN C 62 -28.66 -14.45 -16.33
C ASN C 62 -28.89 -13.33 -17.31
N ILE C 63 -29.16 -12.14 -16.79
CA ILE C 63 -29.38 -11.02 -17.67
C ILE C 63 -28.05 -10.70 -18.34
N CYS C 64 -28.08 -10.64 -19.67
CA CYS C 64 -26.90 -10.39 -20.49
C CYS C 64 -25.81 -11.45 -20.42
N THR C 65 -26.20 -12.70 -20.17
CA THR C 65 -25.25 -13.81 -20.30
C THR C 65 -25.60 -14.60 -21.54
N PHE C 66 -24.63 -15.34 -22.05
CA PHE C 66 -24.84 -16.20 -23.20
C PHE C 66 -24.25 -17.58 -22.95
N ARG C 67 -24.94 -18.61 -23.44
CA ARG C 67 -24.48 -19.98 -23.29
C ARG C 67 -24.63 -20.68 -24.62
N GLY C 68 -23.72 -21.61 -24.91
CA GLY C 68 -23.77 -22.34 -26.16
C GLY C 68 -22.41 -22.88 -26.48
N ASP C 69 -22.20 -23.27 -27.72
CA ASP C 69 -20.88 -23.69 -28.16
C ASP C 69 -20.34 -22.68 -29.15
N VAL C 70 -19.03 -22.61 -29.26
CA VAL C 70 -18.40 -21.63 -30.14
C VAL C 70 -17.70 -22.28 -31.32
N THR C 71 -17.62 -21.53 -32.41
CA THR C 71 -16.87 -21.96 -33.58
C THR C 71 -15.95 -20.79 -33.90
N HIS C 72 -14.83 -21.05 -34.54
CA HIS C 72 -13.86 -19.99 -34.66
C HIS C 72 -13.71 -19.56 -36.10
N ILE C 73 -13.70 -18.25 -36.29
CA ILE C 73 -13.56 -17.65 -37.59
C ILE C 73 -12.09 -17.59 -37.98
N THR C 74 -11.77 -18.07 -39.18
CA THR C 74 -10.37 -18.30 -39.54
C THR C 74 -9.61 -17.01 -39.80
N GLY C 75 -8.46 -16.87 -39.15
CA GLY C 75 -7.61 -15.70 -39.27
C GLY C 75 -8.11 -14.49 -38.49
N SER C 76 -8.93 -14.76 -37.48
CA SER C 76 -9.45 -13.72 -36.60
C SER C 76 -9.38 -14.20 -35.16
N ARG C 77 -9.55 -13.26 -34.23
CA ARG C 77 -9.74 -13.61 -32.82
C ARG C 77 -11.22 -13.61 -32.46
N ASN C 78 -12.07 -13.75 -33.47
CA ASN C 78 -13.51 -13.78 -33.25
C ASN C 78 -14.12 -15.18 -33.27
N TYR C 79 -15.09 -15.39 -32.38
CA TYR C 79 -15.81 -16.66 -32.31
C TYR C 79 -17.32 -16.48 -32.54
N THR C 80 -17.94 -17.42 -33.25
CA THR C 80 -19.37 -17.46 -33.39
C THR C 80 -19.98 -18.40 -32.35
N MET C 81 -20.91 -17.90 -31.56
CA MET C 81 -21.57 -18.76 -30.60
C MET C 81 -22.94 -19.24 -31.07
N ASN C 82 -23.12 -20.55 -31.06
CA ASN C 82 -24.44 -21.12 -31.32
C ASN C 82 -25.17 -21.27 -30.00
N LEU C 83 -26.17 -20.41 -29.78
CA LEU C 83 -26.80 -20.27 -28.47
C LEU C 83 -27.50 -21.54 -27.99
N ALA C 84 -27.43 -21.76 -26.69
CA ALA C 84 -28.23 -22.76 -26.03
C ALA C 84 -29.12 -22.07 -25.00
N SER C 85 -30.12 -22.79 -24.49
CA SER C 85 -30.92 -22.27 -23.38
C SER C 85 -30.12 -22.49 -22.09
N GLN C 86 -30.52 -21.85 -20.99
CA GLN C 86 -29.67 -21.78 -19.80
C GLN C 86 -29.33 -23.16 -19.22
N ASN C 87 -30.10 -24.18 -19.58
CA ASN C 87 -29.82 -25.54 -19.14
C ASN C 87 -29.00 -26.34 -20.16
N TRP C 88 -28.38 -25.64 -21.10
CA TRP C 88 -27.58 -26.25 -22.17
C TRP C 88 -28.40 -27.12 -23.10
N ASN C 89 -29.72 -27.01 -23.00
CA ASN C 89 -30.60 -27.65 -23.97
C ASN C 89 -30.72 -26.77 -25.20
N ASP C 90 -31.34 -27.30 -26.26
CA ASP C 90 -31.44 -26.58 -27.53
C ASP C 90 -32.22 -25.28 -27.37
N TYR C 91 -31.85 -24.28 -28.18
CA TYR C 91 -32.59 -23.03 -28.19
C TYR C 91 -33.68 -23.12 -29.27
N ASP C 92 -34.90 -22.73 -28.92
CA ASP C 92 -36.02 -22.81 -29.85
C ASP C 92 -36.38 -21.42 -30.35
N PRO C 93 -36.00 -21.11 -31.61
CA PRO C 93 -36.24 -19.81 -32.23
C PRO C 93 -37.71 -19.58 -32.57
N THR C 94 -38.50 -20.64 -32.58
CA THR C 94 -39.90 -20.55 -32.98
C THR C 94 -40.77 -20.03 -31.84
N GLU C 95 -40.24 -20.03 -30.63
CA GLU C 95 -41.03 -19.59 -29.49
C GLU C 95 -41.29 -18.10 -29.59
N GLU C 96 -42.52 -17.68 -29.28
CA GLU C 96 -42.93 -16.32 -29.57
C GLU C 96 -42.36 -15.31 -28.58
N ILE C 97 -41.07 -15.05 -28.72
CA ILE C 97 -40.37 -14.03 -27.93
C ILE C 97 -39.37 -13.31 -28.84
N PRO C 98 -39.01 -12.06 -28.51
CA PRO C 98 -38.12 -11.27 -29.35
C PRO C 98 -36.74 -11.89 -29.54
N ALA C 99 -36.30 -12.62 -28.52
CA ALA C 99 -34.93 -13.13 -28.46
C ALA C 99 -34.83 -14.09 -27.27
N PRO C 100 -33.71 -14.82 -27.16
CA PRO C 100 -33.57 -15.63 -25.94
C PRO C 100 -33.76 -14.76 -24.71
N LEU C 101 -34.48 -15.27 -23.71
CA LEU C 101 -34.73 -14.48 -22.51
C LEU C 101 -33.41 -14.04 -21.88
N GLY C 102 -33.36 -12.78 -21.47
CA GLY C 102 -32.17 -12.26 -20.83
C GLY C 102 -31.21 -11.58 -21.77
N THR C 103 -31.52 -11.64 -23.06
CA THR C 103 -30.71 -10.98 -24.08
C THR C 103 -30.61 -9.47 -23.82
N PRO C 104 -29.43 -8.88 -24.06
CA PRO C 104 -29.26 -7.43 -23.92
C PRO C 104 -30.28 -6.65 -24.72
N ASP C 105 -30.87 -5.61 -24.14
CA ASP C 105 -31.87 -4.83 -24.85
C ASP C 105 -31.44 -3.39 -25.09
N PHE C 106 -30.15 -3.21 -25.33
CA PHE C 106 -29.64 -1.90 -25.71
C PHE C 106 -28.47 -2.07 -26.68
N VAL C 107 -28.18 -1.02 -27.43
CA VAL C 107 -27.08 -1.07 -28.39
C VAL C 107 -25.79 -0.55 -27.77
N GLY C 108 -24.80 -1.43 -27.68
CA GLY C 108 -23.51 -1.05 -27.15
C GLY C 108 -22.54 -2.22 -27.14
N LYS C 109 -21.29 -1.97 -26.73
CA LYS C 109 -20.33 -3.05 -26.62
C LYS C 109 -20.18 -3.47 -25.17
N ILE C 110 -20.55 -4.70 -24.89
CA ILE C 110 -20.48 -5.25 -23.54
C ILE C 110 -19.21 -6.07 -23.40
N GLN C 111 -18.42 -5.78 -22.38
CA GLN C 111 -17.22 -6.57 -22.18
C GLN C 111 -17.39 -7.54 -21.03
N GLY C 112 -16.91 -8.75 -21.23
CA GLY C 112 -16.98 -9.76 -20.20
C GLY C 112 -15.91 -10.79 -20.39
N VAL C 113 -16.19 -12.01 -19.94
CA VAL C 113 -15.25 -13.12 -20.01
C VAL C 113 -15.93 -14.34 -20.61
N LEU C 114 -15.21 -15.00 -21.51
CA LEU C 114 -15.69 -16.22 -22.13
C LEU C 114 -15.04 -17.42 -21.43
N THR C 115 -15.82 -18.20 -20.71
CA THR C 115 -15.31 -19.39 -20.04
C THR C 115 -15.79 -20.64 -20.75
N GLN C 116 -14.98 -21.70 -20.66
CA GLN C 116 -15.31 -22.97 -21.29
C GLN C 116 -14.77 -24.14 -20.48
N THR C 117 -15.59 -25.17 -20.32
CA THR C 117 -15.18 -26.42 -19.70
C THR C 117 -15.32 -27.56 -20.71
N THR C 118 -14.22 -28.24 -21.02
CA THR C 118 -14.31 -29.33 -21.98
C THR C 118 -14.67 -30.62 -21.24
N ARG C 119 -15.65 -31.35 -21.77
CA ARG C 119 -16.12 -32.57 -21.10
C ARG C 119 -15.17 -33.74 -21.35
N THR C 120 -14.14 -33.51 -22.18
CA THR C 120 -13.17 -34.55 -22.49
C THR C 120 -12.43 -34.99 -21.23
N ASP C 121 -11.93 -34.02 -20.45
CA ASP C 121 -11.20 -34.36 -19.24
C ASP C 121 -11.46 -33.36 -18.11
N GLY C 122 -12.25 -32.34 -18.41
CA GLY C 122 -12.70 -31.40 -17.39
C GLY C 122 -11.87 -30.14 -17.26
N SER C 123 -10.84 -30.00 -18.09
CA SER C 123 -9.98 -28.82 -18.03
C SER C 123 -10.75 -27.57 -18.45
N THR C 124 -10.38 -26.42 -17.88
CA THR C 124 -11.14 -25.20 -18.11
C THR C 124 -10.26 -24.09 -18.69
N ARG C 125 -10.90 -23.01 -19.15
CA ARG C 125 -10.17 -21.88 -19.71
C ARG C 125 -11.11 -20.68 -19.85
N GLY C 126 -10.55 -19.49 -19.71
CA GLY C 126 -11.30 -18.26 -19.81
C GLY C 126 -10.51 -17.19 -20.53
N HIS C 127 -11.20 -16.36 -21.29
CA HIS C 127 -10.55 -15.29 -22.02
C HIS C 127 -11.39 -14.03 -22.03
N LYS C 128 -10.73 -12.88 -22.05
CA LYS C 128 -11.41 -11.60 -22.25
C LYS C 128 -12.21 -11.61 -23.56
N ALA C 129 -13.46 -11.20 -23.51
CA ALA C 129 -14.30 -11.23 -24.70
C ALA C 129 -15.25 -10.04 -24.73
N THR C 130 -15.56 -9.60 -25.94
CA THR C 130 -16.46 -8.46 -26.15
C THR C 130 -17.56 -8.80 -27.17
N VAL C 131 -18.80 -8.41 -26.87
CA VAL C 131 -19.91 -8.60 -27.82
C VAL C 131 -20.51 -7.27 -28.26
N TYR C 132 -20.64 -7.07 -29.58
CA TYR C 132 -21.23 -5.85 -30.11
C TYR C 132 -22.68 -6.08 -30.47
N THR C 133 -23.59 -5.50 -29.70
CA THR C 133 -25.02 -5.74 -29.87
C THR C 133 -25.58 -4.99 -31.07
N GLY C 134 -24.77 -4.15 -31.68
CA GLY C 134 -25.19 -3.45 -32.88
C GLY C 134 -24.59 -4.06 -34.13
N SER C 135 -23.80 -5.11 -33.95
CA SER C 135 -23.15 -5.79 -35.07
C SER C 135 -24.18 -6.48 -35.95
N ALA C 136 -23.85 -6.63 -37.23
CA ALA C 136 -24.71 -7.38 -38.14
C ALA C 136 -24.71 -8.85 -37.77
N ASP C 137 -23.67 -9.28 -37.09
CA ASP C 137 -23.51 -10.69 -36.73
C ASP C 137 -24.08 -10.95 -35.35
N PHE C 138 -24.77 -9.96 -34.82
CA PHE C 138 -25.47 -10.13 -33.55
C PHE C 138 -26.92 -10.52 -33.80
N ALA C 139 -27.21 -11.82 -33.80
CA ALA C 139 -28.56 -12.28 -34.11
C ALA C 139 -29.03 -13.36 -33.14
N PRO C 140 -29.24 -12.99 -31.88
CA PRO C 140 -29.61 -13.99 -30.87
C PRO C 140 -30.91 -14.70 -31.22
N LYS C 141 -31.85 -13.99 -31.83
CA LYS C 141 -33.14 -14.56 -32.21
C LYS C 141 -32.94 -15.72 -33.19
N LEU C 142 -31.92 -15.63 -34.04
CA LEU C 142 -31.57 -16.73 -34.93
C LEU C 142 -30.68 -17.76 -34.26
N GLY C 143 -30.26 -17.44 -33.03
CA GLY C 143 -29.45 -18.33 -32.22
C GLY C 143 -27.96 -18.23 -32.42
N ARG C 144 -27.48 -17.09 -32.92
CA ARG C 144 -26.05 -16.88 -33.07
C ARG C 144 -25.65 -15.44 -32.76
N VAL C 145 -24.61 -15.29 -31.95
CA VAL C 145 -24.02 -13.98 -31.69
C VAL C 145 -22.50 -14.07 -31.86
N GLN C 146 -21.84 -12.94 -32.01
CA GLN C 146 -20.40 -12.96 -32.27
C GLN C 146 -19.58 -12.24 -31.20
N PHE C 147 -18.52 -12.91 -30.76
CA PHE C 147 -17.63 -12.37 -29.75
C PHE C 147 -16.25 -12.08 -30.32
N GLU C 148 -15.67 -10.95 -29.91
CA GLU C 148 -14.25 -10.70 -30.16
C GLU C 148 -13.44 -11.01 -28.90
N THR C 149 -12.37 -11.79 -29.06
CA THR C 149 -11.58 -12.18 -27.90
C THR C 149 -10.09 -11.90 -28.11
N ASP C 150 -9.28 -12.37 -27.16
CA ASP C 150 -7.84 -12.17 -27.23
C ASP C 150 -7.10 -13.47 -27.58
N THR C 151 -7.84 -14.46 -28.08
CA THR C 151 -7.23 -15.72 -28.49
C THR C 151 -7.71 -16.18 -29.86
N ASP C 152 -6.95 -17.08 -30.48
CA ASP C 152 -7.39 -17.66 -31.75
C ASP C 152 -7.21 -19.17 -31.76
N ARG C 153 -6.86 -19.74 -30.62
CA ARG C 153 -6.46 -21.14 -30.59
C ARG C 153 -7.00 -21.94 -29.40
N ASP C 154 -7.44 -21.26 -28.35
CA ASP C 154 -7.64 -21.94 -27.08
C ASP C 154 -9.03 -22.56 -26.90
N PHE C 155 -10.06 -21.97 -27.47
CA PHE C 155 -11.42 -22.51 -27.28
C PHE C 155 -11.65 -23.70 -28.22
N GLU C 156 -12.41 -24.67 -27.74
CA GLU C 156 -12.69 -25.87 -28.52
C GLU C 156 -14.11 -25.91 -29.05
N ALA C 157 -14.34 -26.70 -30.08
CA ALA C 157 -15.69 -26.83 -30.64
C ALA C 157 -16.49 -27.88 -29.88
N ASN C 158 -17.82 -27.79 -29.98
CA ASN C 158 -18.74 -28.72 -29.34
C ASN C 158 -18.54 -28.86 -27.82
N GLN C 159 -18.17 -27.76 -27.17
CA GLN C 159 -17.98 -27.74 -25.72
C GLN C 159 -18.70 -26.56 -25.09
N ASN C 160 -19.34 -26.79 -23.95
CA ASN C 160 -20.07 -25.73 -23.25
C ASN C 160 -19.21 -24.50 -23.00
N THR C 161 -19.69 -23.36 -23.48
CA THR C 161 -18.97 -22.11 -23.32
C THR C 161 -19.94 -21.09 -22.76
N LYS C 162 -19.47 -20.22 -21.88
CA LYS C 162 -20.34 -19.26 -21.24
C LYS C 162 -19.76 -17.85 -21.33
N PHE C 163 -20.62 -16.84 -21.44
CA PHE C 163 -20.17 -15.45 -21.40
C PHE C 163 -20.73 -14.75 -20.17
N THR C 164 -19.83 -14.18 -19.35
CA THR C 164 -20.25 -13.44 -18.16
C THR C 164 -20.04 -11.95 -18.35
N PRO C 165 -21.12 -11.16 -18.26
CA PRO C 165 -20.98 -9.72 -18.50
C PRO C 165 -20.28 -9.03 -17.34
N VAL C 166 -19.57 -7.95 -17.61
CA VAL C 166 -18.91 -7.20 -16.56
C VAL C 166 -19.27 -5.72 -16.65
N GLY C 167 -19.13 -5.15 -17.86
CA GLY C 167 -19.40 -3.75 -18.07
C GLY C 167 -19.38 -3.33 -19.53
N VAL C 168 -19.30 -2.02 -19.77
CA VAL C 168 -19.39 -1.51 -21.15
C VAL C 168 -18.14 -0.73 -21.53
N ILE C 169 -17.85 -0.67 -22.82
CA ILE C 169 -16.66 0.02 -23.30
C ILE C 169 -16.96 1.10 -24.32
N GLN C 170 -15.96 1.92 -24.58
CA GLN C 170 -16.07 3.05 -25.49
C GLN C 170 -14.65 3.36 -25.92
N ASP C 171 -14.47 3.80 -27.16
CA ASP C 171 -13.13 3.77 -27.73
C ASP C 171 -12.25 4.91 -27.27
N GLY C 172 -12.80 5.82 -26.46
CA GLY C 172 -11.99 6.87 -25.85
C GLY C 172 -12.03 8.24 -26.53
N GLY C 173 -12.46 8.26 -27.79
CA GLY C 173 -12.51 9.49 -28.54
C GLY C 173 -13.81 10.23 -28.29
N THR C 174 -13.98 11.38 -28.93
CA THR C 174 -15.20 12.17 -28.83
C THR C 174 -16.14 11.91 -30.02
N THR C 175 -15.56 11.47 -31.13
CA THR C 175 -16.31 11.11 -32.34
C THR C 175 -17.37 10.02 -32.06
N HIS C 176 -17.01 9.05 -31.22
CA HIS C 176 -17.90 7.94 -30.91
C HIS C 176 -18.15 7.82 -29.41
N ARG C 177 -18.64 8.90 -28.81
CA ARG C 177 -18.86 8.96 -27.38
C ARG C 177 -20.36 8.94 -27.10
N ASN C 178 -21.10 8.29 -27.98
CA ASN C 178 -22.55 8.16 -27.85
C ASN C 178 -22.99 6.75 -27.58
N GLU C 179 -22.08 5.91 -27.11
CA GLU C 179 -22.41 4.53 -26.85
C GLU C 179 -22.09 4.17 -25.41
N PRO C 180 -22.86 3.25 -24.83
CA PRO C 180 -24.06 2.61 -25.38
C PRO C 180 -25.29 3.53 -25.40
N GLN C 181 -26.29 3.16 -26.20
CA GLN C 181 -27.57 3.85 -26.25
C GLN C 181 -28.63 2.96 -25.59
N GLN C 182 -28.93 3.20 -24.32
CA GLN C 182 -29.79 2.30 -23.54
C GLN C 182 -31.25 2.26 -24.04
N TRP C 183 -31.65 3.25 -24.83
CA TRP C 183 -33.02 3.31 -25.32
C TRP C 183 -33.15 2.93 -26.78
N VAL C 184 -32.11 2.30 -27.33
CA VAL C 184 -32.19 1.82 -28.70
C VAL C 184 -32.09 0.29 -28.72
N LEU C 185 -33.17 -0.37 -29.15
CA LEU C 185 -33.17 -1.83 -29.24
C LEU C 185 -32.33 -2.33 -30.41
N PRO C 186 -31.64 -3.47 -30.22
CA PRO C 186 -30.90 -4.16 -31.28
C PRO C 186 -31.82 -4.81 -32.32
N SER C 187 -31.25 -5.18 -33.46
CA SER C 187 -31.95 -6.07 -34.39
C SER C 187 -31.64 -7.51 -34.02
N TYR C 188 -32.57 -8.14 -33.31
CA TYR C 188 -32.34 -9.45 -32.74
C TYR C 188 -32.10 -10.56 -33.76
N SER C 189 -32.44 -10.31 -35.02
CA SER C 189 -32.26 -11.34 -36.05
C SER C 189 -31.19 -10.95 -37.06
N GLY C 190 -30.38 -9.95 -36.72
CA GLY C 190 -29.33 -9.48 -37.60
C GLY C 190 -29.71 -8.27 -38.43
N ARG C 191 -28.80 -7.80 -39.28
CA ARG C 191 -29.02 -6.59 -40.07
C ARG C 191 -30.25 -6.68 -40.97
N ASN C 192 -30.94 -5.55 -41.15
CA ASN C 192 -32.08 -5.40 -42.06
C ASN C 192 -33.26 -6.35 -41.75
N THR C 193 -33.53 -6.57 -40.47
CA THR C 193 -34.70 -7.32 -40.04
C THR C 193 -35.47 -6.54 -38.98
N HIS C 194 -36.73 -6.90 -38.77
CA HIS C 194 -37.56 -6.25 -37.77
C HIS C 194 -37.81 -7.18 -36.58
N ASN C 195 -37.73 -6.62 -35.37
CA ASN C 195 -38.01 -7.37 -34.14
C ASN C 195 -39.49 -7.76 -34.01
N VAL C 196 -39.76 -8.79 -33.21
CA VAL C 196 -41.12 -9.31 -33.06
C VAL C 196 -41.47 -9.60 -31.60
N HIS C 197 -42.77 -9.62 -31.31
CA HIS C 197 -43.29 -9.93 -29.96
C HIS C 197 -42.69 -9.03 -28.90
N LEU C 198 -42.47 -7.78 -29.23
CA LEU C 198 -41.88 -6.82 -28.32
C LEU C 198 -42.85 -6.41 -27.23
N ALA C 199 -42.32 -6.16 -26.03
CA ALA C 199 -43.07 -5.47 -25.01
C ALA C 199 -43.29 -4.05 -25.51
N PRO C 200 -44.48 -3.49 -25.28
CA PRO C 200 -44.80 -2.19 -25.89
C PRO C 200 -43.96 -1.04 -25.36
N ALA C 201 -43.82 0.02 -26.15
CA ALA C 201 -43.17 1.24 -25.68
C ALA C 201 -44.07 1.93 -24.65
N VAL C 202 -43.46 2.62 -23.69
CA VAL C 202 -44.21 3.30 -22.65
C VAL C 202 -44.04 4.82 -22.70
N ALA C 203 -45.01 5.52 -22.13
CA ALA C 203 -45.00 6.97 -22.05
C ALA C 203 -46.04 7.45 -21.04
N PRO C 204 -45.72 8.54 -20.30
CA PRO C 204 -46.73 9.17 -19.46
C PRO C 204 -47.81 9.84 -20.31
N THR C 205 -49.07 9.54 -20.02
CA THR C 205 -50.18 10.10 -20.79
C THR C 205 -50.83 11.25 -20.03
N PHE C 206 -50.69 11.20 -18.71
CA PHE C 206 -51.23 12.21 -17.83
C PHE C 206 -50.40 13.50 -17.91
N PRO C 207 -51.07 14.65 -18.00
CA PRO C 207 -50.37 15.94 -18.10
C PRO C 207 -49.55 16.28 -16.86
N GLY C 208 -48.28 16.64 -17.06
CA GLY C 208 -47.40 17.06 -15.98
C GLY C 208 -46.62 15.92 -15.35
N GLU C 209 -46.82 14.72 -15.86
CA GLU C 209 -46.17 13.54 -15.30
C GLU C 209 -44.97 13.06 -16.11
N GLN C 210 -44.03 12.44 -15.43
CA GLN C 210 -42.85 11.87 -16.05
C GLN C 210 -42.64 10.45 -15.54
N LEU C 211 -41.92 9.64 -16.32
CA LEU C 211 -41.54 8.31 -15.89
C LEU C 211 -40.61 8.37 -14.68
N LEU C 212 -40.71 7.37 -13.83
CA LEU C 212 -39.74 7.18 -12.75
C LEU C 212 -38.82 6.01 -13.11
N PHE C 213 -37.53 6.28 -13.15
CA PHE C 213 -36.57 5.24 -13.52
C PHE C 213 -35.83 4.70 -12.32
N PHE C 214 -35.58 3.40 -12.34
CA PHE C 214 -34.76 2.77 -11.32
C PHE C 214 -33.37 2.66 -11.91
N ARG C 215 -32.44 3.40 -11.33
CA ARG C 215 -31.18 3.67 -11.99
C ARG C 215 -29.96 2.97 -11.38
N SER C 216 -29.12 2.45 -12.25
CA SER C 216 -27.84 1.88 -11.85
C SER C 216 -26.72 2.48 -12.69
N THR C 217 -25.50 2.43 -12.19
CA THR C 217 -24.35 2.85 -12.97
C THR C 217 -23.60 1.62 -13.47
N MET C 218 -23.63 1.38 -14.77
CA MET C 218 -22.91 0.25 -15.33
C MET C 218 -21.41 0.45 -15.20
N PRO C 219 -20.69 -0.62 -14.87
CA PRO C 219 -19.23 -0.57 -14.85
C PRO C 219 -18.67 -0.23 -16.22
N GLY C 220 -17.68 0.65 -16.25
CA GLY C 220 -17.02 0.95 -17.51
C GLY C 220 -15.69 0.23 -17.52
N CYS C 221 -15.36 -0.41 -18.65
CA CYS C 221 -14.10 -1.14 -18.74
C CYS C 221 -13.07 -0.43 -19.59
N SER C 222 -13.46 0.67 -20.23
CA SER C 222 -12.54 1.44 -21.06
C SER C 222 -13.23 2.68 -21.62
N GLY C 223 -12.50 3.77 -21.76
CA GLY C 223 -13.01 4.99 -22.39
C GLY C 223 -14.06 5.72 -21.58
N TYR C 224 -15.03 6.33 -22.26
CA TYR C 224 -16.06 7.15 -21.62
C TYR C 224 -17.48 6.72 -21.97
N PRO C 225 -17.86 5.47 -21.66
CA PRO C 225 -19.20 5.01 -22.06
C PRO C 225 -20.32 5.73 -21.34
N ASN C 226 -21.53 5.63 -21.90
CA ASN C 226 -22.75 6.04 -21.21
C ASN C 226 -23.15 4.97 -20.21
N MET C 227 -22.93 5.24 -18.93
CA MET C 227 -23.12 4.23 -17.90
C MET C 227 -24.43 4.30 -17.13
N ASP C 228 -25.18 5.39 -17.26
CA ASP C 228 -26.48 5.44 -16.61
C ASP C 228 -27.38 4.40 -17.26
N LEU C 229 -27.92 3.49 -16.44
CA LEU C 229 -28.81 2.43 -16.94
C LEU C 229 -30.12 2.40 -16.16
N ASP C 230 -31.21 2.73 -16.86
CA ASP C 230 -32.52 2.87 -16.23
C ASP C 230 -33.46 1.73 -16.56
N CYS C 231 -34.16 1.23 -15.55
CA CYS C 231 -35.18 0.22 -15.83
C CYS C 231 -36.53 0.66 -15.27
N LEU C 232 -37.59 0.13 -15.84
CA LEU C 232 -38.94 0.53 -15.44
C LEU C 232 -39.34 -0.09 -14.12
N LEU C 233 -38.86 -1.31 -13.88
CA LEU C 233 -39.17 -2.02 -12.63
C LEU C 233 -37.91 -2.70 -12.10
N PRO C 234 -37.76 -2.73 -10.77
CA PRO C 234 -36.68 -3.52 -10.18
C PRO C 234 -36.90 -5.00 -10.44
N GLN C 235 -35.82 -5.75 -10.60
CA GLN C 235 -35.93 -7.18 -10.86
C GLN C 235 -36.73 -7.86 -9.75
N GLU C 236 -36.57 -7.35 -8.53
CA GLU C 236 -37.26 -7.90 -7.36
C GLU C 236 -38.77 -7.71 -7.48
N TRP C 237 -39.17 -6.63 -8.13
CA TRP C 237 -40.58 -6.40 -8.39
C TRP C 237 -41.11 -7.42 -9.40
N VAL C 238 -40.31 -7.68 -10.43
CA VAL C 238 -40.67 -8.70 -11.40
C VAL C 238 -40.86 -10.06 -10.74
N GLN C 239 -39.87 -10.46 -9.97
CA GLN C 239 -39.91 -11.73 -9.26
C GLN C 239 -41.13 -11.82 -8.35
N TYR C 240 -41.41 -10.71 -7.66
CA TYR C 240 -42.49 -10.67 -6.68
C TYR C 240 -43.83 -10.75 -7.39
N PHE C 241 -43.99 -9.96 -8.46
CA PHE C 241 -45.24 -9.95 -9.20
C PHE C 241 -45.52 -11.30 -9.83
N TYR C 242 -44.48 -11.95 -10.35
CA TYR C 242 -44.60 -13.30 -10.91
C TYR C 242 -45.09 -14.28 -9.84
N GLN C 243 -44.58 -14.17 -8.63
CA GLN C 243 -44.98 -15.07 -7.54
C GLN C 243 -46.38 -14.77 -7.07
N GLU C 244 -46.65 -13.48 -6.85
CA GLU C 244 -47.91 -13.07 -6.25
C GLU C 244 -49.10 -13.27 -7.16
N ALA C 245 -48.98 -12.84 -8.41
CA ALA C 245 -50.06 -12.91 -9.38
C ALA C 245 -51.35 -12.29 -8.82
N ALA C 246 -51.24 -11.09 -8.26
CA ALA C 246 -52.40 -10.44 -7.68
C ALA C 246 -53.25 -9.80 -8.77
N PRO C 247 -54.55 -10.11 -8.78
CA PRO C 247 -55.45 -9.58 -9.79
C PRO C 247 -55.47 -8.06 -9.73
N ALA C 248 -55.39 -7.42 -10.90
CA ALA C 248 -55.43 -5.98 -10.94
C ALA C 248 -56.87 -5.50 -10.80
N GLN C 249 -57.13 -4.65 -9.81
CA GLN C 249 -58.48 -4.15 -9.58
C GLN C 249 -58.75 -2.93 -10.43
N SER C 250 -57.69 -2.40 -11.03
CA SER C 250 -57.75 -1.20 -11.85
C SER C 250 -56.49 -1.13 -12.70
N ASP C 251 -56.39 -0.10 -13.54
CA ASP C 251 -55.24 0.03 -14.42
C ASP C 251 -54.07 0.77 -13.77
N VAL C 252 -54.33 1.44 -12.65
CA VAL C 252 -53.30 2.21 -11.98
C VAL C 252 -53.33 1.99 -10.49
N ALA C 253 -52.18 1.62 -9.93
CA ALA C 253 -52.03 1.42 -8.49
C ALA C 253 -51.20 2.54 -7.87
N LEU C 254 -51.72 3.13 -6.80
CA LEU C 254 -51.08 4.26 -6.15
C LEU C 254 -50.06 3.82 -5.11
N LEU C 255 -48.80 4.16 -5.34
CA LEU C 255 -47.74 3.83 -4.39
C LEU C 255 -47.25 5.06 -3.64
N ARG C 256 -46.97 4.90 -2.36
CA ARG C 256 -46.36 5.97 -1.59
C ARG C 256 -44.97 5.56 -1.11
N PHE C 257 -43.99 6.45 -1.23
CA PHE C 257 -42.65 6.15 -0.76
C PHE C 257 -42.48 6.62 0.68
N VAL C 258 -42.37 5.66 1.60
CA VAL C 258 -42.47 5.99 3.03
C VAL C 258 -41.15 5.90 3.78
N ASN C 259 -40.94 6.81 4.71
CA ASN C 259 -39.82 6.74 5.63
C ASN C 259 -40.24 6.14 6.97
N PRO C 260 -39.84 4.90 7.25
CA PRO C 260 -40.24 4.19 8.47
C PRO C 260 -39.67 4.81 9.75
N ASP C 261 -38.58 5.58 9.64
CA ASP C 261 -37.98 6.24 10.80
C ASP C 261 -38.90 7.31 11.38
N THR C 262 -39.78 7.86 10.55
CA THR C 262 -40.61 8.98 10.96
C THR C 262 -42.09 8.70 10.71
N GLY C 263 -42.35 7.76 9.82
CA GLY C 263 -43.71 7.44 9.43
C GLY C 263 -44.24 8.44 8.42
N ARG C 264 -43.42 9.42 8.05
CA ARG C 264 -43.82 10.45 7.10
C ARG C 264 -43.69 9.95 5.67
N VAL C 265 -44.63 10.36 4.82
CA VAL C 265 -44.60 10.01 3.41
C VAL C 265 -43.72 10.99 2.65
N LEU C 266 -42.79 10.47 1.85
CA LEU C 266 -41.89 11.35 1.12
C LEU C 266 -42.52 11.85 -0.18
N PHE C 267 -43.04 10.93 -0.99
CA PHE C 267 -43.78 11.27 -2.19
C PHE C 267 -44.70 10.13 -2.60
N GLU C 268 -45.63 10.41 -3.52
CA GLU C 268 -46.48 9.36 -4.05
C GLU C 268 -46.28 9.22 -5.56
N CYS C 269 -46.66 8.06 -6.08
CA CYS C 269 -46.48 7.76 -7.49
C CYS C 269 -47.47 6.72 -8.01
N LYS C 270 -47.59 6.64 -9.34
CA LYS C 270 -48.48 5.68 -9.98
C LYS C 270 -47.69 4.48 -10.49
N LEU C 271 -48.13 3.27 -10.15
CA LEU C 271 -47.59 2.06 -10.77
C LEU C 271 -48.62 1.48 -11.75
N HIS C 272 -48.34 1.58 -13.04
CA HIS C 272 -49.32 1.18 -14.04
C HIS C 272 -49.35 -0.33 -14.22
N LYS C 273 -50.55 -0.87 -14.45
CA LYS C 273 -50.76 -2.31 -14.62
C LYS C 273 -49.80 -2.96 -15.59
N SER C 274 -49.62 -2.35 -16.75
CA SER C 274 -48.74 -2.89 -17.79
C SER C 274 -47.27 -2.92 -17.35
N GLY C 275 -46.95 -2.27 -16.23
CA GLY C 275 -45.64 -2.44 -15.63
C GLY C 275 -44.62 -1.31 -15.73
N TYR C 276 -45.01 -0.10 -15.33
CA TYR C 276 -44.06 1.01 -15.21
C TYR C 276 -44.58 2.05 -14.21
N VAL C 277 -43.72 2.98 -13.81
CA VAL C 277 -44.07 3.96 -12.78
C VAL C 277 -44.00 5.41 -13.27
N THR C 278 -44.96 6.26 -12.88
CA THR C 278 -44.87 7.69 -13.20
C THR C 278 -44.99 8.55 -11.94
N VAL C 279 -44.40 9.75 -12.00
CA VAL C 279 -44.50 10.73 -10.92
C VAL C 279 -44.87 12.12 -11.44
N ALA C 280 -45.39 12.96 -10.57
CA ALA C 280 -45.77 14.31 -10.97
C ALA C 280 -44.58 15.25 -10.82
N HIS C 281 -43.85 15.45 -11.92
CA HIS C 281 -42.68 16.30 -11.92
C HIS C 281 -42.24 16.63 -13.35
N THR C 282 -41.61 17.78 -13.53
CA THR C 282 -41.11 18.18 -14.84
C THR C 282 -39.60 18.50 -14.80
N GLY C 283 -38.80 17.72 -15.52
CA GLY C 283 -37.37 17.96 -15.62
C GLY C 283 -36.51 16.82 -15.10
N GLN C 284 -35.22 16.81 -15.46
CA GLN C 284 -34.28 15.85 -14.90
C GLN C 284 -34.13 16.11 -13.41
N HIS C 285 -34.10 15.04 -12.62
CA HIS C 285 -33.97 15.18 -11.18
C HIS C 285 -33.51 13.89 -10.51
N ASP C 286 -32.42 13.98 -9.77
CA ASP C 286 -31.96 12.89 -8.92
C ASP C 286 -32.67 12.95 -7.57
N LEU C 287 -33.51 11.97 -7.30
CA LEU C 287 -34.29 11.97 -6.06
C LEU C 287 -33.41 11.79 -4.82
N VAL C 288 -33.64 12.62 -3.81
CA VAL C 288 -32.97 12.42 -2.54
C VAL C 288 -33.91 11.64 -1.64
N ILE C 289 -33.48 10.44 -1.26
CA ILE C 289 -34.34 9.56 -0.47
C ILE C 289 -33.62 9.11 0.79
N PRO C 290 -34.37 8.94 1.88
CA PRO C 290 -33.78 8.45 3.13
C PRO C 290 -33.32 7.01 2.96
N PRO C 291 -32.33 6.57 3.76
CA PRO C 291 -31.69 5.25 3.62
C PRO C 291 -32.68 4.10 3.77
N ASN C 292 -33.70 4.26 4.62
CA ASN C 292 -34.63 3.16 4.89
C ASN C 292 -35.96 3.26 4.16
N GLY C 293 -36.05 4.18 3.20
CA GLY C 293 -37.29 4.36 2.47
C GLY C 293 -37.67 3.20 1.58
N TYR C 294 -38.97 2.97 1.44
CA TYR C 294 -39.46 1.90 0.58
C TYR C 294 -40.83 2.25 0.04
N PHE C 295 -41.26 1.51 -0.99
CA PHE C 295 -42.54 1.76 -1.62
C PHE C 295 -43.66 1.00 -0.93
N ARG C 296 -44.82 1.64 -0.83
CA ARG C 296 -45.96 1.02 -0.20
C ARG C 296 -47.21 1.21 -1.05
N PHE C 297 -47.87 0.11 -1.40
CA PHE C 297 -49.13 0.18 -2.15
C PHE C 297 -50.27 0.52 -1.19
N ASP C 298 -50.99 1.59 -1.50
CA ASP C 298 -52.02 2.08 -0.60
C ASP C 298 -53.43 1.85 -1.13
N SER C 299 -53.63 2.08 -2.42
CA SER C 299 -54.92 1.77 -3.06
C SER C 299 -54.93 1.85 -4.58
N TRP C 300 -55.95 1.24 -5.18
CA TRP C 300 -56.20 1.35 -6.60
C TRP C 300 -56.91 2.66 -6.88
N VAL C 301 -56.52 3.31 -7.98
CA VAL C 301 -57.16 4.57 -8.36
C VAL C 301 -57.65 4.49 -9.81
N ASN C 302 -58.49 5.45 -10.21
CA ASN C 302 -58.93 5.53 -11.60
C ASN C 302 -57.81 6.14 -12.45
N GLN C 303 -58.09 6.50 -13.70
CA GLN C 303 -56.99 6.97 -14.54
C GLN C 303 -56.86 8.49 -14.60
N PHE C 304 -57.77 9.22 -13.97
CA PHE C 304 -57.67 10.69 -13.96
C PHE C 304 -57.27 11.22 -12.58
N TYR C 305 -56.63 10.36 -11.78
CA TYR C 305 -56.12 10.73 -10.47
C TYR C 305 -54.92 11.65 -10.59
N THR C 306 -54.98 12.81 -9.93
CA THR C 306 -53.88 13.77 -9.97
C THR C 306 -52.93 13.57 -8.79
N LEU C 307 -51.69 13.24 -9.10
CA LEU C 307 -50.68 13.00 -8.07
C LEU C 307 -50.27 14.28 -7.37
N ALA C 308 -49.89 14.17 -6.10
CA ALA C 308 -49.28 15.29 -5.40
C ALA C 308 -47.92 15.52 -6.02
N PRO C 309 -47.60 16.78 -6.35
CA PRO C 309 -46.34 17.12 -7.01
C PRO C 309 -45.16 16.57 -6.21
N MET C 310 -44.18 16.00 -6.92
CA MET C 310 -43.07 15.31 -6.28
C MET C 310 -41.93 16.28 -5.96
N PRO D 2 -52.76 -19.07 15.45
CA PRO D 2 -54.22 -18.99 15.38
C PRO D 2 -54.68 -17.91 14.40
N GLY D 3 -53.77 -16.97 14.12
CA GLY D 3 -54.03 -15.88 13.21
C GLY D 3 -52.69 -15.39 12.70
N SER D 4 -51.71 -16.30 12.68
CA SER D 4 -50.36 -16.01 12.24
C SER D 4 -50.21 -16.39 10.78
N LYS D 5 -49.41 -15.64 10.04
CA LYS D 5 -49.24 -15.87 8.60
C LYS D 5 -48.71 -17.26 8.29
N PRO D 6 -49.38 -17.97 7.36
CA PRO D 6 -49.03 -19.35 7.01
C PRO D 6 -47.70 -19.42 6.26
N PHE D 7 -46.89 -20.41 6.60
CA PHE D 7 -45.60 -20.61 5.97
C PHE D 7 -45.73 -21.30 4.61
N SER D 8 -44.72 -21.10 3.76
CA SER D 8 -44.71 -21.65 2.40
C SER D 8 -43.33 -21.45 1.77
N VAL D 9 -43.03 -22.20 0.71
CA VAL D 9 -41.82 -21.97 -0.08
C VAL D 9 -42.23 -21.60 -1.50
N PRO D 10 -41.39 -20.80 -2.19
CA PRO D 10 -41.83 -20.30 -3.51
C PRO D 10 -42.06 -21.41 -4.52
N VAL D 11 -43.03 -21.20 -5.41
CA VAL D 11 -43.24 -22.12 -6.52
C VAL D 11 -42.25 -21.79 -7.64
N LEU D 12 -41.05 -22.35 -7.52
CA LEU D 12 -39.98 -22.12 -8.47
C LEU D 12 -39.21 -23.41 -8.69
N THR D 13 -38.91 -23.72 -9.94
CA THR D 13 -38.09 -24.89 -10.21
C THR D 13 -36.65 -24.63 -9.81
N VAL D 14 -35.86 -25.69 -9.71
CA VAL D 14 -34.46 -25.55 -9.32
C VAL D 14 -33.72 -24.66 -10.31
N GLU D 15 -33.88 -24.93 -11.61
CA GLU D 15 -33.17 -24.17 -12.63
C GLU D 15 -33.66 -22.72 -12.73
N GLU D 16 -34.85 -22.44 -12.20
CA GLU D 16 -35.36 -21.08 -12.16
C GLU D 16 -34.74 -20.27 -11.01
N MET D 17 -34.00 -20.96 -10.13
CA MET D 17 -33.47 -20.31 -8.94
C MET D 17 -31.96 -20.12 -8.96
N THR D 18 -31.46 -19.44 -7.93
CA THR D 18 -30.09 -18.94 -7.92
C THR D 18 -29.31 -19.43 -6.71
N ASN D 19 -28.06 -19.83 -6.95
CA ASN D 19 -27.16 -20.18 -5.88
C ASN D 19 -26.95 -19.00 -4.96
N SER D 20 -26.82 -19.25 -3.67
CA SER D 20 -26.72 -18.18 -2.70
C SER D 20 -25.29 -17.97 -2.23
N ARG D 21 -24.34 -18.66 -2.85
CA ARG D 21 -22.94 -18.55 -2.43
C ARG D 21 -22.03 -18.07 -3.56
N PHE D 22 -22.61 -17.80 -4.73
CA PHE D 22 -21.89 -17.34 -5.91
C PHE D 22 -22.92 -16.98 -6.96
N PRO D 23 -22.73 -15.84 -7.66
CA PRO D 23 -23.77 -15.35 -8.57
C PRO D 23 -23.95 -16.18 -9.86
N ILE D 24 -24.48 -17.39 -9.73
CA ILE D 24 -24.82 -18.22 -10.89
C ILE D 24 -26.08 -19.03 -10.60
N PRO D 25 -26.81 -19.43 -11.65
CA PRO D 25 -28.05 -20.17 -11.38
C PRO D 25 -27.80 -21.57 -10.83
N LEU D 26 -28.79 -22.11 -10.14
CA LEU D 26 -28.74 -23.49 -9.67
C LEU D 26 -28.82 -24.43 -10.86
N GLU D 27 -28.28 -25.63 -10.70
CA GLU D 27 -28.29 -26.60 -11.77
C GLU D 27 -28.97 -27.90 -11.36
N LYS D 28 -28.68 -28.35 -10.14
CA LYS D 28 -29.19 -29.64 -9.69
C LYS D 28 -29.25 -29.73 -8.17
N LEU D 29 -29.86 -30.80 -7.67
CA LEU D 29 -29.88 -31.08 -6.23
C LEU D 29 -28.89 -32.19 -5.92
N PHE D 30 -28.21 -32.11 -4.78
CA PHE D 30 -27.22 -33.12 -4.40
C PHE D 30 -27.31 -33.46 -2.92
N THR D 31 -27.10 -34.74 -2.58
CA THR D 31 -26.97 -35.12 -1.17
C THR D 31 -25.75 -36.00 -0.98
N GLY D 32 -25.13 -35.87 0.19
CA GLY D 32 -23.94 -36.63 0.51
C GLY D 32 -23.61 -36.62 1.98
N PRO D 33 -22.72 -37.51 2.40
CA PRO D 33 -22.30 -37.52 3.80
C PRO D 33 -21.56 -36.24 4.18
N SER D 34 -21.74 -35.78 5.43
CA SER D 34 -21.16 -34.52 5.88
C SER D 34 -20.66 -34.59 7.33
N SER D 35 -20.33 -35.79 7.78
CA SER D 35 -19.86 -36.00 9.16
C SER D 35 -18.35 -35.88 9.29
N ALA D 36 -17.65 -36.03 8.17
CA ALA D 36 -16.19 -36.00 8.18
C ALA D 36 -15.65 -34.57 8.09
N PHE D 37 -16.53 -33.60 7.90
CA PHE D 37 -16.09 -32.22 7.84
C PHE D 37 -17.17 -31.25 8.33
N VAL D 38 -16.75 -30.00 8.55
CA VAL D 38 -17.63 -28.97 9.05
C VAL D 38 -18.31 -28.22 7.94
N VAL D 39 -19.63 -28.23 7.96
CA VAL D 39 -20.43 -27.50 7.01
C VAL D 39 -20.95 -26.23 7.68
N GLN D 40 -20.33 -25.09 7.37
CA GLN D 40 -20.67 -23.84 8.04
C GLN D 40 -20.62 -22.62 7.12
N PRO D 41 -21.36 -22.67 6.00
CA PRO D 41 -21.33 -21.52 5.08
C PRO D 41 -21.99 -20.31 5.72
N GLN D 42 -21.58 -19.10 5.31
CA GLN D 42 -22.10 -17.89 5.92
C GLN D 42 -23.01 -17.15 4.96
N ASN D 43 -22.92 -17.50 3.68
CA ASN D 43 -23.88 -17.00 2.71
C ASN D 43 -25.00 -18.00 2.52
N GLY D 44 -26.16 -17.51 2.11
CA GLY D 44 -27.30 -18.38 1.96
C GLY D 44 -27.69 -18.95 3.30
N ARG D 45 -27.65 -18.09 4.32
CA ARG D 45 -28.07 -18.48 5.65
C ARG D 45 -29.24 -17.59 6.07
N CYS D 46 -30.39 -18.22 6.32
CA CYS D 46 -31.60 -17.51 6.69
C CYS D 46 -32.56 -18.44 7.40
N THR D 47 -33.23 -17.98 8.46
CA THR D 47 -34.23 -18.81 9.12
C THR D 47 -35.53 -18.77 8.36
N THR D 48 -36.41 -19.73 8.62
CA THR D 48 -37.68 -19.79 7.90
C THR D 48 -38.56 -18.58 8.17
N ASP D 49 -38.44 -17.95 9.34
CA ASP D 49 -39.27 -16.76 9.60
C ASP D 49 -38.51 -15.48 9.23
N GLY D 50 -37.48 -15.64 8.41
CA GLY D 50 -36.90 -14.51 7.71
C GLY D 50 -35.83 -13.71 8.42
N VAL D 51 -35.07 -14.33 9.32
CA VAL D 51 -33.94 -13.64 9.95
C VAL D 51 -32.66 -14.04 9.24
N LEU D 52 -31.99 -13.06 8.64
CA LEU D 52 -30.73 -13.32 7.93
C LEU D 52 -29.60 -13.64 8.92
N LEU D 53 -28.77 -14.63 8.55
CA LEU D 53 -27.65 -15.05 9.40
C LEU D 53 -26.31 -14.88 8.69
N GLY D 54 -25.23 -14.91 9.47
CA GLY D 54 -23.89 -14.86 8.90
C GLY D 54 -23.64 -13.63 8.06
N THR D 55 -23.25 -13.83 6.82
CA THR D 55 -22.97 -12.72 5.92
C THR D 55 -24.01 -12.61 4.81
N THR D 56 -25.18 -13.23 5.03
CA THR D 56 -26.19 -13.33 3.99
C THR D 56 -26.90 -12.00 3.75
N GLN D 57 -26.95 -11.57 2.48
CA GLN D 57 -27.76 -10.40 2.12
C GLN D 57 -28.72 -10.76 0.97
N LEU D 58 -29.55 -9.82 0.55
CA LEU D 58 -30.68 -10.20 -0.30
C LEU D 58 -30.37 -10.39 -1.79
N SER D 59 -29.56 -9.51 -2.38
CA SER D 59 -29.33 -9.58 -3.81
C SER D 59 -28.20 -10.53 -4.21
N PRO D 60 -28.49 -11.43 -5.15
CA PRO D 60 -27.54 -12.45 -5.64
C PRO D 60 -26.38 -11.82 -6.42
N VAL D 61 -26.55 -10.60 -6.94
CA VAL D 61 -25.50 -9.99 -7.74
C VAL D 61 -24.38 -9.44 -6.87
N ASN D 62 -24.61 -9.32 -5.57
CA ASN D 62 -23.61 -8.73 -4.68
C ASN D 62 -22.73 -9.79 -4.06
N ILE D 63 -23.07 -11.05 -4.33
CA ILE D 63 -22.30 -12.14 -3.77
C ILE D 63 -20.93 -12.23 -4.44
N CYS D 64 -19.89 -12.22 -3.62
CA CYS D 64 -18.49 -12.27 -4.06
C CYS D 64 -18.08 -11.06 -4.89
N THR D 65 -18.67 -9.91 -4.62
CA THR D 65 -18.19 -8.67 -5.20
C THR D 65 -17.50 -7.86 -4.12
N PHE D 66 -16.62 -6.95 -4.52
CA PHE D 66 -15.96 -6.06 -3.59
C PHE D 66 -15.98 -4.64 -4.13
N ARG D 67 -16.16 -3.67 -3.23
CA ARG D 67 -16.19 -2.27 -3.61
C ARG D 67 -15.28 -1.47 -2.67
N GLY D 68 -14.64 -0.45 -3.20
CA GLY D 68 -13.77 0.37 -2.39
C GLY D 68 -12.78 1.06 -3.28
N ASP D 69 -11.73 1.60 -2.68
CA ASP D 69 -10.67 2.19 -3.47
C ASP D 69 -9.43 1.33 -3.31
N VAL D 70 -8.55 1.37 -4.29
CA VAL D 70 -7.38 0.53 -4.29
C VAL D 70 -6.09 1.33 -4.16
N THR D 71 -5.09 0.67 -3.59
CA THR D 71 -3.78 1.24 -3.44
C THR D 71 -2.85 0.22 -4.07
N HIS D 72 -1.68 0.66 -4.52
CA HIS D 72 -0.84 -0.24 -5.26
C HIS D 72 0.34 -0.65 -4.42
N ILE D 73 0.63 -1.95 -4.40
CA ILE D 73 1.77 -2.41 -3.63
C ILE D 73 3.01 -2.28 -4.51
N THR D 74 4.05 -1.66 -3.99
CA THR D 74 5.19 -1.27 -4.82
C THR D 74 6.05 -2.49 -5.19
N GLY D 75 6.36 -2.60 -6.47
CA GLY D 75 7.17 -3.70 -7.01
C GLY D 75 6.39 -4.99 -7.15
N SER D 76 5.07 -4.85 -7.19
CA SER D 76 4.15 -5.96 -7.39
C SER D 76 3.09 -5.53 -8.40
N ARG D 77 2.35 -6.50 -8.89
CA ARG D 77 1.17 -6.26 -9.71
C ARG D 77 -0.07 -6.34 -8.84
N ASN D 78 0.14 -6.27 -7.53
CA ASN D 78 -0.91 -6.40 -6.54
C ASN D 78 -1.46 -5.08 -6.01
N TYR D 79 -2.77 -5.04 -5.81
CA TYR D 79 -3.41 -3.88 -5.22
C TYR D 79 -4.13 -4.24 -3.92
N THR D 80 -4.04 -3.38 -2.93
CA THR D 80 -4.86 -3.57 -1.73
C THR D 80 -6.13 -2.77 -1.90
N MET D 81 -7.27 -3.43 -1.77
CA MET D 81 -8.54 -2.74 -1.81
C MET D 81 -8.99 -2.44 -0.39
N ASN D 82 -9.23 -1.16 -0.13
CA ASN D 82 -9.83 -0.74 1.13
C ASN D 82 -11.34 -0.69 0.98
N LEU D 83 -12.01 -1.66 1.60
CA LEU D 83 -13.42 -1.91 1.36
C LEU D 83 -14.37 -0.79 1.77
N ALA D 84 -15.40 -0.61 0.95
CA ALA D 84 -16.55 0.21 1.30
C ALA D 84 -17.77 -0.71 1.27
N SER D 85 -18.88 -0.28 1.83
CA SER D 85 -20.11 -1.05 1.71
C SER D 85 -20.69 -0.75 0.33
N GLN D 86 -21.68 -1.55 -0.08
CA GLN D 86 -22.11 -1.61 -1.48
C GLN D 86 -22.62 -0.31 -2.09
N ASN D 87 -23.00 0.64 -1.24
CA ASN D 87 -23.42 1.95 -1.71
C ASN D 87 -22.27 2.95 -1.71
N TRP D 88 -21.04 2.44 -1.64
CA TRP D 88 -19.84 3.25 -1.59
C TRP D 88 -19.72 4.11 -0.32
N ASN D 89 -20.56 3.83 0.67
CA ASN D 89 -20.40 4.47 1.97
C ASN D 89 -19.33 3.74 2.76
N ASP D 90 -18.89 4.34 3.86
CA ASP D 90 -17.81 3.76 4.66
C ASP D 90 -18.21 2.40 5.20
N TYR D 91 -17.24 1.51 5.36
CA TYR D 91 -17.48 0.19 5.93
C TYR D 91 -17.27 0.22 7.44
N ASP D 92 -18.20 -0.37 8.18
CA ASP D 92 -18.11 -0.36 9.64
C ASP D 92 -17.71 -1.73 10.20
N PRO D 93 -16.46 -1.86 10.62
CA PRO D 93 -15.91 -3.12 11.13
C PRO D 93 -16.49 -3.53 12.48
N THR D 94 -17.15 -2.60 13.17
CA THR D 94 -17.68 -2.86 14.52
C THR D 94 -19.02 -3.60 14.53
N GLU D 95 -19.67 -3.69 13.37
CA GLU D 95 -20.97 -4.36 13.25
C GLU D 95 -20.85 -5.85 13.53
N GLU D 96 -21.81 -6.43 14.24
CA GLU D 96 -21.66 -7.81 14.67
C GLU D 96 -21.93 -8.77 13.51
N ILE D 97 -21.00 -8.82 12.57
CA ILE D 97 -21.07 -9.77 11.47
C ILE D 97 -19.67 -10.30 11.19
N PRO D 98 -19.57 -11.51 10.63
CA PRO D 98 -18.25 -12.10 10.40
C PRO D 98 -17.40 -11.29 9.44
N ALA D 99 -18.04 -10.63 8.48
CA ALA D 99 -17.36 -9.97 7.37
C ALA D 99 -18.40 -9.14 6.63
N PRO D 100 -17.99 -8.28 5.67
CA PRO D 100 -19.01 -7.57 4.88
C PRO D 100 -20.03 -8.53 4.26
N LEU D 101 -21.31 -8.14 4.24
CA LEU D 101 -22.33 -8.99 3.65
C LEU D 101 -21.96 -9.30 2.20
N GLY D 102 -22.08 -10.57 1.81
CA GLY D 102 -21.75 -10.99 0.47
C GLY D 102 -20.32 -11.47 0.25
N THR D 103 -19.48 -11.39 1.27
CA THR D 103 -18.10 -11.88 1.21
C THR D 103 -18.05 -13.38 0.88
N PRO D 104 -17.07 -13.81 0.06
CA PRO D 104 -16.88 -15.24 -0.19
C PRO D 104 -16.72 -16.02 1.10
N ASP D 105 -17.38 -17.17 1.20
CA ASP D 105 -17.30 -17.98 2.42
C ASP D 105 -16.65 -19.33 2.13
N PHE D 106 -15.68 -19.33 1.23
CA PHE D 106 -14.86 -20.51 0.96
C PHE D 106 -13.44 -20.10 0.59
N VAL D 107 -12.50 -21.03 0.76
CA VAL D 107 -11.10 -20.78 0.43
C VAL D 107 -10.76 -21.20 -0.99
N GLY D 108 -10.35 -20.24 -1.79
CA GLY D 108 -10.01 -20.52 -3.18
C GLY D 108 -9.53 -19.31 -3.94
N LYS D 109 -9.17 -19.51 -5.21
CA LYS D 109 -8.76 -18.39 -6.04
C LYS D 109 -9.91 -18.03 -6.97
N ILE D 110 -10.47 -16.84 -6.76
CA ILE D 110 -11.57 -16.39 -7.59
C ILE D 110 -11.05 -15.42 -8.65
N GLN D 111 -11.35 -15.68 -9.91
CA GLN D 111 -10.91 -14.77 -10.95
C GLN D 111 -12.07 -13.93 -11.42
N GLY D 112 -11.81 -12.65 -11.61
CA GLY D 112 -12.82 -11.75 -12.12
C GLY D 112 -12.17 -10.56 -12.78
N VAL D 113 -12.88 -9.43 -12.76
CA VAL D 113 -12.39 -8.21 -13.39
C VAL D 113 -12.52 -7.06 -12.41
N LEU D 114 -11.44 -6.28 -12.31
CA LEU D 114 -11.41 -5.09 -11.49
C LEU D 114 -11.66 -3.85 -12.35
N THR D 115 -12.82 -3.21 -12.19
CA THR D 115 -13.15 -2.02 -12.96
C THR D 115 -13.11 -0.76 -12.11
N GLN D 116 -12.83 0.36 -12.75
CA GLN D 116 -12.77 1.64 -12.04
C GLN D 116 -13.18 2.82 -12.91
N THR D 117 -13.96 3.73 -12.32
CA THR D 117 -14.34 5.00 -12.95
C THR D 117 -13.70 6.09 -12.11
N THR D 118 -12.82 6.89 -12.70
CA THR D 118 -12.14 7.92 -11.93
C THR D 118 -12.97 9.20 -11.93
N ARG D 119 -13.12 9.84 -10.77
CA ARG D 119 -13.94 11.05 -10.71
C ARG D 119 -13.16 12.24 -11.27
N THR D 120 -11.89 12.03 -11.61
CA THR D 120 -11.04 13.11 -12.14
C THR D 120 -11.58 13.64 -13.46
N ASP D 121 -11.93 12.74 -14.38
CA ASP D 121 -12.47 13.17 -15.65
C ASP D 121 -13.53 12.20 -16.16
N GLY D 122 -13.75 11.11 -15.44
CA GLY D 122 -14.81 10.17 -15.75
C GLY D 122 -14.40 8.97 -16.58
N SER D 123 -13.11 8.88 -16.89
CA SER D 123 -12.58 7.76 -17.68
C SER D 123 -12.65 6.46 -16.90
N THR D 124 -12.76 5.35 -17.64
CA THR D 124 -12.90 4.02 -17.06
C THR D 124 -11.81 3.05 -17.50
N ARG D 125 -11.74 1.91 -16.79
CA ARG D 125 -10.75 0.87 -17.08
C ARG D 125 -11.12 -0.40 -16.33
N GLY D 126 -10.73 -1.54 -16.89
CA GLY D 126 -10.95 -2.82 -16.26
C GLY D 126 -9.77 -3.74 -16.51
N HIS D 127 -9.46 -4.58 -15.53
CA HIS D 127 -8.36 -5.51 -15.69
C HIS D 127 -8.65 -6.85 -15.04
N LYS D 128 -8.11 -7.90 -15.65
CA LYS D 128 -8.14 -9.23 -15.07
C LYS D 128 -7.55 -9.20 -13.65
N ALA D 129 -8.28 -9.75 -12.70
CA ALA D 129 -7.84 -9.72 -11.30
C ALA D 129 -8.22 -11.00 -10.60
N THR D 130 -7.41 -11.36 -9.61
CA THR D 130 -7.64 -12.58 -8.85
C THR D 130 -7.61 -12.28 -7.37
N VAL D 131 -8.54 -12.86 -6.62
CA VAL D 131 -8.44 -12.75 -5.17
C VAL D 131 -8.27 -14.14 -4.57
N TYR D 132 -7.26 -14.31 -3.73
CA TYR D 132 -7.05 -15.58 -3.03
C TYR D 132 -7.62 -15.44 -1.63
N THR D 133 -8.74 -16.10 -1.39
CA THR D 133 -9.50 -15.95 -0.16
C THR D 133 -8.86 -16.68 1.02
N GLY D 134 -7.79 -17.42 0.74
CA GLY D 134 -7.03 -18.11 1.75
C GLY D 134 -5.72 -17.40 2.02
N SER D 135 -5.52 -16.27 1.35
CA SER D 135 -4.31 -15.47 1.50
C SER D 135 -4.22 -14.86 2.90
N ALA D 136 -3.00 -14.64 3.38
CA ALA D 136 -2.81 -14.02 4.70
C ALA D 136 -3.33 -12.59 4.72
N ASP D 137 -3.36 -11.97 3.54
CA ASP D 137 -3.80 -10.58 3.39
C ASP D 137 -5.27 -10.49 2.99
N PHE D 138 -5.98 -11.60 3.10
CA PHE D 138 -7.42 -11.58 2.87
C PHE D 138 -8.11 -11.35 4.20
N ALA D 139 -8.45 -10.08 4.47
CA ALA D 139 -9.04 -9.69 5.75
C ALA D 139 -10.23 -8.76 5.56
N PRO D 140 -11.34 -9.28 5.01
CA PRO D 140 -12.50 -8.41 4.76
C PRO D 140 -13.05 -7.76 6.03
N LYS D 141 -13.04 -8.50 7.13
CA LYS D 141 -13.59 -8.01 8.38
C LYS D 141 -12.89 -6.75 8.85
N LEU D 142 -11.60 -6.64 8.58
CA LEU D 142 -10.85 -5.43 8.88
C LEU D 142 -11.01 -4.40 7.76
N GLY D 143 -11.70 -4.79 6.69
CA GLY D 143 -11.97 -3.89 5.59
C GLY D 143 -10.88 -3.80 4.54
N ARG D 144 -10.08 -4.86 4.40
CA ARG D 144 -9.04 -4.91 3.36
C ARG D 144 -8.87 -6.31 2.76
N VAL D 145 -8.86 -6.38 1.43
CA VAL D 145 -8.54 -7.62 0.73
C VAL D 145 -7.52 -7.32 -0.36
N GLN D 146 -6.79 -8.32 -0.83
CA GLN D 146 -5.74 -8.10 -1.81
C GLN D 146 -6.00 -8.81 -3.15
N PHE D 147 -5.80 -8.08 -4.24
CA PHE D 147 -5.97 -8.61 -5.59
C PHE D 147 -4.65 -8.68 -6.35
N GLU D 148 -4.48 -9.76 -7.10
CA GLU D 148 -3.42 -9.85 -8.09
C GLU D 148 -3.99 -9.50 -9.45
N THR D 149 -3.31 -8.61 -10.16
CA THR D 149 -3.78 -8.15 -11.46
C THR D 149 -2.70 -8.28 -12.52
N ASP D 150 -3.00 -7.74 -13.69
CA ASP D 150 -2.06 -7.76 -14.81
C ASP D 150 -1.49 -6.37 -15.08
N THR D 151 -1.68 -5.45 -14.14
CA THR D 151 -1.15 -4.09 -14.28
C THR D 151 -0.44 -3.62 -13.00
N ASP D 152 0.38 -2.58 -13.13
CA ASP D 152 1.06 -2.00 -11.99
C ASP D 152 0.94 -0.49 -11.95
N ARG D 153 0.15 0.06 -12.86
CA ARG D 153 0.16 1.52 -13.01
C ARG D 153 -1.21 2.14 -13.25
N ASP D 154 -2.18 1.33 -13.62
CA ASP D 154 -3.37 1.87 -14.28
C ASP D 154 -4.46 2.37 -13.33
N PHE D 155 -4.58 1.75 -12.17
CA PHE D 155 -5.61 2.15 -11.21
C PHE D 155 -5.14 3.33 -10.39
N GLU D 156 -6.08 4.21 -10.04
CA GLU D 156 -5.78 5.41 -9.26
C GLU D 156 -6.27 5.26 -7.82
N ALA D 157 -5.70 6.06 -6.93
CA ALA D 157 -6.11 6.03 -5.53
C ALA D 157 -7.34 6.90 -5.25
N ASN D 158 -8.03 6.58 -4.16
CA ASN D 158 -9.22 7.29 -3.71
C ASN D 158 -10.29 7.40 -4.81
N GLN D 159 -10.40 6.35 -5.62
CA GLN D 159 -11.40 6.29 -6.67
C GLN D 159 -12.16 4.98 -6.55
N ASN D 160 -13.47 5.08 -6.73
CA ASN D 160 -14.36 3.92 -6.64
C ASN D 160 -13.89 2.81 -7.56
N THR D 161 -13.69 1.64 -6.97
CA THR D 161 -13.24 0.47 -7.71
C THR D 161 -14.13 -0.72 -7.38
N LYS D 162 -14.41 -1.55 -8.39
CA LYS D 162 -15.28 -2.69 -8.17
C LYS D 162 -14.66 -3.97 -8.70
N PHE D 163 -14.93 -5.07 -8.02
CA PHE D 163 -14.53 -6.39 -8.49
C PHE D 163 -15.75 -7.24 -8.82
N THR D 164 -15.80 -7.73 -10.06
CA THR D 164 -16.90 -8.58 -10.50
C THR D 164 -16.41 -10.02 -10.63
N PRO D 165 -17.05 -10.95 -9.91
CA PRO D 165 -16.56 -12.33 -9.98
C PRO D 165 -16.97 -13.02 -11.28
N VAL D 166 -16.15 -13.95 -11.75
CA VAL D 166 -16.45 -14.70 -12.95
C VAL D 166 -16.37 -16.20 -12.69
N GLY D 167 -15.28 -16.62 -12.07
CA GLY D 167 -15.07 -18.03 -11.82
C GLY D 167 -13.87 -18.34 -10.95
N VAL D 168 -13.44 -19.59 -10.98
CA VAL D 168 -12.32 -20.05 -10.15
C VAL D 168 -11.21 -20.63 -10.99
N ILE D 169 -9.97 -20.55 -10.50
CA ILE D 169 -8.83 -21.06 -11.26
C ILE D 169 -8.00 -22.06 -10.49
N GLN D 170 -7.10 -22.72 -11.21
CA GLN D 170 -6.23 -23.73 -10.63
C GLN D 170 -5.08 -23.84 -11.61
N ASP D 171 -3.87 -24.12 -11.11
CA ASP D 171 -2.67 -23.96 -11.92
C ASP D 171 -2.44 -25.09 -12.93
N GLY D 172 -3.31 -26.10 -12.91
CA GLY D 172 -3.26 -27.17 -13.91
C GLY D 172 -2.57 -28.45 -13.51
N GLY D 173 -1.74 -28.39 -12.47
CA GLY D 173 -0.99 -29.54 -12.00
C GLY D 173 -1.80 -30.38 -11.02
N THR D 174 -1.18 -31.45 -10.51
CA THR D 174 -1.82 -32.30 -9.51
C THR D 174 -1.40 -31.95 -8.08
N THR D 175 -0.23 -31.34 -7.95
CA THR D 175 0.32 -30.94 -6.66
C THR D 175 -0.62 -30.01 -5.90
N HIS D 176 -1.27 -29.10 -6.62
CA HIS D 176 -2.22 -28.17 -6.00
C HIS D 176 -3.59 -28.27 -6.64
N ARG D 177 -4.18 -29.46 -6.61
CA ARG D 177 -5.47 -29.67 -7.24
C ARG D 177 -6.57 -29.88 -6.21
N ASN D 178 -6.44 -29.28 -5.03
CA ASN D 178 -7.47 -29.45 -3.99
C ASN D 178 -8.19 -28.15 -3.74
N GLU D 179 -8.14 -27.24 -4.69
CA GLU D 179 -8.73 -25.93 -4.53
C GLU D 179 -9.77 -25.70 -5.64
N PRO D 180 -10.85 -24.96 -5.35
CA PRO D 180 -11.26 -24.40 -4.06
C PRO D 180 -11.79 -25.43 -3.08
N GLN D 181 -11.81 -25.07 -1.80
CA GLN D 181 -12.36 -25.92 -0.75
C GLN D 181 -13.66 -25.31 -0.23
N GLN D 182 -14.80 -25.76 -0.74
CA GLN D 182 -16.04 -25.05 -0.46
C GLN D 182 -16.48 -25.10 1.01
N TRP D 183 -15.94 -26.03 1.79
CA TRP D 183 -16.36 -26.14 3.20
C TRP D 183 -15.34 -25.62 4.19
N VAL D 184 -14.37 -24.85 3.71
CA VAL D 184 -13.38 -24.24 4.58
C VAL D 184 -13.55 -22.73 4.58
N LEU D 185 -13.92 -22.19 5.74
CA LEU D 185 -14.11 -20.76 5.86
C LEU D 185 -12.81 -20.00 5.83
N PRO D 186 -12.84 -18.81 5.22
CA PRO D 186 -11.68 -17.94 5.27
C PRO D 186 -11.43 -17.42 6.68
N SER D 187 -10.24 -16.89 6.91
CA SER D 187 -9.95 -16.13 8.10
C SER D 187 -10.30 -14.69 7.80
N TYR D 188 -11.52 -14.27 8.16
CA TYR D 188 -12.04 -12.99 7.70
C TYR D 188 -11.23 -11.78 8.17
N SER D 189 -10.35 -11.97 9.14
CA SER D 189 -9.57 -10.86 9.65
C SER D 189 -8.09 -11.08 9.33
N GLY D 190 -7.85 -12.03 8.44
CA GLY D 190 -6.49 -12.37 8.05
C GLY D 190 -5.99 -13.59 8.78
N ARG D 191 -4.77 -13.99 8.45
CA ARG D 191 -4.21 -15.24 8.95
C ARG D 191 -4.14 -15.27 10.47
N ASN D 192 -4.36 -16.46 11.03
CA ASN D 192 -4.24 -16.73 12.46
C ASN D 192 -5.14 -15.85 13.33
N THR D 193 -6.37 -15.63 12.87
CA THR D 193 -7.36 -14.92 13.67
C THR D 193 -8.60 -15.78 13.75
N HIS D 194 -9.48 -15.47 14.70
CA HIS D 194 -10.70 -16.26 14.84
C HIS D 194 -11.88 -15.52 14.26
N ASN D 195 -12.70 -16.20 13.50
CA ASN D 195 -13.91 -15.59 13.00
C ASN D 195 -14.90 -15.37 14.15
N VAL D 196 -15.81 -14.43 13.98
CA VAL D 196 -16.77 -14.07 15.02
C VAL D 196 -18.17 -13.89 14.44
N HIS D 197 -19.17 -14.04 15.28
CA HIS D 197 -20.57 -13.83 14.93
C HIS D 197 -20.99 -14.71 13.75
N LEU D 198 -20.45 -15.92 13.71
CA LEU D 198 -20.76 -16.88 12.64
C LEU D 198 -22.13 -17.49 12.77
N ALA D 199 -22.76 -17.75 11.62
CA ALA D 199 -23.92 -18.63 11.59
C ALA D 199 -23.42 -20.02 11.96
N PRO D 200 -24.20 -20.76 12.75
CA PRO D 200 -23.72 -22.04 13.29
C PRO D 200 -23.50 -23.09 12.21
N ALA D 201 -22.64 -24.08 12.49
CA ALA D 201 -22.47 -25.21 11.59
C ALA D 201 -23.73 -26.05 11.65
N VAL D 202 -24.06 -26.69 10.54
CA VAL D 202 -25.27 -27.50 10.49
C VAL D 202 -24.96 -28.97 10.29
N ALA D 203 -25.91 -29.81 10.69
CA ALA D 203 -25.77 -31.25 10.56
C ALA D 203 -27.13 -31.93 10.78
N PRO D 204 -27.37 -33.02 10.07
CA PRO D 204 -28.59 -33.80 10.34
C PRO D 204 -28.55 -34.42 11.74
N THR D 205 -29.63 -34.27 12.49
CA THR D 205 -29.68 -34.77 13.86
C THR D 205 -30.41 -36.11 13.91
N PHE D 206 -31.32 -36.30 12.96
CA PHE D 206 -32.06 -37.57 12.83
C PHE D 206 -31.17 -38.64 12.22
N PRO D 207 -31.16 -39.83 12.82
CA PRO D 207 -30.37 -40.96 12.34
C PRO D 207 -30.76 -41.40 10.93
N GLY D 208 -29.78 -41.50 10.04
CA GLY D 208 -30.06 -41.93 8.68
C GLY D 208 -30.30 -40.78 7.73
N GLU D 209 -30.20 -39.55 8.22
CA GLU D 209 -30.45 -38.39 7.39
C GLU D 209 -29.17 -37.71 6.93
N GLN D 210 -29.23 -37.07 5.77
CA GLN D 210 -28.11 -36.32 5.24
C GLN D 210 -28.59 -34.95 4.82
N LEU D 211 -27.68 -33.99 4.74
CA LEU D 211 -28.02 -32.69 4.21
C LEU D 211 -28.45 -32.80 2.76
N LEU D 212 -29.37 -31.93 2.37
CA LEU D 212 -29.72 -31.76 0.97
C LEU D 212 -29.14 -30.45 0.47
N PHE D 213 -28.33 -30.52 -0.58
CA PHE D 213 -27.64 -29.35 -1.13
C PHE D 213 -28.21 -28.86 -2.44
N PHE D 214 -28.22 -27.55 -2.62
CA PHE D 214 -28.59 -26.92 -3.88
C PHE D 214 -27.29 -26.62 -4.60
N ARG D 215 -27.10 -27.26 -5.75
CA ARG D 215 -25.79 -27.29 -6.37
C ARG D 215 -25.65 -26.49 -7.66
N SER D 216 -24.55 -25.77 -7.79
CA SER D 216 -24.23 -25.10 -9.05
C SER D 216 -22.80 -25.47 -9.45
N THR D 217 -22.50 -25.36 -10.73
CA THR D 217 -21.15 -25.58 -11.18
C THR D 217 -20.51 -24.24 -11.48
N MET D 218 -19.50 -23.87 -10.70
CA MET D 218 -18.79 -22.61 -10.93
C MET D 218 -17.98 -22.66 -12.23
N PRO D 219 -18.01 -21.56 -13.00
CA PRO D 219 -17.16 -21.47 -14.18
C PRO D 219 -15.69 -21.58 -13.78
N GLY D 220 -14.92 -22.35 -14.53
CA GLY D 220 -13.49 -22.45 -14.30
C GLY D 220 -12.80 -21.60 -15.34
N CYS D 221 -11.78 -20.84 -14.92
CA CYS D 221 -11.08 -19.97 -15.84
C CYS D 221 -9.72 -20.53 -16.22
N SER D 222 -9.35 -21.63 -15.57
CA SER D 222 -8.08 -22.28 -15.81
C SER D 222 -7.93 -23.57 -15.03
N GLY D 223 -7.27 -24.54 -15.64
CA GLY D 223 -6.92 -25.76 -14.94
C GLY D 223 -8.10 -26.61 -14.54
N TYR D 224 -7.94 -27.28 -13.40
CA TYR D 224 -8.94 -28.23 -12.92
C TYR D 224 -9.47 -27.91 -11.53
N PRO D 225 -10.06 -26.72 -11.34
CA PRO D 225 -10.55 -26.34 -10.02
C PRO D 225 -11.72 -27.19 -9.55
N ASN D 226 -11.99 -27.15 -8.25
CA ASN D 226 -13.20 -27.72 -7.70
C ASN D 226 -14.37 -26.80 -7.94
N MET D 227 -15.21 -27.15 -8.91
CA MET D 227 -16.26 -26.23 -9.33
C MET D 227 -17.62 -26.50 -8.71
N ASP D 228 -17.79 -27.66 -8.08
CA ASP D 228 -19.04 -27.93 -7.39
C ASP D 228 -19.22 -26.98 -6.21
N LEU D 229 -20.33 -26.25 -6.20
CA LEU D 229 -20.62 -25.32 -5.12
C LEU D 229 -22.01 -25.57 -4.54
N ASP D 230 -22.07 -25.99 -3.28
CA ASP D 230 -23.34 -26.35 -2.63
C ASP D 230 -23.82 -25.29 -1.64
N CYS D 231 -25.11 -24.95 -1.67
CA CYS D 231 -25.64 -24.02 -0.67
C CYS D 231 -26.84 -24.64 0.05
N LEU D 232 -27.11 -24.12 1.24
CA LEU D 232 -28.19 -24.65 2.06
C LEU D 232 -29.56 -24.16 1.59
N LEU D 233 -29.64 -22.93 1.09
CA LEU D 233 -30.91 -22.41 0.57
C LEU D 233 -30.69 -21.65 -0.73
N PRO D 234 -31.65 -21.77 -1.67
CA PRO D 234 -31.53 -20.95 -2.87
C PRO D 234 -31.67 -19.51 -2.46
N GLN D 235 -31.03 -18.60 -3.18
CA GLN D 235 -31.12 -17.19 -2.83
C GLN D 235 -32.59 -16.74 -2.81
N GLU D 236 -33.40 -17.30 -3.70
CA GLU D 236 -34.82 -16.92 -3.75
C GLU D 236 -35.56 -17.31 -2.48
N TRP D 237 -35.16 -18.41 -1.84
CA TRP D 237 -35.77 -18.80 -0.57
C TRP D 237 -35.38 -17.81 0.53
N VAL D 238 -34.13 -17.37 0.52
CA VAL D 238 -33.70 -16.33 1.44
C VAL D 238 -34.53 -15.07 1.23
N GLN D 239 -34.63 -14.63 -0.02
CA GLN D 239 -35.41 -13.45 -0.35
C GLN D 239 -36.85 -13.64 0.11
N TYR D 240 -37.37 -14.84 -0.12
CA TYR D 240 -38.78 -15.12 0.16
C TYR D 240 -39.10 -15.17 1.65
N PHE D 241 -38.27 -15.84 2.44
CA PHE D 241 -38.51 -15.94 3.88
C PHE D 241 -38.42 -14.57 4.54
N TYR D 242 -37.45 -13.77 4.09
CA TYR D 242 -37.26 -12.43 4.62
C TYR D 242 -38.52 -11.57 4.42
N GLN D 243 -39.10 -11.68 3.22
CA GLN D 243 -40.28 -10.91 2.88
C GLN D 243 -41.51 -11.44 3.59
N GLU D 244 -41.66 -12.76 3.57
CA GLU D 244 -42.84 -13.42 4.15
C GLU D 244 -42.86 -13.33 5.68
N ALA D 245 -41.74 -13.61 6.32
CA ALA D 245 -41.61 -13.60 7.78
C ALA D 245 -42.67 -14.43 8.47
N ALA D 246 -42.91 -15.65 7.98
CA ALA D 246 -43.92 -16.50 8.59
C ALA D 246 -43.39 -17.22 9.84
N PRO D 247 -44.08 -17.06 10.97
CA PRO D 247 -43.65 -17.71 12.21
C PRO D 247 -43.68 -19.24 12.09
N ALA D 248 -42.62 -19.88 12.58
CA ALA D 248 -42.49 -21.34 12.58
C ALA D 248 -43.33 -21.98 13.68
N GLN D 249 -44.19 -22.92 13.31
CA GLN D 249 -45.07 -23.58 14.28
C GLN D 249 -44.38 -24.73 15.00
N SER D 250 -43.20 -25.09 14.51
CA SER D 250 -42.39 -26.15 15.07
C SER D 250 -40.97 -26.02 14.52
N ASP D 251 -40.09 -26.95 14.87
CA ASP D 251 -38.69 -26.87 14.44
C ASP D 251 -38.44 -27.47 13.05
N VAL D 252 -39.42 -28.20 12.53
CA VAL D 252 -39.23 -28.87 11.24
C VAL D 252 -40.43 -28.72 10.31
N ALA D 253 -40.18 -28.26 9.10
CA ALA D 253 -41.22 -28.10 8.09
C ALA D 253 -41.09 -29.20 7.06
N LEU D 254 -42.19 -29.88 6.77
CA LEU D 254 -42.19 -31.01 5.85
C LEU D 254 -42.44 -30.56 4.42
N LEU D 255 -41.45 -30.77 3.54
CA LEU D 255 -41.60 -30.45 2.13
C LEU D 255 -41.73 -31.70 1.28
N ARG D 256 -42.57 -31.64 0.26
CA ARG D 256 -42.63 -32.70 -0.74
C ARG D 256 -42.16 -32.11 -2.07
N PHE D 257 -41.29 -32.84 -2.78
CA PHE D 257 -40.85 -32.41 -4.09
C PHE D 257 -41.78 -33.02 -5.12
N VAL D 258 -42.56 -32.17 -5.77
CA VAL D 258 -43.65 -32.63 -6.62
C VAL D 258 -43.38 -32.44 -8.10
N ASN D 259 -43.80 -33.42 -8.90
CA ASN D 259 -43.81 -33.27 -10.36
C ASN D 259 -45.21 -32.86 -10.79
N PRO D 260 -45.37 -31.59 -11.18
CA PRO D 260 -46.70 -31.10 -11.53
C PRO D 260 -47.26 -31.77 -12.78
N ASP D 261 -46.40 -32.34 -13.62
CA ASP D 261 -46.88 -32.99 -14.83
C ASP D 261 -47.72 -34.24 -14.52
N THR D 262 -47.47 -34.83 -13.36
CA THR D 262 -48.12 -36.09 -13.00
C THR D 262 -48.77 -36.01 -11.63
N GLY D 263 -48.36 -35.03 -10.84
CA GLY D 263 -48.87 -34.88 -9.49
C GLY D 263 -48.19 -35.85 -8.53
N ARG D 264 -47.25 -36.64 -9.03
CA ARG D 264 -46.55 -37.60 -8.19
C ARG D 264 -45.41 -36.96 -7.41
N VAL D 265 -45.22 -37.40 -6.17
CA VAL D 265 -44.10 -36.93 -5.35
C VAL D 265 -42.83 -37.77 -5.56
N LEU D 266 -41.71 -37.10 -5.81
CA LEU D 266 -40.44 -37.80 -6.02
C LEU D 266 -39.80 -38.20 -4.70
N PHE D 267 -39.72 -37.25 -3.78
CA PHE D 267 -39.23 -37.50 -2.42
C PHE D 267 -39.74 -36.44 -1.47
N GLU D 268 -39.65 -36.72 -0.17
CA GLU D 268 -40.04 -35.72 0.80
C GLU D 268 -38.80 -35.35 1.58
N CYS D 269 -38.83 -34.20 2.24
CA CYS D 269 -37.67 -33.77 2.99
C CYS D 269 -38.06 -32.78 4.07
N LYS D 270 -37.15 -32.60 5.01
CA LYS D 270 -37.33 -31.70 6.13
C LYS D 270 -36.64 -30.36 5.89
N LEU D 271 -37.38 -29.28 6.06
CA LEU D 271 -36.79 -27.95 6.06
C LEU D 271 -36.75 -27.45 7.50
N HIS D 272 -35.55 -27.34 8.05
CA HIS D 272 -35.37 -26.98 9.45
C HIS D 272 -35.51 -25.48 9.69
N LYS D 273 -36.09 -25.15 10.84
CA LYS D 273 -36.29 -23.76 11.23
C LYS D 273 -35.04 -22.91 11.05
N SER D 274 -33.91 -23.40 11.55
CA SER D 274 -32.63 -22.68 11.49
C SER D 274 -32.11 -22.48 10.07
N GLY D 275 -32.71 -23.16 9.09
CA GLY D 275 -32.44 -22.86 7.71
C GLY D 275 -31.57 -23.81 6.91
N TYR D 276 -31.93 -25.09 6.92
CA TYR D 276 -31.26 -26.08 6.07
C TYR D 276 -32.21 -27.25 5.80
N VAL D 277 -31.85 -28.10 4.84
CA VAL D 277 -32.73 -29.20 4.41
C VAL D 277 -32.05 -30.55 4.56
N THR D 278 -32.79 -31.55 5.04
CA THR D 278 -32.23 -32.91 5.10
C THR D 278 -33.11 -33.96 4.41
N VAL D 279 -32.47 -35.03 3.92
CA VAL D 279 -33.18 -36.14 3.32
C VAL D 279 -32.70 -37.48 3.86
N ALA D 280 -33.53 -38.51 3.70
CA ALA D 280 -33.19 -39.86 4.13
C ALA D 280 -32.50 -40.63 3.02
N HIS D 281 -31.17 -40.63 3.05
CA HIS D 281 -30.37 -41.31 2.03
C HIS D 281 -28.95 -41.47 2.55
N THR D 282 -28.28 -42.52 2.10
CA THR D 282 -26.91 -42.73 2.51
C THR D 282 -25.99 -42.79 1.29
N GLY D 283 -25.09 -41.83 1.21
CA GLY D 283 -24.10 -41.79 0.14
C GLY D 283 -24.23 -40.56 -0.72
N GLN D 284 -23.19 -40.28 -1.49
CA GLN D 284 -23.23 -39.19 -2.46
C GLN D 284 -24.23 -39.56 -3.54
N HIS D 285 -25.02 -38.59 -3.98
CA HIS D 285 -26.02 -38.87 -5.00
C HIS D 285 -26.50 -37.61 -5.68
N ASP D 286 -26.39 -37.62 -7.01
CA ASP D 286 -26.95 -36.58 -7.86
C ASP D 286 -28.41 -36.91 -8.12
N LEU D 287 -29.31 -36.08 -7.62
CA LEU D 287 -30.74 -36.34 -7.78
C LEU D 287 -31.15 -36.20 -9.25
N VAL D 288 -31.94 -37.14 -9.73
CA VAL D 288 -32.53 -37.04 -11.06
C VAL D 288 -33.94 -36.50 -10.91
N ILE D 289 -34.19 -35.30 -11.43
CA ILE D 289 -35.47 -34.64 -11.25
C ILE D 289 -36.09 -34.20 -12.57
N PRO D 290 -37.42 -34.27 -12.65
CA PRO D 290 -38.17 -33.81 -13.83
C PRO D 290 -38.02 -32.30 -13.93
N PRO D 291 -38.17 -31.75 -15.14
CA PRO D 291 -37.90 -30.33 -15.44
C PRO D 291 -38.74 -29.34 -14.63
N ASN D 292 -40.00 -29.69 -14.36
CA ASN D 292 -40.94 -28.76 -13.72
C ASN D 292 -41.14 -28.99 -12.24
N GLY D 293 -40.32 -29.85 -11.65
CA GLY D 293 -40.47 -30.17 -10.25
C GLY D 293 -40.23 -28.98 -9.35
N TYR D 294 -40.90 -28.94 -8.21
CA TYR D 294 -40.73 -27.86 -7.25
C TYR D 294 -41.03 -28.34 -5.84
N PHE D 295 -40.64 -27.54 -4.85
CA PHE D 295 -40.88 -27.89 -3.46
C PHE D 295 -42.23 -27.38 -2.97
N ARG D 296 -42.87 -28.19 -2.14
CA ARG D 296 -44.18 -27.84 -1.62
C ARG D 296 -44.26 -28.07 -0.11
N PHE D 297 -44.63 -27.03 0.63
CA PHE D 297 -44.82 -27.15 2.07
C PHE D 297 -46.15 -27.81 2.37
N ASP D 298 -46.11 -28.89 3.14
CA ASP D 298 -47.33 -29.63 3.41
C ASP D 298 -47.79 -29.49 4.85
N SER D 299 -46.86 -29.56 5.80
CA SER D 299 -47.19 -29.32 7.22
C SER D 299 -46.00 -29.22 8.15
N TRP D 300 -46.24 -28.66 9.34
CA TRP D 300 -45.24 -28.67 10.39
C TRP D 300 -45.27 -30.02 11.09
N VAL D 301 -44.08 -30.54 11.38
CA VAL D 301 -43.98 -31.82 12.08
C VAL D 301 -43.12 -31.70 13.32
N ASN D 302 -43.24 -32.69 14.20
CA ASN D 302 -42.39 -32.78 15.38
C ASN D 302 -41.04 -33.35 15.01
N GLN D 303 -40.28 -33.73 16.03
CA GLN D 303 -38.91 -34.12 15.83
C GLN D 303 -38.80 -35.62 15.67
N PHE D 304 -39.94 -36.29 15.73
CA PHE D 304 -39.98 -37.73 15.64
C PHE D 304 -40.52 -38.22 14.30
N TYR D 305 -40.58 -37.34 13.32
CA TYR D 305 -41.06 -37.71 11.99
C TYR D 305 -39.99 -38.48 11.18
N THR D 306 -40.34 -39.67 10.70
CA THR D 306 -39.40 -40.46 9.90
C THR D 306 -39.65 -40.24 8.40
N LEU D 307 -38.67 -39.70 7.69
CA LEU D 307 -38.86 -39.41 6.27
C LEU D 307 -38.94 -40.68 5.44
N ALA D 308 -39.72 -40.65 4.37
CA ALA D 308 -39.69 -41.76 3.42
C ALA D 308 -38.35 -41.74 2.74
N PRO D 309 -37.67 -42.89 2.69
CA PRO D 309 -36.32 -42.97 2.13
C PRO D 309 -36.26 -42.47 0.69
N MET D 310 -35.21 -41.70 0.41
CA MET D 310 -35.03 -41.07 -0.87
C MET D 310 -34.22 -41.99 -1.79
N GLN E 1 42.59 19.34 20.46
CA GLN E 1 43.70 19.91 19.68
C GLN E 1 43.90 19.14 18.38
N VAL E 2 43.33 19.66 17.29
CA VAL E 2 43.44 18.97 16.01
C VAL E 2 44.64 19.48 15.24
N GLN E 3 45.44 18.53 14.76
CA GLN E 3 46.65 18.84 14.01
C GLN E 3 46.90 17.86 12.86
N LEU E 4 47.14 18.37 11.66
CA LEU E 4 47.63 17.52 10.57
C LEU E 4 49.11 17.79 10.35
N GLN E 5 49.91 16.74 10.53
CA GLN E 5 51.36 16.82 10.34
C GLN E 5 51.75 16.05 9.10
N GLN E 6 52.42 16.73 8.17
CA GLN E 6 52.80 16.12 6.89
C GLN E 6 54.26 15.68 6.88
N SER E 7 54.58 14.85 5.89
CA SER E 7 55.94 14.38 5.69
C SER E 7 56.84 15.51 5.22
N GLY E 8 58.16 15.29 5.30
CA GLY E 8 59.13 16.31 4.99
C GLY E 8 59.24 16.62 3.50
N ALA E 9 60.06 17.60 3.17
CA ALA E 9 60.29 17.97 1.77
C ALA E 9 60.88 16.83 0.97
N GLU E 10 60.48 16.74 -0.30
CA GLU E 10 60.94 15.68 -1.19
C GLU E 10 61.58 16.29 -2.42
N LEU E 11 62.69 15.70 -2.84
CA LEU E 11 63.35 16.06 -4.10
C LEU E 11 63.46 14.79 -4.93
N MET E 12 62.70 14.73 -6.02
CA MET E 12 62.60 13.52 -6.81
C MET E 12 63.01 13.74 -8.26
N LYS E 13 63.58 12.71 -8.88
CA LYS E 13 63.91 12.75 -10.29
C LYS E 13 62.64 12.62 -11.15
N PRO E 14 62.66 13.19 -12.36
CA PRO E 14 61.51 13.07 -13.27
C PRO E 14 61.22 11.61 -13.64
N GLY E 15 59.95 11.23 -13.69
CA GLY E 15 59.56 9.87 -14.02
C GLY E 15 59.37 8.99 -12.80
N ALA E 16 59.83 9.47 -11.65
CA ALA E 16 59.73 8.71 -10.40
C ALA E 16 58.36 8.87 -9.75
N SER E 17 58.18 8.19 -8.61
CA SER E 17 56.94 8.27 -7.84
C SER E 17 57.24 8.62 -6.38
N VAL E 18 56.47 9.54 -5.81
CA VAL E 18 56.64 9.90 -4.41
C VAL E 18 55.34 9.71 -3.63
N LYS E 19 55.46 9.40 -2.35
CA LYS E 19 54.30 9.26 -1.47
C LYS E 19 54.39 10.25 -0.32
N ILE E 20 53.40 11.12 -0.22
CA ILE E 20 53.38 12.12 0.83
C ILE E 20 52.49 11.63 1.97
N SER E 21 52.99 11.76 3.19
CA SER E 21 52.25 11.27 4.36
C SER E 21 51.50 12.41 5.03
N CYS E 22 50.31 12.10 5.53
CA CYS E 22 49.54 13.05 6.31
C CYS E 22 49.00 12.35 7.53
N THR E 23 49.63 12.59 8.68
CA THR E 23 49.27 11.92 9.92
C THR E 23 48.30 12.78 10.74
N ALA E 24 47.10 12.25 10.97
CA ALA E 24 46.08 13.02 11.66
C ALA E 24 45.99 12.65 13.13
N THR E 25 45.98 13.67 13.99
CA THR E 25 45.80 13.47 15.42
C THR E 25 44.72 14.43 15.93
N GLY E 26 44.03 14.03 16.99
CA GLY E 26 43.07 14.91 17.63
C GLY E 26 41.61 14.62 17.33
N TYR E 27 41.36 13.60 16.50
CA TYR E 27 39.99 13.20 16.21
C TYR E 27 39.93 11.77 15.69
N THR E 28 38.72 11.25 15.55
CA THR E 28 38.54 9.92 14.99
C THR E 28 38.80 9.96 13.48
N PHE E 29 39.91 9.36 13.08
CA PHE E 29 40.46 9.46 11.73
C PHE E 29 39.44 9.10 10.64
N ILE E 30 38.68 8.05 10.86
CA ILE E 30 37.77 7.51 9.84
C ILE E 30 36.42 8.24 9.78
N THR E 31 36.32 9.36 10.51
CA THR E 31 35.06 10.07 10.66
C THR E 31 34.99 11.25 9.70
N TYR E 32 36.16 11.74 9.29
CA TYR E 32 36.22 12.92 8.43
C TYR E 32 36.94 12.64 7.12
N TRP E 33 36.53 13.38 6.08
CA TRP E 33 37.19 13.36 4.78
C TRP E 33 38.48 14.16 4.80
N ILE E 34 39.45 13.73 3.99
CA ILE E 34 40.69 14.48 3.81
C ILE E 34 40.72 15.13 2.43
N GLN E 35 41.08 16.41 2.35
CA GLN E 35 41.26 17.07 1.07
C GLN E 35 42.74 17.24 0.73
N TRP E 36 43.08 17.10 -0.55
CA TRP E 36 44.44 17.32 -0.99
C TRP E 36 44.49 18.46 -1.97
N VAL E 37 45.36 19.44 -1.71
CA VAL E 37 45.41 20.64 -2.50
C VAL E 37 46.82 20.92 -3.01
N LYS E 38 46.91 21.35 -4.26
CA LYS E 38 48.19 21.66 -4.89
C LYS E 38 48.32 23.17 -5.04
N GLN E 39 49.51 23.70 -4.75
CA GLN E 39 49.79 25.13 -4.91
C GLN E 39 51.05 25.40 -5.70
N ARG E 40 50.91 25.82 -6.95
CA ARG E 40 52.09 26.23 -7.71
C ARG E 40 52.20 27.75 -7.63
N PRO E 41 53.44 28.27 -7.54
CA PRO E 41 53.75 29.70 -7.41
C PRO E 41 52.92 30.60 -8.32
N GLY E 42 52.76 30.21 -9.59
CA GLY E 42 52.05 31.03 -10.55
C GLY E 42 50.70 30.48 -10.99
N HIS E 43 50.23 29.44 -10.32
CA HIS E 43 48.99 28.77 -10.74
C HIS E 43 47.95 28.71 -9.62
N GLY E 44 48.14 29.51 -8.57
CA GLY E 44 47.21 29.58 -7.46
C GLY E 44 46.93 28.24 -6.79
N LEU E 45 45.70 28.05 -6.34
CA LEU E 45 45.32 26.82 -5.64
C LEU E 45 44.49 25.89 -6.52
N GLU E 46 44.77 24.59 -6.41
CA GLU E 46 44.08 23.57 -7.19
C GLU E 46 43.70 22.37 -6.34
N TRP E 47 42.45 21.93 -6.49
CA TRP E 47 41.93 20.82 -5.70
C TRP E 47 42.15 19.49 -6.41
N ILE E 48 42.90 18.60 -5.77
CA ILE E 48 43.24 17.31 -6.35
C ILE E 48 42.13 16.29 -6.15
N GLY E 49 41.64 16.19 -4.93
CA GLY E 49 40.57 15.28 -4.63
C GLY E 49 40.33 15.11 -3.15
N GLU E 50 39.50 14.14 -2.81
CA GLU E 50 39.19 13.86 -1.41
C GLU E 50 39.01 12.37 -1.20
N THR E 51 39.20 11.94 0.04
CA THR E 51 39.03 10.56 0.41
C THR E 51 38.51 10.42 1.83
N LEU E 52 37.75 9.36 2.08
CA LEU E 52 37.29 9.04 3.41
C LEU E 52 38.03 7.81 3.90
N PRO E 53 39.03 8.00 4.77
CA PRO E 53 39.94 6.95 5.24
C PRO E 53 39.22 5.73 5.83
N GLY E 54 39.67 4.55 5.42
CA GLY E 54 39.13 3.28 5.88
C GLY E 54 38.02 2.77 4.99
N SER E 55 37.53 3.63 4.11
CA SER E 55 36.53 3.25 3.12
C SER E 55 37.16 3.31 1.74
N GLY E 56 36.49 2.77 0.74
CA GLY E 56 37.02 2.77 -0.60
C GLY E 56 36.63 4.01 -1.38
N SER E 57 35.74 4.81 -0.80
CA SER E 57 35.21 5.99 -1.46
C SER E 57 36.24 7.10 -1.64
N THR E 58 36.43 7.51 -2.90
CA THR E 58 37.35 8.57 -3.27
C THR E 58 36.75 9.42 -4.38
N ASN E 59 36.99 10.72 -4.35
CA ASN E 59 36.60 11.58 -5.46
C ASN E 59 37.79 12.37 -5.98
N TYR E 60 38.19 12.08 -7.21
CA TYR E 60 39.32 12.75 -7.83
C TYR E 60 38.84 13.84 -8.77
N ASN E 61 39.59 14.94 -8.83
CA ASN E 61 39.44 15.90 -9.91
C ASN E 61 39.86 15.22 -11.21
N GLU E 62 39.06 15.38 -12.26
CA GLU E 62 39.32 14.72 -13.55
C GLU E 62 40.75 14.99 -14.06
N LYS E 63 41.27 16.19 -13.79
CA LYS E 63 42.61 16.55 -14.19
C LYS E 63 43.66 15.66 -13.52
N PHE E 64 43.31 15.09 -12.38
CA PHE E 64 44.25 14.31 -11.57
C PHE E 64 43.95 12.81 -11.48
N LYS E 65 42.89 12.36 -12.16
CA LYS E 65 42.45 10.96 -12.05
C LYS E 65 43.45 9.92 -12.58
N GLY E 66 44.70 10.33 -12.78
CA GLY E 66 45.73 9.43 -13.27
C GLY E 66 47.07 9.71 -12.61
N LYS E 67 47.19 10.88 -12.00
CA LYS E 67 48.44 11.29 -11.38
C LYS E 67 48.41 11.01 -9.88
N ALA E 68 47.26 11.24 -9.25
CA ALA E 68 47.16 11.08 -7.80
C ALA E 68 46.40 9.82 -7.41
N THR E 69 46.92 9.12 -6.42
CA THR E 69 46.27 7.95 -5.84
C THR E 69 46.18 8.11 -4.32
N PHE E 70 44.99 7.90 -3.78
CA PHE E 70 44.78 8.00 -2.34
C PHE E 70 44.77 6.62 -1.70
N THR E 71 45.55 6.49 -0.63
CA THR E 71 45.54 5.30 0.19
C THR E 71 45.56 5.75 1.65
N ALA E 72 45.32 4.80 2.55
CA ALA E 72 45.31 5.07 4.00
C ALA E 72 45.64 3.81 4.81
N ASP E 73 46.35 3.96 5.92
CA ASP E 73 46.40 2.84 6.83
C ASP E 73 45.90 3.40 8.13
N THR E 74 44.76 2.86 8.53
CA THR E 74 44.02 3.27 9.70
C THR E 74 44.70 2.97 11.02
N SER E 75 45.56 1.95 11.02
CA SER E 75 46.35 1.59 12.19
C SER E 75 47.15 2.77 12.73
N SER E 76 47.71 3.58 11.84
CA SER E 76 48.63 4.64 12.24
C SER E 76 48.05 6.05 12.07
N ASN E 77 46.75 6.12 11.75
CA ASN E 77 46.07 7.41 11.53
C ASN E 77 46.75 8.26 10.47
N THR E 78 47.25 7.63 9.40
CA THR E 78 47.97 8.36 8.38
C THR E 78 47.30 8.20 7.02
N ALA E 79 47.15 9.30 6.30
CA ALA E 79 46.65 9.27 4.93
C ALA E 79 47.80 9.53 3.96
N TYR E 80 47.84 8.76 2.87
CA TYR E 80 48.93 8.87 1.91
C TYR E 80 48.43 9.31 0.53
N MET E 81 49.19 10.16 -0.14
CA MET E 81 48.93 10.48 -1.53
C MET E 81 50.15 10.15 -2.38
N GLN E 82 49.94 9.38 -3.44
CA GLN E 82 51.04 9.04 -4.35
C GLN E 82 50.85 9.72 -5.71
N LEU E 83 51.92 10.37 -6.18
CA LEU E 83 51.92 11.02 -7.49
C LEU E 83 52.85 10.29 -8.48
N SER E 84 52.32 9.92 -9.63
CA SER E 84 53.09 9.16 -10.63
C SER E 84 53.61 10.03 -11.78
N SER E 85 54.66 9.55 -12.45
CA SER E 85 55.25 10.20 -13.63
C SER E 85 55.52 11.70 -13.45
N LEU E 86 56.39 12.04 -12.52
CA LEU E 86 56.63 13.44 -12.14
C LEU E 86 57.33 14.22 -13.25
N THR E 87 56.85 15.44 -13.49
CA THR E 87 57.51 16.37 -14.40
C THR E 87 57.82 17.66 -13.64
N SER E 88 58.45 18.62 -14.33
CA SER E 88 58.82 19.87 -13.70
C SER E 88 57.59 20.68 -13.26
N GLU E 89 56.45 20.40 -13.91
CA GLU E 89 55.20 21.08 -13.59
C GLU E 89 54.51 20.51 -12.36
N ASP E 90 55.12 19.50 -11.74
CA ASP E 90 54.58 18.96 -10.49
C ASP E 90 55.28 19.57 -9.28
N SER E 91 56.33 20.35 -9.54
CA SER E 91 57.00 21.09 -8.48
C SER E 91 56.02 22.11 -7.91
N ALA E 92 55.59 21.88 -6.68
CA ALA E 92 54.60 22.73 -6.04
C ALA E 92 54.55 22.44 -4.55
N ILE E 93 53.73 23.19 -3.82
CA ILE E 93 53.47 22.88 -2.42
C ILE E 93 52.17 22.10 -2.32
N TYR E 94 52.22 20.95 -1.67
CA TYR E 94 51.03 20.09 -1.54
C TYR E 94 50.50 20.08 -0.11
N TYR E 95 49.19 20.30 0.03
CA TYR E 95 48.56 20.32 1.35
C TYR E 95 47.58 19.15 1.55
N CYS E 96 47.52 18.65 2.79
CA CYS E 96 46.37 17.86 3.21
C CYS E 96 45.56 18.73 4.15
N ALA E 97 44.24 18.65 4.04
CA ALA E 97 43.39 19.53 4.84
C ALA E 97 42.07 18.87 5.20
N ARG E 98 41.63 19.10 6.42
CA ARG E 98 40.29 18.76 6.86
C ARG E 98 39.44 20.03 6.68
N ILE E 99 38.70 20.10 5.58
CA ILE E 99 37.98 21.32 5.21
C ILE E 99 36.55 21.30 5.68
N GLY E 100 36.22 22.21 6.59
CA GLY E 100 34.90 22.25 7.18
C GLY E 100 33.99 23.32 6.61
N ARG E 101 32.97 23.68 7.37
CA ARG E 101 32.03 24.72 6.98
C ARG E 101 32.52 26.09 7.45
N SER E 102 32.85 26.20 8.74
CA SER E 102 33.20 27.49 9.31
C SER E 102 34.71 27.66 9.49
N ASN E 103 35.42 26.54 9.61
CA ASN E 103 36.88 26.56 9.74
C ASN E 103 37.53 25.33 9.14
N ASP E 104 38.84 25.40 8.94
CA ASP E 104 39.59 24.27 8.41
C ASP E 104 40.74 23.90 9.33
N TYR E 105 41.38 22.77 9.03
CA TYR E 105 42.66 22.42 9.65
C TYR E 105 43.59 21.91 8.56
N TRP E 106 44.62 22.71 8.26
CA TRP E 106 45.56 22.41 7.18
C TRP E 106 46.88 21.90 7.70
N GLY E 107 47.50 21.00 6.95
CA GLY E 107 48.85 20.57 7.24
C GLY E 107 49.81 21.72 7.01
N GLN E 108 51.06 21.56 7.44
CA GLN E 108 52.05 22.63 7.31
C GLN E 108 52.52 22.72 5.87
N GLY E 109 52.24 21.67 5.10
CA GLY E 109 52.63 21.61 3.69
C GLY E 109 53.83 20.72 3.46
N THR E 110 53.85 20.05 2.31
CA THR E 110 54.99 19.23 1.91
C THR E 110 55.51 19.75 0.58
N THR E 111 56.77 20.18 0.57
CA THR E 111 57.37 20.74 -0.63
C THR E 111 57.95 19.65 -1.52
N LEU E 112 57.50 19.62 -2.75
CA LEU E 112 58.00 18.68 -3.75
C LEU E 112 58.74 19.43 -4.84
N THR E 113 59.96 18.99 -5.13
CA THR E 113 60.74 19.58 -6.20
C THR E 113 61.11 18.50 -7.21
N VAL E 114 60.78 18.71 -8.48
CA VAL E 114 61.17 17.78 -9.53
C VAL E 114 62.27 18.36 -10.41
N SER E 115 63.44 17.72 -10.37
CA SER E 115 64.63 18.17 -11.09
C SER E 115 65.68 17.06 -11.21
N SER E 116 66.42 17.09 -12.31
CA SER E 116 67.51 16.15 -12.54
C SER E 116 68.85 16.69 -12.03
N ALA E 117 68.82 17.91 -11.51
CA ALA E 117 70.05 18.55 -11.06
C ALA E 117 70.66 17.87 -9.83
N LYS E 118 71.98 17.79 -9.84
CA LYS E 118 72.75 17.22 -8.75
C LYS E 118 72.92 18.23 -7.63
N THR E 119 72.97 17.75 -6.38
CA THR E 119 73.19 18.64 -5.25
C THR E 119 74.55 19.35 -5.37
N THR E 120 74.51 20.67 -5.37
CA THR E 120 75.68 21.50 -5.65
C THR E 120 75.89 22.59 -4.61
N PRO E 121 77.12 22.71 -4.09
CA PRO E 121 77.42 23.80 -3.16
C PRO E 121 77.50 25.14 -3.87
N PRO E 122 77.13 26.23 -3.18
CA PRO E 122 77.15 27.55 -3.80
C PRO E 122 78.55 28.16 -3.82
N SER E 123 78.85 28.90 -4.88
CA SER E 123 80.04 29.73 -4.90
C SER E 123 79.65 31.11 -4.42
N VAL E 124 80.33 31.60 -3.40
CA VAL E 124 79.96 32.88 -2.79
C VAL E 124 80.97 33.97 -3.10
N TYR E 125 80.50 35.03 -3.75
CA TYR E 125 81.35 36.13 -4.18
C TYR E 125 81.07 37.41 -3.41
N PRO E 126 82.13 38.10 -2.96
CA PRO E 126 81.99 39.37 -2.24
C PRO E 126 81.65 40.51 -3.19
N LEU E 127 80.84 41.45 -2.72
CA LEU E 127 80.50 42.65 -3.50
C LEU E 127 80.90 43.92 -2.78
N ALA E 128 81.99 44.53 -3.24
CA ALA E 128 82.49 45.76 -2.64
C ALA E 128 82.45 46.87 -3.67
N PRO E 129 82.21 48.11 -3.23
CA PRO E 129 82.15 49.27 -4.14
C PRO E 129 83.46 49.48 -4.88
N MET E 138 77.37 56.03 5.30
CA MET E 138 76.31 55.15 4.83
C MET E 138 76.72 54.49 3.48
N VAL E 139 77.24 53.27 3.57
CA VAL E 139 77.65 52.53 2.38
C VAL E 139 77.02 51.12 2.36
N THR E 140 76.58 50.69 1.18
CA THR E 140 75.92 49.40 1.02
C THR E 140 76.88 48.37 0.43
N LEU E 141 76.99 47.24 1.12
CA LEU E 141 77.80 46.11 0.69
C LEU E 141 76.90 44.97 0.25
N GLY E 142 77.49 43.90 -0.27
CA GLY E 142 76.70 42.81 -0.81
C GLY E 142 77.33 41.44 -0.80
N CYS E 143 76.49 40.43 -1.07
CA CYS E 143 76.91 39.04 -1.14
C CYS E 143 76.20 38.33 -2.30
N LEU E 144 76.98 37.69 -3.17
CA LEU E 144 76.41 37.00 -4.33
C LEU E 144 76.51 35.48 -4.24
N VAL E 145 75.36 34.83 -4.06
CA VAL E 145 75.31 33.38 -3.96
C VAL E 145 74.83 32.74 -5.28
N LYS E 146 75.76 32.11 -5.99
CA LYS E 146 75.47 31.68 -7.36
C LYS E 146 75.66 30.17 -7.59
N GLY E 147 74.75 29.59 -8.36
CA GLY E 147 74.88 28.20 -8.83
C GLY E 147 74.78 27.08 -7.80
N TYR E 148 73.71 27.07 -7.03
CA TYR E 148 73.49 26.01 -6.05
C TYR E 148 72.19 25.27 -6.27
N PHE E 149 72.08 24.10 -5.64
CA PHE E 149 70.87 23.31 -5.72
C PHE E 149 70.81 22.25 -4.62
N PRO E 150 69.66 22.15 -3.96
CA PRO E 150 68.55 23.08 -4.18
C PRO E 150 68.53 24.16 -3.12
N GLU E 151 67.45 24.94 -3.14
CA GLU E 151 67.20 25.90 -2.07
C GLU E 151 66.81 25.17 -0.79
N PRO E 152 67.03 25.81 0.37
CA PRO E 152 67.46 27.19 0.60
C PRO E 152 68.94 27.39 0.95
N VAL E 153 69.34 28.65 1.01
CA VAL E 153 70.59 29.04 1.65
C VAL E 153 70.27 30.00 2.80
N THR E 154 71.14 30.04 3.81
CA THR E 154 70.98 30.97 4.93
C THR E 154 72.03 32.07 4.85
N VAL E 155 71.57 33.31 4.76
CA VAL E 155 72.50 34.44 4.69
C VAL E 155 72.36 35.36 5.89
N THR E 156 73.46 35.53 6.60
CA THR E 156 73.52 36.44 7.74
C THR E 156 74.75 37.34 7.64
N TRP E 157 74.78 38.41 8.42
CA TRP E 157 75.89 39.35 8.42
C TRP E 157 76.55 39.47 9.80
N SER E 161 74.92 38.21 12.77
CA SER E 161 75.04 39.05 13.95
C SER E 161 74.36 40.41 13.76
N LEU E 162 74.61 41.02 12.61
CA LEU E 162 73.97 42.29 12.25
C LEU E 162 72.77 42.05 11.36
N SER E 163 71.59 42.52 11.78
CA SER E 163 70.37 42.20 11.05
C SER E 163 69.72 43.43 10.43
N SER E 164 69.68 44.54 11.16
CA SER E 164 69.12 45.75 10.57
C SER E 164 70.25 46.67 10.10
N GLY E 165 70.10 47.29 8.93
CA GLY E 165 69.11 46.91 7.95
C GLY E 165 69.76 46.00 6.91
N VAL E 166 69.10 44.90 6.59
CA VAL E 166 69.61 43.88 5.68
C VAL E 166 68.53 43.35 4.73
N HIS E 167 68.83 43.34 3.44
CA HIS E 167 67.90 42.80 2.45
C HIS E 167 68.46 41.56 1.79
N THR E 168 67.75 40.44 1.93
CA THR E 168 68.09 39.22 1.22
C THR E 168 67.00 38.90 0.19
N PHE E 169 67.39 38.89 -1.07
CA PHE E 169 66.43 38.77 -2.17
C PHE E 169 66.13 37.32 -2.49
N PRO E 170 64.89 37.05 -2.92
CA PRO E 170 64.54 35.70 -3.38
C PRO E 170 65.45 35.27 -4.52
N ALA E 171 65.92 34.03 -4.47
CA ALA E 171 66.79 33.46 -5.50
C ALA E 171 66.02 33.20 -6.79
N VAL E 172 66.71 33.18 -7.92
CA VAL E 172 66.11 32.93 -9.24
C VAL E 172 66.79 31.74 -9.89
N LEU E 173 66.03 30.89 -10.58
CA LEU E 173 66.59 29.67 -11.18
C LEU E 173 67.16 29.96 -12.57
N GLN E 174 68.45 29.71 -12.74
CA GLN E 174 69.10 29.91 -14.03
C GLN E 174 69.83 28.65 -14.47
N SER E 175 69.23 27.91 -15.40
CA SER E 175 69.84 26.72 -15.99
C SER E 175 70.08 25.61 -14.97
N ASP E 176 68.99 25.12 -14.37
CA ASP E 176 69.01 24.06 -13.36
C ASP E 176 69.83 24.39 -12.10
N LEU E 177 70.09 25.68 -11.87
CA LEU E 177 70.82 26.11 -10.69
C LEU E 177 70.27 27.44 -10.16
N TYR E 178 70.16 27.56 -8.84
CA TYR E 178 69.61 28.75 -8.22
C TYR E 178 70.69 29.80 -7.97
N THR E 179 70.32 31.07 -8.07
CA THR E 179 71.21 32.18 -7.77
C THR E 179 70.53 33.23 -6.88
N LEU E 180 71.23 33.71 -5.86
CA LEU E 180 70.65 34.58 -4.84
C LEU E 180 71.54 35.79 -4.51
N SER E 181 70.94 36.84 -3.98
CA SER E 181 71.67 38.06 -3.64
C SER E 181 71.36 38.56 -2.22
N SER E 182 72.33 39.23 -1.61
CA SER E 182 72.16 39.81 -0.27
C SER E 182 72.74 41.23 -0.15
N SER E 183 72.00 42.11 0.50
CA SER E 183 72.46 43.48 0.78
C SER E 183 72.70 43.70 2.26
N VAL E 184 73.72 44.50 2.59
CA VAL E 184 73.98 44.93 3.97
C VAL E 184 74.25 46.43 3.94
N THR E 185 73.63 47.17 4.87
CA THR E 185 73.81 48.61 4.93
C THR E 185 74.39 49.09 6.25
N VAL E 186 75.50 49.83 6.18
CA VAL E 186 76.16 50.36 7.38
C VAL E 186 76.49 51.84 7.21
N THR E 195 85.15 45.33 10.65
CA THR E 195 85.13 44.23 9.71
C THR E 195 83.71 43.74 9.44
N VAL E 196 83.39 43.57 8.16
CA VAL E 196 82.09 43.06 7.74
C VAL E 196 82.22 41.72 7.03
N THR E 197 81.58 40.69 7.56
CA THR E 197 81.72 39.34 7.04
C THR E 197 80.38 38.73 6.64
N CYS E 198 80.32 38.19 5.43
CA CYS E 198 79.15 37.49 4.92
C CYS E 198 79.13 36.04 5.37
N ASN E 199 78.03 35.61 5.99
CA ASN E 199 77.90 34.23 6.42
C ASN E 199 76.83 33.48 5.62
N VAL E 200 77.29 32.61 4.72
CA VAL E 200 76.38 31.88 3.85
C VAL E 200 76.41 30.38 4.18
N ALA E 201 75.24 29.79 4.39
CA ALA E 201 75.13 28.37 4.71
C ALA E 201 74.23 27.63 3.72
N HIS E 202 74.67 26.45 3.30
CA HIS E 202 73.87 25.60 2.42
C HIS E 202 73.72 24.21 3.03
N PRO E 203 72.60 23.98 3.72
CA PRO E 203 72.27 22.78 4.49
C PRO E 203 72.44 21.48 3.71
N ALA E 204 71.99 21.44 2.46
CA ALA E 204 72.07 20.22 1.65
C ALA E 204 73.50 19.75 1.42
N SER E 205 74.40 20.71 1.20
CA SER E 205 75.80 20.39 0.90
C SER E 205 76.68 20.31 2.14
N SER E 206 76.10 20.62 3.30
CA SER E 206 76.86 20.69 4.56
C SER E 206 78.04 21.64 4.44
N THR E 207 77.80 22.79 3.79
CA THR E 207 78.85 23.75 3.48
C THR E 207 78.62 25.09 4.19
N LYS E 208 79.69 25.65 4.75
CA LYS E 208 79.65 26.98 5.36
C LYS E 208 80.82 27.86 4.89
N VAL E 209 80.52 29.08 4.47
CA VAL E 209 81.52 29.99 3.91
C VAL E 209 81.53 31.37 4.57
N ASP E 210 82.69 32.02 4.55
CA ASP E 210 82.85 33.39 5.04
C ASP E 210 83.53 34.29 4.00
N LYS E 211 82.92 35.44 3.69
CA LYS E 211 83.49 36.38 2.72
C LYS E 211 83.64 37.81 3.28
N LYS E 212 84.87 38.30 3.28
CA LYS E 212 85.25 39.63 3.76
C LYS E 212 84.94 40.79 2.79
N ILE E 213 85.40 41.98 3.16
CA ILE E 213 85.27 43.20 2.34
C ILE E 213 86.64 43.76 1.91
N VAL E 214 86.68 44.36 0.73
CA VAL E 214 87.95 44.81 0.14
C VAL E 214 87.78 46.11 -0.66
N GLN F 2 34.08 22.81 -15.77
CA GLN F 2 34.40 23.20 -14.40
C GLN F 2 34.18 24.70 -14.20
N ILE F 3 33.97 25.11 -12.96
CA ILE F 3 33.75 26.51 -12.63
C ILE F 3 35.04 27.31 -12.39
N VAL F 4 35.29 28.30 -13.25
CA VAL F 4 36.47 29.17 -13.17
C VAL F 4 36.19 30.43 -12.34
N LEU F 5 37.01 30.69 -11.33
CA LEU F 5 36.84 31.89 -10.50
C LEU F 5 37.82 33.02 -10.87
N THR F 6 37.29 34.17 -11.23
CA THR F 6 38.12 35.31 -11.66
C THR F 6 38.12 36.48 -10.66
N GLN F 7 39.26 36.70 -10.01
CA GLN F 7 39.38 37.74 -9.00
C GLN F 7 39.94 39.04 -9.56
N SER F 8 39.53 40.16 -8.97
CA SER F 8 39.96 41.47 -9.44
C SER F 8 39.91 42.50 -8.30
N PRO F 9 40.96 43.33 -8.19
CA PRO F 9 42.16 43.25 -9.02
C PRO F 9 43.13 42.17 -8.53
N THR F 10 44.12 41.85 -9.35
CA THR F 10 45.12 40.83 -9.02
C THR F 10 46.04 41.30 -7.89
N ILE F 11 46.32 42.61 -7.90
CA ILE F 11 47.13 43.27 -6.87
C ILE F 11 46.52 44.63 -6.59
N MET F 12 46.51 45.03 -5.32
CA MET F 12 45.98 46.33 -4.94
C MET F 12 46.63 46.79 -3.64
N SER F 13 46.53 48.08 -3.35
CA SER F 13 47.17 48.63 -2.15
C SER F 13 46.23 49.58 -1.41
N ALA F 14 46.41 49.69 -0.10
CA ALA F 14 45.58 50.59 0.69
C ALA F 14 46.32 51.13 1.92
N SER F 15 46.01 52.38 2.27
CA SER F 15 46.57 52.98 3.48
C SER F 15 45.73 52.53 4.67
N PRO F 16 46.33 52.43 5.85
CA PRO F 16 45.56 52.05 7.04
C PRO F 16 44.40 53.01 7.32
N GLY F 17 43.18 52.51 7.29
CA GLY F 17 42.00 53.33 7.51
C GLY F 17 41.13 53.48 6.28
N GLU F 18 41.69 53.17 5.12
CA GLU F 18 40.97 53.22 3.85
C GLU F 18 40.03 52.01 3.69
N LYS F 19 39.05 52.11 2.81
CA LYS F 19 38.16 50.98 2.53
C LYS F 19 38.65 50.13 1.36
N VAL F 20 38.70 48.82 1.58
CA VAL F 20 39.19 47.89 0.56
C VAL F 20 38.07 46.98 0.05
N THR F 21 37.98 46.84 -1.27
CA THR F 21 37.01 45.92 -1.87
C THR F 21 37.64 45.11 -2.98
N MET F 22 37.51 43.79 -2.90
CA MET F 22 37.97 42.91 -3.96
C MET F 22 36.82 42.02 -4.41
N THR F 23 36.77 41.72 -5.70
CA THR F 23 35.63 40.98 -6.25
C THR F 23 36.04 39.64 -6.86
N CYS F 24 35.06 38.74 -6.94
CA CYS F 24 35.24 37.44 -7.57
C CYS F 24 34.09 37.23 -8.53
N SER F 25 34.38 36.88 -9.77
CA SER F 25 33.33 36.65 -10.75
C SER F 25 33.42 35.19 -11.20
N ALA F 26 32.28 34.53 -11.30
CA ALA F 26 32.26 33.10 -11.62
C ALA F 26 31.71 32.82 -13.02
N SER F 27 32.29 31.83 -13.69
CA SER F 27 31.86 31.45 -15.03
C SER F 27 30.42 30.91 -15.02
N SER F 28 30.04 30.33 -13.89
CA SER F 28 28.67 29.84 -13.71
C SER F 28 28.16 30.27 -12.36
N SER F 29 26.86 30.13 -12.14
CA SER F 29 26.26 30.50 -10.87
C SER F 29 26.72 29.59 -9.74
N VAL F 30 26.97 30.18 -8.58
CA VAL F 30 27.28 29.41 -7.38
C VAL F 30 26.32 29.87 -6.27
N ASP F 31 26.17 29.00 -5.27
CA ASP F 31 25.21 29.23 -4.20
C ASP F 31 25.85 29.91 -2.99
N TYR F 32 27.13 29.63 -2.80
CA TYR F 32 27.94 30.31 -1.80
C TYR F 32 29.34 30.54 -2.34
N MET F 33 29.97 31.62 -1.91
CA MET F 33 31.38 31.87 -2.18
C MET F 33 32.13 31.90 -0.84
N HIS F 34 33.30 31.29 -0.79
CA HIS F 34 34.09 31.28 0.42
C HIS F 34 35.42 31.95 0.18
N TRP F 35 36.03 32.48 1.23
CA TRP F 35 37.29 33.20 1.09
C TRP F 35 38.35 32.67 2.04
N TYR F 36 39.58 32.61 1.53
CA TYR F 36 40.74 32.19 2.29
C TYR F 36 41.74 33.34 2.42
N GLN F 37 42.41 33.42 3.56
CA GLN F 37 43.55 34.33 3.72
C GLN F 37 44.84 33.53 3.78
N GLN F 38 45.90 34.05 3.17
CA GLN F 38 47.20 33.41 3.25
C GLN F 38 48.33 34.43 3.31
N LYS F 39 49.25 34.23 4.25
CA LYS F 39 50.44 35.05 4.39
C LYS F 39 51.70 34.25 4.03
N SER F 40 52.82 34.94 3.81
CA SER F 40 54.03 34.26 3.39
C SER F 40 54.44 33.25 4.46
N GLY F 41 54.71 32.02 4.01
CA GLY F 41 55.19 30.99 4.91
C GLY F 41 54.11 30.27 5.69
N THR F 42 52.85 30.65 5.48
CA THR F 42 51.74 30.08 6.23
C THR F 42 50.79 29.29 5.34
N SER F 43 50.05 28.35 5.95
CA SER F 43 49.01 27.62 5.26
C SER F 43 47.80 28.52 5.07
N PRO F 44 46.93 28.22 4.09
CA PRO F 44 45.70 29.00 3.90
C PRO F 44 44.78 28.89 5.11
N LYS F 45 44.13 30.00 5.49
CA LYS F 45 43.16 29.97 6.57
C LYS F 45 41.78 30.33 6.06
N ARG F 46 40.78 29.53 6.39
CA ARG F 46 39.40 29.83 6.06
C ARG F 46 39.01 31.14 6.73
N TRP F 47 38.66 32.14 5.92
CA TRP F 47 38.44 33.49 6.44
C TRP F 47 36.96 33.84 6.50
N ILE F 48 36.30 33.75 5.36
CA ILE F 48 34.87 33.99 5.26
C ILE F 48 34.20 32.80 4.61
N TYR F 49 33.06 32.37 5.16
CA TYR F 49 32.34 31.24 4.60
C TYR F 49 30.87 31.55 4.41
N ASP F 50 30.22 30.80 3.51
CA ASP F 50 28.83 31.03 3.13
C ASP F 50 28.56 32.49 2.76
N THR F 51 29.45 33.05 1.95
CA THR F 51 29.34 34.41 1.37
C THR F 51 29.63 35.53 2.36
N TYR F 52 29.05 35.50 3.55
CA TYR F 52 29.15 36.63 4.46
C TYR F 52 29.59 36.34 5.89
N LYS F 53 29.66 35.05 6.25
CA LYS F 53 29.93 34.66 7.64
C LYS F 53 31.43 34.63 7.98
N LEU F 54 31.78 35.16 9.14
CA LEU F 54 33.17 35.26 9.56
C LEU F 54 33.65 34.01 10.30
N ALA F 55 34.86 33.57 9.97
CA ALA F 55 35.46 32.43 10.65
C ALA F 55 36.01 32.86 12.01
N SER F 56 36.55 31.90 12.77
CA SER F 56 37.00 32.18 14.13
C SER F 56 38.25 33.04 14.15
N GLY F 57 38.20 34.13 14.92
CA GLY F 57 39.35 35.01 15.05
C GLY F 57 39.34 36.13 14.02
N VAL F 58 38.35 36.10 13.14
CA VAL F 58 38.25 37.11 12.10
C VAL F 58 37.61 38.38 12.64
N PRO F 59 38.32 39.52 12.52
CA PRO F 59 37.88 40.83 12.99
C PRO F 59 36.59 41.30 12.29
N ALA F 60 35.79 42.09 12.99
CA ALA F 60 34.49 42.54 12.48
C ALA F 60 34.61 43.51 11.30
N ARG F 61 35.80 44.05 11.07
CA ARG F 61 36.00 44.99 9.97
C ARG F 61 35.87 44.29 8.60
N PHE F 62 36.02 42.97 8.60
CA PHE F 62 35.81 42.18 7.41
C PHE F 62 34.32 41.90 7.16
N SER F 63 33.95 41.78 5.90
CA SER F 63 32.60 41.34 5.52
C SER F 63 32.62 40.81 4.09
N GLY F 64 31.59 40.05 3.73
CA GLY F 64 31.47 39.56 2.39
C GLY F 64 30.04 39.68 1.91
N SER F 65 29.86 39.81 0.60
CA SER F 65 28.54 39.90 0.01
C SER F 65 28.58 39.51 -1.45
N GLY F 66 27.39 39.36 -2.03
CA GLY F 66 27.28 39.01 -3.44
C GLY F 66 26.34 37.83 -3.61
N SER F 67 26.04 37.50 -4.86
CA SER F 67 25.20 36.34 -5.17
C SER F 67 25.36 35.98 -6.63
N GLY F 68 24.92 34.78 -6.99
CA GLY F 68 25.00 34.32 -8.36
C GLY F 68 26.43 34.15 -8.82
N THR F 69 26.92 35.10 -9.61
CA THR F 69 28.27 34.99 -10.16
C THR F 69 29.16 36.15 -9.74
N SER F 70 28.64 37.05 -8.91
CA SER F 70 29.42 38.21 -8.51
C SER F 70 29.46 38.34 -6.99
N TYR F 71 30.66 38.25 -6.43
CA TYR F 71 30.86 38.31 -4.97
C TYR F 71 31.98 39.28 -4.62
N SER F 72 32.02 39.72 -3.37
CA SER F 72 33.06 40.65 -2.94
C SER F 72 33.47 40.44 -1.48
N LEU F 73 34.73 40.79 -1.19
CA LEU F 73 35.22 40.83 0.17
C LEU F 73 35.62 42.26 0.49
N THR F 74 35.30 42.72 1.70
CA THR F 74 35.46 44.13 2.02
C THR F 74 36.01 44.39 3.42
N ILE F 75 36.99 45.30 3.50
CA ILE F 75 37.51 45.77 4.77
C ILE F 75 37.22 47.26 4.89
N ASN F 76 36.29 47.63 5.77
CA ASN F 76 35.87 49.02 5.86
C ASN F 76 36.97 49.96 6.36
N SER F 77 37.92 49.41 7.11
CA SER F 77 39.08 50.20 7.53
C SER F 77 40.30 49.28 7.62
N MET F 78 41.15 49.40 6.60
CA MET F 78 42.38 48.62 6.47
C MET F 78 43.32 48.74 7.67
N GLU F 79 43.89 47.61 8.07
CA GLU F 79 44.99 47.62 9.06
C GLU F 79 46.17 46.82 8.53
N ALA F 80 47.34 47.07 9.10
CA ALA F 80 48.59 46.48 8.63
C ALA F 80 48.59 44.95 8.68
N GLU F 81 48.05 44.39 9.76
CA GLU F 81 47.96 42.94 9.92
C GLU F 81 47.12 42.27 8.83
N ASP F 82 46.30 43.06 8.13
CA ASP F 82 45.38 42.50 7.13
C ASP F 82 46.05 42.32 5.78
N ALA F 83 47.26 42.84 5.65
CA ALA F 83 48.03 42.70 4.41
C ALA F 83 48.37 41.24 4.16
N ALA F 84 47.78 40.67 3.11
CA ALA F 84 47.96 39.25 2.80
C ALA F 84 47.39 38.94 1.41
N THR F 85 47.32 37.66 1.08
CA THR F 85 46.70 37.22 -0.17
C THR F 85 45.39 36.51 0.11
N TYR F 86 44.34 36.89 -0.62
CA TYR F 86 43.01 36.32 -0.41
C TYR F 86 42.53 35.53 -1.63
N TYR F 87 42.12 34.28 -1.41
CA TYR F 87 41.56 33.43 -2.47
C TYR F 87 40.07 33.18 -2.28
N CYS F 88 39.30 33.24 -3.35
CA CYS F 88 37.91 32.82 -3.27
C CYS F 88 37.80 31.34 -3.65
N GLN F 89 36.74 30.69 -3.20
CA GLN F 89 36.62 29.23 -3.31
C GLN F 89 35.14 28.81 -3.33
N GLN F 90 34.81 27.71 -4.05
CA GLN F 90 33.41 27.33 -4.29
C GLN F 90 33.14 25.82 -4.10
N TRP F 91 31.92 25.50 -3.70
CA TRP F 91 31.48 24.10 -3.48
C TRP F 91 30.33 23.67 -4.37
N SER F 92 29.77 24.60 -5.14
CA SER F 92 28.44 24.37 -5.72
C SER F 92 28.47 23.37 -6.87
N SER F 93 29.59 23.35 -7.59
CA SER F 93 29.77 22.39 -8.66
C SER F 93 31.08 21.66 -8.47
N ASN F 94 31.05 20.34 -8.58
CA ASN F 94 32.27 19.55 -8.56
C ASN F 94 32.98 19.72 -9.92
N PRO F 95 34.30 19.92 -9.90
CA PRO F 95 35.20 19.93 -8.75
C PRO F 95 35.29 21.27 -8.03
N LEU F 96 35.67 21.22 -6.75
CA LEU F 96 36.01 22.39 -5.95
C LEU F 96 37.10 23.24 -6.62
N THR F 97 36.92 24.56 -6.68
CA THR F 97 37.91 25.44 -7.30
C THR F 97 38.22 26.70 -6.51
N PHE F 98 39.44 27.20 -6.68
CA PHE F 98 39.85 28.45 -6.05
C PHE F 98 40.00 29.57 -7.08
N GLY F 99 40.03 30.81 -6.61
CA GLY F 99 40.36 31.93 -7.46
C GLY F 99 41.86 32.05 -7.62
N ALA F 100 42.30 32.96 -8.50
CA ALA F 100 43.72 33.17 -8.73
C ALA F 100 44.38 33.90 -7.56
N GLY F 101 43.59 34.66 -6.81
CA GLY F 101 44.06 35.35 -5.63
C GLY F 101 44.18 36.86 -5.79
N THR F 102 44.04 37.58 -4.69
CA THR F 102 44.28 39.03 -4.67
C THR F 102 45.30 39.41 -3.59
N LYS F 103 46.42 39.99 -3.99
CA LYS F 103 47.46 40.41 -3.04
C LYS F 103 47.20 41.80 -2.48
N LEU F 104 46.99 41.88 -1.18
CA LEU F 104 46.73 43.16 -0.54
C LEU F 104 47.99 43.66 0.17
N GLU F 105 48.50 44.79 -0.29
CA GLU F 105 49.68 45.43 0.28
C GLU F 105 49.31 46.78 0.88
N LEU F 106 50.26 47.41 1.56
CA LEU F 106 50.02 48.69 2.23
C LEU F 106 50.48 49.87 1.37
N LYS F 107 49.79 51.00 1.51
CA LYS F 107 50.25 52.24 0.88
C LYS F 107 51.11 53.01 1.86
N ARG F 108 51.93 53.90 1.32
CA ARG F 108 52.97 54.56 2.10
C ARG F 108 53.41 55.81 1.36
N ALA F 109 54.06 56.73 2.07
CA ALA F 109 54.64 57.89 1.41
C ALA F 109 55.66 57.38 0.39
N ASP F 110 55.75 58.04 -0.75
CA ASP F 110 56.70 57.63 -1.77
C ASP F 110 58.11 57.80 -1.25
N ALA F 111 58.99 56.89 -1.66
CA ALA F 111 60.36 56.93 -1.22
C ALA F 111 61.27 56.58 -2.39
N ALA F 112 62.37 57.32 -2.51
CA ALA F 112 63.27 57.15 -3.63
C ALA F 112 64.16 55.94 -3.41
N PRO F 113 64.46 55.20 -4.48
CA PRO F 113 65.34 54.04 -4.38
C PRO F 113 66.75 54.49 -4.09
N THR F 114 67.43 53.79 -3.19
CA THR F 114 68.85 53.98 -2.99
C THR F 114 69.56 53.00 -3.92
N VAL F 115 70.19 53.52 -4.96
CA VAL F 115 70.75 52.67 -6.00
C VAL F 115 72.24 52.41 -5.79
N SER F 116 72.62 51.14 -5.86
CA SER F 116 74.01 50.72 -5.70
C SER F 116 74.43 49.80 -6.83
N ILE F 117 75.62 50.03 -7.38
CA ILE F 117 76.14 49.17 -8.45
C ILE F 117 77.46 48.53 -8.01
N PHE F 118 77.66 47.27 -8.40
CA PHE F 118 78.84 46.52 -7.98
C PHE F 118 79.47 45.81 -9.17
N PRO F 119 80.76 46.08 -9.42
CA PRO F 119 81.51 45.34 -10.46
C PRO F 119 81.71 43.88 -10.09
N PRO F 120 81.98 43.02 -11.09
CA PRO F 120 82.27 41.61 -10.78
C PRO F 120 83.52 41.48 -9.92
N SER F 121 83.49 40.54 -8.98
CA SER F 121 84.64 40.29 -8.12
C SER F 121 85.76 39.63 -8.90
N SER F 122 86.99 39.76 -8.39
CA SER F 122 88.14 39.12 -9.01
C SER F 122 88.04 37.62 -8.77
N GLU F 123 87.31 37.26 -7.71
CA GLU F 123 87.09 35.88 -7.32
C GLU F 123 86.14 35.13 -8.27
N GLN F 124 85.18 35.85 -8.84
CA GLN F 124 84.26 35.29 -9.81
C GLN F 124 84.92 35.11 -11.18
N LEU F 125 85.85 36.00 -11.49
CA LEU F 125 86.55 35.97 -12.78
C LEU F 125 87.49 34.78 -12.80
N THR F 126 87.82 34.29 -11.60
CA THR F 126 88.57 33.06 -11.35
C THR F 126 87.67 31.85 -11.01
N SER F 127 86.82 31.38 -11.94
CA SER F 127 87.00 31.64 -13.36
C SER F 127 85.72 31.53 -14.19
N GLY F 128 85.70 32.28 -15.29
CA GLY F 128 84.65 32.19 -16.29
C GLY F 128 83.43 33.08 -16.20
N GLY F 129 82.99 33.42 -14.98
CA GLY F 129 81.74 34.15 -14.84
C GLY F 129 81.90 35.64 -14.64
N ALA F 130 80.80 36.37 -14.77
CA ALA F 130 80.80 37.82 -14.57
C ALA F 130 79.39 38.33 -14.31
N SER F 131 79.13 38.76 -13.08
CA SER F 131 77.82 39.32 -12.75
C SER F 131 77.93 40.77 -12.33
N VAL F 132 77.24 41.66 -13.04
CA VAL F 132 77.18 43.06 -12.65
C VAL F 132 75.87 43.27 -11.90
N VAL F 133 75.97 43.63 -10.62
CA VAL F 133 74.80 43.70 -9.74
C VAL F 133 74.35 45.13 -9.46
N CYS F 134 73.04 45.36 -9.43
CA CYS F 134 72.47 46.66 -9.09
C CYS F 134 71.42 46.49 -8.00
N PHE F 135 71.56 47.24 -6.91
CA PHE F 135 70.60 47.20 -5.81
C PHE F 135 69.76 48.45 -5.77
N LEU F 136 68.44 48.27 -5.78
CA LEU F 136 67.51 49.37 -5.62
C LEU F 136 66.72 49.15 -4.33
N ASN F 137 67.15 49.80 -3.26
CA ASN F 137 66.66 49.47 -1.93
C ASN F 137 65.69 50.50 -1.36
N ASN F 138 64.66 50.00 -0.68
CA ASN F 138 63.73 50.81 0.11
C ASN F 138 63.07 51.94 -0.68
N PHE F 139 62.19 51.56 -1.61
CA PHE F 139 61.44 52.54 -2.38
C PHE F 139 59.96 52.20 -2.38
N TYR F 140 59.15 53.17 -2.81
CA TYR F 140 57.71 52.95 -2.95
C TYR F 140 57.17 53.95 -3.97
N PRO F 141 56.26 53.49 -4.85
CA PRO F 141 55.64 52.18 -4.97
C PRO F 141 56.51 51.12 -5.65
N LYS F 142 55.94 49.91 -5.80
CA LYS F 142 56.66 48.78 -6.36
C LYS F 142 57.04 49.00 -7.83
N ASP F 143 56.17 49.70 -8.56
CA ASP F 143 56.36 49.91 -9.99
C ASP F 143 57.66 50.66 -10.29
N ILE F 144 58.59 49.98 -10.94
CA ILE F 144 59.88 50.55 -11.29
C ILE F 144 60.47 49.79 -12.48
N ASN F 145 61.25 50.49 -13.30
CA ASN F 145 61.88 49.84 -14.45
C ASN F 145 63.39 50.07 -14.49
N VAL F 146 64.14 48.99 -14.70
CA VAL F 146 65.59 49.07 -14.79
C VAL F 146 66.05 48.73 -16.21
N LYS F 147 66.98 49.51 -16.72
CA LYS F 147 67.54 49.32 -18.06
C LYS F 147 69.05 49.25 -17.99
N TRP F 148 69.63 48.28 -18.68
CA TRP F 148 71.09 48.13 -18.68
C TRP F 148 71.70 48.76 -19.92
N LYS F 149 72.78 49.51 -19.72
CA LYS F 149 73.50 50.10 -20.84
C LYS F 149 75.00 49.85 -20.78
N ILE F 150 75.49 49.15 -21.79
CA ILE F 150 76.91 48.82 -21.94
C ILE F 150 77.61 49.79 -22.88
N ASP F 151 78.01 50.95 -22.36
CA ASP F 151 78.73 51.98 -23.11
C ASP F 151 77.87 52.70 -24.15
N GLY F 152 76.56 52.57 -24.04
CA GLY F 152 75.66 53.34 -24.89
C GLY F 152 74.39 52.60 -25.26
N SER F 153 74.54 51.33 -25.65
CA SER F 153 73.42 50.53 -26.14
C SER F 153 72.75 49.74 -25.03
N GLU F 154 71.44 49.57 -25.14
CA GLU F 154 70.68 48.80 -24.17
C GLU F 154 71.01 47.32 -24.29
N ARG F 155 71.27 46.68 -23.15
CA ARG F 155 71.49 45.24 -23.13
C ARG F 155 70.31 44.60 -22.45
N GLN F 156 69.72 43.60 -23.11
CA GLN F 156 68.48 43.02 -22.63
C GLN F 156 68.66 41.55 -22.24
N ASN F 157 69.63 40.88 -22.87
CA ASN F 157 69.90 39.47 -22.65
C ASN F 157 70.89 39.18 -21.53
N GLY F 158 70.49 38.34 -20.59
CA GLY F 158 71.39 37.96 -19.51
C GLY F 158 71.01 38.70 -18.25
N VAL F 159 69.81 39.29 -18.26
CA VAL F 159 69.35 40.06 -17.13
C VAL F 159 68.33 39.26 -16.34
N LEU F 160 68.61 39.10 -15.05
CA LEU F 160 67.70 38.41 -14.14
C LEU F 160 67.31 39.31 -12.95
N ASN F 161 66.01 39.48 -12.71
CA ASN F 161 65.54 40.39 -11.66
C ASN F 161 64.90 39.68 -10.46
N SER F 162 64.94 40.34 -9.31
CA SER F 162 64.34 39.80 -8.11
C SER F 162 63.80 40.89 -7.19
N TRP F 163 62.59 40.67 -6.67
CA TRP F 163 61.93 41.59 -5.75
C TRP F 163 61.70 40.95 -4.41
N THR F 164 61.88 41.71 -3.34
CA THR F 164 61.51 41.26 -2.01
C THR F 164 60.01 41.50 -1.86
N ASP F 165 59.41 40.89 -0.85
CA ASP F 165 58.04 41.26 -0.52
C ASP F 165 58.08 42.61 0.18
N GLN F 166 56.91 43.14 0.50
CA GLN F 166 56.86 44.44 1.15
C GLN F 166 57.48 44.33 2.53
N ASP F 167 58.39 45.24 2.85
CA ASP F 167 59.09 45.20 4.12
C ASP F 167 58.10 45.39 5.26
N SER F 168 58.20 44.53 6.27
CA SER F 168 57.26 44.58 7.38
C SER F 168 57.56 45.74 8.32
N LYS F 169 58.71 46.39 8.12
CA LYS F 169 59.12 47.47 9.00
C LYS F 169 58.72 48.85 8.48
N ASP F 170 59.01 49.15 7.22
CA ASP F 170 58.74 50.48 6.67
C ASP F 170 57.88 50.45 5.41
N SER F 171 57.36 49.26 5.08
CA SER F 171 56.43 49.08 3.97
C SER F 171 57.02 49.49 2.61
N THR F 172 58.34 49.38 2.49
CA THR F 172 59.00 49.67 1.21
C THR F 172 59.38 48.37 0.52
N TYR F 173 59.73 48.47 -0.75
CA TYR F 173 60.20 47.33 -1.52
C TYR F 173 61.68 47.49 -1.84
N SER F 174 62.32 46.39 -2.17
CA SER F 174 63.71 46.41 -2.62
C SER F 174 63.82 45.52 -3.85
N MET F 175 64.83 45.77 -4.68
CA MET F 175 64.99 45.00 -5.90
C MET F 175 66.43 44.71 -6.25
N SER F 176 66.68 43.52 -6.78
CA SER F 176 68.00 43.15 -7.26
C SER F 176 67.98 42.91 -8.78
N SER F 177 68.97 43.45 -9.49
CA SER F 177 69.11 43.21 -10.93
C SER F 177 70.52 42.74 -11.26
N THR F 178 70.62 41.60 -11.96
CA THR F 178 71.92 41.02 -12.25
C THR F 178 72.13 40.74 -13.73
N LEU F 179 73.14 41.38 -14.30
CA LEU F 179 73.51 41.14 -15.68
C LEU F 179 74.66 40.14 -15.70
N THR F 180 74.40 38.95 -16.22
CA THR F 180 75.40 37.88 -16.20
C THR F 180 75.95 37.64 -17.61
N LEU F 181 77.25 37.86 -17.77
CA LEU F 181 77.92 37.68 -19.04
C LEU F 181 79.09 36.71 -18.91
N THR F 182 79.79 36.47 -20.02
CA THR F 182 80.99 35.66 -20.00
C THR F 182 82.19 36.55 -19.70
N LYS F 183 83.29 35.94 -19.26
CA LYS F 183 84.50 36.68 -18.89
C LYS F 183 85.13 37.45 -20.04
N ASP F 184 85.13 36.85 -21.23
CA ASP F 184 85.74 37.51 -22.38
C ASP F 184 84.84 38.63 -22.88
N GLU F 185 83.53 38.47 -22.70
CA GLU F 185 82.55 39.50 -23.04
C GLU F 185 82.65 40.75 -22.18
N TYR F 186 82.93 40.57 -20.89
CA TYR F 186 82.95 41.67 -19.95
C TYR F 186 84.08 42.70 -20.17
N GLU F 187 85.27 42.22 -20.54
CA GLU F 187 86.42 43.12 -20.70
C GLU F 187 86.58 43.69 -22.11
N ARG F 188 85.49 43.76 -22.85
CA ARG F 188 85.52 44.35 -24.19
C ARG F 188 84.80 45.70 -24.15
N HIS F 189 84.38 46.11 -22.95
CA HIS F 189 83.68 47.36 -22.75
C HIS F 189 84.23 48.09 -21.53
N ASN F 190 83.84 49.36 -21.37
CA ASN F 190 84.41 50.20 -20.32
C ASN F 190 83.39 50.67 -19.28
N SER F 191 82.29 51.26 -19.74
CA SER F 191 81.32 51.85 -18.83
C SER F 191 80.02 51.05 -18.79
N TYR F 192 79.69 50.55 -17.60
CA TYR F 192 78.45 49.83 -17.36
C TYR F 192 77.52 50.63 -16.47
N THR F 193 76.28 50.81 -16.93
CA THR F 193 75.31 51.62 -16.21
C THR F 193 73.95 50.92 -16.06
N CYS F 194 73.34 51.09 -14.90
CA CYS F 194 72.00 50.56 -14.65
C CYS F 194 71.07 51.74 -14.38
N GLU F 195 70.17 51.99 -15.31
CA GLU F 195 69.28 53.14 -15.22
C GLU F 195 67.93 52.70 -14.65
N ALA F 196 67.48 53.42 -13.65
CA ALA F 196 66.24 53.08 -12.97
C ALA F 196 65.25 54.23 -13.08
N THR F 197 64.10 53.95 -13.67
CA THR F 197 63.07 54.96 -13.82
C THR F 197 61.97 54.73 -12.81
N HIS F 198 61.82 55.67 -11.88
CA HIS F 198 60.81 55.58 -10.84
C HIS F 198 60.00 56.86 -10.79
N LYS F 199 58.87 56.82 -10.09
CA LYS F 199 57.98 57.97 -9.97
C LYS F 199 58.58 59.12 -9.15
N THR F 200 59.60 58.82 -8.35
CA THR F 200 60.17 59.80 -7.44
C THR F 200 60.98 60.90 -8.14
N SER F 201 61.32 60.68 -9.40
CA SER F 201 62.02 61.71 -10.18
C SER F 201 61.72 61.58 -11.67
N THR F 202 61.72 62.71 -12.36
CA THR F 202 61.38 62.75 -13.78
C THR F 202 62.65 62.56 -14.61
N SER F 203 63.77 62.41 -13.91
CA SER F 203 65.03 62.04 -14.52
C SER F 203 65.51 60.75 -13.88
N PRO F 204 65.83 59.75 -14.71
CA PRO F 204 66.21 58.41 -14.22
C PRO F 204 67.40 58.47 -13.29
N ILE F 205 67.37 57.67 -12.24
CA ILE F 205 68.48 57.58 -11.30
C ILE F 205 69.56 56.69 -11.92
N VAL F 206 70.73 57.26 -12.13
CA VAL F 206 71.80 56.57 -12.85
C VAL F 206 73.00 56.26 -11.96
N LYS F 207 73.52 55.04 -12.09
CA LYS F 207 74.74 54.62 -11.40
C LYS F 207 75.63 53.85 -12.38
N SER F 208 76.91 54.21 -12.45
CA SER F 208 77.82 53.59 -13.43
C SER F 208 79.16 53.19 -12.83
N PHE F 209 80.01 52.59 -13.67
CA PHE F 209 81.39 52.27 -13.29
C PHE F 209 82.24 52.17 -14.55
N ASN F 210 83.55 52.37 -14.40
CA ASN F 210 84.46 52.31 -15.55
C ASN F 210 85.60 51.34 -15.33
N GLN G 1 -0.61 14.83 -11.02
CA GLN G 1 -1.48 15.75 -11.75
C GLN G 1 -1.22 15.73 -13.26
N VAL G 2 -2.28 15.84 -14.06
CA VAL G 2 -2.18 15.77 -15.51
C VAL G 2 -2.00 17.16 -16.09
N GLN G 3 -1.01 17.32 -16.97
CA GLN G 3 -0.75 18.63 -17.56
C GLN G 3 -0.31 18.54 -19.02
N LEU G 4 -0.93 19.33 -19.89
CA LEU G 4 -0.50 19.43 -21.28
C LEU G 4 0.29 20.73 -21.52
N GLN G 5 1.53 20.61 -21.97
CA GLN G 5 2.35 21.78 -22.18
C GLN G 5 2.55 22.06 -23.66
N GLN G 6 2.14 23.23 -24.13
CA GLN G 6 2.25 23.53 -25.55
C GLN G 6 3.45 24.40 -25.85
N SER G 7 3.88 24.38 -27.11
CA SER G 7 5.00 25.19 -27.57
C SER G 7 4.64 26.67 -27.67
N GLY G 8 5.65 27.52 -27.81
CA GLY G 8 5.45 28.97 -27.75
C GLY G 8 4.73 29.60 -28.92
N ALA G 9 4.52 30.91 -28.82
CA ALA G 9 3.87 31.68 -29.88
C ALA G 9 4.66 31.59 -31.19
N GLU G 10 3.95 31.60 -32.32
CA GLU G 10 4.55 31.50 -33.64
C GLU G 10 4.16 32.65 -34.57
N LEU G 11 5.13 33.08 -35.39
CA LEU G 11 4.87 34.07 -36.43
C LEU G 11 5.26 33.49 -37.79
N MET G 12 4.28 33.28 -38.65
CA MET G 12 4.54 32.62 -39.92
C MET G 12 4.12 33.48 -41.10
N LYS G 13 4.87 33.39 -42.19
CA LYS G 13 4.52 34.09 -43.41
C LYS G 13 3.35 33.37 -44.07
N PRO G 14 2.51 34.09 -44.82
CA PRO G 14 1.40 33.41 -45.51
C PRO G 14 1.94 32.38 -46.50
N GLY G 15 1.29 31.22 -46.57
CA GLY G 15 1.70 30.16 -47.47
C GLY G 15 2.60 29.14 -46.79
N ALA G 16 3.13 29.49 -45.62
CA ALA G 16 4.04 28.57 -44.93
C ALA G 16 3.28 27.49 -44.16
N SER G 17 4.02 26.59 -43.51
CA SER G 17 3.47 25.54 -42.65
C SER G 17 4.08 25.64 -41.27
N VAL G 18 3.25 25.46 -40.25
CA VAL G 18 3.74 25.45 -38.87
C VAL G 18 3.38 24.13 -38.23
N LYS G 19 4.19 23.69 -37.27
CA LYS G 19 3.91 22.48 -36.51
C LYS G 19 3.90 22.79 -35.01
N ILE G 20 2.78 22.54 -34.35
CA ILE G 20 2.64 22.84 -32.92
C ILE G 20 2.81 21.62 -32.02
N SER G 21 3.56 21.80 -30.93
CA SER G 21 3.87 20.70 -30.01
C SER G 21 2.91 20.70 -28.82
N CYS G 22 2.56 19.50 -28.38
CA CYS G 22 1.76 19.34 -27.18
C CYS G 22 2.39 18.21 -26.35
N THR G 23 3.14 18.57 -25.32
CA THR G 23 3.85 17.56 -24.53
C THR G 23 3.05 17.16 -23.28
N ALA G 24 2.70 15.88 -23.19
CA ALA G 24 1.85 15.41 -22.08
C ALA G 24 2.62 14.75 -20.95
N THR G 25 2.31 15.15 -19.72
CA THR G 25 2.88 14.51 -18.55
C THR G 25 1.78 14.17 -17.55
N GLY G 26 2.02 13.14 -16.74
CA GLY G 26 1.12 12.77 -15.66
C GLY G 26 0.26 11.57 -15.96
N TYR G 27 0.38 11.02 -17.16
CA TYR G 27 -0.35 9.81 -17.52
C TYR G 27 0.28 9.11 -18.69
N THR G 28 -0.21 7.91 -18.98
CA THR G 28 0.29 7.16 -20.12
C THR G 28 -0.23 7.77 -21.42
N PHE G 29 0.69 8.39 -22.15
CA PHE G 29 0.40 9.20 -23.32
C PHE G 29 -0.47 8.49 -24.36
N ILE G 30 -0.19 7.22 -24.61
CA ILE G 30 -0.86 6.51 -25.69
C ILE G 30 -2.22 5.94 -25.27
N THR G 31 -2.68 6.32 -24.09
CA THR G 31 -3.87 5.74 -23.49
C THR G 31 -5.09 6.64 -23.70
N TYR G 32 -4.82 7.92 -23.93
CA TYR G 32 -5.90 8.88 -24.13
C TYR G 32 -5.83 9.62 -25.46
N TRP G 33 -7.00 9.98 -25.99
CA TRP G 33 -7.09 10.77 -27.21
C TRP G 33 -6.74 12.21 -26.92
N ILE G 34 -6.15 12.87 -27.92
CA ILE G 34 -5.86 14.30 -27.86
C ILE G 34 -6.83 15.05 -28.77
N GLN G 35 -7.46 16.09 -28.24
CA GLN G 35 -8.38 16.94 -28.99
C GLN G 35 -7.67 18.24 -29.37
N TRP G 36 -7.97 18.78 -30.55
CA TRP G 36 -7.40 20.06 -30.96
C TRP G 36 -8.46 21.10 -31.27
N VAL G 37 -8.34 22.26 -30.64
CA VAL G 37 -9.36 23.29 -30.77
C VAL G 37 -8.75 24.62 -31.19
N LYS G 38 -9.46 25.34 -32.07
CA LYS G 38 -9.05 26.64 -32.56
C LYS G 38 -9.93 27.71 -31.95
N GLN G 39 -9.33 28.84 -31.54
CA GLN G 39 -10.10 29.94 -30.97
C GLN G 39 -9.75 31.27 -31.63
N ARG G 40 -10.67 31.80 -32.46
CA ARG G 40 -10.53 33.14 -33.01
C ARG G 40 -11.38 34.15 -32.24
N PRO G 41 -10.87 35.38 -32.06
CA PRO G 41 -11.50 36.44 -31.28
C PRO G 41 -13.01 36.58 -31.47
N GLY G 42 -13.48 36.52 -32.71
CA GLY G 42 -14.90 36.71 -32.97
C GLY G 42 -15.67 35.49 -33.44
N HIS G 43 -15.03 34.32 -33.38
CA HIS G 43 -15.64 33.12 -33.95
C HIS G 43 -15.79 31.98 -32.95
N GLY G 44 -15.66 32.28 -31.67
CA GLY G 44 -15.82 31.30 -30.62
C GLY G 44 -14.88 30.11 -30.76
N LEU G 45 -15.36 28.93 -30.39
CA LEU G 45 -14.54 27.71 -30.39
C LEU G 45 -14.85 26.74 -31.54
N GLU G 46 -13.80 26.16 -32.14
CA GLU G 46 -13.97 25.23 -33.25
C GLU G 46 -13.10 24.00 -33.05
N TRP G 47 -13.71 22.83 -33.24
CA TRP G 47 -13.03 21.58 -33.01
C TRP G 47 -12.34 21.14 -34.28
N ILE G 48 -11.02 20.99 -34.20
CA ILE G 48 -10.25 20.62 -35.38
C ILE G 48 -10.30 19.11 -35.58
N GLY G 49 -10.05 18.36 -34.51
CA GLY G 49 -10.09 16.91 -34.61
C GLY G 49 -9.47 16.24 -33.41
N GLU G 50 -9.27 14.93 -33.52
CA GLU G 50 -8.64 14.18 -32.43
C GLU G 50 -7.74 13.07 -32.97
N THR G 51 -6.83 12.60 -32.12
CA THR G 51 -5.97 11.49 -32.47
C THR G 51 -5.63 10.65 -31.24
N LEU G 52 -5.40 9.36 -31.43
CA LEU G 52 -4.89 8.49 -30.36
C LEU G 52 -3.44 8.16 -30.68
N PRO G 53 -2.51 8.85 -29.99
CA PRO G 53 -1.07 8.78 -30.28
C PRO G 53 -0.54 7.35 -30.24
N GLY G 54 0.24 6.96 -31.25
CA GLY G 54 0.82 5.63 -31.26
C GLY G 54 -0.05 4.60 -31.95
N SER G 55 -1.27 4.98 -32.32
CA SER G 55 -2.18 4.08 -32.99
C SER G 55 -2.41 4.44 -34.44
N GLY G 56 -2.19 5.70 -34.80
CA GLY G 56 -2.41 6.13 -36.16
C GLY G 56 -3.88 6.49 -36.38
N SER G 57 -4.71 6.19 -35.39
CA SER G 57 -6.13 6.45 -35.44
C SER G 57 -6.36 7.95 -35.38
N THR G 58 -7.10 8.46 -36.35
CA THR G 58 -7.35 9.89 -36.43
C THR G 58 -8.78 10.20 -36.86
N ASN G 59 -9.37 11.24 -36.26
CA ASN G 59 -10.67 11.76 -36.71
C ASN G 59 -10.66 13.29 -36.91
N TYR G 60 -10.82 13.72 -38.15
CA TYR G 60 -10.83 15.15 -38.46
C TYR G 60 -12.24 15.70 -38.66
N ASN G 61 -12.43 16.94 -38.24
CA ASN G 61 -13.57 17.72 -38.68
C ASN G 61 -13.42 17.90 -40.19
N GLU G 62 -14.47 17.65 -40.96
CA GLU G 62 -14.41 17.74 -42.42
C GLU G 62 -13.83 19.08 -42.85
N LYS G 63 -14.17 20.11 -42.09
CA LYS G 63 -13.72 21.46 -42.37
C LYS G 63 -12.20 21.58 -42.30
N PHE G 64 -11.55 20.72 -41.52
CA PHE G 64 -10.10 20.85 -41.34
C PHE G 64 -9.33 19.70 -41.99
N LYS G 65 -10.06 18.78 -42.60
CA LYS G 65 -9.42 17.67 -43.27
C LYS G 65 -8.68 18.22 -44.48
N GLY G 66 -7.34 18.13 -44.44
CA GLY G 66 -6.52 18.62 -45.52
C GLY G 66 -5.71 19.83 -45.10
N LYS G 67 -6.13 20.48 -44.01
CA LYS G 67 -5.40 21.63 -43.53
C LYS G 67 -4.54 21.22 -42.33
N ALA G 68 -5.12 20.39 -41.47
CA ALA G 68 -4.46 19.94 -40.25
C ALA G 68 -3.99 18.50 -40.36
N THR G 69 -2.77 18.24 -39.89
CA THR G 69 -2.23 16.89 -39.83
C THR G 69 -1.74 16.57 -38.43
N PHE G 70 -2.13 15.42 -37.90
CA PHE G 70 -1.71 15.00 -36.56
C PHE G 70 -0.60 13.98 -36.63
N THR G 71 0.48 14.21 -35.88
CA THR G 71 1.54 13.21 -35.76
C THR G 71 1.96 13.16 -34.30
N ALA G 72 2.82 12.21 -33.97
CA ALA G 72 3.23 12.02 -32.59
C ALA G 72 4.66 11.53 -32.47
N ASP G 73 5.34 11.95 -31.42
CA ASP G 73 6.60 11.33 -31.03
C ASP G 73 6.36 10.71 -29.66
N THR G 74 6.09 9.42 -29.66
CA THR G 74 5.74 8.71 -28.45
C THR G 74 6.93 8.63 -27.49
N SER G 75 8.14 8.63 -28.07
CA SER G 75 9.37 8.69 -27.30
C SER G 75 9.40 9.89 -26.36
N SER G 76 8.85 11.01 -26.82
CA SER G 76 8.95 12.27 -26.09
C SER G 76 7.64 12.67 -25.44
N ASN G 77 6.64 11.81 -25.53
CA ASN G 77 5.30 12.11 -25.00
C ASN G 77 4.72 13.38 -25.58
N THR G 78 4.95 13.60 -26.86
CA THR G 78 4.54 14.82 -27.52
C THR G 78 3.61 14.60 -28.71
N ALA G 79 2.55 15.40 -28.77
CA ALA G 79 1.64 15.37 -29.91
C ALA G 79 1.81 16.59 -30.83
N TYR G 80 1.77 16.36 -32.13
CA TYR G 80 1.96 17.44 -33.09
C TYR G 80 0.75 17.69 -33.99
N MET G 81 0.48 18.96 -34.25
CA MET G 81 -0.46 19.36 -35.29
C MET G 81 0.24 20.28 -36.26
N GLN G 82 0.14 19.96 -37.53
CA GLN G 82 0.71 20.80 -38.56
C GLN G 82 -0.41 21.49 -39.31
N LEU G 83 -0.26 22.80 -39.53
CA LEU G 83 -1.19 23.55 -40.36
C LEU G 83 -0.48 23.96 -41.64
N SER G 84 -1.06 23.64 -42.79
CA SER G 84 -0.46 23.99 -44.08
C SER G 84 -1.11 25.19 -44.74
N SER G 85 -0.37 25.80 -45.67
CA SER G 85 -0.86 26.90 -46.49
C SER G 85 -1.53 27.98 -45.67
N LEU G 86 -0.77 28.58 -44.76
CA LEU G 86 -1.34 29.49 -43.78
C LEU G 86 -1.83 30.78 -44.41
N THR G 87 -3.03 31.20 -44.00
CA THR G 87 -3.55 32.50 -44.40
C THR G 87 -3.88 33.26 -43.14
N SER G 88 -4.38 34.48 -43.28
CA SER G 88 -4.68 35.29 -42.11
C SER G 88 -5.82 34.68 -41.29
N GLU G 89 -6.63 33.83 -41.92
CA GLU G 89 -7.74 33.22 -41.19
C GLU G 89 -7.26 32.09 -40.28
N ASP G 90 -5.97 31.82 -40.30
CA ASP G 90 -5.40 30.83 -39.40
C ASP G 90 -4.84 31.49 -38.16
N SER G 91 -4.79 32.82 -38.17
CA SER G 91 -4.36 33.57 -37.01
C SER G 91 -5.36 33.36 -35.91
N ALA G 92 -4.95 32.63 -34.87
CA ALA G 92 -5.83 32.28 -33.76
C ALA G 92 -5.02 31.69 -32.63
N ILE G 93 -5.71 31.38 -31.53
CA ILE G 93 -5.12 30.61 -30.43
C ILE G 93 -5.51 29.14 -30.62
N TYR G 94 -4.53 28.24 -30.61
CA TYR G 94 -4.80 26.83 -30.80
C TYR G 94 -4.60 26.05 -29.51
N TYR G 95 -5.58 25.23 -29.13
CA TYR G 95 -5.46 24.42 -27.92
C TYR G 95 -5.36 22.95 -28.24
N CYS G 96 -4.58 22.24 -27.45
CA CYS G 96 -4.70 20.79 -27.38
C CYS G 96 -5.37 20.50 -26.06
N ALA G 97 -6.25 19.52 -26.06
CA ALA G 97 -7.02 19.22 -24.87
C ALA G 97 -7.31 17.74 -24.77
N ARG G 98 -7.22 17.22 -23.56
CA ARG G 98 -7.71 15.90 -23.24
C ARG G 98 -9.11 16.04 -22.67
N ILE G 99 -10.13 15.85 -23.51
CA ILE G 99 -11.51 16.12 -23.10
C ILE G 99 -12.22 14.87 -22.63
N GLY G 100 -12.61 14.86 -21.36
CA GLY G 100 -13.26 13.70 -20.78
C GLY G 100 -14.76 13.84 -20.71
N ARG G 101 -15.38 13.07 -19.81
CA ARG G 101 -16.82 13.15 -19.62
C ARG G 101 -17.15 14.25 -18.61
N SER G 102 -16.49 14.21 -17.45
CA SER G 102 -16.84 15.14 -16.36
C SER G 102 -15.86 16.29 -16.19
N ASN G 103 -14.62 16.11 -16.63
CA ASN G 103 -13.62 17.18 -16.58
C ASN G 103 -12.66 17.07 -17.75
N ASP G 104 -11.95 18.15 -18.05
CA ASP G 104 -10.99 18.15 -19.15
C ASP G 104 -9.62 18.58 -18.65
N TYR G 105 -8.62 18.46 -19.51
CA TYR G 105 -7.32 19.05 -19.28
C TYR G 105 -6.83 19.73 -20.55
N TRP G 106 -6.76 21.06 -20.52
CA TRP G 106 -6.40 21.83 -21.70
C TRP G 106 -4.97 22.35 -21.60
N GLY G 107 -4.27 22.42 -22.73
CA GLY G 107 -2.98 23.07 -22.76
C GLY G 107 -3.16 24.57 -22.54
N GLN G 108 -2.06 25.30 -22.36
CA GLN G 108 -2.19 26.73 -22.07
C GLN G 108 -2.55 27.51 -23.33
N GLY G 109 -2.41 26.88 -24.49
CA GLY G 109 -2.73 27.53 -25.74
C GLY G 109 -1.49 27.99 -26.49
N THR G 110 -1.56 27.96 -27.82
CA THR G 110 -0.48 28.50 -28.66
C THR G 110 -1.04 29.55 -29.62
N THR G 111 -0.51 30.75 -29.56
CA THR G 111 -0.97 31.81 -30.44
C THR G 111 -0.23 31.80 -31.78
N LEU G 112 -0.98 31.73 -32.88
CA LEU G 112 -0.37 31.75 -34.20
C LEU G 112 -0.70 33.05 -34.93
N THR G 113 0.32 33.69 -35.48
CA THR G 113 0.11 34.90 -36.25
C THR G 113 0.63 34.68 -37.66
N VAL G 114 -0.24 34.87 -38.65
CA VAL G 114 0.18 34.77 -40.04
C VAL G 114 0.25 36.16 -40.66
N SER G 115 1.45 36.56 -41.07
CA SER G 115 1.65 37.92 -41.55
C SER G 115 2.93 38.08 -42.37
N SER G 116 2.91 39.01 -43.32
CA SER G 116 4.08 39.28 -44.14
C SER G 116 4.97 40.34 -43.47
N ALA G 117 4.50 40.84 -42.33
CA ALA G 117 5.19 41.89 -41.59
C ALA G 117 6.48 41.38 -40.95
N LYS G 118 7.50 42.23 -40.99
CA LYS G 118 8.79 41.92 -40.40
C LYS G 118 8.77 42.19 -38.90
N THR G 119 9.48 41.36 -38.13
CA THR G 119 9.56 41.54 -36.69
C THR G 119 10.21 42.88 -36.36
N THR G 120 9.49 43.69 -35.59
CA THR G 120 9.89 45.07 -35.32
C THR G 120 9.88 45.39 -33.84
N PRO G 121 10.97 46.02 -33.35
CA PRO G 121 11.03 46.49 -31.96
C PRO G 121 10.15 47.71 -31.73
N PRO G 122 9.62 47.85 -30.50
CA PRO G 122 8.73 48.94 -30.13
C PRO G 122 9.47 50.23 -29.74
N SER G 123 8.88 51.37 -30.07
CA SER G 123 9.30 52.66 -29.52
C SER G 123 8.44 52.99 -28.31
N VAL G 124 9.07 53.30 -27.18
CA VAL G 124 8.33 53.55 -25.94
C VAL G 124 8.34 55.02 -25.55
N TYR G 125 7.17 55.63 -25.49
CA TYR G 125 7.05 57.05 -25.19
C TYR G 125 6.35 57.33 -23.87
N PRO G 126 6.89 58.26 -23.07
CA PRO G 126 6.25 58.66 -21.81
C PRO G 126 5.04 59.56 -22.04
N LEU G 127 4.03 59.43 -21.18
CA LEU G 127 2.85 60.28 -21.24
C LEU G 127 2.66 61.06 -19.95
N ALA G 128 2.97 62.36 -19.98
CA ALA G 128 2.86 63.20 -18.81
C ALA G 128 1.81 64.28 -19.03
N PRO G 129 1.08 64.67 -17.98
CA PRO G 129 0.05 65.69 -18.12
C PRO G 129 0.62 67.01 -18.63
N GLY G 130 -0.16 67.74 -19.42
CA GLY G 130 0.30 69.03 -19.89
C GLY G 130 0.35 70.02 -18.74
N ASN G 136 -6.25 68.13 -9.58
CA ASN G 136 -7.15 67.20 -8.90
C ASN G 136 -6.56 66.66 -7.58
N SER G 137 -7.04 65.48 -7.16
CA SER G 137 -6.54 64.78 -5.98
C SER G 137 -5.77 63.53 -6.35
N MET G 138 -6.03 63.08 -7.57
CA MET G 138 -5.36 61.94 -8.17
C MET G 138 -4.72 62.43 -9.45
N VAL G 139 -3.63 61.78 -9.88
CA VAL G 139 -3.00 62.12 -11.14
C VAL G 139 -2.78 60.86 -11.96
N THR G 140 -3.09 60.93 -13.25
CA THR G 140 -2.93 59.76 -14.14
C THR G 140 -1.74 59.94 -15.09
N LEU G 141 -0.83 58.97 -15.08
CA LEU G 141 0.32 58.98 -15.98
C LEU G 141 0.16 57.88 -17.00
N GLY G 142 1.07 57.82 -17.97
CA GLY G 142 0.92 56.86 -19.04
C GLY G 142 2.20 56.46 -19.75
N CYS G 143 2.09 55.40 -20.53
CA CYS G 143 3.19 54.90 -21.34
C CYS G 143 2.63 54.46 -22.69
N LEU G 144 3.19 54.96 -23.78
CA LEU G 144 2.70 54.65 -25.12
C LEU G 144 3.69 53.76 -25.87
N VAL G 145 3.29 52.51 -26.08
CA VAL G 145 4.13 51.54 -26.76
C VAL G 145 3.68 51.38 -28.19
N LYS G 146 4.45 51.95 -29.11
CA LYS G 146 4.00 52.15 -30.47
C LYS G 146 4.88 51.49 -31.52
N GLY G 147 4.24 50.95 -32.55
CA GLY G 147 4.91 50.46 -33.74
C GLY G 147 5.78 49.23 -33.56
N TYR G 148 5.21 48.18 -32.98
CA TYR G 148 5.94 46.92 -32.81
C TYR G 148 5.20 45.78 -33.49
N PHE G 149 5.90 44.66 -33.66
CA PHE G 149 5.31 43.47 -34.26
C PHE G 149 6.21 42.27 -33.99
N PRO G 150 5.63 41.13 -33.61
CA PRO G 150 4.23 40.80 -33.31
C PRO G 150 3.90 40.87 -31.82
N GLU G 151 2.73 40.37 -31.44
CA GLU G 151 2.35 40.29 -30.04
C GLU G 151 3.20 39.21 -29.38
N PRO G 152 3.43 39.30 -28.06
CA PRO G 152 2.95 40.25 -27.05
C PRO G 152 4.00 41.28 -26.64
N VAL G 153 3.58 42.27 -25.86
CA VAL G 153 4.52 43.10 -25.10
C VAL G 153 4.21 42.95 -23.62
N THR G 154 5.21 43.15 -22.78
CA THR G 154 5.00 43.11 -21.33
C THR G 154 5.15 44.50 -20.70
N VAL G 155 4.09 44.97 -20.05
CA VAL G 155 4.16 46.27 -19.40
C VAL G 155 3.96 46.23 -17.86
N THR G 156 4.95 46.71 -17.12
CA THR G 156 4.82 46.84 -15.68
C THR G 156 5.28 48.23 -15.23
N TRP G 157 4.94 48.60 -14.00
CA TRP G 157 5.29 49.92 -13.48
C TRP G 157 6.19 49.86 -12.25
N ASN G 158 7.27 50.63 -12.30
CA ASN G 158 8.32 50.61 -11.28
C ASN G 158 8.79 49.19 -10.96
N SER G 159 9.03 48.40 -12.01
CA SER G 159 9.54 47.03 -11.91
C SER G 159 8.53 46.07 -11.30
N GLY G 160 7.25 46.46 -11.30
CA GLY G 160 6.21 45.65 -10.71
C GLY G 160 5.84 46.14 -9.32
N SER G 161 6.56 47.15 -8.84
CA SER G 161 6.28 47.76 -7.54
C SER G 161 4.92 48.44 -7.52
N LEU G 162 4.62 49.16 -8.60
CA LEU G 162 3.35 49.85 -8.74
C LEU G 162 2.38 48.99 -9.55
N SER G 163 1.30 48.58 -8.89
CA SER G 163 0.35 47.62 -9.44
C SER G 163 -1.10 48.11 -9.46
N SER G 164 -1.45 48.91 -8.46
CA SER G 164 -2.84 49.31 -8.26
C SER G 164 -3.21 50.60 -8.98
N GLY G 165 -4.45 50.64 -9.45
CA GLY G 165 -4.91 51.63 -10.39
C GLY G 165 -4.01 51.62 -11.60
N VAL G 166 -4.08 50.55 -12.38
CA VAL G 166 -3.27 50.39 -13.57
C VAL G 166 -4.12 49.76 -14.67
N HIS G 167 -4.20 50.43 -15.82
CA HIS G 167 -4.90 49.86 -16.95
C HIS G 167 -3.96 49.72 -18.13
N THR G 168 -3.78 48.49 -18.61
CA THR G 168 -3.04 48.25 -19.84
C THR G 168 -4.02 47.79 -20.91
N PHE G 169 -4.13 48.56 -21.97
CA PHE G 169 -5.14 48.33 -22.99
C PHE G 169 -4.69 47.34 -24.05
N PRO G 170 -5.64 46.59 -24.62
CA PRO G 170 -5.32 45.70 -25.74
C PRO G 170 -4.65 46.45 -26.87
N ALA G 171 -3.65 45.84 -27.49
CA ALA G 171 -2.98 46.50 -28.60
C ALA G 171 -3.90 46.53 -29.81
N VAL G 172 -3.67 47.49 -30.70
CA VAL G 172 -4.48 47.61 -31.90
C VAL G 172 -3.56 47.58 -33.12
N LEU G 173 -3.98 46.87 -34.16
CA LEU G 173 -3.17 46.71 -35.36
C LEU G 173 -3.45 47.85 -36.34
N GLN G 174 -2.42 48.65 -36.61
CA GLN G 174 -2.54 49.75 -37.56
C GLN G 174 -1.42 49.71 -38.61
N SER G 175 -1.77 49.28 -39.82
CA SER G 175 -0.85 49.26 -40.95
C SER G 175 0.34 48.35 -40.68
N ASP G 176 0.06 47.06 -40.47
CA ASP G 176 1.09 46.05 -40.18
C ASP G 176 1.93 46.32 -38.93
N LEU G 177 1.43 47.13 -37.99
CA LEU G 177 2.14 47.39 -36.74
C LEU G 177 1.21 47.56 -35.55
N TYR G 178 1.63 47.01 -34.40
CA TYR G 178 0.84 47.12 -33.17
C TYR G 178 1.16 48.37 -32.36
N THR G 179 0.14 48.93 -31.74
CA THR G 179 0.31 50.08 -30.86
C THR G 179 -0.45 49.85 -29.56
N LEU G 180 0.18 50.15 -28.44
CA LEU G 180 -0.40 49.84 -27.14
C LEU G 180 -0.21 50.98 -26.14
N SER G 181 -1.09 51.07 -25.16
CA SER G 181 -0.99 52.07 -24.13
C SER G 181 -1.27 51.51 -22.75
N SER G 182 -0.65 52.10 -21.73
CA SER G 182 -0.90 51.70 -20.36
C SER G 182 -1.04 52.95 -19.51
N SER G 183 -2.06 52.99 -18.68
CA SER G 183 -2.25 54.13 -17.80
C SER G 183 -2.04 53.70 -16.36
N VAL G 184 -1.54 54.62 -15.56
CA VAL G 184 -1.43 54.37 -14.13
C VAL G 184 -1.94 55.60 -13.39
N THR G 185 -2.73 55.38 -12.35
CA THR G 185 -3.29 56.48 -11.59
C THR G 185 -2.72 56.46 -10.18
N VAL G 186 -2.08 57.56 -9.80
CA VAL G 186 -1.43 57.64 -8.50
C VAL G 186 -1.85 58.94 -7.82
N PRO G 187 -1.72 59.00 -6.48
CA PRO G 187 -2.03 60.23 -5.73
C PRO G 187 -1.12 61.41 -6.10
N SER G 188 -1.66 62.62 -6.05
CA SER G 188 -0.90 63.82 -6.40
C SER G 188 0.32 63.99 -5.49
N SER G 189 0.21 63.52 -4.25
CA SER G 189 1.30 63.64 -3.29
C SER G 189 2.51 62.79 -3.67
N THR G 190 2.28 61.78 -4.52
CA THR G 190 3.35 60.86 -4.91
C THR G 190 4.13 61.37 -6.12
N TRP G 191 3.47 61.50 -7.26
CA TRP G 191 4.12 62.02 -8.46
C TRP G 191 4.01 63.55 -8.50
N PRO G 192 5.10 64.24 -8.88
CA PRO G 192 6.43 63.77 -9.26
C PRO G 192 7.39 63.82 -8.11
N SER G 193 6.89 63.79 -6.87
CA SER G 193 7.80 63.73 -5.73
C SER G 193 8.63 62.47 -5.85
N GLU G 194 7.93 61.34 -5.90
CA GLU G 194 8.52 60.04 -6.23
C GLU G 194 8.63 59.84 -7.75
N THR G 195 9.62 59.05 -8.17
CA THR G 195 9.77 58.67 -9.58
C THR G 195 8.86 57.52 -10.02
N VAL G 196 8.22 57.67 -11.18
CA VAL G 196 7.39 56.62 -11.77
C VAL G 196 7.96 56.14 -13.11
N THR G 197 8.24 54.84 -13.23
CA THR G 197 8.93 54.32 -14.41
C THR G 197 8.17 53.21 -15.14
N CYS G 198 8.08 53.37 -16.46
CA CYS G 198 7.47 52.39 -17.35
C CYS G 198 8.41 51.25 -17.73
N ASN G 199 7.97 50.02 -17.53
CA ASN G 199 8.75 48.83 -17.89
C ASN G 199 8.15 48.05 -19.05
N VAL G 200 8.76 48.17 -20.22
CA VAL G 200 8.25 47.51 -21.41
C VAL G 200 9.16 46.41 -21.94
N ALA G 201 8.57 45.24 -22.21
CA ALA G 201 9.30 44.12 -22.78
C ALA G 201 8.69 43.65 -24.10
N HIS G 202 9.53 43.40 -25.10
CA HIS G 202 9.07 42.81 -26.35
C HIS G 202 9.95 41.60 -26.68
N PRO G 203 9.51 40.40 -26.26
CA PRO G 203 10.29 39.16 -26.39
C PRO G 203 10.78 38.87 -27.81
N ALA G 204 9.90 39.05 -28.80
CA ALA G 204 10.21 38.73 -30.19
C ALA G 204 11.43 39.50 -30.72
N SER G 205 11.55 40.75 -30.31
CA SER G 205 12.63 41.62 -30.76
C SER G 205 13.84 41.55 -29.83
N SER G 206 13.74 40.72 -28.79
CA SER G 206 14.78 40.64 -27.78
C SER G 206 15.05 42.00 -27.16
N THR G 207 13.96 42.73 -26.86
CA THR G 207 14.04 44.11 -26.38
C THR G 207 13.44 44.32 -24.98
N LYS G 208 14.18 45.05 -24.13
CA LYS G 208 13.67 45.48 -22.82
C LYS G 208 13.97 46.97 -22.59
N VAL G 209 12.93 47.72 -22.24
CA VAL G 209 13.07 49.17 -22.08
C VAL G 209 12.51 49.69 -20.75
N ASP G 210 13.11 50.76 -20.25
CA ASP G 210 12.59 51.46 -19.08
C ASP G 210 12.47 52.92 -19.44
N LYS G 211 11.27 53.48 -19.27
CA LYS G 211 11.09 54.90 -19.57
C LYS G 211 10.52 55.59 -18.36
N LYS G 212 11.25 56.58 -17.86
CA LYS G 212 10.78 57.29 -16.70
C LYS G 212 9.67 58.22 -17.15
N ILE G 213 8.98 58.85 -16.20
CA ILE G 213 7.99 59.84 -16.56
C ILE G 213 8.45 61.12 -15.90
N VAL G 214 8.28 62.23 -16.60
CA VAL G 214 8.86 63.49 -16.16
C VAL G 214 7.86 64.58 -16.56
N PRO G 215 7.64 65.56 -15.67
CA PRO G 215 6.72 66.66 -15.98
C PRO G 215 7.11 67.42 -17.25
N ARG G 216 6.26 68.38 -17.62
CA ARG G 216 6.28 69.08 -18.92
C ARG G 216 6.11 68.09 -20.07
N GLN H 1 -2.97 -12.44 14.03
CA GLN H 1 -1.86 -12.84 13.15
C GLN H 1 -0.92 -13.91 13.75
N VAL H 2 -0.89 -14.00 15.07
CA VAL H 2 -0.02 -14.89 15.83
C VAL H 2 -0.66 -16.22 16.27
N GLN H 3 0.13 -17.30 16.29
CA GLN H 3 -0.35 -18.59 16.80
C GLN H 3 0.69 -19.24 17.73
N LEU H 4 0.27 -19.58 18.94
CA LEU H 4 1.09 -20.33 19.87
C LEU H 4 0.62 -21.78 20.02
N GLN H 5 1.50 -22.72 19.73
CA GLN H 5 1.17 -24.15 19.85
C GLN H 5 1.91 -24.79 21.01
N GLN H 6 1.17 -25.38 21.93
CA GLN H 6 1.79 -25.98 23.11
C GLN H 6 1.92 -27.49 22.99
N SER H 7 2.79 -28.07 23.80
CA SER H 7 2.97 -29.52 23.82
C SER H 7 1.76 -30.22 24.45
N GLY H 8 1.70 -31.53 24.26
CA GLY H 8 0.56 -32.32 24.68
C GLY H 8 0.39 -32.50 26.19
N ALA H 9 -0.69 -33.20 26.54
CA ALA H 9 -1.01 -33.49 27.95
C ALA H 9 0.10 -34.27 28.62
N GLU H 10 0.32 -33.97 29.90
CA GLU H 10 1.39 -34.60 30.66
C GLU H 10 0.82 -35.30 31.89
N LEU H 11 1.32 -36.49 32.18
CA LEU H 11 0.97 -37.21 33.41
C LEU H 11 2.24 -37.60 34.16
N MET H 12 2.48 -36.99 35.34
CA MET H 12 3.75 -37.19 36.06
C MET H 12 3.63 -37.70 37.49
N LYS H 13 4.60 -38.49 37.91
CA LYS H 13 4.68 -38.91 39.30
C LYS H 13 5.25 -37.75 40.13
N PRO H 14 4.88 -37.68 41.42
CA PRO H 14 5.37 -36.61 42.30
C PRO H 14 6.90 -36.60 42.42
N GLY H 15 7.49 -35.41 42.45
CA GLY H 15 8.92 -35.27 42.58
C GLY H 15 9.64 -35.12 41.25
N ALA H 16 8.95 -35.40 40.16
CA ALA H 16 9.57 -35.31 38.85
C ALA H 16 9.59 -33.87 38.35
N SER H 17 10.14 -33.69 37.15
CA SER H 17 10.16 -32.39 36.49
C SER H 17 9.54 -32.54 35.12
N VAL H 18 8.73 -31.55 34.75
CA VAL H 18 8.13 -31.57 33.43
C VAL H 18 8.59 -30.32 32.69
N LYS H 19 8.69 -30.43 31.38
CA LYS H 19 9.06 -29.29 30.56
C LYS H 19 7.97 -29.08 29.52
N ILE H 20 7.31 -27.94 29.58
CA ILE H 20 6.23 -27.65 28.65
C ILE H 20 6.71 -26.74 27.53
N SER H 21 6.36 -27.08 26.28
CA SER H 21 6.79 -26.34 25.10
C SER H 21 5.71 -25.36 24.60
N CYS H 22 6.14 -24.22 24.11
CA CYS H 22 5.25 -23.25 23.48
C CYS H 22 5.88 -22.71 22.20
N THR H 23 5.43 -23.20 21.05
CA THR H 23 6.02 -22.83 19.76
C THR H 23 5.28 -21.67 19.07
N ALA H 24 6.01 -20.57 18.86
CA ALA H 24 5.41 -19.35 18.31
C ALA H 24 5.67 -19.20 16.83
N THR H 25 4.62 -18.92 16.07
CA THR H 25 4.79 -18.65 14.66
C THR H 25 4.05 -17.36 14.32
N GLY H 26 4.51 -16.66 13.28
CA GLY H 26 3.82 -15.47 12.82
C GLY H 26 4.44 -14.14 13.20
N TYR H 27 5.56 -14.18 13.92
CA TYR H 27 6.27 -12.93 14.26
C TYR H 27 7.73 -13.23 14.61
N THR H 28 8.52 -12.17 14.76
CA THR H 28 9.91 -12.33 15.15
C THR H 28 9.98 -12.70 16.62
N PHE H 29 10.34 -13.95 16.87
CA PHE H 29 10.26 -14.58 18.18
C PHE H 29 10.96 -13.82 19.30
N ILE H 30 12.15 -13.30 19.03
CA ILE H 30 12.97 -12.69 20.08
C ILE H 30 12.57 -11.25 20.37
N THR H 31 11.43 -10.84 19.81
CA THR H 31 10.99 -9.45 19.90
C THR H 31 9.89 -9.27 20.95
N TYR H 32 9.20 -10.35 21.30
CA TYR H 32 8.09 -10.25 22.25
C TYR H 32 8.28 -11.12 23.49
N TRP H 33 7.71 -10.66 24.60
CA TRP H 33 7.73 -11.44 25.83
C TRP H 33 6.68 -12.53 25.79
N ILE H 34 6.98 -13.66 26.44
CA ILE H 34 6.00 -14.74 26.63
C ILE H 34 5.58 -14.76 28.09
N GLN H 35 4.28 -14.83 28.32
CA GLN H 35 3.75 -14.94 29.67
C GLN H 35 3.33 -16.37 29.95
N TRP H 36 3.52 -16.84 31.17
CA TRP H 36 3.06 -18.19 31.54
C TRP H 36 2.01 -18.13 32.65
N VAL H 37 0.87 -18.79 32.43
CA VAL H 37 -0.26 -18.73 33.36
C VAL H 37 -0.75 -20.11 33.80
N LYS H 38 -1.10 -20.22 35.08
CA LYS H 38 -1.59 -21.48 35.64
C LYS H 38 -3.09 -21.40 35.95
N GLN H 39 -3.83 -22.44 35.62
CA GLN H 39 -5.27 -22.47 35.90
C GLN H 39 -5.73 -23.76 36.60
N ARG H 40 -6.04 -23.65 37.89
CA ARG H 40 -6.63 -24.74 38.68
C ARG H 40 -8.15 -24.57 38.81
N PRO H 41 -8.88 -25.70 38.78
CA PRO H 41 -10.35 -25.73 38.83
C PRO H 41 -11.02 -24.76 39.80
N GLY H 42 -10.49 -24.64 41.02
CA GLY H 42 -11.11 -23.77 42.00
C GLY H 42 -10.31 -22.52 42.33
N HIS H 43 -9.26 -22.25 41.54
CA HIS H 43 -8.34 -21.16 41.86
C HIS H 43 -8.15 -20.09 40.79
N GLY H 44 -9.06 -20.03 39.82
CA GLY H 44 -8.97 -19.02 38.78
C GLY H 44 -7.65 -19.02 38.04
N LEU H 45 -7.19 -17.84 37.65
CA LEU H 45 -5.97 -17.70 36.87
C LEU H 45 -4.81 -17.19 37.72
N GLU H 46 -3.62 -17.73 37.49
CA GLU H 46 -2.47 -17.32 38.28
C GLU H 46 -1.28 -17.09 37.37
N TRP H 47 -0.62 -15.95 37.54
CA TRP H 47 0.48 -15.58 36.66
C TRP H 47 1.80 -16.10 37.21
N ILE H 48 2.48 -16.92 36.41
CA ILE H 48 3.73 -17.53 36.83
C ILE H 48 4.90 -16.58 36.60
N GLY H 49 4.95 -16.00 35.41
CA GLY H 49 6.00 -15.06 35.08
C GLY H 49 6.05 -14.77 33.60
N GLU H 50 7.11 -14.10 33.17
CA GLU H 50 7.31 -13.78 31.77
C GLU H 50 8.80 -13.87 31.43
N THR H 51 9.10 -14.08 30.16
CA THR H 51 10.49 -14.10 29.72
C THR H 51 10.62 -13.55 28.30
N LEU H 52 11.78 -12.96 28.02
CA LEU H 52 12.08 -12.51 26.67
C LEU H 52 13.14 -13.42 26.06
N PRO H 53 12.69 -14.34 25.17
CA PRO H 53 13.47 -15.43 24.58
C PRO H 53 14.76 -14.99 23.90
N GLY H 54 15.85 -15.70 24.20
CA GLY H 54 17.14 -15.43 23.59
C GLY H 54 17.94 -14.41 24.38
N SER H 55 17.27 -13.75 25.30
CA SER H 55 17.93 -12.82 26.19
C SER H 55 17.86 -13.42 27.59
N GLY H 56 18.58 -12.82 28.53
CA GLY H 56 18.57 -13.35 29.87
C GLY H 56 17.37 -12.90 30.67
N SER H 57 16.59 -11.97 30.12
CA SER H 57 15.51 -11.32 30.86
C SER H 57 14.33 -12.21 31.23
N THR H 58 14.09 -12.30 32.53
CA THR H 58 12.97 -13.05 33.11
C THR H 58 12.42 -12.30 34.32
N ASN H 59 11.10 -12.37 34.50
CA ASN H 59 10.47 -11.85 35.70
C ASN H 59 9.60 -12.94 36.31
N TYR H 60 9.96 -13.41 37.50
CA TYR H 60 9.14 -14.44 38.13
C TYR H 60 8.21 -13.83 39.16
N ASN H 61 7.02 -14.39 39.27
CA ASN H 61 6.19 -14.20 40.44
C ASN H 61 6.97 -14.84 41.57
N GLU H 62 7.12 -14.12 42.70
CA GLU H 62 7.92 -14.62 43.82
C GLU H 62 7.51 -16.02 44.24
N LYS H 63 6.20 -16.31 44.16
CA LYS H 63 5.69 -17.61 44.58
C LYS H 63 6.28 -18.76 43.74
N PHE H 64 6.75 -18.46 42.54
CA PHE H 64 7.23 -19.48 41.63
C PHE H 64 8.73 -19.45 41.43
N LYS H 65 9.40 -18.50 42.06
CA LYS H 65 10.84 -18.41 41.92
C LYS H 65 11.45 -19.62 42.60
N GLY H 66 11.98 -20.55 41.80
CA GLY H 66 12.59 -21.75 42.34
C GLY H 66 11.80 -22.96 41.87
N LYS H 67 10.59 -22.71 41.41
CA LYS H 67 9.72 -23.77 40.93
C LYS H 67 9.71 -23.83 39.41
N ALA H 68 9.59 -22.66 38.79
CA ALA H 68 9.47 -22.57 37.34
C ALA H 68 10.76 -22.02 36.75
N THR H 69 11.21 -22.63 35.66
CA THR H 69 12.37 -22.12 34.95
C THR H 69 12.03 -21.90 33.49
N PHE H 70 12.37 -20.71 33.00
CA PHE H 70 12.12 -20.35 31.62
C PHE H 70 13.39 -20.48 30.79
N THR H 71 13.28 -21.18 29.66
CA THR H 71 14.38 -21.26 28.70
C THR H 71 13.81 -21.13 27.30
N ALA H 72 14.68 -21.02 26.32
CA ALA H 72 14.22 -20.81 24.95
C ALA H 72 15.15 -21.45 23.95
N ASP H 73 14.57 -21.92 22.85
CA ASP H 73 15.33 -22.31 21.67
C ASP H 73 14.89 -21.39 20.54
N THR H 74 15.69 -20.37 20.27
CA THR H 74 15.30 -19.36 19.31
C THR H 74 15.33 -19.87 17.86
N SER H 75 16.25 -20.79 17.56
CA SER H 75 16.32 -21.43 16.24
C SER H 75 14.98 -22.03 15.87
N SER H 76 14.27 -22.55 16.87
CA SER H 76 13.07 -23.31 16.64
C SER H 76 11.79 -22.56 17.01
N ASN H 77 11.96 -21.30 17.41
CA ASN H 77 10.85 -20.45 17.84
C ASN H 77 10.05 -21.05 18.99
N THR H 78 10.72 -21.73 19.92
CA THR H 78 10.01 -22.40 20.99
C THR H 78 10.43 -21.89 22.34
N ALA H 79 9.47 -21.60 23.20
CA ALA H 79 9.74 -21.23 24.59
C ALA H 79 9.36 -22.38 25.51
N TYR H 80 10.20 -22.66 26.50
CA TYR H 80 9.94 -23.76 27.42
C TYR H 80 9.77 -23.28 28.86
N MET H 81 8.86 -23.93 29.58
CA MET H 81 8.77 -23.75 31.03
C MET H 81 8.97 -25.07 31.72
N GLN H 82 9.91 -25.11 32.67
CA GLN H 82 10.15 -26.32 33.43
C GLN H 82 9.64 -26.16 34.84
N LEU H 83 8.90 -27.15 35.33
CA LEU H 83 8.45 -27.15 36.72
C LEU H 83 9.14 -28.27 37.49
N SER H 84 9.79 -27.93 38.62
CA SER H 84 10.54 -28.92 39.38
C SER H 84 9.80 -29.45 40.60
N SER H 85 10.20 -30.62 41.09
CA SER H 85 9.64 -31.18 42.31
C SER H 85 8.12 -31.14 42.32
N LEU H 86 7.49 -31.88 41.40
CA LEU H 86 6.06 -31.78 41.21
C LEU H 86 5.26 -32.37 42.37
N THR H 87 4.25 -31.65 42.81
CA THR H 87 3.30 -32.14 43.80
C THR H 87 1.89 -32.06 43.21
N SER H 88 0.89 -32.49 43.96
CA SER H 88 -0.47 -32.50 43.43
C SER H 88 -1.04 -31.09 43.18
N GLU H 89 -0.53 -30.06 43.86
CA GLU H 89 -1.05 -28.71 43.61
C GLU H 89 -0.49 -28.11 42.34
N ASP H 90 0.30 -28.87 41.60
CA ASP H 90 0.82 -28.41 40.33
C ASP H 90 -0.11 -28.92 39.24
N SER H 91 -1.04 -29.79 39.63
CA SER H 91 -2.05 -30.28 38.70
C SER H 91 -2.95 -29.13 38.30
N ALA H 92 -2.82 -28.72 37.04
CA ALA H 92 -3.57 -27.59 36.51
C ALA H 92 -3.45 -27.54 34.99
N ILE H 93 -4.15 -26.57 34.39
CA ILE H 93 -3.95 -26.28 32.98
C ILE H 93 -2.95 -25.13 32.87
N TYR H 94 -1.89 -25.33 32.09
CA TYR H 94 -0.87 -24.29 31.95
C TYR H 94 -0.86 -23.62 30.58
N TYR H 95 -0.91 -22.29 30.59
CA TYR H 95 -0.92 -21.52 29.33
C TYR H 95 0.35 -20.74 29.10
N CYS H 96 0.73 -20.63 27.83
CA CYS H 96 1.66 -19.59 27.41
C CYS H 96 0.85 -18.55 26.67
N ALA H 97 1.19 -17.29 26.86
CA ALA H 97 0.42 -16.25 26.25
C ALA H 97 1.30 -15.09 25.89
N ARG H 98 1.06 -14.54 24.71
CA ARG H 98 1.67 -13.28 24.34
C ARG H 98 0.62 -12.23 24.66
N ILE H 99 0.77 -11.56 25.81
CA ILE H 99 -0.25 -10.62 26.29
C ILE H 99 0.06 -9.18 25.91
N GLY H 100 -0.79 -8.60 25.07
CA GLY H 100 -0.56 -7.26 24.57
C GLY H 100 -1.41 -6.24 25.31
N ARG H 101 -1.63 -5.09 24.68
CA ARG H 101 -2.44 -4.05 25.29
C ARG H 101 -3.90 -4.24 24.97
N SER H 102 -4.20 -4.39 23.68
CA SER H 102 -5.57 -4.43 23.20
C SER H 102 -6.06 -5.82 22.85
N ASN H 103 -5.14 -6.73 22.57
CA ASN H 103 -5.48 -8.13 22.32
C ASN H 103 -4.35 -9.05 22.77
N ASP H 104 -4.65 -10.33 22.94
CA ASP H 104 -3.64 -11.30 23.36
C ASP H 104 -3.60 -12.42 22.34
N TYR H 105 -2.62 -13.31 22.50
CA TYR H 105 -2.58 -14.57 21.78
C TYR H 105 -2.19 -15.65 22.78
N TRP H 106 -3.12 -16.57 23.07
CA TRP H 106 -2.89 -17.63 24.05
C TRP H 106 -2.70 -19.00 23.40
N GLY H 107 -1.83 -19.82 23.99
CA GLY H 107 -1.69 -21.20 23.55
C GLY H 107 -2.96 -21.96 23.87
N GLN H 108 -3.10 -23.17 23.34
CA GLN H 108 -4.34 -23.91 23.55
C GLN H 108 -4.40 -24.45 24.98
N GLY H 109 -3.26 -24.45 25.65
CA GLY H 109 -3.21 -24.95 27.01
C GLY H 109 -2.61 -26.34 27.08
N THR H 110 -1.88 -26.61 28.16
CA THR H 110 -1.35 -27.93 28.44
C THR H 110 -1.82 -28.45 29.79
N THR H 111 -2.51 -29.59 29.78
CA THR H 111 -3.02 -30.18 31.00
C THR H 111 -1.98 -31.06 31.68
N LEU H 112 -1.68 -30.74 32.93
CA LEU H 112 -0.75 -31.51 33.73
C LEU H 112 -1.46 -32.19 34.89
N THR H 113 -1.21 -33.48 35.08
CA THR H 113 -1.74 -34.20 36.23
C THR H 113 -0.60 -34.85 37.02
N VAL H 114 -0.53 -34.52 38.30
CA VAL H 114 0.47 -35.12 39.19
C VAL H 114 -0.21 -36.10 40.14
N SER H 115 0.20 -37.37 40.10
CA SER H 115 -0.41 -38.40 40.94
C SER H 115 0.48 -39.64 41.11
N SER H 116 0.34 -40.31 42.26
CA SER H 116 1.06 -41.56 42.52
C SER H 116 0.25 -42.79 42.14
N ALA H 117 -0.99 -42.57 41.72
CA ALA H 117 -1.93 -43.63 41.38
C ALA H 117 -1.52 -44.35 40.10
N LYS H 118 -1.79 -45.66 40.03
CA LYS H 118 -1.46 -46.39 38.82
C LYS H 118 -2.49 -46.11 37.73
N THR H 119 -1.99 -45.95 36.51
CA THR H 119 -2.81 -45.74 35.32
C THR H 119 -3.67 -46.95 35.00
N THR H 120 -4.97 -46.73 34.87
CA THR H 120 -5.92 -47.82 34.70
C THR H 120 -6.82 -47.56 33.50
N PRO H 121 -6.95 -48.55 32.61
CA PRO H 121 -7.87 -48.43 31.48
C PRO H 121 -9.32 -48.53 31.94
N PRO H 122 -10.24 -47.87 31.24
CA PRO H 122 -11.64 -47.88 31.68
C PRO H 122 -12.38 -49.16 31.32
N SER H 123 -13.28 -49.57 32.21
CA SER H 123 -14.26 -50.60 31.89
C SER H 123 -15.50 -49.90 31.38
N VAL H 124 -15.97 -50.29 30.19
CA VAL H 124 -17.12 -49.62 29.59
C VAL H 124 -18.36 -50.50 29.59
N TYR H 125 -19.41 -50.04 30.27
CA TYR H 125 -20.65 -50.81 30.40
C TYR H 125 -21.81 -50.10 29.70
N PRO H 126 -22.61 -50.85 28.93
CA PRO H 126 -23.76 -50.30 28.21
C PRO H 126 -24.96 -50.02 29.12
N LEU H 127 -25.72 -48.97 28.81
CA LEU H 127 -26.91 -48.64 29.57
C LEU H 127 -28.14 -48.70 28.67
N ALA H 128 -28.91 -49.77 28.78
CA ALA H 128 -30.09 -49.98 27.95
C ALA H 128 -31.35 -50.11 28.80
N PRO H 129 -32.50 -49.63 28.27
CA PRO H 129 -33.76 -49.72 28.99
C PRO H 129 -34.18 -51.15 29.29
N GLY H 130 -34.85 -51.36 30.43
CA GLY H 130 -35.36 -52.66 30.81
C GLY H 130 -36.54 -53.09 29.95
N SER H 137 -41.77 -40.96 22.56
CA SER H 137 -41.28 -41.52 21.31
C SER H 137 -39.80 -41.16 21.12
N MET H 138 -39.14 -40.90 22.23
CA MET H 138 -37.71 -40.68 22.26
C MET H 138 -37.13 -41.72 23.23
N VAL H 139 -35.92 -42.21 22.97
CA VAL H 139 -35.32 -43.17 23.88
C VAL H 139 -33.95 -42.69 24.30
N THR H 140 -33.67 -42.83 25.59
CA THR H 140 -32.40 -42.39 26.12
C THR H 140 -31.52 -43.60 26.35
N LEU H 141 -30.34 -43.60 25.74
CA LEU H 141 -29.37 -44.67 25.95
C LEU H 141 -28.16 -44.14 26.71
N GLY H 142 -27.25 -45.03 27.09
CA GLY H 142 -26.13 -44.62 27.91
C GLY H 142 -24.90 -45.50 27.85
N CYS H 143 -23.82 -44.98 28.42
CA CYS H 143 -22.55 -45.69 28.55
C CYS H 143 -21.96 -45.40 29.92
N LEU H 144 -21.58 -46.45 30.65
CA LEU H 144 -21.02 -46.27 31.98
C LEU H 144 -19.53 -46.57 31.95
N VAL H 145 -18.73 -45.52 32.09
CA VAL H 145 -17.28 -45.64 32.03
C VAL H 145 -16.73 -45.63 33.45
N LYS H 146 -16.33 -46.79 33.94
CA LYS H 146 -16.05 -46.92 35.36
C LYS H 146 -14.63 -47.39 35.68
N GLY H 147 -14.07 -46.81 36.74
CA GLY H 147 -12.81 -47.27 37.30
C GLY H 147 -11.58 -47.04 36.45
N TYR H 148 -11.37 -45.79 36.02
CA TYR H 148 -10.18 -45.47 35.24
C TYR H 148 -9.35 -44.37 35.89
N PHE H 149 -8.13 -44.20 35.40
CA PHE H 149 -7.24 -43.16 35.87
C PHE H 149 -6.10 -43.00 34.87
N PRO H 150 -5.73 -41.75 34.57
CA PRO H 150 -6.32 -40.49 35.02
C PRO H 150 -7.28 -39.89 34.02
N GLU H 151 -7.70 -38.66 34.28
CA GLU H 151 -8.49 -37.92 33.32
C GLU H 151 -7.57 -37.48 32.18
N PRO H 152 -8.10 -37.28 30.97
CA PRO H 152 -9.50 -37.40 30.58
C PRO H 152 -9.80 -38.69 29.84
N VAL H 153 -11.08 -38.92 29.59
CA VAL H 153 -11.48 -39.90 28.58
C VAL H 153 -12.25 -39.15 27.51
N THR H 154 -12.21 -39.65 26.28
CA THR H 154 -12.97 -39.02 25.21
C THR H 154 -14.13 -39.94 24.82
N VAL H 155 -15.35 -39.44 24.99
CA VAL H 155 -16.54 -40.23 24.68
C VAL H 155 -17.33 -39.62 23.54
N THR H 156 -17.52 -40.39 22.49
CA THR H 156 -18.33 -39.96 21.37
C THR H 156 -19.33 -41.04 21.02
N TRP H 157 -20.35 -40.70 20.23
CA TRP H 157 -21.35 -41.67 19.86
C TRP H 157 -21.39 -41.85 18.36
N ASN H 158 -21.31 -43.11 17.92
CA ASN H 158 -21.22 -43.47 16.51
C ASN H 158 -20.15 -42.68 15.76
N SER H 159 -18.96 -42.58 16.34
CA SER H 159 -17.81 -41.95 15.70
C SER H 159 -18.00 -40.42 15.55
N GLY H 160 -18.91 -39.86 16.34
CA GLY H 160 -19.21 -38.43 16.28
C GLY H 160 -20.46 -38.08 15.49
N SER H 161 -21.10 -39.08 14.91
CA SER H 161 -22.32 -38.87 14.13
C SER H 161 -23.44 -38.29 14.99
N LEU H 162 -23.61 -38.83 16.19
CA LEU H 162 -24.59 -38.31 17.12
C LEU H 162 -23.93 -37.32 18.05
N SER H 163 -24.34 -36.07 17.94
CA SER H 163 -23.74 -34.97 18.68
C SER H 163 -24.81 -34.31 19.51
N SER H 164 -26.01 -34.24 18.93
CA SER H 164 -27.14 -33.61 19.58
C SER H 164 -27.98 -34.62 20.35
N GLY H 165 -28.52 -34.16 21.46
CA GLY H 165 -29.02 -35.01 22.51
C GLY H 165 -27.91 -35.92 23.00
N VAL H 166 -26.87 -35.30 23.58
CA VAL H 166 -25.75 -36.02 24.14
C VAL H 166 -25.28 -35.31 25.40
N HIS H 167 -25.28 -36.02 26.52
CA HIS H 167 -24.76 -35.48 27.76
C HIS H 167 -23.62 -36.32 28.27
N THR H 168 -22.45 -35.73 28.42
CA THR H 168 -21.36 -36.43 29.07
C THR H 168 -21.08 -35.71 30.38
N PHE H 169 -21.27 -36.43 31.48
CA PHE H 169 -21.20 -35.82 32.79
C PHE H 169 -19.79 -35.77 33.32
N PRO H 170 -19.47 -34.75 34.12
CA PRO H 170 -18.18 -34.71 34.80
C PRO H 170 -17.95 -35.97 35.63
N ALA H 171 -16.74 -36.51 35.60
CA ALA H 171 -16.41 -37.72 36.36
C ALA H 171 -16.33 -37.43 37.85
N VAL H 172 -16.46 -38.48 38.63
CA VAL H 172 -16.40 -38.37 40.07
C VAL H 172 -15.26 -39.24 40.60
N LEU H 173 -14.49 -38.70 41.54
CA LEU H 173 -13.35 -39.43 42.07
C LEU H 173 -13.72 -40.26 43.30
N GLN H 174 -13.63 -41.58 43.14
CA GLN H 174 -13.88 -42.54 44.21
C GLN H 174 -12.73 -43.56 44.29
N SER H 175 -11.89 -43.39 45.30
CA SER H 175 -10.82 -44.36 45.57
C SER H 175 -9.78 -44.46 44.44
N ASP H 176 -9.09 -43.34 44.17
CA ASP H 176 -8.07 -43.28 43.13
C ASP H 176 -8.58 -43.70 41.75
N LEU H 177 -9.90 -43.68 41.56
CA LEU H 177 -10.46 -44.05 40.27
C LEU H 177 -11.67 -43.19 39.90
N TYR H 178 -11.71 -42.77 38.65
CA TYR H 178 -12.79 -41.92 38.15
C TYR H 178 -13.90 -42.80 37.61
N THR H 179 -15.14 -42.31 37.73
CA THR H 179 -16.28 -42.98 37.12
C THR H 179 -17.10 -41.94 36.37
N LEU H 180 -17.50 -42.30 35.16
CA LEU H 180 -18.18 -41.38 34.28
C LEU H 180 -19.32 -42.06 33.54
N SER H 181 -20.32 -41.27 33.16
CA SER H 181 -21.43 -41.78 32.37
C SER H 181 -21.78 -40.79 31.25
N SER H 182 -22.32 -41.29 30.15
CA SER H 182 -22.74 -40.41 29.06
C SER H 182 -24.10 -40.86 28.53
N SER H 183 -25.00 -39.91 28.29
CA SER H 183 -26.31 -40.25 27.75
C SER H 183 -26.46 -39.73 26.34
N VAL H 184 -27.18 -40.50 25.53
CA VAL H 184 -27.50 -40.11 24.17
C VAL H 184 -28.97 -40.39 23.91
N THR H 185 -29.65 -39.47 23.23
CA THR H 185 -31.06 -39.61 22.93
C THR H 185 -31.36 -39.64 21.44
N VAL H 186 -32.03 -40.71 21.01
CA VAL H 186 -32.43 -40.89 19.61
C VAL H 186 -33.91 -41.26 19.60
N PRO H 187 -34.58 -41.09 18.44
CA PRO H 187 -36.00 -41.49 18.34
C PRO H 187 -36.23 -43.00 18.52
N SER H 188 -37.30 -43.35 19.24
CA SER H 188 -37.66 -44.74 19.50
C SER H 188 -38.03 -45.49 18.25
N SER H 189 -38.65 -44.79 17.31
CA SER H 189 -39.16 -45.42 16.10
C SER H 189 -38.00 -45.99 15.35
N THR H 190 -36.83 -45.43 15.62
CA THR H 190 -35.66 -45.84 14.92
C THR H 190 -35.03 -47.02 15.70
N TRP H 191 -34.60 -46.85 16.95
CA TRP H 191 -33.89 -47.91 17.72
C TRP H 191 -34.76 -49.11 18.11
N PRO H 192 -34.20 -50.32 18.01
CA PRO H 192 -32.80 -50.62 17.65
C PRO H 192 -32.51 -50.94 16.19
N SER H 193 -33.28 -50.45 15.21
CA SER H 193 -32.90 -50.73 13.83
C SER H 193 -31.56 -50.09 13.39
N GLU H 194 -31.12 -49.06 14.12
CA GLU H 194 -29.74 -48.52 14.02
C GLU H 194 -28.85 -49.23 15.04
N THR H 195 -27.58 -49.34 14.71
CA THR H 195 -26.61 -49.64 15.71
C THR H 195 -26.21 -48.29 16.35
N VAL H 196 -26.23 -48.22 17.68
CA VAL H 196 -25.76 -47.06 18.43
C VAL H 196 -24.58 -47.55 19.25
N THR H 197 -23.43 -46.93 19.06
CA THR H 197 -22.20 -47.42 19.66
C THR H 197 -21.50 -46.35 20.50
N CYS H 198 -21.09 -46.77 21.69
CA CYS H 198 -20.31 -45.93 22.59
C CYS H 198 -18.85 -45.98 22.18
N ASN H 199 -18.25 -44.81 21.96
CA ASN H 199 -16.83 -44.75 21.61
C ASN H 199 -16.03 -44.14 22.74
N VAL H 200 -15.28 -44.99 23.43
CA VAL H 200 -14.51 -44.50 24.56
C VAL H 200 -13.01 -44.58 24.29
N ALA H 201 -12.34 -43.47 24.48
CA ALA H 201 -10.90 -43.41 24.29
C ALA H 201 -10.22 -42.95 25.56
N HIS H 202 -9.13 -43.62 25.93
CA HIS H 202 -8.35 -43.22 27.10
C HIS H 202 -6.86 -43.06 26.74
N PRO H 203 -6.44 -41.81 26.48
CA PRO H 203 -5.10 -41.43 26.01
C PRO H 203 -3.97 -42.00 26.86
N ALA H 204 -4.13 -41.99 28.18
CA ALA H 204 -3.09 -42.49 29.08
C ALA H 204 -2.79 -43.97 28.83
N SER H 205 -3.82 -44.75 28.56
CA SER H 205 -3.65 -46.18 28.35
C SER H 205 -3.43 -46.52 26.87
N SER H 206 -3.54 -45.50 26.03
CA SER H 206 -3.49 -45.68 24.58
C SER H 206 -4.52 -46.70 24.13
N THR H 207 -5.69 -46.66 24.79
CA THR H 207 -6.74 -47.62 24.53
C THR H 207 -8.03 -46.97 24.07
N LYS H 208 -8.63 -47.52 23.03
CA LYS H 208 -9.95 -47.12 22.61
C LYS H 208 -10.79 -48.36 22.37
N VAL H 209 -11.97 -48.39 23.00
CA VAL H 209 -12.85 -49.54 22.92
C VAL H 209 -14.23 -49.06 22.47
N ASP H 210 -14.96 -49.97 21.85
CA ASP H 210 -16.31 -49.67 21.37
C ASP H 210 -17.32 -50.68 21.91
N LYS H 211 -18.40 -50.17 22.49
CA LYS H 211 -19.47 -51.05 22.95
C LYS H 211 -20.77 -50.59 22.29
N LYS H 212 -21.40 -51.49 21.55
CA LYS H 212 -22.66 -51.15 20.91
C LYS H 212 -23.73 -51.22 22.01
N ILE H 213 -24.95 -50.82 21.70
CA ILE H 213 -26.00 -50.92 22.71
C ILE H 213 -27.08 -51.84 22.20
N VAL H 214 -27.62 -52.66 23.08
CA VAL H 214 -28.53 -53.75 22.69
C VAL H 214 -29.59 -53.94 23.77
N PRO H 215 -30.86 -54.09 23.34
CA PRO H 215 -32.05 -54.33 24.17
C PRO H 215 -31.97 -55.60 25.02
N ARG H 216 -33.00 -55.82 25.83
CA ARG H 216 -33.02 -56.90 26.81
C ARG H 216 -34.16 -57.86 26.56
N GLY I 1 -21.91 19.64 -43.59
CA GLY I 1 -22.91 19.52 -42.55
C GLY I 1 -22.36 19.46 -41.14
N GLN I 2 -23.16 19.93 -40.19
CA GLN I 2 -22.80 19.94 -38.78
C GLN I 2 -24.01 20.35 -37.95
N ILE I 3 -23.98 20.03 -36.66
CA ILE I 3 -25.04 20.46 -35.77
C ILE I 3 -24.69 21.86 -35.26
N VAL I 4 -25.51 22.83 -35.64
CA VAL I 4 -25.29 24.21 -35.25
C VAL I 4 -25.94 24.51 -33.90
N LEU I 5 -25.14 24.99 -32.96
CA LEU I 5 -25.65 25.37 -31.64
C LEU I 5 -25.80 26.88 -31.55
N THR I 6 -27.02 27.32 -31.29
CA THR I 6 -27.35 28.74 -31.22
C THR I 6 -27.63 29.16 -29.77
N GLN I 7 -26.75 29.98 -29.21
CA GLN I 7 -26.92 30.43 -27.83
C GLN I 7 -27.62 31.78 -27.74
N SER I 8 -28.31 31.98 -26.63
CA SER I 8 -29.06 33.21 -26.37
C SER I 8 -29.16 33.48 -24.87
N PRO I 9 -28.92 34.75 -24.47
CA PRO I 9 -28.53 35.85 -25.34
C PRO I 9 -27.02 35.85 -25.60
N THR I 10 -26.57 36.64 -26.57
CA THR I 10 -25.14 36.70 -26.89
C THR I 10 -24.37 37.43 -25.79
N ILE I 11 -24.99 38.44 -25.22
CA ILE I 11 -24.41 39.20 -24.12
C ILE I 11 -25.51 39.55 -23.15
N MET I 12 -25.21 39.46 -21.86
CA MET I 12 -26.18 39.83 -20.85
C MET I 12 -25.47 40.21 -19.57
N SER I 13 -26.18 40.90 -18.69
CA SER I 13 -25.62 41.31 -17.42
C SER I 13 -26.62 41.09 -16.30
N ALA I 14 -26.13 40.85 -15.09
CA ALA I 14 -27.01 40.65 -13.94
C ALA I 14 -26.34 41.16 -12.67
N SER I 15 -27.15 41.69 -11.77
CA SER I 15 -26.63 42.19 -10.50
C SER I 15 -26.49 41.02 -9.53
N PRO I 16 -25.52 41.11 -8.59
CA PRO I 16 -25.28 40.04 -7.61
C PRO I 16 -26.51 39.65 -6.80
N GLY I 17 -26.90 38.38 -6.89
CA GLY I 17 -28.06 37.89 -6.17
C GLY I 17 -29.19 37.54 -7.10
N GLU I 18 -29.08 38.00 -8.35
CA GLU I 18 -30.10 37.75 -9.37
C GLU I 18 -30.06 36.33 -9.94
N LYS I 19 -31.17 35.93 -10.53
CA LYS I 19 -31.27 34.65 -11.22
C LYS I 19 -30.90 34.80 -12.69
N VAL I 20 -29.99 33.97 -13.16
CA VAL I 20 -29.51 34.06 -14.54
C VAL I 20 -29.91 32.82 -15.34
N THR I 21 -30.47 33.01 -16.53
CA THR I 21 -30.81 31.89 -17.40
C THR I 21 -30.40 32.13 -18.85
N MET I 22 -29.61 31.21 -19.40
CA MET I 22 -29.18 31.27 -20.80
C MET I 22 -29.54 29.97 -21.53
N THR I 23 -29.85 30.07 -22.82
CA THR I 23 -30.33 28.92 -23.58
C THR I 23 -29.46 28.52 -24.78
N CYS I 24 -29.59 27.25 -25.17
CA CYS I 24 -28.87 26.69 -26.32
C CYS I 24 -29.79 25.86 -27.22
N SER I 25 -29.80 26.15 -28.52
CA SER I 25 -30.65 25.40 -29.48
C SER I 25 -29.84 24.68 -30.56
N ALA I 26 -30.22 23.44 -30.87
CA ALA I 26 -29.49 22.64 -31.85
C ALA I 26 -30.30 22.41 -33.13
N SER I 27 -29.61 22.37 -34.28
CA SER I 27 -30.30 22.15 -35.55
C SER I 27 -30.95 20.76 -35.60
N SER I 28 -30.39 19.82 -34.84
CA SER I 28 -30.93 18.47 -34.75
C SER I 28 -31.00 18.03 -33.30
N SER I 29 -31.71 16.93 -33.05
CA SER I 29 -31.82 16.39 -31.71
C SER I 29 -30.44 15.88 -31.27
N VAL I 30 -30.13 16.06 -29.99
CA VAL I 30 -28.90 15.53 -29.39
C VAL I 30 -29.24 14.77 -28.11
N ASP I 31 -28.32 13.93 -27.64
CA ASP I 31 -28.60 13.10 -26.48
C ASP I 31 -28.18 13.75 -25.16
N TYR I 32 -27.12 14.55 -25.22
CA TYR I 32 -26.65 15.30 -24.06
C TYR I 32 -26.14 16.67 -24.46
N MET I 33 -26.26 17.65 -23.57
CA MET I 33 -25.62 18.93 -23.80
C MET I 33 -24.60 19.19 -22.69
N HIS I 34 -23.44 19.73 -23.07
CA HIS I 34 -22.38 20.03 -22.10
C HIS I 34 -22.08 21.53 -22.14
N TRP I 35 -21.57 22.08 -21.04
CA TRP I 35 -21.29 23.51 -20.96
C TRP I 35 -19.87 23.80 -20.48
N TYR I 36 -19.25 24.80 -21.08
CA TYR I 36 -17.92 25.26 -20.69
C TYR I 36 -17.96 26.68 -20.15
N GLN I 37 -17.09 26.96 -19.18
CA GLN I 37 -16.89 28.32 -18.72
C GLN I 37 -15.52 28.77 -19.16
N GLN I 38 -15.38 30.03 -19.53
CA GLN I 38 -14.07 30.58 -19.81
C GLN I 38 -13.95 32.01 -19.33
N LYS I 39 -12.86 32.31 -18.64
CA LYS I 39 -12.59 33.68 -18.25
C LYS I 39 -11.43 34.16 -19.08
N SER I 40 -11.27 35.48 -19.15
CA SER I 40 -10.28 36.08 -20.03
C SER I 40 -8.85 35.63 -19.77
N GLY I 41 -8.17 35.21 -20.83
CA GLY I 41 -6.77 34.84 -20.74
C GLY I 41 -6.51 33.43 -20.27
N THR I 42 -7.59 32.73 -19.93
CA THR I 42 -7.47 31.37 -19.41
C THR I 42 -8.14 30.37 -20.34
N SER I 43 -7.74 29.11 -20.23
CA SER I 43 -8.32 28.04 -21.05
C SER I 43 -9.74 27.71 -20.62
N PRO I 44 -10.52 27.12 -21.54
CA PRO I 44 -11.89 26.70 -21.21
C PRO I 44 -11.91 25.63 -20.14
N LYS I 45 -12.89 25.72 -19.25
CA LYS I 45 -13.07 24.70 -18.23
C LYS I 45 -14.42 24.04 -18.45
N ARG I 46 -14.43 22.70 -18.44
CA ARG I 46 -15.65 21.93 -18.47
C ARG I 46 -16.49 22.23 -17.23
N TRP I 47 -17.70 22.74 -17.43
CA TRP I 47 -18.50 23.23 -16.33
C TRP I 47 -19.68 22.32 -16.00
N ILE I 48 -20.52 22.04 -17.00
CA ILE I 48 -21.64 21.14 -16.80
C ILE I 48 -21.62 20.03 -17.83
N TYR I 49 -21.85 18.79 -17.40
CA TYR I 49 -21.82 17.68 -18.34
C TYR I 49 -23.07 16.81 -18.24
N ASP I 50 -23.36 16.11 -19.33
CA ASP I 50 -24.56 15.29 -19.47
C ASP I 50 -25.80 16.07 -19.07
N THR I 51 -25.92 17.27 -19.62
CA THR I 51 -27.12 18.11 -19.49
C THR I 51 -27.29 18.74 -18.11
N TYR I 52 -27.16 17.95 -17.04
CA TYR I 52 -27.48 18.48 -15.71
C TYR I 52 -26.43 18.23 -14.63
N LYS I 53 -25.41 17.43 -14.92
CA LYS I 53 -24.43 17.09 -13.90
C LYS I 53 -23.34 18.14 -13.78
N LEU I 54 -23.01 18.50 -12.54
CA LEU I 54 -22.01 19.55 -12.31
C LEU I 54 -20.61 18.99 -12.25
N ALA I 55 -19.68 19.68 -12.91
CA ALA I 55 -18.29 19.25 -12.91
C ALA I 55 -17.61 19.61 -11.60
N SER I 56 -16.33 19.24 -11.47
CA SER I 56 -15.61 19.41 -10.22
C SER I 56 -15.31 20.88 -9.94
N GLY I 57 -15.69 21.34 -8.76
CA GLY I 57 -15.44 22.70 -8.35
C GLY I 57 -16.58 23.65 -8.67
N VAL I 58 -17.60 23.13 -9.35
CA VAL I 58 -18.75 23.95 -9.71
C VAL I 58 -19.72 24.11 -8.55
N PRO I 59 -20.02 25.37 -8.18
CA PRO I 59 -20.94 25.68 -7.07
C PRO I 59 -22.35 25.12 -7.32
N ALA I 60 -23.05 24.78 -6.24
CA ALA I 60 -24.36 24.16 -6.34
C ALA I 60 -25.44 25.09 -6.90
N ARG I 61 -25.15 26.39 -6.92
CA ARG I 61 -26.13 27.36 -7.42
C ARG I 61 -26.31 27.22 -8.93
N PHE I 62 -25.38 26.54 -9.58
CA PHE I 62 -25.50 26.25 -11.00
C PHE I 62 -26.40 25.06 -11.26
N SER I 63 -27.08 25.09 -12.40
CA SER I 63 -27.88 23.97 -12.86
C SER I 63 -28.08 24.04 -14.37
N GLY I 64 -28.45 22.90 -14.95
CA GLY I 64 -28.68 22.78 -16.37
C GLY I 64 -29.91 21.94 -16.65
N SER I 65 -30.52 22.14 -17.83
CA SER I 65 -31.71 21.37 -18.17
C SER I 65 -31.91 21.27 -19.68
N GLY I 66 -32.87 20.43 -20.06
CA GLY I 66 -33.23 20.28 -21.46
C GLY I 66 -33.31 18.88 -22.00
N SER I 67 -33.83 18.79 -23.23
CA SER I 67 -33.94 17.54 -23.97
C SER I 67 -34.21 17.87 -25.44
N GLY I 68 -33.99 16.90 -26.32
CA GLY I 68 -34.23 17.09 -27.74
C GLY I 68 -33.32 18.14 -28.35
N THR I 69 -33.87 19.34 -28.57
CA THR I 69 -33.13 20.41 -29.22
C THR I 69 -33.04 21.68 -28.38
N SER I 70 -33.56 21.63 -27.16
CA SER I 70 -33.62 22.81 -26.30
C SER I 70 -32.97 22.62 -24.95
N TYR I 71 -31.95 23.42 -24.66
CA TYR I 71 -31.22 23.28 -23.40
C TYR I 71 -30.99 24.63 -22.72
N SER I 72 -30.72 24.60 -21.43
CA SER I 72 -30.47 25.82 -20.66
C SER I 72 -29.49 25.62 -19.52
N LEU I 73 -28.81 26.70 -19.15
CA LEU I 73 -27.96 26.76 -17.97
C LEU I 73 -28.54 27.83 -17.05
N THR I 74 -28.54 27.58 -15.75
CA THR I 74 -29.22 28.49 -14.83
C THR I 74 -28.48 28.72 -13.53
N ILE I 75 -28.38 29.98 -13.12
CA ILE I 75 -27.81 30.36 -11.83
C ILE I 75 -28.83 31.04 -10.92
N ASN I 76 -29.23 30.36 -9.85
CA ASN I 76 -30.31 30.88 -8.99
C ASN I 76 -29.88 32.15 -8.27
N SER I 77 -28.58 32.29 -8.05
CA SER I 77 -28.03 33.49 -7.42
C SER I 77 -26.66 33.88 -7.96
N MET I 78 -26.65 34.86 -8.85
CA MET I 78 -25.41 35.36 -9.46
C MET I 78 -24.41 35.88 -8.42
N GLU I 79 -23.14 35.52 -8.59
CA GLU I 79 -22.04 36.09 -7.81
C GLU I 79 -20.93 36.57 -8.75
N ALA I 80 -20.03 37.40 -8.23
CA ALA I 80 -18.99 38.00 -9.05
C ALA I 80 -18.09 36.97 -9.72
N GLU I 81 -17.79 35.88 -9.03
CA GLU I 81 -16.94 34.83 -9.61
C GLU I 81 -17.58 34.22 -10.85
N ASP I 82 -18.88 34.45 -11.04
CA ASP I 82 -19.57 33.82 -12.16
C ASP I 82 -19.39 34.61 -13.46
N ALA I 83 -18.82 35.81 -13.36
CA ALA I 83 -18.61 36.64 -14.54
C ALA I 83 -17.60 35.97 -15.46
N ALA I 84 -18.10 35.54 -16.61
CA ALA I 84 -17.29 34.82 -17.59
C ALA I 84 -18.07 34.62 -18.89
N THR I 85 -17.50 33.83 -19.80
CA THR I 85 -18.19 33.44 -21.01
C THR I 85 -18.52 31.96 -20.98
N TYR I 86 -19.76 31.60 -21.28
CA TYR I 86 -20.20 30.21 -21.22
C TYR I 86 -20.50 29.64 -22.61
N TYR I 87 -19.90 28.51 -22.93
CA TYR I 87 -20.16 27.83 -24.19
C TYR I 87 -20.90 26.52 -23.99
N CYS I 88 -21.91 26.25 -24.81
CA CYS I 88 -22.52 24.93 -24.78
C CYS I 88 -21.81 24.06 -25.81
N GLN I 89 -21.92 22.74 -25.68
CA GLN I 89 -21.09 21.83 -26.47
C GLN I 89 -21.78 20.47 -26.68
N GLN I 90 -21.50 19.83 -27.81
CA GLN I 90 -22.25 18.64 -28.22
C GLN I 90 -21.36 17.52 -28.77
N TRP I 91 -21.72 16.27 -28.50
CA TRP I 91 -20.99 15.08 -28.96
C TRP I 91 -21.83 14.17 -29.84
N SER I 92 -23.11 14.47 -29.99
CA SER I 92 -24.02 13.43 -30.47
C SER I 92 -23.81 13.14 -31.95
N SER I 93 -23.39 14.17 -32.69
CA SER I 93 -23.06 14.02 -34.09
C SER I 93 -21.65 14.55 -34.32
N ASN I 94 -20.85 13.79 -35.05
CA ASN I 94 -19.56 14.31 -35.49
C ASN I 94 -19.79 15.28 -36.65
N PRO I 95 -19.08 16.43 -36.65
CA PRO I 95 -18.05 16.78 -35.67
C PRO I 95 -18.59 17.44 -34.41
N LEU I 96 -17.82 17.35 -33.33
CA LEU I 96 -18.10 18.08 -32.11
C LEU I 96 -18.24 19.56 -32.42
N THR I 97 -19.27 20.20 -31.87
CA THR I 97 -19.46 21.64 -32.12
C THR I 97 -19.77 22.40 -30.84
N PHE I 98 -19.35 23.66 -30.80
CA PHE I 98 -19.65 24.54 -29.68
C PHE I 98 -20.66 25.59 -30.10
N GLY I 99 -21.27 26.25 -29.12
CA GLY I 99 -22.10 27.40 -29.39
C GLY I 99 -21.22 28.62 -29.57
N ALA I 100 -21.84 29.74 -29.96
CA ALA I 100 -21.11 30.99 -30.14
C ALA I 100 -20.69 31.58 -28.80
N GLY I 101 -21.43 31.24 -27.76
CA GLY I 101 -21.08 31.67 -26.42
C GLY I 101 -22.01 32.74 -25.87
N THR I 102 -22.11 32.79 -24.55
CA THR I 102 -22.84 33.85 -23.88
C THR I 102 -21.90 34.57 -22.92
N LYS I 103 -21.63 35.85 -23.17
CA LYS I 103 -20.76 36.59 -22.28
C LYS I 103 -21.60 37.16 -21.17
N LEU I 104 -21.34 36.70 -19.96
CA LEU I 104 -22.09 37.17 -18.80
C LEU I 104 -21.24 38.14 -17.99
N GLU I 105 -21.69 39.38 -17.91
CA GLU I 105 -20.99 40.41 -17.18
C GLU I 105 -21.78 40.80 -15.94
N LEU I 106 -21.17 41.55 -15.06
CA LEU I 106 -21.81 41.91 -13.79
C LEU I 106 -22.43 43.28 -13.89
N LYS I 107 -23.57 43.51 -13.22
CA LYS I 107 -24.11 44.86 -13.19
C LYS I 107 -23.71 45.59 -11.92
N ARG I 108 -23.76 46.91 -12.02
CA ARG I 108 -23.14 47.76 -11.03
C ARG I 108 -23.73 49.16 -11.06
N ALA I 109 -23.55 49.92 -9.99
CA ALA I 109 -23.96 51.31 -9.98
C ALA I 109 -23.25 52.07 -11.09
N ASP I 110 -23.95 53.00 -11.72
CA ASP I 110 -23.35 53.78 -12.81
C ASP I 110 -22.22 54.67 -12.32
N ALA I 111 -21.21 54.85 -13.15
CA ALA I 111 -20.04 55.67 -12.82
C ALA I 111 -19.55 56.46 -14.02
N ALA I 112 -19.20 57.72 -13.79
CA ALA I 112 -18.75 58.62 -14.85
C ALA I 112 -17.29 58.37 -15.20
N PRO I 113 -16.95 58.52 -16.48
CA PRO I 113 -15.57 58.33 -16.92
C PRO I 113 -14.61 59.39 -16.37
N THR I 114 -13.45 58.93 -15.91
CA THR I 114 -12.37 59.83 -15.55
C THR I 114 -11.46 60.06 -16.76
N VAL I 115 -11.53 61.25 -17.32
CA VAL I 115 -10.86 61.53 -18.59
C VAL I 115 -9.51 62.21 -18.43
N SER I 116 -8.50 61.67 -19.10
CA SER I 116 -7.18 62.26 -19.10
C SER I 116 -6.69 62.36 -20.53
N ILE I 117 -6.10 63.51 -20.87
CA ILE I 117 -5.56 63.72 -22.20
C ILE I 117 -4.05 64.01 -22.12
N PHE I 118 -3.30 63.54 -23.11
CA PHE I 118 -1.84 63.66 -23.06
C PHE I 118 -1.20 64.16 -24.37
N PRO I 119 -0.42 65.24 -24.28
CA PRO I 119 0.37 65.78 -25.39
C PRO I 119 1.48 64.82 -25.82
N PRO I 120 1.99 64.98 -27.05
CA PRO I 120 3.10 64.18 -27.55
C PRO I 120 4.37 64.34 -26.71
N SER I 121 5.10 63.25 -26.53
CA SER I 121 6.35 63.26 -25.80
C SER I 121 7.46 64.00 -26.55
N SER I 122 8.47 64.46 -25.83
CA SER I 122 9.61 65.11 -26.48
C SER I 122 10.42 64.07 -27.22
N GLU I 123 10.33 62.82 -26.78
CA GLU I 123 11.04 61.73 -27.44
C GLU I 123 10.42 61.37 -28.79
N GLN I 124 9.09 61.49 -28.90
CA GLN I 124 8.44 61.17 -30.16
C GLN I 124 8.61 62.31 -31.15
N LEU I 125 8.67 63.53 -30.63
CA LEU I 125 8.82 64.71 -31.46
C LEU I 125 10.22 64.82 -32.04
N THR I 126 11.19 64.15 -31.45
CA THR I 126 12.52 64.16 -32.05
C THR I 126 12.63 62.99 -33.00
N SER I 127 11.57 62.75 -33.77
CA SER I 127 11.51 61.60 -34.64
C SER I 127 10.49 61.78 -35.76
N GLY I 128 9.84 62.94 -35.80
CA GLY I 128 8.91 63.20 -36.89
C GLY I 128 7.44 62.99 -36.56
N GLY I 129 7.18 62.16 -35.56
CA GLY I 129 5.82 61.78 -35.25
C GLY I 129 5.23 62.58 -34.10
N ALA I 130 3.92 62.44 -33.91
CA ALA I 130 3.23 63.13 -32.83
C ALA I 130 1.90 62.46 -32.52
N SER I 131 1.81 61.82 -31.36
CA SER I 131 0.58 61.14 -30.97
C SER I 131 -0.05 61.73 -29.72
N VAL I 132 -1.30 62.14 -29.83
CA VAL I 132 -2.07 62.64 -28.69
C VAL I 132 -2.95 61.54 -28.10
N VAL I 133 -2.71 61.21 -26.83
CA VAL I 133 -3.40 60.09 -26.19
C VAL I 133 -4.50 60.52 -25.23
N CYS I 134 -5.62 59.80 -25.23
CA CYS I 134 -6.72 60.10 -24.31
C CYS I 134 -7.20 58.88 -23.51
N PHE I 135 -7.23 59.00 -22.20
CA PHE I 135 -7.68 57.91 -21.33
C PHE I 135 -9.05 58.18 -20.74
N LEU I 136 -9.95 57.22 -20.89
CA LEU I 136 -11.27 57.30 -20.27
C LEU I 136 -11.44 56.12 -19.30
N ASN I 137 -11.21 56.37 -18.02
CA ASN I 137 -11.02 55.28 -17.05
C ASN I 137 -12.18 55.03 -16.09
N ASN I 138 -12.41 53.76 -15.79
CA ASN I 138 -13.34 53.34 -14.74
C ASN I 138 -14.75 53.88 -14.87
N PHE I 139 -15.49 53.41 -15.87
CA PHE I 139 -16.88 53.81 -16.06
C PHE I 139 -17.83 52.63 -16.23
N TYR I 140 -19.12 52.89 -16.10
CA TYR I 140 -20.14 51.87 -16.31
C TYR I 140 -21.47 52.52 -16.66
N PRO I 141 -22.20 51.97 -17.65
CA PRO I 141 -21.91 50.78 -18.46
C PRO I 141 -20.89 50.98 -19.58
N LYS I 142 -20.65 49.92 -20.35
CA LYS I 142 -19.61 49.92 -21.39
C LYS I 142 -19.87 50.90 -22.55
N ASP I 143 -21.14 51.15 -22.87
CA ASP I 143 -21.48 52.00 -24.01
C ASP I 143 -20.93 53.42 -23.88
N ILE I 144 -20.01 53.79 -24.77
CA ILE I 144 -19.41 55.11 -24.77
C ILE I 144 -18.90 55.52 -26.16
N ASN I 145 -18.93 56.83 -26.44
CA ASN I 145 -18.41 57.37 -27.69
C ASN I 145 -17.44 58.51 -27.41
N VAL I 146 -16.29 58.50 -28.10
CA VAL I 146 -15.29 59.55 -27.97
C VAL I 146 -15.10 60.33 -29.28
N LYS I 147 -14.96 61.65 -29.18
CA LYS I 147 -14.73 62.49 -30.36
C LYS I 147 -13.51 63.39 -30.17
N TRP I 148 -12.65 63.44 -31.19
CA TRP I 148 -11.46 64.29 -31.16
C TRP I 148 -11.71 65.60 -31.92
N LYS I 149 -11.25 66.71 -31.35
CA LYS I 149 -11.36 68.00 -31.99
C LYS I 149 -10.03 68.76 -32.03
N ILE I 150 -9.55 69.03 -33.24
CA ILE I 150 -8.34 69.85 -33.43
C ILE I 150 -8.71 71.27 -33.79
N ASP I 151 -8.48 72.19 -32.86
CA ASP I 151 -8.73 73.61 -33.09
C ASP I 151 -10.21 73.90 -33.29
N GLY I 152 -11.07 72.97 -32.87
CA GLY I 152 -12.49 73.22 -32.93
C GLY I 152 -13.24 72.17 -33.71
N SER I 153 -12.66 71.79 -34.84
CA SER I 153 -13.32 70.90 -35.77
C SER I 153 -13.02 69.44 -35.46
N GLU I 154 -14.00 68.59 -35.72
CA GLU I 154 -13.90 67.17 -35.44
C GLU I 154 -12.87 66.52 -36.33
N ARG I 155 -12.03 65.68 -35.74
CA ARG I 155 -11.07 64.87 -36.47
C ARG I 155 -11.44 63.39 -36.37
N GLN I 156 -11.53 62.71 -37.52
CA GLN I 156 -11.98 61.32 -37.53
C GLN I 156 -10.90 60.36 -38.03
N ASN I 157 -10.01 60.86 -38.89
CA ASN I 157 -8.95 60.03 -39.49
C ASN I 157 -7.66 60.03 -38.68
N GLY I 158 -7.16 58.84 -38.33
CA GLY I 158 -5.93 58.74 -37.57
C GLY I 158 -6.19 58.40 -36.10
N VAL I 159 -7.41 57.97 -35.82
CA VAL I 159 -7.81 57.62 -34.47
C VAL I 159 -7.87 56.10 -34.30
N LEU I 160 -7.19 55.62 -33.27
CA LEU I 160 -7.21 54.20 -32.92
C LEU I 160 -7.76 54.05 -31.51
N ASN I 161 -8.78 53.21 -31.34
CA ASN I 161 -9.40 53.01 -30.03
C ASN I 161 -9.17 51.60 -29.48
N SER I 162 -9.19 51.48 -28.16
CA SER I 162 -9.00 50.20 -27.49
C SER I 162 -9.81 50.14 -26.19
N TRP I 163 -10.47 49.02 -25.94
CA TRP I 163 -11.28 48.86 -24.74
C TRP I 163 -10.81 47.70 -23.87
N THR I 164 -10.85 47.90 -22.55
CA THR I 164 -10.57 46.80 -21.63
C THR I 164 -11.83 45.97 -21.41
N ASP I 165 -11.63 44.76 -20.91
CA ASP I 165 -12.75 43.96 -20.41
C ASP I 165 -13.18 44.46 -19.03
N GLN I 166 -14.23 43.87 -18.47
CA GLN I 166 -14.71 44.33 -17.18
C GLN I 166 -13.66 44.05 -16.08
N ASP I 167 -13.35 45.07 -15.29
CA ASP I 167 -12.35 44.97 -14.22
C ASP I 167 -12.75 44.00 -13.10
N SER I 168 -11.83 43.16 -12.67
CA SER I 168 -12.14 42.16 -11.66
C SER I 168 -12.23 42.76 -10.25
N LYS I 169 -11.77 44.00 -10.10
CA LYS I 169 -11.78 44.62 -8.77
C LYS I 169 -13.04 45.47 -8.53
N ASP I 170 -13.39 46.34 -9.49
CA ASP I 170 -14.54 47.25 -9.31
C ASP I 170 -15.59 47.15 -10.41
N SER I 171 -15.43 46.17 -11.30
CA SER I 171 -16.42 45.87 -12.34
C SER I 171 -16.66 47.03 -13.29
N THR I 172 -15.63 47.85 -13.48
CA THR I 172 -15.74 48.98 -14.40
C THR I 172 -15.04 48.71 -15.71
N TYR I 173 -15.31 49.55 -16.71
CA TYR I 173 -14.62 49.46 -17.98
C TYR I 173 -13.73 50.69 -18.15
N SER I 174 -12.73 50.56 -19.00
CA SER I 174 -11.87 51.70 -19.35
C SER I 174 -11.63 51.70 -20.86
N MET I 175 -11.30 52.87 -21.41
CA MET I 175 -11.05 52.99 -22.83
C MET I 175 -9.92 53.96 -23.12
N SER I 176 -9.07 53.61 -24.08
CA SER I 176 -7.98 54.48 -24.51
C SER I 176 -8.15 54.89 -25.98
N SER I 177 -7.90 56.15 -26.28
CA SER I 177 -7.94 56.63 -27.67
C SER I 177 -6.69 57.40 -28.07
N THR I 178 -6.12 57.03 -29.21
CA THR I 178 -4.88 57.67 -29.64
C THR I 178 -4.98 58.29 -31.02
N LEU I 179 -4.81 59.60 -31.06
CA LEU I 179 -4.80 60.36 -32.30
C LEU I 179 -3.37 60.61 -32.77
N THR I 180 -3.01 60.03 -33.91
CA THR I 180 -1.64 60.10 -34.40
C THR I 180 -1.43 61.02 -35.61
N LEU I 181 -0.58 62.03 -35.44
CA LEU I 181 -0.26 62.96 -36.52
C LEU I 181 1.24 63.01 -36.78
N THR I 182 1.65 63.82 -37.74
CA THR I 182 3.06 64.08 -37.96
C THR I 182 3.44 65.28 -37.10
N LYS I 183 4.74 65.46 -36.89
CA LYS I 183 5.21 66.56 -36.07
C LYS I 183 4.80 67.91 -36.63
N ASP I 184 4.83 68.03 -37.95
CA ASP I 184 4.48 69.31 -38.57
C ASP I 184 2.98 69.59 -38.61
N GLU I 185 2.15 68.57 -38.72
CA GLU I 185 0.71 68.80 -38.62
C GLU I 185 0.42 69.28 -37.22
N TYR I 186 1.11 68.66 -36.27
CA TYR I 186 0.90 68.94 -34.87
C TYR I 186 1.30 70.37 -34.53
N GLU I 187 2.35 70.87 -35.18
CA GLU I 187 2.85 72.20 -34.86
C GLU I 187 2.16 73.28 -35.69
N ARG I 188 1.00 72.97 -36.26
CA ARG I 188 0.23 73.94 -37.02
C ARG I 188 -1.06 74.30 -36.31
N HIS I 189 -1.27 73.70 -35.15
CA HIS I 189 -2.48 73.95 -34.38
C HIS I 189 -2.15 74.16 -32.92
N ASN I 190 -3.13 74.61 -32.16
CA ASN I 190 -2.89 74.97 -30.77
C ASN I 190 -3.67 74.13 -29.78
N SER I 191 -4.97 73.98 -29.98
CA SER I 191 -5.81 73.30 -28.98
C SER I 191 -6.30 71.92 -29.41
N TYR I 192 -5.92 70.90 -28.63
CA TYR I 192 -6.33 69.53 -28.89
C TYR I 192 -7.33 69.07 -27.84
N THR I 193 -8.44 68.48 -28.30
CA THR I 193 -9.54 68.18 -27.41
C THR I 193 -10.09 66.76 -27.52
N CYS I 194 -10.42 66.19 -26.35
CA CYS I 194 -10.98 64.86 -26.28
C CYS I 194 -12.39 64.90 -25.64
N GLU I 195 -13.43 64.65 -26.44
CA GLU I 195 -14.80 64.71 -25.95
C GLU I 195 -15.38 63.31 -25.67
N ALA I 196 -15.98 63.13 -24.49
CA ALA I 196 -16.50 61.83 -24.08
C ALA I 196 -18.00 61.85 -23.80
N THR I 197 -18.76 61.06 -24.55
CA THR I 197 -20.20 60.96 -24.32
C THR I 197 -20.59 59.62 -23.69
N HIS I 198 -21.12 59.71 -22.47
CA HIS I 198 -21.57 58.54 -21.72
C HIS I 198 -22.99 58.77 -21.20
N LYS I 199 -23.67 57.71 -20.78
CA LYS I 199 -25.03 57.83 -20.29
C LYS I 199 -25.14 58.59 -18.97
N THR I 200 -24.02 58.66 -18.25
CA THR I 200 -24.01 59.25 -16.90
C THR I 200 -24.21 60.76 -16.89
N SER I 201 -24.09 61.40 -18.05
CA SER I 201 -24.35 62.82 -18.16
C SER I 201 -24.83 63.22 -19.55
N THR I 202 -25.67 64.24 -19.58
CA THR I 202 -26.28 64.70 -20.82
C THR I 202 -25.43 65.79 -21.48
N SER I 203 -24.32 66.12 -20.83
CA SER I 203 -23.32 67.02 -21.39
C SER I 203 -21.96 66.32 -21.46
N PRO I 204 -21.32 66.35 -22.64
CA PRO I 204 -20.05 65.64 -22.86
C PRO I 204 -18.94 66.08 -21.92
N ILE I 205 -18.15 65.12 -21.44
CA ILE I 205 -16.98 65.43 -20.63
C ILE I 205 -15.83 65.83 -21.54
N VAL I 206 -15.36 67.07 -21.40
CA VAL I 206 -14.33 67.59 -22.30
C VAL I 206 -13.00 67.83 -21.58
N LYS I 207 -11.93 67.38 -22.20
CA LYS I 207 -10.58 67.60 -21.70
C LYS I 207 -9.66 68.00 -22.86
N SER I 208 -8.93 69.09 -22.69
CA SER I 208 -8.06 69.58 -23.75
C SER I 208 -6.70 70.04 -23.21
N PHE I 209 -5.82 70.48 -24.11
CA PHE I 209 -4.57 71.12 -23.72
C PHE I 209 -4.12 72.01 -24.87
N ASN I 210 -3.26 72.98 -24.58
CA ASN I 210 -2.86 73.94 -25.59
C ASN I 210 -1.35 74.01 -25.85
N ARG I 211 -1.01 74.42 -27.08
CA ARG I 211 0.36 74.63 -27.58
C ARG I 211 0.99 73.29 -27.98
N GLN J 1 -7.79 -36.87 -32.21
CA GLN J 1 -7.85 -37.19 -30.79
C GLN J 1 -6.47 -37.05 -30.14
N VAL J 2 -6.42 -37.16 -28.81
CA VAL J 2 -5.17 -37.00 -28.07
C VAL J 2 -4.46 -38.33 -27.86
N GLN J 3 -3.16 -38.37 -28.15
CA GLN J 3 -2.36 -39.58 -28.01
C GLN J 3 -0.98 -39.23 -27.47
N LEU J 4 -0.56 -39.94 -26.43
CA LEU J 4 0.82 -39.85 -25.96
C LEU J 4 1.57 -41.08 -26.42
N GLN J 5 2.64 -40.87 -27.19
CA GLN J 5 3.45 -41.96 -27.71
C GLN J 5 4.81 -41.94 -27.03
N GLN J 6 5.18 -43.04 -26.40
CA GLN J 6 6.43 -43.11 -25.67
C GLN J 6 7.54 -43.85 -26.43
N SER J 7 8.78 -43.67 -25.98
CA SER J 7 9.93 -44.33 -26.55
C SER J 7 9.86 -45.82 -26.27
N GLY J 8 10.68 -46.59 -26.98
CA GLY J 8 10.66 -48.05 -26.87
C GLY J 8 11.28 -48.56 -25.60
N ALA J 9 11.23 -49.88 -25.42
CA ALA J 9 11.80 -50.55 -24.25
C ALA J 9 13.30 -50.32 -24.14
N GLU J 10 13.79 -50.23 -22.91
CA GLU J 10 15.21 -49.96 -22.68
C GLU J 10 15.86 -51.02 -21.81
N LEU J 11 17.10 -51.37 -22.15
CA LEU J 11 17.93 -52.26 -21.35
C LEU J 11 19.26 -51.60 -20.97
N MET J 12 19.44 -51.29 -19.69
CA MET J 12 20.61 -50.56 -19.22
C MET J 12 21.42 -51.30 -18.16
N LYS J 13 22.75 -51.10 -18.18
CA LYS J 13 23.64 -51.59 -17.13
C LYS J 13 23.49 -50.72 -15.89
N PRO J 14 23.71 -51.30 -14.69
CA PRO J 14 23.59 -50.52 -13.45
C PRO J 14 24.56 -49.34 -13.40
N GLY J 15 24.09 -48.20 -12.90
CA GLY J 15 24.92 -47.02 -12.78
C GLY J 15 24.79 -46.07 -13.96
N ALA J 16 24.21 -46.56 -15.06
CA ALA J 16 24.08 -45.74 -16.26
C ALA J 16 22.88 -44.81 -16.15
N SER J 17 22.67 -44.02 -17.20
CA SER J 17 21.51 -43.13 -17.28
C SER J 17 20.73 -43.35 -18.58
N VAL J 18 19.41 -43.36 -18.48
CA VAL J 18 18.55 -43.48 -19.65
C VAL J 18 17.59 -42.29 -19.73
N LYS J 19 17.20 -41.91 -20.95
CA LYS J 19 16.21 -40.84 -21.13
C LYS J 19 15.01 -41.33 -21.93
N ILE J 20 13.83 -41.23 -21.34
CA ILE J 20 12.61 -41.69 -21.97
C ILE J 20 11.82 -40.56 -22.63
N SER J 21 11.37 -40.80 -23.86
CA SER J 21 10.65 -39.80 -24.63
C SER J 21 9.14 -39.99 -24.52
N CYS J 22 8.42 -38.89 -24.48
CA CYS J 22 6.97 -38.91 -24.51
C CYS J 22 6.51 -37.89 -25.53
N THR J 23 6.15 -38.36 -26.72
CA THR J 23 5.77 -37.44 -27.79
C THR J 23 4.25 -37.26 -27.77
N ALA J 24 3.83 -36.02 -27.50
CA ALA J 24 2.42 -35.70 -27.37
C ALA J 24 1.89 -35.07 -28.64
N THR J 25 0.77 -35.59 -29.11
CA THR J 25 0.10 -35.03 -30.27
C THR J 25 -1.39 -34.89 -30.00
N GLY J 26 -2.04 -33.92 -30.66
CA GLY J 26 -3.48 -33.77 -30.56
C GLY J 26 -3.96 -32.62 -29.69
N TYR J 27 -3.03 -31.89 -29.10
CA TYR J 27 -3.36 -30.72 -28.29
C TYR J 27 -2.16 -29.79 -28.22
N THR J 28 -2.37 -28.59 -27.68
CA THR J 28 -1.27 -27.65 -27.51
C THR J 28 -0.38 -28.11 -26.36
N PHE J 29 0.82 -28.57 -26.70
CA PHE J 29 1.74 -29.23 -25.77
C PHE J 29 2.06 -28.43 -24.50
N ILE J 30 2.30 -27.13 -24.66
CA ILE J 30 2.79 -26.32 -23.54
C ILE J 30 1.67 -25.85 -22.62
N THR J 31 0.48 -26.40 -22.83
CA THR J 31 -0.73 -25.96 -22.12
C THR J 31 -1.12 -26.89 -20.96
N TYR J 32 -0.67 -28.14 -21.02
CA TYR J 32 -1.07 -29.10 -20.00
C TYR J 32 0.14 -29.68 -19.28
N TRP J 33 -0.04 -30.07 -18.02
CA TRP J 33 1.03 -30.73 -17.27
C TRP J 33 1.19 -32.16 -17.74
N ILE J 34 2.41 -32.66 -17.63
CA ILE J 34 2.69 -34.05 -17.89
C ILE J 34 2.99 -34.75 -16.56
N GLN J 35 2.37 -35.90 -16.33
CA GLN J 35 2.67 -36.69 -15.13
C GLN J 35 3.51 -37.91 -15.48
N TRP J 36 4.42 -38.29 -14.60
CA TRP J 36 5.23 -39.48 -14.81
C TRP J 36 4.98 -40.46 -13.68
N VAL J 37 4.64 -41.69 -14.04
CA VAL J 37 4.29 -42.71 -13.04
C VAL J 37 5.09 -43.99 -13.23
N LYS J 38 5.52 -44.59 -12.12
CA LYS J 38 6.29 -45.83 -12.13
C LYS J 38 5.47 -47.00 -11.61
N GLN J 39 5.56 -48.13 -12.32
CA GLN J 39 4.86 -49.35 -11.92
C GLN J 39 5.78 -50.55 -11.93
N ARG J 40 6.18 -50.99 -10.74
CA ARG J 40 6.93 -52.24 -10.57
C ARG J 40 5.94 -53.32 -10.17
N PRO J 41 6.18 -54.56 -10.61
CA PRO J 41 5.32 -55.74 -10.41
C PRO J 41 4.69 -55.90 -9.00
N GLY J 42 5.45 -55.67 -7.93
CA GLY J 42 4.92 -55.88 -6.59
C GLY J 42 4.66 -54.64 -5.76
N HIS J 43 4.75 -53.46 -6.37
CA HIS J 43 4.64 -52.21 -5.62
C HIS J 43 3.55 -51.27 -6.13
N GLY J 44 2.64 -51.79 -6.96
CA GLY J 44 1.55 -50.99 -7.48
C GLY J 44 2.01 -49.76 -8.23
N LEU J 45 1.27 -48.67 -8.13
CA LEU J 45 1.61 -47.46 -8.86
C LEU J 45 2.25 -46.41 -7.97
N GLU J 46 3.25 -45.73 -8.50
CA GLU J 46 3.97 -44.73 -7.74
C GLU J 46 4.21 -43.49 -8.60
N TRP J 47 3.92 -42.33 -8.03
CA TRP J 47 3.99 -41.06 -8.73
C TRP J 47 5.36 -40.41 -8.60
N ILE J 48 6.01 -40.20 -9.74
CA ILE J 48 7.34 -39.64 -9.79
C ILE J 48 7.32 -38.12 -9.71
N GLY J 49 6.49 -37.48 -10.53
CA GLY J 49 6.39 -36.03 -10.51
C GLY J 49 5.63 -35.49 -11.70
N GLU J 50 5.64 -34.17 -11.86
CA GLU J 50 4.95 -33.53 -12.97
C GLU J 50 5.75 -32.33 -13.47
N THR J 51 5.49 -31.94 -14.73
CA THR J 51 6.13 -30.76 -15.30
C THR J 51 5.23 -30.05 -16.31
N LEU J 52 5.41 -28.75 -16.44
CA LEU J 52 4.71 -27.96 -17.45
C LEU J 52 5.71 -27.60 -18.53
N PRO J 53 5.65 -28.31 -19.67
CA PRO J 53 6.64 -28.21 -20.74
C PRO J 53 6.84 -26.79 -21.25
N GLY J 54 8.09 -26.35 -21.35
CA GLY J 54 8.40 -25.04 -21.88
C GLY J 54 8.38 -23.91 -20.88
N SER J 55 7.91 -24.18 -19.67
CA SER J 55 7.82 -23.14 -18.64
C SER J 55 8.85 -23.31 -17.53
N GLY J 56 9.46 -24.50 -17.46
CA GLY J 56 10.46 -24.76 -16.45
C GLY J 56 9.89 -25.17 -15.09
N SER J 57 8.57 -25.05 -14.94
CA SER J 57 7.93 -25.43 -13.69
C SER J 57 7.92 -26.94 -13.53
N THR J 58 8.47 -27.43 -12.41
CA THR J 58 8.49 -28.87 -12.12
C THR J 58 8.20 -29.14 -10.66
N ASN J 59 7.45 -30.19 -10.41
CA ASN J 59 7.23 -30.68 -9.05
C ASN J 59 7.60 -32.13 -8.96
N TYR J 60 8.64 -32.42 -8.19
CA TYR J 60 9.10 -33.77 -8.00
C TYR J 60 8.58 -34.34 -6.68
N ASN J 61 8.27 -35.62 -6.69
CA ASN J 61 8.11 -36.38 -5.46
C ASN J 61 9.48 -36.46 -4.75
N GLU J 62 9.51 -36.17 -3.46
CA GLU J 62 10.78 -36.16 -2.71
C GLU J 62 11.58 -37.46 -2.88
N LYS J 63 10.89 -38.59 -2.93
CA LYS J 63 11.56 -39.89 -3.07
C LYS J 63 12.35 -40.00 -4.37
N PHE J 64 11.97 -39.19 -5.36
CA PHE J 64 12.57 -39.25 -6.69
C PHE J 64 13.43 -38.03 -7.02
N LYS J 65 13.58 -37.10 -6.08
CA LYS J 65 14.29 -35.85 -6.34
C LYS J 65 15.75 -36.04 -6.72
N GLY J 66 16.27 -37.25 -6.58
CA GLY J 66 17.65 -37.51 -6.94
C GLY J 66 17.81 -38.40 -8.17
N LYS J 67 16.75 -39.11 -8.54
CA LYS J 67 16.83 -40.05 -9.66
C LYS J 67 16.25 -39.53 -10.98
N ALA J 68 15.13 -38.82 -10.92
CA ALA J 68 14.44 -38.37 -12.13
C ALA J 68 14.64 -36.90 -12.44
N THR J 69 14.87 -36.60 -13.72
CA THR J 69 14.98 -35.24 -14.21
C THR J 69 14.03 -35.03 -15.38
N PHE J 70 13.27 -33.94 -15.34
CA PHE J 70 12.33 -33.62 -16.42
C PHE J 70 12.88 -32.55 -17.35
N THR J 71 12.80 -32.82 -18.64
CA THR J 71 13.13 -31.85 -19.66
C THR J 71 12.06 -31.93 -20.73
N ALA J 72 12.09 -30.97 -21.64
CA ALA J 72 11.10 -30.94 -22.71
C ALA J 72 11.75 -30.35 -23.94
N ASP J 73 11.36 -30.85 -25.10
CA ASP J 73 11.77 -30.22 -26.33
C ASP J 73 10.51 -29.77 -27.06
N THR J 74 10.20 -28.49 -26.94
CA THR J 74 8.95 -27.94 -27.47
C THR J 74 8.92 -27.95 -28.99
N SER J 75 10.08 -27.89 -29.65
CA SER J 75 10.14 -27.99 -31.11
C SER J 75 9.37 -29.21 -31.63
N SER J 76 9.52 -30.33 -30.94
CA SER J 76 9.02 -31.61 -31.43
C SER J 76 7.85 -32.17 -30.62
N ASN J 77 7.35 -31.36 -29.69
CA ASN J 77 6.26 -31.75 -28.79
C ASN J 77 6.57 -33.00 -27.99
N THR J 78 7.81 -33.11 -27.52
CA THR J 78 8.24 -34.29 -26.79
C THR J 78 8.67 -33.93 -25.37
N ALA J 79 8.22 -34.73 -24.41
CA ALA J 79 8.67 -34.60 -23.02
C ALA J 79 9.63 -35.75 -22.68
N TYR J 80 10.71 -35.41 -21.99
CA TYR J 80 11.74 -36.38 -21.64
C TYR J 80 11.88 -36.56 -20.14
N MET J 81 12.10 -37.80 -19.71
CA MET J 81 12.47 -38.08 -18.33
C MET J 81 13.78 -38.85 -18.28
N GLN J 82 14.76 -38.35 -17.52
CA GLN J 82 16.02 -39.06 -17.40
C GLN J 82 16.16 -39.64 -16.00
N LEU J 83 16.56 -40.91 -15.93
CA LEU J 83 16.80 -41.59 -14.68
C LEU J 83 18.30 -41.81 -14.48
N SER J 84 18.82 -41.31 -13.36
CA SER J 84 20.26 -41.38 -13.08
C SER J 84 20.62 -42.49 -12.10
N SER J 85 21.88 -42.90 -12.11
CA SER J 85 22.43 -43.88 -11.18
C SER J 85 21.53 -45.10 -11.07
N LEU J 86 21.36 -45.82 -12.19
CA LEU J 86 20.38 -46.90 -12.25
C LEU J 86 20.75 -48.11 -11.40
N THR J 87 19.75 -48.62 -10.69
CA THR J 87 19.87 -49.86 -9.93
C THR J 87 18.76 -50.81 -10.36
N SER J 88 18.76 -52.03 -9.81
CA SER J 88 17.79 -53.05 -10.18
C SER J 88 16.36 -52.70 -9.76
N GLU J 89 16.24 -51.86 -8.75
CA GLU J 89 14.95 -51.47 -8.22
C GLU J 89 14.28 -50.40 -9.09
N ASP J 90 14.99 -50.01 -10.15
CA ASP J 90 14.46 -49.06 -11.12
C ASP J 90 13.83 -49.78 -12.31
N SER J 91 14.00 -51.10 -12.38
CA SER J 91 13.31 -51.89 -13.41
C SER J 91 11.81 -51.87 -13.18
N ALA J 92 11.10 -51.24 -14.11
CA ALA J 92 9.65 -51.08 -14.02
C ALA J 92 9.07 -50.63 -15.35
N ILE J 93 7.75 -50.48 -15.39
CA ILE J 93 7.09 -49.86 -16.53
C ILE J 93 6.88 -48.40 -16.17
N TYR J 94 7.35 -47.51 -17.03
CA TYR J 94 7.23 -46.09 -16.76
C TYR J 94 6.20 -45.45 -17.68
N TYR J 95 5.26 -44.72 -17.08
CA TYR J 95 4.20 -44.07 -17.84
C TYR J 95 4.34 -42.56 -17.83
N CYS J 96 4.03 -41.93 -18.96
CA CYS J 96 3.75 -40.50 -18.94
C CYS J 96 2.25 -40.34 -19.14
N ALA J 97 1.65 -39.39 -18.43
CA ALA J 97 0.20 -39.24 -18.52
C ALA J 97 -0.25 -37.81 -18.36
N ARG J 98 -1.24 -37.44 -19.16
CA ARG J 98 -1.98 -36.19 -18.99
C ARG J 98 -3.21 -36.53 -18.16
N ILE J 99 -3.13 -36.26 -16.86
CA ILE J 99 -4.17 -36.65 -15.91
C ILE J 99 -5.12 -35.50 -15.62
N GLY J 100 -6.40 -35.68 -15.97
CA GLY J 100 -7.38 -34.64 -15.79
C GLY J 100 -8.22 -34.86 -14.56
N ARG J 101 -9.41 -34.27 -14.53
CA ARG J 101 -10.35 -34.45 -13.44
C ARG J 101 -11.24 -35.67 -13.72
N SER J 102 -11.86 -35.70 -14.89
CA SER J 102 -12.85 -36.72 -15.20
C SER J 102 -12.29 -37.82 -16.11
N ASN J 103 -11.25 -37.50 -16.87
CA ASN J 103 -10.58 -38.49 -17.71
C ASN J 103 -9.08 -38.22 -17.85
N ASP J 104 -8.35 -39.24 -18.27
CA ASP J 104 -6.93 -39.14 -18.49
C ASP J 104 -6.53 -39.55 -19.89
N TYR J 105 -5.28 -39.29 -20.21
CA TYR J 105 -4.65 -39.82 -21.40
C TYR J 105 -3.26 -40.33 -21.03
N TRP J 106 -3.07 -41.64 -21.11
CA TRP J 106 -1.81 -42.27 -20.74
C TRP J 106 -1.02 -42.76 -21.94
N GLY J 107 0.30 -42.69 -21.87
CA GLY J 107 1.14 -43.30 -22.88
C GLY J 107 1.02 -44.80 -22.80
N GLN J 108 1.56 -45.51 -23.79
CA GLN J 108 1.45 -46.97 -23.82
C GLN J 108 2.37 -47.60 -22.79
N GLY J 109 3.32 -46.83 -22.28
CA GLY J 109 4.24 -47.34 -21.29
C GLY J 109 5.59 -47.66 -21.89
N THR J 110 6.65 -47.47 -21.10
CA THR J 110 7.99 -47.84 -21.53
C THR J 110 8.61 -48.82 -20.53
N THR J 111 8.99 -49.99 -21.01
CA THR J 111 9.58 -51.00 -20.13
C THR J 111 11.08 -50.78 -19.97
N LEU J 112 11.52 -50.64 -18.73
CA LEU J 112 12.95 -50.50 -18.46
C LEU J 112 13.46 -51.69 -17.65
N THR J 113 14.55 -52.27 -18.11
CA THR J 113 15.19 -53.38 -17.41
C THR J 113 16.62 -53.02 -17.06
N VAL J 114 16.96 -53.08 -15.78
CA VAL J 114 18.33 -52.84 -15.34
C VAL J 114 18.99 -54.13 -14.88
N SER J 115 20.09 -54.50 -15.52
CA SER J 115 20.75 -55.77 -15.22
C SER J 115 22.21 -55.82 -15.66
N SER J 116 22.99 -56.63 -14.95
CA SER J 116 24.39 -56.85 -15.28
C SER J 116 24.52 -58.04 -16.24
N ALA J 117 23.39 -58.68 -16.52
CA ALA J 117 23.34 -59.86 -17.36
C ALA J 117 23.64 -59.58 -18.83
N LYS J 118 24.34 -60.51 -19.48
CA LYS J 118 24.62 -60.40 -20.90
C LYS J 118 23.41 -60.87 -21.71
N THR J 119 23.16 -60.23 -22.85
CA THR J 119 22.07 -60.66 -23.72
C THR J 119 22.35 -62.07 -24.21
N THR J 120 21.44 -62.98 -23.92
CA THR J 120 21.65 -64.40 -24.18
C THR J 120 20.48 -65.03 -24.92
N PRO J 121 20.78 -65.79 -25.99
CA PRO J 121 19.74 -66.51 -26.73
C PRO J 121 19.21 -67.69 -25.92
N PRO J 122 17.94 -68.06 -26.15
CA PRO J 122 17.34 -69.16 -25.39
C PRO J 122 17.75 -70.53 -25.92
N SER J 123 17.89 -71.49 -25.02
CA SER J 123 18.02 -72.89 -25.39
C SER J 123 16.64 -73.53 -25.38
N VAL J 124 16.26 -74.15 -26.49
CA VAL J 124 14.92 -74.71 -26.63
C VAL J 124 14.95 -76.23 -26.58
N TYR J 125 14.28 -76.79 -25.57
CA TYR J 125 14.25 -78.24 -25.36
C TYR J 125 12.84 -78.78 -25.57
N PRO J 126 12.70 -79.89 -26.30
CA PRO J 126 11.37 -80.49 -26.49
C PRO J 126 10.87 -81.21 -25.25
N LEU J 127 9.57 -81.17 -25.00
CA LEU J 127 9.00 -81.91 -23.89
C LEU J 127 7.99 -82.90 -24.44
N ALA J 128 8.39 -84.16 -24.49
CA ALA J 128 7.55 -85.22 -25.02
C ALA J 128 7.27 -86.29 -23.95
N PRO J 129 6.08 -86.89 -24.00
CA PRO J 129 5.69 -87.96 -23.07
C PRO J 129 6.62 -89.17 -23.16
N SER J 137 -8.55 -83.04 -28.11
CA SER J 137 -7.61 -82.72 -27.05
C SER J 137 -7.45 -83.89 -26.09
N MET J 138 -6.58 -84.84 -26.44
CA MET J 138 -6.33 -85.99 -25.58
C MET J 138 -4.86 -86.16 -25.16
N VAL J 139 -3.94 -85.52 -25.87
CA VAL J 139 -2.51 -85.60 -25.50
C VAL J 139 -1.85 -84.23 -25.38
N THR J 140 -1.08 -84.04 -24.31
CA THR J 140 -0.40 -82.76 -24.05
C THR J 140 1.11 -82.82 -24.27
N LEU J 141 1.62 -81.90 -25.08
CA LEU J 141 3.05 -81.74 -25.33
C LEU J 141 3.57 -80.45 -24.71
N GLY J 142 4.88 -80.21 -24.80
CA GLY J 142 5.48 -79.05 -24.16
C GLY J 142 6.75 -78.53 -24.80
N CYS J 143 7.13 -77.32 -24.40
CA CYS J 143 8.34 -76.65 -24.88
C CYS J 143 9.02 -75.90 -23.74
N LEU J 144 10.31 -76.15 -23.54
CA LEU J 144 11.05 -75.51 -22.46
C LEU J 144 12.06 -74.48 -22.97
N VAL J 145 11.78 -73.21 -22.70
CA VAL J 145 12.65 -72.12 -23.13
C VAL J 145 13.52 -71.65 -21.96
N LYS J 146 14.79 -72.02 -21.99
CA LYS J 146 15.66 -71.87 -20.82
C LYS J 146 16.90 -71.04 -21.09
N GLY J 147 17.26 -70.20 -20.11
CA GLY J 147 18.51 -69.45 -20.15
C GLY J 147 18.58 -68.36 -21.20
N TYR J 148 17.62 -67.45 -21.21
CA TYR J 148 17.65 -66.33 -22.14
C TYR J 148 17.61 -64.99 -21.41
N PHE J 149 17.99 -63.93 -22.12
CA PHE J 149 18.00 -62.60 -21.56
C PHE J 149 18.10 -61.52 -22.64
N PRO J 150 17.27 -60.46 -22.52
CA PRO J 150 16.24 -60.40 -21.49
C PRO J 150 14.89 -60.81 -22.04
N GLU J 151 13.83 -60.70 -21.25
CA GLU J 151 12.50 -60.93 -21.79
C GLU J 151 12.14 -59.69 -22.62
N PRO J 152 11.22 -59.84 -23.59
CA PRO J 152 10.40 -61.04 -23.78
C PRO J 152 10.89 -62.01 -24.84
N VAL J 153 10.25 -63.17 -24.83
CA VAL J 153 10.34 -64.11 -25.93
C VAL J 153 8.94 -64.29 -26.48
N THR J 154 8.85 -64.60 -27.77
CA THR J 154 7.57 -64.87 -28.39
C THR J 154 7.51 -66.35 -28.71
N VAL J 155 6.54 -67.03 -28.10
CA VAL J 155 6.40 -68.47 -28.31
C VAL J 155 5.08 -68.79 -28.99
N THR J 156 5.16 -69.43 -30.15
CA THR J 156 3.97 -69.88 -30.87
C THR J 156 4.13 -71.34 -31.26
N TRP J 157 3.02 -71.95 -31.64
CA TRP J 157 3.02 -73.36 -32.01
C TRP J 157 2.50 -73.49 -33.44
N ASN J 158 3.24 -74.22 -34.29
CA ASN J 158 2.91 -74.34 -35.70
C ASN J 158 2.70 -72.99 -36.38
N SER J 159 3.61 -72.05 -36.12
CA SER J 159 3.59 -70.73 -36.74
C SER J 159 2.45 -69.84 -36.25
N GLY J 160 1.83 -70.21 -35.12
CA GLY J 160 0.70 -69.46 -34.62
C GLY J 160 -0.63 -70.09 -34.97
N SER J 161 -0.57 -71.21 -35.71
CA SER J 161 -1.77 -71.91 -36.14
C SER J 161 -2.61 -72.38 -34.95
N LEU J 162 -1.95 -72.93 -33.94
CA LEU J 162 -2.62 -73.35 -32.71
C LEU J 162 -2.53 -72.24 -31.67
N SER J 163 -3.68 -71.72 -31.23
CA SER J 163 -3.66 -70.57 -30.32
C SER J 163 -4.32 -70.82 -28.97
N SER J 164 -5.52 -71.41 -28.97
CA SER J 164 -6.18 -71.72 -27.71
C SER J 164 -6.16 -73.25 -27.53
N GLY J 165 -6.02 -73.68 -26.28
CA GLY J 165 -5.63 -75.05 -25.98
C GLY J 165 -4.14 -74.97 -25.80
N VAL J 166 -3.69 -73.75 -25.51
CA VAL J 166 -2.29 -73.43 -25.33
C VAL J 166 -2.11 -72.47 -24.15
N HIS J 167 -1.23 -72.85 -23.22
CA HIS J 167 -0.88 -72.01 -22.09
C HIS J 167 0.60 -71.68 -22.12
N THR J 168 0.93 -70.39 -22.15
CA THR J 168 2.31 -69.97 -22.02
C THR J 168 2.52 -69.27 -20.69
N PHE J 169 3.37 -69.86 -19.86
CA PHE J 169 3.52 -69.42 -18.48
C PHE J 169 4.46 -68.24 -18.35
N PRO J 170 4.22 -67.39 -17.34
CA PRO J 170 5.11 -66.29 -17.01
C PRO J 170 6.54 -66.78 -16.80
N ALA J 171 7.51 -66.02 -17.28
CA ALA J 171 8.89 -66.44 -17.18
C ALA J 171 9.33 -66.45 -15.73
N VAL J 172 10.33 -67.27 -15.44
CA VAL J 172 10.87 -67.39 -14.09
C VAL J 172 12.35 -67.11 -14.12
N LEU J 173 12.84 -66.39 -13.12
CA LEU J 173 14.24 -66.00 -13.05
C LEU J 173 15.08 -67.07 -12.38
N GLN J 174 16.02 -67.66 -13.13
CA GLN J 174 16.90 -68.67 -12.57
C GLN J 174 18.37 -68.35 -12.82
N SER J 175 19.04 -67.83 -11.78
CA SER J 175 20.48 -67.57 -11.82
C SER J 175 20.84 -66.54 -12.88
N ASP J 176 20.29 -65.32 -12.74
CA ASP J 176 20.52 -64.22 -13.68
C ASP J 176 20.08 -64.51 -15.13
N LEU J 177 19.21 -65.50 -15.31
CA LEU J 177 18.72 -65.88 -16.64
C LEU J 177 17.24 -66.26 -16.57
N TYR J 178 16.49 -65.91 -17.61
CA TYR J 178 15.06 -66.20 -17.62
C TYR J 178 14.79 -67.61 -18.15
N THR J 179 13.75 -68.24 -17.60
CA THR J 179 13.27 -69.53 -18.06
C THR J 179 11.74 -69.51 -18.18
N LEU J 180 11.23 -70.08 -19.27
CA LEU J 180 9.80 -70.00 -19.58
C LEU J 180 9.28 -71.36 -20.03
N SER J 181 7.98 -71.60 -19.87
CA SER J 181 7.39 -72.86 -20.27
C SER J 181 6.12 -72.63 -21.08
N SER J 182 5.83 -73.53 -22.01
CA SER J 182 4.61 -73.44 -22.78
C SER J 182 3.96 -74.81 -22.95
N SER J 183 2.64 -74.87 -22.79
CA SER J 183 1.89 -76.11 -22.99
C SER J 183 0.97 -76.02 -24.21
N VAL J 184 0.80 -77.15 -24.88
CA VAL J 184 -0.16 -77.25 -25.96
C VAL J 184 -0.94 -78.56 -25.84
N THR J 185 -2.26 -78.48 -25.99
CA THR J 185 -3.09 -79.67 -25.92
C THR J 185 -3.81 -79.86 -27.25
N VAL J 186 -3.62 -81.03 -27.85
CA VAL J 186 -4.20 -81.37 -29.14
C VAL J 186 -4.83 -82.75 -29.09
N PRO J 187 -5.73 -83.07 -30.05
CA PRO J 187 -6.30 -84.43 -30.09
C PRO J 187 -5.23 -85.51 -30.33
N SER J 188 -5.41 -86.66 -29.69
CA SER J 188 -4.47 -87.77 -29.81
C SER J 188 -4.38 -88.29 -31.24
N THR J 190 -4.60 -86.27 -33.80
CA THR J 190 -3.69 -85.34 -34.46
C THR J 190 -2.23 -85.74 -34.26
N TRP J 191 -1.79 -85.70 -33.01
CA TRP J 191 -0.43 -86.10 -32.65
C TRP J 191 -0.39 -87.61 -32.38
N PRO J 192 0.71 -88.29 -32.77
CA PRO J 192 1.90 -87.70 -33.42
C PRO J 192 2.18 -87.83 -34.95
N SER J 193 1.22 -88.20 -35.79
CA SER J 193 1.42 -88.27 -37.24
C SER J 193 1.45 -86.88 -37.92
N GLU J 194 0.77 -85.95 -37.24
CA GLU J 194 0.85 -84.54 -37.55
C GLU J 194 2.10 -84.02 -36.82
N THR J 195 2.82 -83.11 -37.43
CA THR J 195 3.94 -82.48 -36.75
C THR J 195 3.53 -81.28 -35.92
N VAL J 196 4.03 -81.24 -34.69
CA VAL J 196 3.80 -80.11 -33.80
C VAL J 196 5.12 -79.41 -33.50
N THR J 197 5.21 -78.12 -33.83
CA THR J 197 6.48 -77.41 -33.75
C THR J 197 6.41 -76.18 -32.86
N CYS J 198 7.38 -76.08 -31.95
CA CYS J 198 7.53 -74.92 -31.08
C CYS J 198 8.29 -73.82 -31.83
N ASN J 199 7.70 -72.63 -31.91
CA ASN J 199 8.36 -71.50 -32.57
C ASN J 199 8.69 -70.39 -31.57
N VAL J 200 9.97 -70.25 -31.24
CA VAL J 200 10.40 -69.25 -30.26
C VAL J 200 11.23 -68.15 -30.89
N ALA J 201 10.86 -66.89 -30.60
CA ALA J 201 11.62 -65.75 -31.10
C ALA J 201 12.10 -64.89 -29.94
N HIS J 202 13.37 -64.51 -29.98
CA HIS J 202 13.94 -63.62 -28.98
C HIS J 202 14.61 -62.45 -29.69
N PRO J 203 13.89 -61.33 -29.82
CA PRO J 203 14.30 -60.13 -30.55
C PRO J 203 15.68 -59.62 -30.16
N ALA J 204 15.95 -59.58 -28.86
CA ALA J 204 17.22 -59.08 -28.33
C ALA J 204 18.43 -59.90 -28.81
N SER J 205 18.25 -61.21 -28.91
CA SER J 205 19.35 -62.10 -29.28
C SER J 205 19.48 -62.30 -30.79
N SER J 206 18.55 -61.73 -31.55
CA SER J 206 18.49 -61.92 -33.00
C SER J 206 18.40 -63.39 -33.37
N THR J 207 17.65 -64.15 -32.58
CA THR J 207 17.55 -65.59 -32.77
C THR J 207 16.11 -66.04 -33.01
N LYS J 208 15.91 -66.92 -33.99
CA LYS J 208 14.62 -67.56 -34.21
C LYS J 208 14.80 -69.06 -34.41
N VAL J 209 14.09 -69.86 -33.62
CA VAL J 209 14.26 -71.32 -33.68
C VAL J 209 12.96 -72.09 -33.84
N ASP J 210 13.05 -73.27 -34.46
CA ASP J 210 11.91 -74.17 -34.57
C ASP J 210 12.31 -75.56 -34.08
N LYS J 211 11.54 -76.11 -33.14
CA LYS J 211 11.80 -77.43 -32.58
C LYS J 211 10.59 -78.35 -32.67
N LYS J 212 10.75 -79.50 -33.33
CA LYS J 212 9.67 -80.48 -33.44
C LYS J 212 9.53 -81.29 -32.15
N ILE J 213 8.55 -82.19 -32.10
CA ILE J 213 8.39 -83.08 -30.95
C ILE J 213 8.49 -84.55 -31.38
N VAL J 214 9.03 -85.39 -30.52
CA VAL J 214 9.33 -86.78 -30.90
C VAL J 214 9.16 -87.76 -29.74
N PRO J 215 8.57 -88.93 -30.02
CA PRO J 215 8.34 -89.99 -29.03
C PRO J 215 9.62 -90.45 -28.32
N GLY K 1 7.25 -38.14 4.42
CA GLY K 1 5.84 -38.30 4.72
C GLY K 1 4.98 -38.38 3.47
N GLN K 2 3.84 -39.06 3.58
CA GLN K 2 2.89 -39.19 2.48
C GLN K 2 1.61 -39.85 2.97
N ILE K 3 0.53 -39.68 2.21
CA ILE K 3 -0.73 -40.32 2.57
C ILE K 3 -0.77 -41.74 2.03
N VAL K 4 -0.79 -42.72 2.93
CA VAL K 4 -0.81 -44.11 2.52
C VAL K 4 -2.22 -44.62 2.36
N LEU K 5 -2.52 -45.15 1.17
CA LEU K 5 -3.83 -45.69 0.89
C LEU K 5 -3.84 -47.22 0.99
N THR K 6 -4.66 -47.76 1.87
CA THR K 6 -4.73 -49.20 2.07
C THR K 6 -6.04 -49.76 1.53
N GLN K 7 -5.93 -50.57 0.48
CA GLN K 7 -7.10 -51.16 -0.14
C GLN K 7 -7.38 -52.55 0.43
N SER K 8 -8.65 -52.94 0.43
CA SER K 8 -9.08 -54.19 1.01
C SER K 8 -10.32 -54.67 0.29
N PRO K 9 -10.37 -55.96 -0.08
CA PRO K 9 -9.29 -56.93 0.11
C PRO K 9 -8.25 -56.78 -0.97
N THR K 10 -7.10 -57.42 -0.82
CA THR K 10 -6.05 -57.29 -1.81
C THR K 10 -6.48 -58.03 -3.07
N ILE K 11 -7.16 -59.15 -2.89
CA ILE K 11 -7.69 -59.91 -4.01
C ILE K 11 -9.02 -60.59 -3.66
N MET K 12 -9.96 -60.61 -4.60
CA MET K 12 -11.26 -61.24 -4.37
C MET K 12 -11.91 -61.74 -5.65
N SER K 13 -12.94 -62.56 -5.49
CA SER K 13 -13.65 -63.16 -6.61
C SER K 13 -15.17 -63.03 -6.49
N ALA K 14 -15.84 -62.96 -7.64
CA ALA K 14 -17.29 -62.87 -7.68
C ALA K 14 -17.86 -63.47 -8.97
N SER K 15 -19.05 -64.06 -8.88
CA SER K 15 -19.74 -64.55 -10.08
C SER K 15 -20.52 -63.41 -10.74
N PRO K 16 -20.70 -63.49 -12.06
CA PRO K 16 -21.49 -62.49 -12.78
C PRO K 16 -22.92 -62.36 -12.23
N GLY K 17 -23.28 -61.18 -11.78
CA GLY K 17 -24.59 -60.92 -11.21
C GLY K 17 -24.51 -60.64 -9.73
N GLU K 18 -23.39 -60.98 -9.11
CA GLU K 18 -23.17 -60.73 -7.70
C GLU K 18 -22.80 -59.28 -7.44
N LYS K 19 -22.99 -58.82 -6.21
CA LYS K 19 -22.60 -57.47 -5.82
C LYS K 19 -21.20 -57.44 -5.22
N VAL K 20 -20.35 -56.56 -5.74
CA VAL K 20 -18.96 -56.45 -5.32
C VAL K 20 -18.68 -55.13 -4.61
N THR K 21 -18.00 -55.21 -3.46
CA THR K 21 -17.59 -53.99 -2.75
C THR K 21 -16.15 -54.10 -2.29
N MET K 22 -15.36 -53.11 -2.63
CA MET K 22 -13.97 -53.03 -2.16
C MET K 22 -13.74 -51.69 -1.47
N THR K 23 -12.88 -51.67 -0.47
CA THR K 23 -12.70 -50.45 0.30
C THR K 23 -11.28 -49.89 0.21
N CYS K 24 -11.17 -48.60 0.50
CA CYS K 24 -9.89 -47.89 0.55
C CYS K 24 -9.85 -47.11 1.85
N SER K 25 -8.76 -47.25 2.59
CA SER K 25 -8.58 -46.54 3.84
C SER K 25 -7.38 -45.61 3.74
N ALA K 26 -7.52 -44.37 4.22
CA ALA K 26 -6.40 -43.42 4.13
C ALA K 26 -5.81 -43.11 5.50
N SER K 27 -4.49 -42.98 5.56
CA SER K 27 -3.79 -42.68 6.81
C SER K 27 -4.18 -41.31 7.37
N SER K 28 -4.60 -40.40 6.48
CA SER K 28 -5.07 -39.10 6.89
C SER K 28 -6.35 -38.77 6.12
N SER K 29 -7.09 -37.79 6.59
CA SER K 29 -8.32 -37.41 5.91
C SER K 29 -8.03 -36.83 4.52
N VAL K 30 -8.86 -37.19 3.53
CA VAL K 30 -8.76 -36.62 2.19
C VAL K 30 -10.13 -36.08 1.77
N ASP K 31 -10.16 -35.16 0.81
CA ASP K 31 -11.44 -34.56 0.44
C ASP K 31 -12.14 -35.28 -0.71
N TYR K 32 -11.36 -35.93 -1.58
CA TYR K 32 -11.91 -36.77 -2.63
C TYR K 32 -11.06 -38.01 -2.83
N MET K 33 -11.71 -39.12 -3.21
CA MET K 33 -10.99 -40.32 -3.61
C MET K 33 -11.30 -40.61 -5.08
N HIS K 34 -10.28 -41.03 -5.83
CA HIS K 34 -10.49 -41.37 -7.23
C HIS K 34 -10.11 -42.82 -7.43
N TRP K 35 -10.68 -43.44 -8.46
CA TRP K 35 -10.43 -44.85 -8.71
C TRP K 35 -9.99 -45.11 -10.14
N TYR K 36 -9.01 -46.01 -10.27
CA TYR K 36 -8.51 -46.41 -11.58
C TYR K 36 -8.80 -47.87 -11.84
N GLN K 37 -9.04 -48.20 -13.11
CA GLN K 37 -9.10 -49.58 -13.55
C GLN K 37 -7.89 -49.89 -14.40
N GLN K 38 -7.34 -51.08 -14.26
CA GLN K 38 -6.25 -51.51 -15.12
C GLN K 38 -6.36 -52.99 -15.47
N LYS K 39 -6.20 -53.30 -16.76
CA LYS K 39 -6.15 -54.68 -17.21
C LYS K 39 -4.75 -54.99 -17.73
N SER K 40 -4.42 -56.27 -17.83
CA SER K 40 -3.07 -56.67 -18.22
C SER K 40 -2.68 -56.13 -19.58
N GLY K 41 -1.51 -55.51 -19.65
CA GLY K 41 -0.95 -55.03 -20.90
C GLY K 41 -1.49 -53.69 -21.36
N THR K 42 -2.43 -53.13 -20.60
CA THR K 42 -3.01 -51.86 -20.98
C THR K 42 -2.75 -50.83 -19.88
N SER K 43 -2.79 -49.56 -20.25
CA SER K 43 -2.59 -48.48 -19.29
C SER K 43 -3.79 -48.28 -18.37
N PRO K 44 -3.56 -47.71 -17.18
CA PRO K 44 -4.68 -47.45 -16.26
C PRO K 44 -5.66 -46.45 -16.85
N LYS K 45 -6.94 -46.68 -16.61
CA LYS K 45 -7.97 -45.75 -17.03
C LYS K 45 -8.65 -45.14 -15.82
N ARG K 46 -8.77 -43.83 -15.83
CA ARG K 46 -9.52 -43.12 -14.80
C ARG K 46 -10.96 -43.63 -14.84
N TRP K 47 -11.40 -44.22 -13.74
CA TRP K 47 -12.68 -44.94 -13.70
C TRP K 47 -13.73 -44.16 -12.93
N ILE K 48 -13.41 -43.82 -11.69
CA ILE K 48 -14.28 -43.03 -10.84
C ILE K 48 -13.50 -41.82 -10.34
N TYR K 49 -14.12 -40.65 -10.41
CA TYR K 49 -13.45 -39.45 -9.94
C TYR K 49 -14.36 -38.68 -9.00
N ASP K 50 -13.74 -37.82 -8.19
CA ASP K 50 -14.44 -37.06 -7.16
C ASP K 50 -15.36 -37.96 -6.31
N THR K 51 -14.79 -39.10 -5.89
CA THR K 51 -15.42 -40.05 -4.96
C THR K 51 -16.54 -40.88 -5.61
N TYR K 52 -17.46 -40.24 -6.31
CA TYR K 52 -18.63 -40.96 -6.79
C TYR K 52 -18.97 -40.77 -8.26
N LYS K 53 -18.28 -39.87 -8.96
CA LYS K 53 -18.61 -39.56 -10.35
C LYS K 53 -17.98 -40.54 -11.35
N LEU K 54 -18.77 -40.99 -12.31
CA LEU K 54 -18.30 -41.97 -13.29
C LEU K 54 -17.62 -41.34 -14.49
N ALA K 55 -16.50 -41.92 -14.91
CA ALA K 55 -15.76 -41.42 -16.06
C ALA K 55 -16.43 -41.87 -17.34
N SER K 56 -15.90 -41.43 -18.48
CA SER K 56 -16.57 -41.67 -19.76
C SER K 56 -16.49 -43.13 -20.17
N GLY K 57 -17.66 -43.70 -20.44
CA GLY K 57 -17.73 -45.08 -20.87
C GLY K 57 -17.92 -46.07 -19.72
N VAL K 58 -17.91 -45.57 -18.49
CA VAL K 58 -18.08 -46.41 -17.33
C VAL K 58 -19.56 -46.72 -17.09
N PRO K 59 -19.91 -48.01 -17.04
CA PRO K 59 -21.29 -48.48 -16.87
C PRO K 59 -21.90 -48.00 -15.57
N ALA K 60 -23.22 -47.81 -15.58
CA ALA K 60 -23.93 -47.24 -14.44
C ALA K 60 -23.95 -48.19 -13.23
N ARG K 61 -23.60 -49.45 -13.46
CA ARG K 61 -23.57 -50.44 -12.38
C ARG K 61 -22.42 -50.17 -11.42
N PHE K 62 -21.46 -49.36 -11.83
CA PHE K 62 -20.40 -48.91 -10.94
C PHE K 62 -20.84 -47.74 -10.07
N SER K 63 -20.29 -47.66 -8.86
CA SER K 63 -20.49 -46.48 -8.01
C SER K 63 -19.41 -46.40 -6.94
N GLY K 64 -19.24 -45.23 -6.36
CA GLY K 64 -18.27 -45.02 -5.28
C GLY K 64 -18.84 -44.15 -4.19
N SER K 65 -18.33 -44.28 -2.98
CA SER K 65 -18.80 -43.46 -1.88
C SER K 65 -17.77 -43.41 -0.76
N GLY K 66 -18.01 -42.55 0.22
CA GLY K 66 -17.13 -42.46 1.36
C GLY K 66 -16.77 -41.03 1.68
N SER K 67 -16.06 -40.84 2.78
CA SER K 67 -15.59 -39.54 3.21
C SER K 67 -14.52 -39.74 4.27
N GLY K 68 -13.78 -38.68 4.58
CA GLY K 68 -12.73 -38.74 5.58
C GLY K 68 -11.59 -39.65 5.20
N THR K 69 -11.55 -40.84 5.81
CA THR K 69 -10.46 -41.79 5.62
C THR K 69 -10.95 -43.14 5.10
N SER K 70 -12.25 -43.25 4.89
CA SER K 70 -12.85 -44.51 4.46
C SER K 70 -13.71 -44.34 3.21
N TYR K 71 -13.31 -45.03 2.14
CA TYR K 71 -13.99 -44.95 0.84
C TYR K 71 -14.22 -46.35 0.30
N SER K 72 -15.14 -46.46 -0.65
CA SER K 72 -15.45 -47.74 -1.27
C SER K 72 -15.85 -47.60 -2.73
N LEU K 73 -15.62 -48.66 -3.48
CA LEU K 73 -16.11 -48.79 -4.85
C LEU K 73 -17.06 -49.97 -4.89
N THR K 74 -18.14 -49.86 -5.66
CA THR K 74 -19.17 -50.88 -5.64
C THR K 74 -19.75 -51.19 -7.00
N ILE K 75 -19.90 -52.47 -7.29
CA ILE K 75 -20.56 -52.94 -8.50
C ILE K 75 -21.84 -53.66 -8.10
N ASN K 76 -22.99 -53.06 -8.38
CA ASN K 76 -24.24 -53.63 -7.90
C ASN K 76 -24.58 -54.93 -8.62
N SER K 77 -24.08 -55.05 -9.84
CA SER K 77 -24.25 -56.29 -10.60
C SER K 77 -23.01 -56.54 -11.45
N MET K 78 -22.16 -57.40 -10.93
CA MET K 78 -20.91 -57.79 -11.56
C MET K 78 -21.11 -58.39 -12.95
N GLU K 79 -20.26 -57.99 -13.91
CA GLU K 79 -20.23 -58.72 -15.17
C GLU K 79 -18.78 -59.07 -15.49
N ALA K 80 -18.60 -60.06 -16.36
CA ALA K 80 -17.28 -60.64 -16.63
C ALA K 80 -16.28 -59.59 -17.09
N GLU K 81 -16.76 -58.62 -17.85
CA GLU K 81 -15.96 -57.51 -18.35
C GLU K 81 -15.29 -56.70 -17.23
N ASP K 82 -15.81 -56.81 -16.03
CA ASP K 82 -15.36 -55.98 -14.91
C ASP K 82 -14.11 -56.53 -14.23
N ALA K 83 -13.72 -57.75 -14.61
CA ALA K 83 -12.55 -58.40 -14.02
C ALA K 83 -11.26 -57.66 -14.33
N ALA K 84 -10.67 -57.06 -13.30
CA ALA K 84 -9.46 -56.26 -13.46
C ALA K 84 -8.86 -55.91 -12.09
N THR K 85 -7.87 -55.03 -12.09
CA THR K 85 -7.33 -54.53 -10.83
C THR K 85 -7.75 -53.08 -10.66
N TYR K 86 -8.24 -52.74 -9.48
CA TYR K 86 -8.70 -51.39 -9.20
C TYR K 86 -7.80 -50.68 -8.18
N TYR K 87 -7.29 -49.51 -8.57
CA TYR K 87 -6.46 -48.71 -7.67
C TYR K 87 -7.20 -47.46 -7.26
N CYS K 88 -7.14 -47.11 -5.98
CA CYS K 88 -7.67 -45.82 -5.55
C CYS K 88 -6.53 -44.82 -5.58
N GLN K 89 -6.88 -43.54 -5.64
CA GLN K 89 -5.89 -42.50 -5.87
C GLN K 89 -6.35 -41.19 -5.25
N GLN K 90 -5.38 -40.38 -4.81
CA GLN K 90 -5.63 -39.20 -4.00
C GLN K 90 -4.83 -37.96 -4.48
N TRP K 91 -5.44 -36.78 -4.34
CA TRP K 91 -4.83 -35.49 -4.70
C TRP K 91 -4.69 -34.53 -3.53
N SER K 92 -5.23 -34.90 -2.38
CA SER K 92 -5.49 -33.89 -1.35
C SER K 92 -4.21 -33.41 -0.69
N SER K 93 -3.23 -34.29 -0.62
CA SER K 93 -1.96 -33.98 -0.02
C SER K 93 -0.81 -34.35 -0.94
N ASN K 94 0.17 -33.46 -1.03
CA ASN K 94 1.40 -33.77 -1.74
C ASN K 94 2.28 -34.76 -0.98
N PRO K 95 2.79 -35.79 -1.66
CA PRO K 95 2.63 -36.12 -3.08
C PRO K 95 1.40 -36.99 -3.33
N LEU K 96 0.91 -36.95 -4.56
CA LEU K 96 -0.13 -37.85 -5.03
C LEU K 96 0.25 -39.30 -4.76
N THR K 97 -0.70 -40.10 -4.28
CA THR K 97 -0.43 -41.51 -4.00
C THR K 97 -1.57 -42.43 -4.45
N PHE K 98 -1.22 -43.67 -4.77
CA PHE K 98 -2.20 -44.70 -5.14
C PHE K 98 -2.34 -45.75 -4.03
N GLY K 99 -3.42 -46.52 -4.09
CA GLY K 99 -3.54 -47.69 -3.23
C GLY K 99 -2.72 -48.83 -3.83
N ALA K 100 -2.57 -49.93 -3.09
CA ALA K 100 -1.81 -51.07 -3.60
C ALA K 100 -2.60 -51.80 -4.67
N GLY K 101 -3.93 -51.66 -4.62
CA GLY K 101 -4.80 -52.24 -5.61
C GLY K 101 -5.60 -53.42 -5.09
N THR K 102 -6.76 -53.62 -5.71
CA THR K 102 -7.60 -54.78 -5.45
C THR K 102 -7.82 -55.55 -6.74
N LYS K 103 -7.38 -56.80 -6.75
CA LYS K 103 -7.50 -57.64 -7.92
C LYS K 103 -8.83 -58.36 -7.89
N LEU K 104 -9.68 -58.05 -8.86
CA LEU K 104 -10.99 -58.67 -8.95
C LEU K 104 -10.99 -59.75 -10.01
N GLU K 105 -11.19 -60.98 -9.56
CA GLU K 105 -11.24 -62.15 -10.45
C GLU K 105 -12.63 -62.78 -10.44
N LEU K 106 -12.86 -63.73 -11.33
CA LEU K 106 -14.18 -64.36 -11.49
C LEU K 106 -14.33 -65.70 -10.77
N LYS K 107 -15.55 -65.98 -10.32
CA LYS K 107 -15.88 -67.30 -9.82
C LYS K 107 -16.55 -68.14 -10.90
N ARG K 108 -16.47 -69.45 -10.73
CA ARG K 108 -16.92 -70.40 -11.72
C ARG K 108 -17.04 -71.72 -10.98
N ALA K 109 -17.69 -72.71 -11.57
CA ALA K 109 -17.74 -74.04 -10.98
C ALA K 109 -16.33 -74.60 -10.79
N ASP K 110 -16.13 -75.37 -9.72
CA ASP K 110 -14.82 -75.96 -9.44
C ASP K 110 -14.42 -76.95 -10.52
N ALA K 111 -13.13 -76.97 -10.85
CA ALA K 111 -12.65 -77.89 -11.88
C ALA K 111 -11.28 -78.46 -11.54
N ALA K 112 -11.13 -79.76 -11.76
CA ALA K 112 -9.90 -80.47 -11.42
C ALA K 112 -8.83 -80.24 -12.49
N PRO K 113 -7.57 -80.14 -12.06
CA PRO K 113 -6.40 -79.93 -12.91
C PRO K 113 -6.06 -81.11 -13.81
N THR K 114 -5.70 -80.82 -15.05
CA THR K 114 -5.16 -81.84 -15.94
C THR K 114 -3.65 -81.87 -15.77
N VAL K 115 -3.14 -82.95 -15.23
CA VAL K 115 -1.72 -83.04 -14.86
C VAL K 115 -0.87 -83.73 -15.91
N SER K 116 0.24 -83.10 -16.29
CA SER K 116 1.19 -83.70 -17.23
C SER K 116 2.61 -83.61 -16.68
N ILE K 117 3.35 -84.71 -16.79
CA ILE K 117 4.74 -84.76 -16.35
C ILE K 117 5.65 -85.10 -17.53
N PHE K 118 6.82 -84.46 -17.57
CA PHE K 118 7.75 -84.61 -18.68
C PHE K 118 9.20 -84.81 -18.25
N PRO K 119 9.83 -85.89 -18.73
CA PRO K 119 11.25 -86.17 -18.52
C PRO K 119 12.14 -85.15 -19.24
N PRO K 120 13.40 -85.02 -18.80
CA PRO K 120 14.35 -84.11 -19.47
C PRO K 120 14.56 -84.47 -20.92
N SER K 121 14.74 -83.47 -21.77
CA SER K 121 15.00 -83.74 -23.18
C SER K 121 16.38 -84.34 -23.33
N SER K 122 16.59 -85.07 -24.42
CA SER K 122 17.90 -85.67 -24.67
C SER K 122 18.93 -84.61 -25.03
N GLU K 123 18.45 -83.49 -25.58
CA GLU K 123 19.31 -82.37 -25.93
C GLU K 123 19.82 -81.64 -24.69
N GLN K 124 19.01 -81.61 -23.64
CA GLN K 124 19.39 -80.97 -22.38
C GLN K 124 20.40 -81.79 -21.58
N LEU K 125 20.29 -83.11 -21.66
CA LEU K 125 21.20 -84.02 -20.96
C LEU K 125 22.56 -84.13 -21.65
N THR K 126 22.62 -83.76 -22.93
CA THR K 126 23.88 -83.71 -23.65
C THR K 126 24.44 -82.32 -23.46
N SER K 127 24.52 -81.95 -22.19
CA SER K 127 25.04 -80.67 -21.73
C SER K 127 25.51 -80.91 -20.30
N GLY K 128 24.64 -80.59 -19.34
CA GLY K 128 24.94 -80.85 -17.95
C GLY K 128 23.70 -81.01 -17.09
N GLY K 129 22.63 -80.35 -17.51
CA GLY K 129 21.42 -80.25 -16.70
C GLY K 129 20.31 -81.24 -16.99
N ALA K 130 19.31 -81.20 -16.11
CA ALA K 130 18.12 -82.03 -16.23
C ALA K 130 16.98 -81.38 -15.48
N SER K 131 15.98 -80.91 -16.23
CA SER K 131 14.84 -80.26 -15.61
C SER K 131 13.59 -81.11 -15.84
N VAL K 132 12.93 -81.44 -14.74
CA VAL K 132 11.67 -82.18 -14.80
C VAL K 132 10.50 -81.22 -14.71
N VAL K 133 9.69 -81.18 -15.77
CA VAL K 133 8.60 -80.22 -15.86
C VAL K 133 7.25 -80.87 -15.55
N CYS K 134 6.40 -80.15 -14.84
CA CYS K 134 5.06 -80.64 -14.50
C CYS K 134 4.02 -79.58 -14.87
N PHE K 135 3.00 -79.99 -15.62
CA PHE K 135 1.93 -79.08 -16.02
C PHE K 135 0.61 -79.36 -15.31
N LEU K 136 0.05 -78.34 -14.68
CA LEU K 136 -1.26 -78.43 -14.06
C LEU K 136 -2.23 -77.46 -14.73
N ASN K 137 -3.03 -77.95 -15.66
CA ASN K 137 -3.80 -77.06 -16.54
C ASN K 137 -5.30 -77.00 -16.26
N ASN K 138 -5.84 -75.79 -16.39
CA ASN K 138 -7.28 -75.53 -16.37
C ASN K 138 -8.02 -76.06 -15.15
N PHE K 139 -7.74 -75.45 -14.00
CA PHE K 139 -8.40 -75.83 -12.76
C PHE K 139 -8.98 -74.62 -12.03
N TYR K 140 -9.84 -74.91 -11.07
CA TYR K 140 -10.46 -73.89 -10.22
C TYR K 140 -10.86 -74.56 -8.92
N PRO K 141 -10.66 -73.87 -7.78
CA PRO K 141 -10.09 -72.53 -7.62
C PRO K 141 -8.58 -72.55 -7.66
N LYS K 142 -7.96 -71.39 -7.45
CA LYS K 142 -6.50 -71.25 -7.56
C LYS K 142 -5.66 -71.98 -6.52
N ASP K 143 -6.15 -72.11 -5.28
CA ASP K 143 -5.34 -72.71 -4.22
C ASP K 143 -4.94 -74.13 -4.56
N ILE K 144 -3.63 -74.33 -4.67
CA ILE K 144 -3.08 -75.65 -4.93
C ILE K 144 -1.63 -75.68 -4.42
N ASN K 145 -1.19 -76.85 -3.97
CA ASN K 145 0.18 -77.03 -3.49
C ASN K 145 0.82 -78.23 -4.15
N VAL K 146 2.05 -78.06 -4.64
CA VAL K 146 2.76 -79.15 -5.29
C VAL K 146 4.00 -79.58 -4.49
N LYS K 147 4.23 -80.89 -4.40
CA LYS K 147 5.38 -81.41 -3.69
C LYS K 147 6.15 -82.38 -4.59
N TRP K 148 7.47 -82.22 -4.65
CA TRP K 148 8.31 -83.11 -5.45
C TRP K 148 9.00 -84.17 -4.57
N LYS K 149 9.00 -85.41 -5.04
CA LYS K 149 9.72 -86.50 -4.37
C LYS K 149 10.58 -87.24 -5.40
N ILE K 150 11.89 -87.23 -5.22
CA ILE K 150 12.79 -87.86 -6.18
C ILE K 150 13.16 -89.29 -5.77
N ASP K 151 12.34 -89.86 -4.88
CA ASP K 151 12.49 -91.23 -4.40
C ASP K 151 11.36 -91.55 -3.44
N GLY K 152 11.05 -90.59 -2.58
CA GLY K 152 9.92 -90.69 -1.68
C GLY K 152 9.80 -89.42 -0.86
N ASN K 157 17.14 -79.05 -3.76
CA ASN K 157 16.03 -78.61 -4.59
C ASN K 157 15.44 -77.29 -4.10
N GLY K 158 15.39 -76.29 -4.97
CA GLY K 158 15.76 -76.41 -6.38
C GLY K 158 14.57 -76.41 -7.32
N VAL K 159 13.42 -76.01 -6.80
CA VAL K 159 12.16 -75.97 -7.57
C VAL K 159 11.74 -74.54 -7.95
N LEU K 160 11.43 -74.32 -9.22
CA LEU K 160 10.92 -73.02 -9.68
C LEU K 160 9.52 -73.18 -10.30
N ASN K 161 8.56 -72.42 -9.80
CA ASN K 161 7.15 -72.50 -10.23
C ASN K 161 6.62 -71.25 -10.94
N SER K 162 5.58 -71.44 -11.76
CA SER K 162 4.98 -70.32 -12.49
C SER K 162 3.48 -70.50 -12.68
N TRP K 163 2.71 -69.44 -12.45
CA TRP K 163 1.25 -69.48 -12.58
C TRP K 163 0.77 -68.49 -13.64
N THR K 164 -0.22 -68.89 -14.43
CA THR K 164 -0.80 -67.94 -15.38
C THR K 164 -1.85 -67.08 -14.68
N ASP K 165 -2.25 -66.00 -15.33
CA ASP K 165 -3.40 -65.24 -14.86
C ASP K 165 -4.64 -66.03 -15.20
N GLN K 166 -5.79 -65.57 -14.76
CA GLN K 166 -7.03 -66.27 -15.03
C GLN K 166 -7.33 -66.26 -16.53
N ASP K 167 -7.64 -67.42 -17.10
CA ASP K 167 -7.90 -67.53 -18.53
C ASP K 167 -9.12 -66.68 -18.89
N SER K 168 -9.02 -65.90 -19.95
CA SER K 168 -10.11 -64.98 -20.30
C SER K 168 -11.29 -65.68 -20.95
N LYS K 169 -11.13 -66.95 -21.31
CA LYS K 169 -12.18 -67.70 -21.98
C LYS K 169 -13.05 -68.52 -21.02
N ASP K 170 -12.40 -69.27 -20.14
CA ASP K 170 -13.12 -70.18 -19.26
C ASP K 170 -12.84 -69.93 -17.78
N SER K 171 -12.12 -68.86 -17.48
CA SER K 171 -11.86 -68.42 -16.11
C SER K 171 -11.13 -69.46 -15.25
N THR K 172 -10.29 -70.28 -15.87
CA THR K 172 -9.51 -71.25 -15.12
C THR K 172 -8.06 -70.80 -14.93
N TYR K 173 -7.37 -71.49 -14.04
CA TYR K 173 -5.96 -71.21 -13.81
C TYR K 173 -5.09 -72.37 -14.28
N SER K 174 -3.81 -72.07 -14.55
CA SER K 174 -2.82 -73.08 -14.91
C SER K 174 -1.52 -72.82 -14.15
N MET K 175 -0.73 -73.87 -13.97
CA MET K 175 0.53 -73.76 -13.25
C MET K 175 1.61 -74.66 -13.85
N SER K 176 2.84 -74.17 -13.86
CA SER K 176 4.00 -74.95 -14.28
C SER K 176 4.95 -75.15 -13.10
N SER K 177 5.42 -76.39 -12.92
CA SER K 177 6.40 -76.66 -11.88
C SER K 177 7.61 -77.39 -12.45
N THR K 178 8.80 -76.85 -12.22
CA THR K 178 10.02 -77.40 -12.78
C THR K 178 11.09 -77.65 -11.71
N LEU K 179 11.47 -78.91 -11.54
CA LEU K 179 12.55 -79.28 -10.62
C LEU K 179 13.87 -79.43 -11.38
N THR K 180 14.83 -78.56 -11.08
CA THR K 180 16.09 -78.58 -11.82
C THR K 180 17.23 -79.12 -10.97
N LEU K 181 17.77 -80.27 -11.38
CA LEU K 181 18.90 -80.89 -10.69
C LEU K 181 20.03 -81.14 -11.68
N THR K 182 21.16 -81.65 -11.19
CA THR K 182 22.26 -82.01 -12.08
C THR K 182 22.19 -83.47 -12.51
N LYS K 183 22.83 -83.78 -13.63
CA LYS K 183 22.88 -85.14 -14.16
C LYS K 183 23.64 -86.05 -13.19
N TYR K 186 20.71 -86.45 -11.09
CA TYR K 186 19.56 -86.98 -11.81
C TYR K 186 19.77 -88.44 -12.17
N GLU K 187 21.00 -88.77 -12.54
CA GLU K 187 21.30 -90.12 -13.01
C GLU K 187 21.66 -91.02 -11.85
N ARG K 188 21.27 -90.61 -10.64
CA ARG K 188 21.50 -91.39 -9.44
C ARG K 188 20.21 -91.93 -8.85
N HIS K 189 19.08 -91.66 -9.51
CA HIS K 189 17.79 -92.13 -9.01
C HIS K 189 16.91 -92.73 -10.11
N ASN K 190 15.82 -93.39 -9.68
CA ASN K 190 14.99 -94.15 -10.62
C ASN K 190 13.55 -93.61 -10.77
N SER K 191 12.86 -93.40 -9.65
CA SER K 191 11.45 -93.00 -9.72
C SER K 191 11.26 -91.54 -9.31
N TYR K 192 10.78 -90.73 -10.24
CA TYR K 192 10.51 -89.31 -10.00
C TYR K 192 9.01 -89.02 -10.05
N THR K 193 8.51 -88.31 -9.04
CA THR K 193 7.07 -88.12 -8.94
C THR K 193 6.64 -86.67 -8.72
N CYS K 194 5.52 -86.32 -9.33
CA CYS K 194 4.91 -84.99 -9.20
C CYS K 194 3.55 -85.11 -8.52
N GLU K 195 3.47 -84.64 -7.28
CA GLU K 195 2.23 -84.73 -6.51
C GLU K 195 1.49 -83.38 -6.44
N ALA K 196 0.21 -83.40 -6.77
CA ALA K 196 -0.62 -82.19 -6.78
C ALA K 196 -1.84 -82.34 -5.87
N THR K 197 -1.95 -81.47 -4.87
CA THR K 197 -3.09 -81.51 -3.95
C THR K 197 -4.05 -80.37 -4.22
N HIS K 198 -5.28 -80.70 -4.60
CA HIS K 198 -6.28 -79.69 -4.92
C HIS K 198 -7.54 -79.92 -4.09
N LYS K 199 -8.39 -78.92 -4.03
CA LYS K 199 -9.63 -79.02 -3.25
C LYS K 199 -10.61 -79.98 -3.93
N THR K 200 -10.38 -80.23 -5.20
CA THR K 200 -11.30 -80.98 -6.04
C THR K 200 -11.38 -82.48 -5.72
N SER K 201 -10.39 -83.00 -4.99
CA SER K 201 -10.41 -84.40 -4.57
C SER K 201 -9.59 -84.59 -3.28
N THR K 202 -10.01 -85.54 -2.46
CA THR K 202 -9.34 -85.78 -1.18
C THR K 202 -8.22 -86.80 -1.32
N SER K 203 -8.01 -87.27 -2.55
CA SER K 203 -6.86 -88.12 -2.86
C SER K 203 -6.02 -87.42 -3.92
N PRO K 204 -4.71 -87.26 -3.64
CA PRO K 204 -3.80 -86.50 -4.50
C PRO K 204 -3.72 -87.04 -5.92
N ILE K 205 -3.74 -86.15 -6.90
CA ILE K 205 -3.54 -86.56 -8.28
C ILE K 205 -2.03 -86.67 -8.56
N VAL K 206 -1.57 -87.88 -8.84
CA VAL K 206 -0.15 -88.14 -9.02
C VAL K 206 0.22 -88.62 -10.43
N LYS K 207 1.33 -88.09 -10.93
CA LYS K 207 1.91 -88.54 -12.19
C LYS K 207 3.41 -88.69 -12.02
N SER K 208 3.93 -89.85 -12.43
CA SER K 208 5.34 -90.14 -12.22
C SER K 208 5.99 -90.77 -13.45
N PHE K 209 7.29 -91.08 -13.32
CA PHE K 209 8.00 -91.85 -14.34
C PHE K 209 9.21 -92.54 -13.71
N ASN K 210 9.68 -93.60 -14.36
CA ASN K 210 10.81 -94.37 -13.85
C ASN K 210 11.94 -94.45 -14.86
N ARG K 211 13.17 -94.57 -14.35
CA ARG K 211 14.37 -94.75 -15.16
C ARG K 211 14.52 -93.68 -16.24
N GLN L 2 0.43 -8.32 47.40
CA GLN L 2 -0.02 -8.47 46.02
C GLN L 2 -1.38 -7.83 45.94
N ILE L 3 -1.80 -7.44 44.75
CA ILE L 3 -3.11 -6.83 44.61
C ILE L 3 -4.18 -7.89 44.41
N VAL L 4 -5.04 -8.02 45.40
CA VAL L 4 -6.11 -9.01 45.36
C VAL L 4 -7.34 -8.41 44.72
N LEU L 5 -7.83 -9.05 43.66
CA LEU L 5 -9.01 -8.55 42.97
C LEU L 5 -10.23 -9.38 43.39
N THR L 6 -11.22 -8.70 43.97
CA THR L 6 -12.41 -9.39 44.46
C THR L 6 -13.60 -9.10 43.58
N GLN L 7 -14.04 -10.11 42.83
CA GLN L 7 -15.14 -9.96 41.89
C GLN L 7 -16.44 -10.37 42.55
N SER L 8 -17.53 -9.76 42.08
CA SER L 8 -18.84 -9.99 42.63
C SER L 8 -19.91 -9.71 41.57
N PRO L 9 -20.90 -10.61 41.45
CA PRO L 9 -21.06 -11.84 42.22
C PRO L 9 -20.18 -12.96 41.68
N THR L 10 -20.04 -14.06 42.42
CA THR L 10 -19.22 -15.15 41.96
C THR L 10 -19.92 -15.85 40.79
N ILE L 11 -21.23 -15.97 40.87
CA ILE L 11 -22.01 -16.55 39.78
C ILE L 11 -23.37 -15.86 39.66
N MET L 12 -23.85 -15.69 38.44
CA MET L 12 -25.15 -15.08 38.22
C MET L 12 -25.80 -15.49 36.90
N SER L 13 -27.08 -15.18 36.78
CA SER L 13 -27.86 -15.52 35.60
C SER L 13 -28.64 -14.30 35.10
N ALA L 14 -28.91 -14.28 33.79
CA ALA L 14 -29.63 -13.15 33.21
C ALA L 14 -30.48 -13.59 32.04
N SER L 15 -31.63 -12.92 31.88
CA SER L 15 -32.51 -13.15 30.76
C SER L 15 -31.96 -12.39 29.57
N PRO L 16 -32.18 -12.91 28.35
CA PRO L 16 -31.71 -12.18 27.17
C PRO L 16 -32.35 -10.80 27.13
N GLY L 17 -31.54 -9.74 27.17
CA GLY L 17 -32.10 -8.40 27.16
C GLY L 17 -31.92 -7.64 28.46
N GLU L 18 -31.59 -8.36 29.53
CA GLU L 18 -31.42 -7.71 30.82
C GLU L 18 -30.14 -6.89 30.82
N LYS L 19 -30.06 -5.93 31.73
CA LYS L 19 -28.84 -5.16 31.92
C LYS L 19 -28.03 -5.92 32.94
N VAL L 20 -26.79 -6.23 32.60
CA VAL L 20 -25.91 -7.02 33.48
C VAL L 20 -24.74 -6.21 34.00
N THR L 21 -24.51 -6.26 35.31
CA THR L 21 -23.37 -5.57 35.90
C THR L 21 -22.63 -6.43 36.91
N MET L 22 -21.33 -6.58 36.71
CA MET L 22 -20.45 -7.27 37.64
C MET L 22 -19.30 -6.36 38.05
N THR L 23 -18.85 -6.49 39.30
CA THR L 23 -17.86 -5.55 39.83
C THR L 23 -16.53 -6.21 40.22
N CYS L 24 -15.48 -5.41 40.24
CA CYS L 24 -14.15 -5.84 40.65
C CYS L 24 -13.64 -4.83 41.67
N SER L 25 -13.22 -5.33 42.82
CA SER L 25 -12.70 -4.47 43.88
C SER L 25 -11.25 -4.84 44.16
N ALA L 26 -10.38 -3.84 44.25
CA ALA L 26 -8.96 -4.09 44.40
C ALA L 26 -8.48 -3.73 45.80
N SER L 27 -7.56 -4.52 46.33
CA SER L 27 -7.03 -4.27 47.68
C SER L 27 -6.25 -2.96 47.72
N SER L 28 -5.70 -2.58 46.57
CA SER L 28 -4.99 -1.31 46.44
C SER L 28 -5.37 -0.66 45.11
N SER L 29 -5.03 0.60 44.96
CA SER L 29 -5.34 1.36 43.74
C SER L 29 -4.59 0.83 42.50
N VAL L 30 -5.28 0.81 41.35
CA VAL L 30 -4.66 0.46 40.06
C VAL L 30 -4.97 1.55 39.03
N ASP L 31 -4.18 1.66 37.97
CA ASP L 31 -4.38 2.75 37.03
C ASP L 31 -5.29 2.34 35.87
N TYR L 32 -5.27 1.05 35.54
CA TYR L 32 -6.20 0.49 34.57
C TYR L 32 -6.66 -0.90 35.01
N MET L 33 -7.89 -1.24 34.70
CA MET L 33 -8.38 -2.59 34.93
C MET L 33 -8.69 -3.23 33.60
N HIS L 34 -8.35 -4.51 33.44
CA HIS L 34 -8.63 -5.20 32.19
C HIS L 34 -9.56 -6.36 32.47
N TRP L 35 -10.29 -6.80 31.46
CA TRP L 35 -11.23 -7.89 31.65
C TRP L 35 -11.02 -8.97 30.62
N TYR L 36 -11.18 -10.21 31.07
CA TYR L 36 -11.09 -11.38 30.19
C TYR L 36 -12.40 -12.12 30.10
N GLN L 37 -12.68 -12.68 28.92
CA GLN L 37 -13.79 -13.61 28.77
C GLN L 37 -13.22 -15.01 28.56
N GLN L 38 -13.88 -16.00 29.16
CA GLN L 38 -13.50 -17.39 28.93
C GLN L 38 -14.71 -18.29 28.89
N LYS L 39 -14.75 -19.14 27.86
CA LYS L 39 -15.83 -20.12 27.78
C LYS L 39 -15.22 -21.49 27.99
N SER L 40 -16.08 -22.45 28.34
CA SER L 40 -15.63 -23.78 28.71
C SER L 40 -14.86 -24.41 27.56
N GLY L 41 -13.67 -24.92 27.85
CA GLY L 41 -12.85 -25.62 26.87
C GLY L 41 -11.98 -24.74 25.98
N THR L 42 -12.09 -23.43 26.13
CA THR L 42 -11.31 -22.50 25.31
C THR L 42 -10.42 -21.63 26.19
N SER L 43 -9.36 -21.08 25.60
CA SER L 43 -8.46 -20.18 26.31
C SER L 43 -9.07 -18.82 26.58
N PRO L 44 -8.56 -18.11 27.60
CA PRO L 44 -9.07 -16.75 27.87
C PRO L 44 -8.81 -15.78 26.71
N LYS L 45 -9.78 -14.90 26.47
CA LYS L 45 -9.66 -13.83 25.48
C LYS L 45 -9.74 -12.49 26.18
N ARG L 46 -8.79 -11.61 25.86
CA ARG L 46 -8.81 -10.24 26.33
C ARG L 46 -10.07 -9.55 25.82
N TRP L 47 -10.89 -9.09 26.74
CA TRP L 47 -12.22 -8.59 26.40
C TRP L 47 -12.26 -7.07 26.48
N ILE L 48 -11.89 -6.53 27.63
CA ILE L 48 -11.84 -5.08 27.82
C ILE L 48 -10.47 -4.69 28.33
N TYR L 49 -9.87 -3.65 27.78
CA TYR L 49 -8.56 -3.23 28.22
C TYR L 49 -8.55 -1.73 28.52
N ASP L 50 -7.59 -1.33 29.36
CA ASP L 50 -7.50 0.05 29.83
C ASP L 50 -8.85 0.52 30.36
N THR L 51 -9.49 -0.33 31.15
CA THR L 51 -10.71 -0.03 31.89
C THR L 51 -11.97 0.07 31.03
N TYR L 52 -11.93 0.78 29.92
CA TYR L 52 -13.16 1.03 29.19
C TYR L 52 -13.10 0.71 27.71
N LYS L 53 -11.91 0.42 27.19
CA LYS L 53 -11.72 0.21 25.75
C LYS L 53 -12.03 -1.25 25.35
N LEU L 54 -12.73 -1.42 24.23
CA LEU L 54 -13.15 -2.75 23.77
C LEU L 54 -12.13 -3.45 22.86
N ALA L 55 -11.88 -4.73 23.13
CA ALA L 55 -10.96 -5.51 22.31
C ALA L 55 -11.64 -5.96 21.03
N SER L 56 -10.89 -6.65 20.18
CA SER L 56 -11.39 -7.01 18.86
C SER L 56 -12.49 -8.08 18.95
N GLY L 57 -13.60 -7.81 18.28
CA GLY L 57 -14.72 -8.75 18.23
C GLY L 57 -15.74 -8.51 19.32
N VAL L 58 -15.44 -7.61 20.24
CA VAL L 58 -16.32 -7.32 21.36
C VAL L 58 -17.45 -6.40 20.95
N PRO L 59 -18.70 -6.87 21.12
CA PRO L 59 -19.94 -6.15 20.77
C PRO L 59 -20.09 -4.83 21.52
N ALA L 60 -20.78 -3.88 20.90
CA ALA L 60 -20.91 -2.55 21.48
C ALA L 60 -21.73 -2.53 22.78
N ARG L 61 -22.47 -3.60 23.06
CA ARG L 61 -23.28 -3.65 24.27
C ARG L 61 -22.45 -3.80 25.54
N PHE L 62 -21.20 -4.21 25.40
CA PHE L 62 -20.28 -4.29 26.54
C PHE L 62 -19.68 -2.93 26.86
N SER L 63 -19.38 -2.71 28.14
CA SER L 63 -18.68 -1.52 28.59
C SER L 63 -18.02 -1.76 29.95
N GLY L 64 -17.04 -0.93 30.27
CA GLY L 64 -16.34 -1.03 31.53
C GLY L 64 -16.13 0.36 32.10
N SER L 65 -16.03 0.44 33.42
CA SER L 65 -15.83 1.72 34.07
C SER L 65 -15.19 1.54 35.43
N GLY L 66 -14.80 2.64 36.04
CA GLY L 66 -14.23 2.60 37.37
C GLY L 66 -12.93 3.36 37.48
N SER L 67 -12.44 3.46 38.71
CA SER L 67 -11.15 4.07 38.99
C SER L 67 -10.73 3.71 40.40
N GLY L 68 -9.46 3.92 40.71
CA GLY L 68 -8.93 3.65 42.02
C GLY L 68 -8.99 2.17 42.35
N THR L 69 -9.97 1.80 43.18
CA THR L 69 -10.06 0.42 43.65
C THR L 69 -11.39 -0.24 43.28
N SER L 70 -12.24 0.47 42.56
CA SER L 70 -13.56 -0.07 42.23
C SER L 70 -13.87 0.00 40.73
N TYR L 71 -14.08 -1.16 40.12
CA TYR L 71 -14.35 -1.26 38.68
C TYR L 71 -15.56 -2.13 38.38
N SER L 72 -16.13 -1.96 37.19
CA SER L 72 -17.27 -2.77 36.79
C SER L 72 -17.30 -3.05 35.29
N LEU L 73 -17.91 -4.17 34.92
CA LEU L 73 -18.17 -4.54 33.54
C LEU L 73 -19.69 -4.62 33.33
N THR L 74 -20.17 -4.13 32.19
CA THR L 74 -21.62 -4.00 31.99
C THR L 74 -22.08 -4.38 30.59
N ILE L 75 -23.16 -5.14 30.52
CA ILE L 75 -23.80 -5.51 29.24
C ILE L 75 -25.20 -4.91 29.19
N ASN L 76 -25.42 -3.91 28.34
CA ASN L 76 -26.71 -3.21 28.38
C ASN L 76 -27.86 -4.11 27.95
N SER L 77 -27.54 -5.14 27.17
CA SER L 77 -28.52 -6.12 26.73
C SER L 77 -27.92 -7.52 26.63
N MET L 78 -28.21 -8.36 27.61
CA MET L 78 -27.68 -9.72 27.63
C MET L 78 -28.08 -10.52 26.38
N GLU L 79 -27.10 -11.25 25.82
CA GLU L 79 -27.36 -12.17 24.72
C GLU L 79 -26.80 -13.55 25.06
N ALA L 80 -27.27 -14.58 24.36
CA ALA L 80 -26.85 -15.95 24.61
C ALA L 80 -25.34 -16.09 24.42
N GLU L 81 -24.83 -15.38 23.43
CA GLU L 81 -23.41 -15.35 23.09
C GLU L 81 -22.54 -14.94 24.27
N ASP L 82 -23.13 -14.23 25.22
CA ASP L 82 -22.37 -13.64 26.31
C ASP L 82 -22.17 -14.56 27.50
N ALA L 83 -22.89 -15.68 27.53
CA ALA L 83 -22.78 -16.62 28.63
C ALA L 83 -21.36 -17.18 28.66
N ALA L 84 -20.63 -16.83 29.72
CA ALA L 84 -19.24 -17.22 29.87
C ALA L 84 -18.76 -16.83 31.27
N THR L 85 -17.46 -17.00 31.51
CA THR L 85 -16.88 -16.55 32.77
C THR L 85 -15.97 -15.35 32.52
N TYR L 86 -16.14 -14.30 33.32
CA TYR L 86 -15.35 -13.08 33.14
C TYR L 86 -14.38 -12.85 34.30
N TYR L 87 -13.11 -12.67 33.95
CA TYR L 87 -12.05 -12.36 34.90
C TYR L 87 -11.52 -10.94 34.72
N CYS L 88 -11.33 -10.21 35.82
CA CYS L 88 -10.65 -8.91 35.74
C CYS L 88 -9.15 -9.07 36.01
N GLN L 89 -8.35 -8.11 35.56
CA GLN L 89 -6.90 -8.31 35.57
C GLN L 89 -6.15 -6.98 35.68
N GLN L 90 -4.97 -7.01 36.29
CA GLN L 90 -4.26 -5.81 36.72
C GLN L 90 -2.75 -5.81 36.38
N TRP L 91 -2.19 -4.63 36.07
CA TRP L 91 -0.76 -4.43 35.75
C TRP L 91 0.01 -3.46 36.63
N SER L 92 -0.68 -2.79 37.54
CA SER L 92 -0.12 -1.59 38.15
C SER L 92 1.03 -1.95 39.07
N SER L 93 0.92 -3.11 39.69
CA SER L 93 1.96 -3.65 40.54
C SER L 93 2.28 -5.10 40.16
N ASN L 94 3.56 -5.43 40.09
CA ASN L 94 3.94 -6.83 39.94
C ASN L 94 3.74 -7.54 41.28
N PRO L 95 3.18 -8.76 41.26
CA PRO L 95 2.86 -9.50 40.04
C PRO L 95 1.50 -9.17 39.47
N LEU L 96 1.37 -9.42 38.17
CA LEU L 96 0.10 -9.40 37.47
C LEU L 96 -0.87 -10.34 38.18
N THR L 97 -2.11 -9.91 38.40
CA THR L 97 -3.06 -10.79 39.07
C THR L 97 -4.41 -10.77 38.38
N PHE L 98 -5.14 -11.89 38.53
CA PHE L 98 -6.51 -12.00 38.04
C PHE L 98 -7.47 -12.09 39.22
N GLY L 99 -8.76 -11.82 38.97
CA GLY L 99 -9.78 -12.11 39.96
C GLY L 99 -10.19 -13.57 39.86
N ALA L 100 -11.00 -14.05 40.81
CA ALA L 100 -11.45 -15.44 40.79
C ALA L 100 -12.47 -15.68 39.68
N GLY L 101 -13.12 -14.62 39.22
CA GLY L 101 -14.05 -14.74 38.11
C GLY L 101 -15.51 -14.59 38.47
N THR L 102 -16.30 -14.20 37.48
CA THR L 102 -17.76 -14.15 37.60
C THR L 102 -18.36 -15.06 36.55
N LYS L 103 -19.08 -16.08 36.98
CA LYS L 103 -19.69 -17.00 36.03
C LYS L 103 -21.08 -16.49 35.64
N LEU L 104 -21.23 -16.15 34.35
CA LEU L 104 -22.49 -15.63 33.84
C LEU L 104 -23.24 -16.71 33.08
N GLU L 105 -24.42 -17.08 33.58
CA GLU L 105 -25.25 -18.09 32.92
C GLU L 105 -26.53 -17.48 32.42
N LEU L 106 -27.25 -18.19 31.56
CA LEU L 106 -28.45 -17.64 30.93
C LEU L 106 -29.74 -18.11 31.61
N LYS L 107 -30.77 -17.26 31.63
CA LYS L 107 -32.08 -17.70 32.08
C LYS L 107 -33.00 -18.08 30.93
N ARG L 108 -34.00 -18.89 31.25
CA ARG L 108 -34.88 -19.50 30.28
C ARG L 108 -36.17 -19.95 30.94
N ALA L 109 -37.17 -20.28 30.12
CA ALA L 109 -38.41 -20.84 30.65
C ALA L 109 -38.11 -22.12 31.41
N ASP L 110 -38.85 -22.34 32.49
CA ASP L 110 -38.68 -23.51 33.33
C ASP L 110 -39.01 -24.77 32.55
N ALA L 111 -38.26 -25.84 32.84
CA ALA L 111 -38.46 -27.09 32.13
C ALA L 111 -38.33 -28.29 33.08
N ALA L 112 -39.19 -29.28 32.89
CA ALA L 112 -39.21 -30.48 33.72
C ALA L 112 -38.12 -31.47 33.33
N PRO L 113 -37.54 -32.16 34.32
CA PRO L 113 -36.50 -33.16 34.06
C PRO L 113 -37.06 -34.37 33.32
N THR L 114 -36.34 -34.86 32.33
CA THR L 114 -36.65 -36.12 31.70
C THR L 114 -35.88 -37.23 32.39
N VAL L 115 -36.59 -38.09 33.12
CA VAL L 115 -35.94 -39.09 33.96
C VAL L 115 -35.85 -40.47 33.33
N SER L 116 -34.64 -41.04 33.35
CA SER L 116 -34.41 -42.39 32.84
C SER L 116 -33.65 -43.21 33.88
N ILE L 117 -34.07 -44.45 34.11
CA ILE L 117 -33.38 -45.33 35.05
C ILE L 117 -32.86 -46.60 34.35
N PHE L 118 -31.68 -47.05 34.76
CA PHE L 118 -31.04 -48.17 34.07
C PHE L 118 -30.55 -49.23 35.03
N PRO L 119 -30.99 -50.47 34.82
CA PRO L 119 -30.47 -51.61 35.57
C PRO L 119 -29.00 -51.85 35.23
N PRO L 120 -28.27 -52.56 36.09
CA PRO L 120 -26.87 -52.93 35.82
C PRO L 120 -26.71 -53.77 34.57
N SER L 121 -25.61 -53.56 33.85
CA SER L 121 -25.31 -54.34 32.65
C SER L 121 -24.95 -55.79 33.02
N SER L 122 -25.10 -56.70 32.07
CA SER L 122 -24.76 -58.10 32.31
C SER L 122 -23.25 -58.36 32.36
N GLU L 123 -22.47 -57.55 31.66
CA GLU L 123 -21.01 -57.70 31.71
C GLU L 123 -20.50 -57.20 33.06
N GLN L 124 -21.17 -56.20 33.62
CA GLN L 124 -20.79 -55.71 34.93
C GLN L 124 -21.25 -56.73 35.97
N LEU L 125 -22.34 -57.44 35.66
CA LEU L 125 -22.85 -58.44 36.58
C LEU L 125 -21.94 -59.66 36.64
N THR L 126 -21.14 -59.87 35.59
CA THR L 126 -20.14 -60.94 35.63
C THR L 126 -18.83 -60.35 36.13
N SER L 127 -18.96 -59.61 37.22
CA SER L 127 -17.86 -58.99 37.92
C SER L 127 -18.39 -58.75 39.32
N GLY L 128 -17.53 -58.36 40.25
CA GLY L 128 -17.97 -58.07 41.60
C GLY L 128 -19.06 -57.00 41.72
N GLY L 129 -19.08 -56.06 40.78
CA GLY L 129 -19.92 -54.89 40.92
C GLY L 129 -21.27 -54.85 40.21
N ALA L 130 -22.06 -53.85 40.59
CA ALA L 130 -23.37 -53.60 40.02
C ALA L 130 -23.73 -52.14 40.28
N SER L 131 -23.77 -51.34 39.22
CA SER L 131 -24.08 -49.93 39.36
C SER L 131 -25.42 -49.58 38.71
N VAL L 132 -26.31 -48.97 39.49
CA VAL L 132 -27.59 -48.50 38.97
C VAL L 132 -27.57 -47.01 38.63
N VAL L 133 -27.79 -46.69 37.35
CA VAL L 133 -27.66 -45.30 36.89
C VAL L 133 -29.01 -44.59 36.70
N CYS L 134 -29.04 -43.31 37.08
CA CYS L 134 -30.21 -42.47 36.90
C CYS L 134 -29.83 -41.19 36.16
N PHE L 135 -30.56 -40.90 35.08
CA PHE L 135 -30.34 -39.68 34.33
C PHE L 135 -31.49 -38.70 34.53
N LEU L 136 -31.16 -37.47 34.92
CA LEU L 136 -32.16 -36.41 35.01
C LEU L 136 -31.76 -35.34 34.00
N ASN L 137 -32.37 -35.37 32.82
CA ASN L 137 -31.86 -34.60 31.69
C ASN L 137 -32.67 -33.37 31.29
N ASN L 138 -31.96 -32.32 30.93
CA ASN L 138 -32.56 -31.12 30.34
C ASN L 138 -33.68 -30.51 31.17
N PHE L 139 -33.30 -29.93 32.31
CA PHE L 139 -34.26 -29.24 33.18
C PHE L 139 -33.79 -27.84 33.56
N TYR L 140 -34.70 -27.03 34.09
CA TYR L 140 -34.37 -25.67 34.53
C TYR L 140 -35.34 -25.20 35.61
N PRO L 141 -34.83 -24.55 36.67
CA PRO L 141 -33.43 -24.17 36.93
C PRO L 141 -32.55 -25.32 37.41
N LYS L 142 -31.29 -25.02 37.73
CA LYS L 142 -30.28 -26.01 38.08
C LYS L 142 -30.61 -26.77 39.37
N ASP L 143 -31.27 -26.08 40.29
CA ASP L 143 -31.58 -26.60 41.62
C ASP L 143 -32.44 -27.87 41.58
N ILE L 144 -31.89 -29.00 41.99
CA ILE L 144 -32.65 -30.27 41.99
C ILE L 144 -32.08 -31.29 42.98
N ASN L 145 -32.93 -32.15 43.53
CA ASN L 145 -32.48 -33.20 44.45
C ASN L 145 -33.00 -34.58 44.04
N VAL L 146 -32.11 -35.57 44.07
CA VAL L 146 -32.50 -36.93 43.73
C VAL L 146 -32.46 -37.81 44.97
N LYS L 147 -33.46 -38.67 45.10
CA LYS L 147 -33.55 -39.60 46.24
C LYS L 147 -33.74 -41.04 45.77
N TRP L 148 -32.96 -41.95 46.33
CA TRP L 148 -33.00 -43.36 46.00
C TRP L 148 -33.79 -44.16 47.03
N LYS L 149 -34.62 -45.09 46.57
CA LYS L 149 -35.35 -45.96 47.46
C LYS L 149 -35.16 -47.43 47.06
N ILE L 150 -34.54 -48.19 47.96
CA ILE L 150 -34.25 -49.61 47.79
C ILE L 150 -35.29 -50.48 48.47
N ASP L 151 -36.37 -50.79 47.75
CA ASP L 151 -37.50 -51.60 48.22
C ASP L 151 -38.36 -50.89 49.25
N GLY L 152 -38.19 -49.58 49.36
CA GLY L 152 -39.08 -48.76 50.17
C GLY L 152 -38.35 -47.65 50.89
N SER L 153 -37.24 -48.01 51.53
CA SER L 153 -36.48 -47.09 52.37
C SER L 153 -35.39 -46.39 51.58
N GLU L 154 -35.12 -45.14 51.95
CA GLU L 154 -34.09 -44.35 51.29
C GLU L 154 -32.68 -44.86 51.62
N ARG L 155 -31.85 -45.00 50.60
CA ARG L 155 -30.45 -45.36 50.78
C ARG L 155 -29.55 -44.18 50.39
N GLN L 156 -28.60 -43.86 51.26
CA GLN L 156 -27.72 -42.70 51.06
C GLN L 156 -26.26 -43.09 50.86
N ASN L 157 -25.88 -44.25 51.36
CA ASN L 157 -24.49 -44.69 51.25
C ASN L 157 -24.25 -45.44 49.95
N GLY L 158 -23.28 -44.97 49.17
CA GLY L 158 -22.94 -45.58 47.90
C GLY L 158 -23.45 -44.79 46.71
N VAL L 159 -23.88 -43.55 46.95
CA VAL L 159 -24.41 -42.71 45.88
C VAL L 159 -23.43 -41.61 45.48
N LEU L 160 -23.16 -41.53 44.18
CA LEU L 160 -22.31 -40.49 43.62
C LEU L 160 -23.07 -39.69 42.57
N ASN L 161 -23.09 -38.36 42.72
CA ASN L 161 -23.82 -37.50 41.80
C ASN L 161 -22.91 -36.63 40.96
N SER L 162 -23.41 -36.23 39.78
CA SER L 162 -22.66 -35.36 38.88
C SER L 162 -23.62 -34.46 38.12
N TRP L 163 -23.23 -33.19 37.99
CA TRP L 163 -24.05 -32.19 37.31
C TRP L 163 -23.26 -31.64 36.14
N THR L 164 -23.94 -31.43 35.02
CA THR L 164 -23.32 -30.78 33.87
C THR L 164 -23.37 -29.27 34.00
N ASP L 165 -22.56 -28.57 33.20
CA ASP L 165 -22.74 -27.13 33.07
C ASP L 165 -23.94 -26.90 32.18
N GLN L 166 -24.31 -25.63 32.03
CA GLN L 166 -25.48 -25.27 31.23
C GLN L 166 -25.27 -25.61 29.76
N ASP L 167 -26.24 -26.28 29.16
CA ASP L 167 -26.17 -26.67 27.76
C ASP L 167 -26.16 -25.44 26.86
N SER L 168 -25.26 -25.43 25.89
CA SER L 168 -25.13 -24.26 25.02
C SER L 168 -26.26 -24.21 23.98
N LYS L 169 -27.04 -25.29 23.88
CA LYS L 169 -28.11 -25.36 22.88
C LYS L 169 -29.48 -24.93 23.39
N ASP L 170 -29.88 -25.44 24.56
CA ASP L 170 -31.21 -25.13 25.08
C ASP L 170 -31.13 -24.53 26.48
N SER L 171 -29.90 -24.27 26.93
CA SER L 171 -29.63 -23.59 28.20
C SER L 171 -30.22 -24.33 29.40
N THR L 172 -30.32 -25.64 29.31
CA THR L 172 -30.80 -26.45 30.44
C THR L 172 -29.64 -27.16 31.16
N TYR L 173 -29.93 -27.71 32.33
CA TYR L 173 -28.94 -28.49 33.05
C TYR L 173 -29.34 -29.96 33.05
N SER L 174 -28.37 -30.83 33.29
CA SER L 174 -28.64 -32.25 33.45
C SER L 174 -27.87 -32.82 34.64
N MET L 175 -28.35 -33.94 35.15
CA MET L 175 -27.74 -34.56 36.31
C MET L 175 -27.74 -36.06 36.17
N SER L 176 -26.65 -36.65 36.65
CA SER L 176 -26.48 -38.08 36.71
C SER L 176 -26.39 -38.52 38.17
N SER L 177 -27.08 -39.59 38.52
CA SER L 177 -26.98 -40.17 39.84
C SER L 177 -26.68 -41.65 39.73
N THR L 178 -25.65 -42.10 40.42
CA THR L 178 -25.20 -43.48 40.30
C THR L 178 -25.12 -44.20 41.63
N LEU L 179 -25.93 -45.25 41.77
CA LEU L 179 -25.91 -46.10 42.96
C LEU L 179 -25.09 -47.36 42.71
N THR L 180 -23.95 -47.46 43.38
CA THR L 180 -23.01 -48.56 43.15
C THR L 180 -22.97 -49.56 44.29
N LEU L 181 -23.35 -50.80 44.00
CA LEU L 181 -23.33 -51.87 44.99
C LEU L 181 -22.51 -53.05 44.51
N THR L 182 -22.45 -54.09 45.35
CA THR L 182 -21.82 -55.34 44.98
C THR L 182 -22.90 -56.19 44.31
N LYS L 183 -22.50 -57.22 43.58
CA LYS L 183 -23.48 -58.06 42.93
C LYS L 183 -24.36 -58.74 43.98
N ASP L 184 -23.74 -59.13 45.10
CA ASP L 184 -24.48 -59.83 46.14
C ASP L 184 -25.40 -58.90 46.92
N GLU L 185 -25.01 -57.64 47.09
CA GLU L 185 -25.88 -56.66 47.71
C GLU L 185 -27.05 -56.35 46.80
N TYR L 186 -26.77 -56.25 45.50
CA TYR L 186 -27.78 -55.89 44.50
C TYR L 186 -28.83 -56.98 44.36
N GLU L 187 -28.40 -58.24 44.46
CA GLU L 187 -29.29 -59.36 44.25
C GLU L 187 -29.99 -59.76 45.56
N ARG L 188 -30.06 -58.82 46.50
CA ARG L 188 -30.74 -59.06 47.77
C ARG L 188 -32.01 -58.21 47.88
N HIS L 189 -32.31 -57.46 46.83
CA HIS L 189 -33.51 -56.62 46.78
C HIS L 189 -34.16 -56.75 45.42
N ASN L 190 -35.38 -56.23 45.26
CA ASN L 190 -36.10 -56.47 44.01
C ASN L 190 -36.37 -55.21 43.19
N SER L 191 -36.95 -54.19 43.82
CA SER L 191 -37.33 -52.99 43.09
C SER L 191 -36.46 -51.77 43.46
N TYR L 192 -35.79 -51.22 42.47
CA TYR L 192 -34.98 -50.03 42.68
C TYR L 192 -35.65 -48.84 42.01
N THR L 193 -35.81 -47.76 42.75
CA THR L 193 -36.54 -46.60 42.24
C THR L 193 -35.78 -45.29 42.46
N CYS L 194 -35.87 -44.41 41.47
CA CYS L 194 -35.20 -43.11 41.48
C CYS L 194 -36.20 -41.96 41.48
N GLU L 195 -36.28 -41.25 42.60
CA GLU L 195 -37.24 -40.14 42.75
C GLU L 195 -36.57 -38.78 42.59
N ALA L 196 -37.16 -37.92 41.77
CA ALA L 196 -36.60 -36.60 41.50
C ALA L 196 -37.59 -35.48 41.84
N THR L 197 -37.20 -34.59 42.76
CA THR L 197 -38.03 -33.45 43.13
C THR L 197 -37.45 -32.14 42.56
N HIS L 198 -38.22 -31.49 41.69
CA HIS L 198 -37.79 -30.24 41.06
C HIS L 198 -38.85 -29.16 41.26
N LYS L 199 -38.48 -27.91 41.00
CA LYS L 199 -39.41 -26.79 41.18
C LYS L 199 -40.57 -26.84 40.19
N THR L 200 -40.40 -27.59 39.10
CA THR L 200 -41.37 -27.65 38.02
C THR L 200 -42.64 -28.43 38.38
N SER L 201 -42.59 -29.19 39.48
CA SER L 201 -43.79 -29.91 39.90
C SER L 201 -43.83 -30.16 41.41
N THR L 202 -45.04 -30.18 41.95
CA THR L 202 -45.24 -30.36 43.38
C THR L 202 -45.36 -31.85 43.69
N SER L 203 -45.29 -32.67 42.65
CA SER L 203 -45.24 -34.12 42.80
C SER L 203 -43.96 -34.65 42.17
N PRO L 204 -43.20 -35.44 42.94
CA PRO L 204 -41.91 -35.98 42.50
C PRO L 204 -42.02 -36.86 41.25
N ILE L 205 -41.09 -36.69 40.32
CA ILE L 205 -41.06 -37.55 39.15
C ILE L 205 -40.35 -38.86 39.48
N VAL L 206 -41.10 -39.96 39.39
CA VAL L 206 -40.56 -41.26 39.77
C VAL L 206 -40.46 -42.18 38.57
N LYS L 207 -39.33 -42.86 38.46
CA LYS L 207 -39.14 -43.88 37.43
C LYS L 207 -38.46 -45.07 38.11
N SER L 208 -39.03 -46.26 37.93
CA SER L 208 -38.52 -47.44 38.63
C SER L 208 -38.43 -48.68 37.76
N PHE L 209 -37.93 -49.75 38.35
CA PHE L 209 -37.93 -51.07 37.73
C PHE L 209 -37.82 -52.18 38.78
N ASN L 210 -38.36 -53.35 38.43
CA ASN L 210 -38.33 -54.52 39.31
C ASN L 210 -37.77 -55.71 38.55
N ARG L 211 -37.14 -56.64 39.24
CA ARG L 211 -36.67 -57.86 38.59
C ARG L 211 -37.53 -59.05 38.98
C1 EDO M . -20.80 12.72 23.28
O1 EDO M . -20.49 12.03 22.07
C2 EDO M . -21.76 13.88 23.00
O2 EDO M . -21.16 14.76 22.05
C1 EDO N . -13.43 -16.42 24.36
O1 EDO N . -14.80 -16.42 24.76
C2 EDO N . -12.89 -17.84 24.38
O2 EDO N . -13.05 -18.44 25.68
#